data_9C4F
#
_entry.id   9C4F
#
loop_
_entity.id
_entity.type
_entity.pdbx_description
1 polymer 'Capsid protein 2'
2 polymer 'Inter-alpha-trypsin inhibitor heavy chain H4'
#
loop_
_entity_poly.entity_id
_entity_poly.type
_entity_poly.pdbx_seq_one_letter_code
_entity_poly.pdbx_strand_id
1 'polypeptide(L)'
;MTSVNSAEASTGAGGGGSNPVKSMWSEGATFSANSVTCTFSRQFLIPYDPEHHYKVFSPAASSCHNASGKEAKVCTISPI
MGYSTPWRYLDFNALNLFFSPLEFQHLIENYGSIAPDALTVTISEIAVKDVTDKTGGGVQVTDSTTGRLCMLVDHEYKYP
YVLGQGQDTLAPELPIWVYFPPQYAYLTVGDVNTQGISGDSKKLASEESAFYVLEHSSFQLLGTGGTATMSYKFPPVPPE
NLEGCSQHFYEMYNPLYGSRLGVPDTLGGDPKFRSLTHEDHAIQPQNFMPGPLVNSVSTKEGDSSNTGAGKALTGLSTGT
SQNTRISLRPGPVSQPYHHWDTDKYVTGINAISHGQTTYGNAEDKEYQQGVGRFPNEKEQLKQLQGLNMHTYFPNKGTQQ
YTDQIERPLMVGSVWNRRALHYESQLWSKIPNLDDSFKTQFAALGGWGLHQPPPQIFLKILPQSGPIGGIKSMGITTLVQ
YAVGIMTVTMTFKLGPRKATGRWNPQPGVYPPHAAGHLPYVLYDPTATDAKQHHRHGYEKPEELWTAKSRVHPL
;
A,B,E,C,D
2 'polypeptide(L)'
;MKPPRPVRTCSKVLVLLSLLAIHQTTTAEKNGIDIYSLTVDSRVSSRFAHTVVTSRVVNRANTVQEATFQMELPKKAFIT
NFSMIIDGMTYPGIIKEKAEAQAQYSAAVAKGKSAGLVKATGRNMEQFQVSVSVAPNAKITFELVYEELLKRRLGVYELL
LKVRPQQLVKHLQMDIHIFEPQGISFLETESTFMTNQLVDALTTWQNKTKAHIRFKPTLSQQQKSPEQQETVLDGNLIIR
YDVDRAISGGSIQIENGYFVHYFAPEGLTTMPKNVVFVIDKSGSMSGRKIQQTREALIKILDDLSPRDQFNLIVFSTEAT
QWRPSLVPASAENVNKARSFAAGIQALGGTNINDAMLMAVQLLDSSNQEERLPEGSVSLIILLTDGDPTVGETNPRSIQN
NVREAVSGRYSLFCLGFGFDVSYAFLEKLALDNGGLARRIHEDSDSALQLQDFYQEVANPLLTAVTFEYPSNAVEEVTQN
NFRLLFKGSEMVVAGKLQDRGPDVLTATVSGKLPTQNITFQTESSVAEQEAEFQSPKYIFHNFMERLWAYLTIQQLLEQT
VSASDADQQALRNQALNLSLAYSFVTPLTSMVVTKPDDQEQSQVAEKPMEGESRNRNVHSGSTFFKYYLQGAKIPKPEAS
FSPRRGWNRQAGAAGSRMNFRPGVLSSRQLGLPGPPDVPDHAAYHPFRRLAILPASAPPATSNPDPAVSRVMNMKIEETT
MTTQTPAPIQAPSAILPLPGQSVERLCVDPRHRQGPVNLLSDPEQGVEVTGQYEREKAGFSWIEVTFKNPLVWVHASPEH
VVVTRNRRSSAYKWKETLFSVMPGLKMTMDKTGLLLLSDPDKVTIGLLFWDGRGEGLRLLLRDTDRFSSHVGGTLGQFYQ
EVLWGSPAASDDGRRTLRVQGNDHSATRERRLDYQEGPPGVEISCWSVEL
;
I
#
# COMPACT_ATOMS: atom_id res chain seq x y z
N THR A 2 -23.76 -8.61 -11.44
CA THR A 2 -23.78 -7.22 -10.98
C THR A 2 -22.51 -6.48 -11.39
N SER A 3 -22.60 -5.15 -11.42
CA SER A 3 -21.48 -4.31 -11.82
C SER A 3 -21.60 -2.97 -11.12
N VAL A 4 -20.44 -2.36 -10.84
CA VAL A 4 -20.42 -0.99 -10.34
C VAL A 4 -21.00 -0.01 -11.35
N ASN A 5 -20.92 -0.35 -12.65
CA ASN A 5 -21.58 0.45 -13.68
C ASN A 5 -23.09 0.52 -13.52
N SER A 6 -23.69 -0.33 -12.68
CA SER A 6 -25.13 -0.29 -12.46
C SER A 6 -25.59 1.04 -11.87
N ALA A 7 -24.74 1.70 -11.10
CA ALA A 7 -24.95 3.10 -10.75
C ALA A 7 -24.17 3.99 -11.70
N GLU A 8 -24.88 4.84 -12.44
CA GLU A 8 -24.28 5.53 -13.58
C GLU A 8 -23.36 6.67 -13.12
N ALA A 9 -23.61 7.23 -11.95
CA ALA A 9 -22.76 8.27 -11.39
C ALA A 9 -21.77 7.74 -10.36
N SER A 10 -21.43 6.47 -10.44
CA SER A 10 -20.48 5.86 -9.52
C SER A 10 -19.28 5.33 -10.27
N THR A 11 -18.11 5.41 -9.62
CA THR A 11 -16.89 4.82 -10.13
C THR A 11 -16.40 3.75 -9.17
N GLY A 12 -15.76 2.71 -9.73
CA GLY A 12 -15.07 1.75 -8.91
C GLY A 12 -13.90 2.37 -8.17
N ALA A 13 -13.58 1.82 -7.01
CA ALA A 13 -12.47 2.27 -6.19
C ALA A 13 -11.61 1.09 -5.76
N GLY A 14 -10.29 1.27 -5.88
CA GLY A 14 -9.32 0.25 -5.58
C GLY A 14 -8.72 0.27 -4.20
N GLY A 15 -9.13 1.22 -3.35
CA GLY A 15 -8.68 1.24 -1.96
C GLY A 15 -7.18 1.37 -1.76
N GLY A 16 -6.53 2.26 -2.51
CA GLY A 16 -5.09 2.42 -2.42
C GLY A 16 -4.62 2.97 -1.07
N GLY A 17 -3.29 2.98 -0.92
CA GLY A 17 -2.66 3.36 0.33
C GLY A 17 -2.58 4.85 0.56
N SER A 18 -2.25 5.23 1.79
CA SER A 18 -2.12 6.62 2.22
C SER A 18 -0.70 6.87 2.71
N ASN A 19 -0.21 8.09 2.45
CA ASN A 19 1.17 8.45 2.81
C ASN A 19 1.26 9.93 3.16
N PRO A 20 1.01 10.29 4.41
CA PRO A 20 0.84 11.71 4.78
C PRO A 20 2.16 12.46 4.91
N VAL A 21 3.11 12.20 4.02
CA VAL A 21 4.40 12.87 4.02
C VAL A 21 4.26 14.29 3.49
N LYS A 22 5.02 15.21 4.07
CA LYS A 22 5.24 16.55 3.52
C LYS A 22 6.67 16.66 2.98
N SER A 23 6.79 17.16 1.75
CA SER A 23 8.08 17.47 1.15
C SER A 23 8.00 18.83 0.47
N MET A 24 9.17 19.40 0.20
CA MET A 24 9.27 20.71 -0.43
C MET A 24 9.68 20.56 -1.90
N TRP A 25 9.06 21.37 -2.76
CA TRP A 25 9.66 21.79 -4.01
C TRP A 25 10.48 23.06 -3.76
N SER A 26 11.80 22.93 -3.74
CA SER A 26 12.69 24.03 -3.41
C SER A 26 13.22 24.67 -4.69
N GLU A 27 12.89 25.94 -4.90
CA GLU A 27 13.36 26.68 -6.06
C GLU A 27 13.52 28.15 -5.70
N GLY A 28 14.43 28.81 -6.41
CA GLY A 28 14.66 30.24 -6.31
C GLY A 28 16.06 30.63 -5.88
N ALA A 29 16.46 31.84 -6.22
CA ALA A 29 17.69 32.46 -5.74
C ALA A 29 17.41 33.35 -4.55
N THR A 30 18.11 33.11 -3.44
CA THR A 30 18.15 34.03 -2.32
C THR A 30 19.46 34.83 -2.40
N PHE A 31 19.36 36.11 -2.72
CA PHE A 31 20.50 37.00 -2.75
C PHE A 31 20.84 37.55 -1.37
N SER A 32 22.12 37.80 -1.15
CA SER A 32 22.62 38.53 0.02
C SER A 32 23.72 39.47 -0.44
N ALA A 33 24.20 40.30 0.49
CA ALA A 33 25.24 41.27 0.15
C ALA A 33 26.46 40.60 -0.49
N ASN A 34 26.82 39.42 -0.02
CA ASN A 34 28.09 38.81 -0.39
C ASN A 34 27.93 37.46 -1.08
N SER A 35 26.71 36.99 -1.28
CA SER A 35 26.50 35.69 -1.90
C SER A 35 25.06 35.58 -2.36
N VAL A 36 24.83 34.60 -3.23
CA VAL A 36 23.48 34.17 -3.58
C VAL A 36 23.41 32.66 -3.40
N THR A 37 22.31 32.17 -2.83
CA THR A 37 22.02 30.76 -2.80
C THR A 37 20.94 30.44 -3.82
N CYS A 38 21.29 29.66 -4.84
CA CYS A 38 20.39 29.32 -5.93
C CYS A 38 19.95 27.87 -5.79
N THR A 39 18.64 27.65 -5.73
CA THR A 39 18.10 26.31 -5.72
C THR A 39 17.19 26.12 -6.93
N PHE A 40 17.35 24.99 -7.61
CA PHE A 40 16.37 24.54 -8.58
C PHE A 40 15.98 23.10 -8.28
N SER A 41 14.77 22.74 -8.66
CA SER A 41 14.29 21.37 -8.59
C SER A 41 13.80 20.94 -9.95
N ARG A 42 14.07 19.68 -10.29
CA ARG A 42 13.47 19.04 -11.45
C ARG A 42 12.97 17.68 -11.03
N GLN A 43 11.81 17.29 -11.53
CA GLN A 43 11.49 15.87 -11.59
C GLN A 43 12.43 15.18 -12.57
N PHE A 44 12.94 14.02 -12.17
CA PHE A 44 13.72 13.20 -13.07
C PHE A 44 13.03 11.86 -13.26
N LEU A 45 13.33 11.21 -14.38
CA LEU A 45 12.88 9.85 -14.65
C LEU A 45 14.08 9.03 -15.12
N ILE A 46 14.22 7.84 -14.54
CA ILE A 46 15.22 6.86 -14.94
C ILE A 46 14.47 5.68 -15.55
N PRO A 47 14.72 5.34 -16.82
CA PRO A 47 13.87 4.37 -17.51
C PRO A 47 14.12 2.95 -17.05
N TYR A 48 13.15 2.09 -17.33
CA TYR A 48 13.38 0.66 -17.28
C TYR A 48 14.50 0.27 -18.25
N ASP A 49 15.54 -0.35 -17.71
CA ASP A 49 16.56 -1.00 -18.51
C ASP A 49 16.35 -2.51 -18.45
N PRO A 50 16.01 -3.15 -19.57
CA PRO A 50 15.65 -4.58 -19.50
C PRO A 50 16.84 -5.50 -19.33
N GLU A 51 18.04 -5.04 -19.69
CA GLU A 51 19.24 -5.87 -19.55
C GLU A 51 20.39 -4.94 -19.19
N HIS A 52 20.88 -5.07 -17.95
CA HIS A 52 21.88 -4.16 -17.40
C HIS A 52 23.29 -4.49 -17.90
N HIS A 53 23.42 -4.52 -19.22
CA HIS A 53 24.70 -4.85 -19.83
C HIS A 53 25.68 -3.70 -19.70
N TYR A 54 26.94 -4.03 -19.42
CA TYR A 54 28.06 -3.19 -19.84
C TYR A 54 28.40 -3.51 -21.29
N LYS A 55 28.61 -2.46 -22.09
CA LYS A 55 29.00 -2.61 -23.47
C LYS A 55 30.28 -1.85 -23.76
N VAL A 56 31.13 -2.44 -24.60
CA VAL A 56 32.27 -1.73 -25.14
C VAL A 56 31.83 -0.84 -26.29
N PHE A 57 32.11 0.47 -26.16
CA PHE A 57 31.90 1.44 -27.23
C PHE A 57 33.12 1.41 -28.14
N SER A 58 32.95 0.90 -29.37
CA SER A 58 34.09 0.62 -30.24
C SER A 58 33.73 0.85 -31.70
N PRO A 59 33.71 2.12 -32.12
CA PRO A 59 33.55 2.41 -33.56
C PRO A 59 34.81 2.06 -34.33
N ALA A 60 34.62 1.75 -35.61
CA ALA A 60 35.77 1.60 -36.51
C ALA A 60 36.25 2.95 -37.01
N ALA A 61 37.50 2.96 -37.49
CA ALA A 61 38.07 4.10 -38.20
C ALA A 61 38.64 3.66 -39.54
N SER A 62 38.62 4.58 -40.51
CA SER A 62 38.95 4.24 -41.89
C SER A 62 39.52 5.44 -42.63
N LYS A 73 36.35 14.39 -44.88
CA LYS A 73 36.35 13.32 -43.89
C LYS A 73 37.58 13.45 -42.98
N VAL A 74 37.34 13.70 -41.70
CA VAL A 74 38.39 13.73 -40.70
C VAL A 74 38.05 12.74 -39.60
N CYS A 75 38.94 11.80 -39.35
CA CYS A 75 38.88 10.96 -38.16
C CYS A 75 39.60 11.63 -37.01
N THR A 76 39.32 11.15 -35.79
CA THR A 76 40.19 11.43 -34.66
C THR A 76 41.59 10.87 -34.92
N ILE A 77 42.53 11.30 -34.08
CA ILE A 77 43.93 10.92 -34.27
C ILE A 77 44.09 9.40 -34.22
N SER A 78 43.33 8.74 -33.37
CA SER A 78 43.19 7.29 -33.40
C SER A 78 41.72 6.94 -33.15
N PRO A 79 41.30 5.73 -33.49
CA PRO A 79 39.93 5.33 -33.20
C PRO A 79 39.67 5.35 -31.69
N ILE A 80 38.52 5.88 -31.30
CA ILE A 80 38.17 5.94 -29.90
C ILE A 80 37.62 4.59 -29.45
N MET A 81 37.79 4.28 -28.17
CA MET A 81 37.15 3.13 -27.57
C MET A 81 36.76 3.48 -26.15
N GLY A 82 35.65 2.92 -25.71
CA GLY A 82 35.19 3.18 -24.37
C GLY A 82 34.24 2.11 -23.88
N TYR A 83 33.58 2.41 -22.77
CA TYR A 83 32.57 1.53 -22.21
C TYR A 83 31.30 2.30 -21.91
N SER A 84 30.17 1.69 -22.21
CA SER A 84 28.85 2.15 -21.80
C SER A 84 28.35 1.32 -20.63
N THR A 85 27.83 1.97 -19.61
CA THR A 85 27.38 1.29 -18.41
C THR A 85 25.86 1.34 -18.30
N PRO A 86 25.25 0.47 -17.49
CA PRO A 86 23.81 0.60 -17.21
C PRO A 86 23.45 1.74 -16.26
N TRP A 87 24.42 2.49 -15.76
CA TRP A 87 24.15 3.57 -14.84
C TRP A 87 23.77 4.85 -15.58
N ARG A 88 22.90 5.63 -14.96
CA ARG A 88 22.67 7.02 -15.35
C ARG A 88 23.47 7.92 -14.41
N TYR A 89 23.61 9.17 -14.81
CA TYR A 89 24.22 10.18 -13.95
C TYR A 89 23.51 11.51 -14.13
N LEU A 90 23.72 12.39 -13.15
CA LEU A 90 23.10 13.71 -13.11
C LEU A 90 24.03 14.77 -13.68
N ASP A 91 23.53 15.56 -14.62
CA ASP A 91 24.27 16.69 -15.17
C ASP A 91 23.44 17.96 -14.98
N PHE A 92 23.96 18.89 -14.17
CA PHE A 92 23.36 20.18 -13.89
C PHE A 92 24.39 21.30 -14.05
N ASN A 93 25.40 21.06 -14.88
CA ASN A 93 26.54 21.96 -15.07
C ASN A 93 26.22 23.09 -16.05
N ALA A 94 25.23 23.90 -15.69
CA ALA A 94 24.95 25.11 -16.47
C ALA A 94 24.36 26.19 -15.57
N LEU A 95 24.84 27.42 -15.78
CA LEU A 95 24.47 28.53 -14.90
C LEU A 95 22.97 28.83 -14.94
N ASN A 96 22.38 28.85 -16.14
CA ASN A 96 20.96 29.15 -16.31
C ASN A 96 20.02 28.18 -15.61
N LEU A 97 20.50 27.02 -15.16
CA LEU A 97 19.67 26.18 -14.31
C LEU A 97 19.46 26.82 -12.95
N PHE A 98 20.47 27.51 -12.44
CA PHE A 98 20.43 28.05 -11.10
C PHE A 98 19.70 29.39 -11.01
N PHE A 99 19.72 30.18 -12.08
CA PHE A 99 19.04 31.48 -12.10
C PHE A 99 17.91 31.45 -13.11
N SER A 100 16.71 31.84 -12.65
CA SER A 100 15.70 32.34 -13.56
C SER A 100 16.24 33.54 -14.33
N PRO A 101 15.66 33.87 -15.49
CA PRO A 101 16.08 35.09 -16.20
C PRO A 101 16.02 36.36 -15.36
N LEU A 102 15.00 36.51 -14.51
CA LEU A 102 14.96 37.65 -13.60
C LEU A 102 16.13 37.63 -12.62
N GLU A 103 16.38 36.49 -11.99
CA GLU A 103 17.46 36.39 -11.01
C GLU A 103 18.83 36.65 -11.63
N PHE A 104 19.06 36.18 -12.86
CA PHE A 104 20.32 36.49 -13.54
C PHE A 104 20.46 37.98 -13.85
N GLN A 105 19.39 38.62 -14.32
CA GLN A 105 19.38 40.07 -14.42
C GLN A 105 19.76 40.73 -13.09
N HIS A 106 19.14 40.29 -11.99
CA HIS A 106 19.46 40.83 -10.67
C HIS A 106 20.92 40.62 -10.30
N LEU A 107 21.46 39.43 -10.57
CA LEU A 107 22.89 39.16 -10.36
C LEU A 107 23.79 40.16 -11.09
N ILE A 108 23.62 40.28 -12.40
CA ILE A 108 24.49 41.13 -13.20
C ILE A 108 24.23 42.61 -13.00
N GLU A 109 23.03 43.00 -12.55
CA GLU A 109 22.76 44.40 -12.23
C GLU A 109 23.38 44.85 -10.91
N ASN A 110 23.61 43.95 -9.96
CA ASN A 110 23.85 44.36 -8.59
C ASN A 110 25.20 43.94 -8.01
N TYR A 111 26.00 43.16 -8.73
CA TYR A 111 27.20 42.57 -8.18
C TYR A 111 28.36 42.70 -9.16
N GLY A 112 29.55 42.87 -8.62
CA GLY A 112 30.73 43.06 -9.43
C GLY A 112 31.43 41.79 -9.87
N SER A 113 31.22 40.69 -9.15
CA SER A 113 31.85 39.44 -9.54
C SER A 113 31.07 38.27 -8.96
N ILE A 114 31.32 37.09 -9.53
CA ILE A 114 30.69 35.85 -9.08
C ILE A 114 31.73 34.73 -9.07
N ALA A 115 31.69 33.89 -8.05
CA ALA A 115 32.46 32.66 -7.99
C ALA A 115 31.60 31.56 -7.39
N PRO A 116 31.80 30.31 -7.82
CA PRO A 116 31.13 29.19 -7.15
C PRO A 116 31.69 28.97 -5.75
N ASP A 117 30.79 28.66 -4.82
CA ASP A 117 31.18 28.45 -3.43
C ASP A 117 30.87 27.05 -2.93
N ALA A 118 29.62 26.62 -2.99
CA ALA A 118 29.24 25.33 -2.45
C ALA A 118 28.07 24.77 -3.25
N LEU A 119 27.93 23.45 -3.22
CA LEU A 119 26.89 22.75 -3.94
C LEU A 119 26.27 21.71 -3.01
N THR A 120 24.93 21.61 -3.05
CA THR A 120 24.22 20.48 -2.46
C THR A 120 23.27 19.91 -3.50
N VAL A 121 23.32 18.60 -3.68
CA VAL A 121 22.35 17.88 -4.50
C VAL A 121 21.53 16.98 -3.59
N THR A 122 20.21 17.16 -3.62
CA THR A 122 19.29 16.28 -2.91
C THR A 122 18.43 15.55 -3.91
N ILE A 123 18.42 14.22 -3.82
CA ILE A 123 17.45 13.39 -4.50
C ILE A 123 16.35 13.07 -3.49
N SER A 124 15.11 13.41 -3.82
CA SER A 124 13.99 13.18 -2.92
C SER A 124 12.77 12.72 -3.70
N GLU A 125 11.74 12.29 -2.96
CA GLU A 125 10.50 11.79 -3.55
C GLU A 125 10.74 10.65 -4.52
N ILE A 126 11.77 9.85 -4.25
CA ILE A 126 12.05 8.69 -5.10
C ILE A 126 10.81 7.82 -5.13
N ALA A 127 10.42 7.41 -6.34
CA ALA A 127 9.46 6.33 -6.51
C ALA A 127 10.02 5.35 -7.53
N VAL A 128 10.31 4.14 -7.09
CA VAL A 128 10.49 3.04 -8.02
C VAL A 128 9.10 2.51 -8.36
N LYS A 129 8.75 2.57 -9.63
CA LYS A 129 7.40 2.27 -10.07
C LYS A 129 7.38 0.97 -10.87
N ASP A 130 6.61 -0.01 -10.37
CA ASP A 130 6.28 -1.19 -11.15
C ASP A 130 5.36 -0.84 -12.32
N VAL A 131 5.53 -1.57 -13.41
CA VAL A 131 4.65 -1.47 -14.58
C VAL A 131 4.05 -2.84 -14.84
N THR A 132 2.77 -2.86 -15.24
CA THR A 132 2.10 -4.08 -15.63
C THR A 132 1.06 -3.75 -16.68
N ASP A 133 0.51 -4.80 -17.30
CA ASP A 133 -0.54 -4.62 -18.29
C ASP A 133 -1.81 -4.05 -17.66
N LYS A 134 -2.39 -3.07 -18.35
CA LYS A 134 -3.68 -2.51 -17.98
C LYS A 134 -4.82 -3.33 -18.58
N THR A 135 -5.95 -3.35 -17.88
CA THR A 135 -7.19 -3.89 -18.44
C THR A 135 -7.55 -3.15 -19.72
N GLY A 136 -7.88 -3.90 -20.77
CA GLY A 136 -8.19 -3.29 -22.04
C GLY A 136 -6.99 -2.82 -22.82
N GLY A 137 -5.79 -3.21 -22.43
CA GLY A 137 -4.59 -2.88 -23.17
C GLY A 137 -3.90 -1.63 -22.65
N GLY A 138 -2.66 -1.46 -23.11
CA GLY A 138 -1.74 -0.53 -22.51
C GLY A 138 -1.14 -1.07 -21.24
N VAL A 139 -0.50 -0.16 -20.49
CA VAL A 139 0.17 -0.50 -19.25
C VAL A 139 -0.35 0.40 -18.14
N GLN A 140 -0.22 -0.08 -16.91
CA GLN A 140 -0.52 0.71 -15.72
C GLN A 140 0.64 0.63 -14.74
N VAL A 141 0.78 1.66 -13.92
CA VAL A 141 1.95 1.88 -13.08
C VAL A 141 1.51 1.85 -11.62
N THR A 142 2.32 1.21 -10.77
CA THR A 142 2.10 1.21 -9.34
C THR A 142 3.42 1.46 -8.61
N ASP A 143 3.32 2.12 -7.47
CA ASP A 143 4.47 2.37 -6.62
C ASP A 143 4.97 1.08 -5.95
N SER A 144 6.29 0.91 -5.94
CA SER A 144 6.93 -0.31 -5.46
C SER A 144 7.54 -0.05 -4.09
N THR A 145 7.22 -0.90 -3.12
CA THR A 145 7.88 -0.84 -1.83
C THR A 145 9.19 -1.60 -1.80
N THR A 146 9.40 -2.54 -2.72
CA THR A 146 10.63 -3.31 -2.78
C THR A 146 11.60 -2.83 -3.86
N GLY A 147 11.12 -2.07 -4.85
CA GLY A 147 12.03 -1.47 -5.81
C GLY A 147 13.03 -0.55 -5.13
N ARG A 148 14.26 -0.54 -5.65
CA ARG A 148 15.32 0.29 -5.12
C ARG A 148 15.98 1.09 -6.23
N LEU A 149 16.20 2.37 -5.97
CA LEU A 149 17.08 3.21 -6.76
C LEU A 149 18.49 3.18 -6.20
N CYS A 150 19.43 2.67 -6.99
CA CYS A 150 20.85 2.75 -6.66
C CYS A 150 21.35 4.18 -6.83
N MET A 151 21.92 4.74 -5.77
CA MET A 151 22.65 6.00 -5.88
C MET A 151 24.10 5.79 -5.50
N LEU A 152 25.01 6.10 -6.42
CA LEU A 152 26.44 6.08 -6.16
C LEU A 152 26.97 7.51 -6.35
N VAL A 153 27.50 8.08 -5.27
CA VAL A 153 28.16 9.37 -5.33
C VAL A 153 29.66 9.13 -5.29
N ASP A 154 30.35 9.56 -6.35
CA ASP A 154 31.77 9.25 -6.56
C ASP A 154 32.64 10.40 -6.02
N HIS A 155 32.57 10.58 -4.69
CA HIS A 155 33.42 11.59 -4.04
C HIS A 155 34.90 11.34 -4.30
N GLU A 156 35.30 10.10 -4.47
CA GLU A 156 36.71 9.76 -4.66
C GLU A 156 37.21 10.01 -6.07
N TYR A 157 36.32 10.31 -7.02
CA TYR A 157 36.68 10.40 -8.43
C TYR A 157 37.32 9.10 -8.92
N LYS A 158 36.80 7.97 -8.44
CA LYS A 158 37.25 6.68 -8.94
C LYS A 158 36.98 6.54 -10.42
N TYR A 159 35.80 6.95 -10.85
CA TYR A 159 35.22 6.69 -12.16
C TYR A 159 35.47 7.85 -13.10
N PRO A 160 35.77 7.55 -14.36
CA PRO A 160 36.03 8.59 -15.36
C PRO A 160 35.01 9.72 -15.34
N TYR A 161 35.53 10.94 -15.22
CA TYR A 161 34.69 12.12 -15.08
C TYR A 161 34.29 12.61 -16.46
N VAL A 162 32.99 12.58 -16.76
CA VAL A 162 32.49 12.96 -18.09
C VAL A 162 31.69 14.26 -18.06
N LEU A 163 31.43 14.82 -16.89
CA LEU A 163 30.76 16.12 -16.80
C LEU A 163 31.66 17.25 -17.30
N GLY A 164 31.02 18.32 -17.75
CA GLY A 164 31.72 19.52 -18.15
C GLY A 164 32.46 19.39 -19.47
N GLN A 165 31.75 18.86 -20.46
CA GLN A 165 32.28 18.59 -21.79
C GLN A 165 31.42 19.22 -22.87
N GLY A 166 30.51 20.12 -22.51
CA GLY A 166 29.61 20.74 -23.46
C GLY A 166 28.60 19.82 -24.10
N GLN A 167 28.34 18.67 -23.48
CA GLN A 167 27.45 17.67 -24.05
C GLN A 167 25.99 17.99 -23.74
N ASP A 168 25.10 17.51 -24.62
CA ASP A 168 23.65 17.75 -24.52
C ASP A 168 22.98 16.85 -23.48
N THR A 169 23.37 17.05 -22.22
CA THR A 169 23.06 16.13 -21.14
C THR A 169 22.45 16.85 -19.94
N LEU A 170 22.34 18.17 -20.00
CA LEU A 170 21.93 19.00 -18.87
C LEU A 170 20.49 18.73 -18.43
N ALA A 171 20.24 19.01 -17.16
CA ALA A 171 18.89 19.20 -16.63
C ALA A 171 18.10 20.19 -17.46
N PRO A 172 16.78 20.02 -17.55
CA PRO A 172 15.95 20.92 -18.35
C PRO A 172 16.02 22.36 -17.84
N GLU A 173 15.99 23.29 -18.80
CA GLU A 173 16.11 24.71 -18.47
C GLU A 173 14.87 25.22 -17.74
N LEU A 174 13.70 24.69 -18.05
CA LEU A 174 12.48 25.08 -17.34
C LEU A 174 12.18 24.10 -16.20
N PRO A 175 11.66 24.60 -15.09
CA PRO A 175 11.27 23.73 -13.98
C PRO A 175 10.04 22.86 -14.27
N ILE A 176 9.31 23.14 -15.36
CA ILE A 176 8.15 22.33 -15.73
C ILE A 176 8.51 21.10 -16.55
N TRP A 177 9.78 20.82 -16.77
CA TRP A 177 10.21 19.73 -17.64
C TRP A 177 10.93 18.65 -16.83
N VAL A 178 10.68 17.39 -17.19
CA VAL A 178 11.27 16.25 -16.50
C VAL A 178 12.69 16.01 -17.02
N TYR A 179 13.65 15.95 -16.11
CA TYR A 179 15.01 15.55 -16.45
C TYR A 179 15.07 14.05 -16.74
N PHE A 180 15.62 13.70 -17.90
CA PHE A 180 16.00 12.32 -18.23
C PHE A 180 17.51 12.18 -18.17
N PRO A 181 18.08 11.85 -17.02
CA PRO A 181 19.53 11.84 -16.85
C PRO A 181 20.24 10.94 -17.86
N PRO A 182 21.39 11.39 -18.37
CA PRO A 182 22.11 10.64 -19.42
C PRO A 182 22.63 9.30 -18.93
N GLN A 183 22.73 8.35 -19.86
CA GLN A 183 23.45 7.11 -19.61
C GLN A 183 24.94 7.38 -19.45
N TYR A 184 25.52 6.83 -18.40
CA TYR A 184 26.95 6.96 -18.14
C TYR A 184 27.77 6.09 -19.09
N ALA A 185 28.65 6.73 -19.85
CA ALA A 185 29.57 6.07 -20.76
C ALA A 185 30.83 6.93 -20.85
N TYR A 186 31.96 6.28 -21.07
CA TYR A 186 33.24 6.97 -21.03
C TYR A 186 34.22 6.30 -21.98
N LEU A 187 35.21 7.07 -22.41
CA LEU A 187 36.27 6.63 -23.29
C LEU A 187 37.53 6.28 -22.50
N THR A 188 38.26 5.29 -22.98
CA THR A 188 39.49 4.87 -22.33
C THR A 188 40.57 4.64 -23.38
N VAL A 189 41.82 4.61 -22.92
CA VAL A 189 42.96 4.28 -23.78
C VAL A 189 42.88 2.83 -24.25
N GLY A 190 43.63 2.53 -25.30
CA GLY A 190 43.70 1.18 -25.82
C GLY A 190 44.73 1.07 -26.92
N ASP A 191 44.79 -0.10 -27.54
CA ASP A 191 45.72 -0.38 -28.63
C ASP A 191 45.01 -0.37 -29.98
N VAL A 192 45.58 0.35 -30.94
CA VAL A 192 45.08 0.42 -32.30
C VAL A 192 45.46 -0.86 -33.04
N ASN A 193 44.47 -1.67 -33.41
CA ASN A 193 44.69 -2.92 -34.12
C ASN A 193 44.19 -2.80 -35.55
N THR A 194 45.05 -3.12 -36.51
CA THR A 194 44.68 -3.08 -37.92
C THR A 194 43.68 -4.18 -38.24
N GLN A 195 42.59 -3.82 -38.91
CA GLN A 195 41.52 -4.78 -39.21
C GLN A 195 41.86 -5.58 -40.48
N GLY A 196 42.83 -6.48 -40.33
CA GLY A 196 43.23 -7.36 -41.41
C GLY A 196 43.82 -6.64 -42.61
N ILE A 197 43.45 -7.13 -43.80
CA ILE A 197 43.94 -6.58 -45.06
C ILE A 197 43.42 -5.16 -45.29
N SER A 198 42.27 -4.82 -44.70
CA SER A 198 41.59 -3.57 -45.06
C SER A 198 42.43 -2.34 -44.73
N GLY A 199 43.32 -2.44 -43.75
CA GLY A 199 44.04 -1.29 -43.24
C GLY A 199 43.22 -0.35 -42.39
N ASP A 200 41.91 -0.55 -42.29
CA ASP A 200 41.09 0.16 -41.33
C ASP A 200 41.47 -0.28 -39.92
N SER A 201 41.18 0.59 -38.95
CA SER A 201 41.70 0.40 -37.60
C SER A 201 40.59 0.51 -36.57
N LYS A 202 40.73 -0.28 -35.52
CA LYS A 202 39.95 -0.17 -34.30
C LYS A 202 40.90 -0.11 -33.12
N LYS A 203 40.47 0.60 -32.07
CA LYS A 203 41.17 0.56 -30.79
C LYS A 203 40.63 -0.60 -29.97
N LEU A 204 41.45 -1.62 -29.79
CA LEU A 204 41.16 -2.74 -28.92
C LEU A 204 41.59 -2.41 -27.50
N ALA A 205 40.91 -3.04 -26.53
CA ALA A 205 41.34 -2.92 -25.14
C ALA A 205 42.76 -3.45 -24.95
N SER A 206 43.50 -2.77 -24.08
CA SER A 206 44.85 -3.14 -23.69
C SER A 206 44.93 -3.13 -22.17
N GLU A 207 46.08 -3.56 -21.64
CA GLU A 207 46.25 -3.61 -20.19
C GLU A 207 45.96 -2.28 -19.52
N GLU A 208 46.23 -1.16 -20.20
CA GLU A 208 45.93 0.16 -19.67
C GLU A 208 44.44 0.50 -19.72
N SER A 209 43.69 -0.12 -20.63
CA SER A 209 42.27 0.17 -20.77
C SER A 209 41.54 -0.08 -19.46
N ALA A 210 40.88 0.95 -18.94
CA ALA A 210 40.20 0.89 -17.66
C ALA A 210 38.75 0.47 -17.85
N PHE A 211 38.42 -0.75 -17.43
CA PHE A 211 37.05 -1.25 -17.41
C PHE A 211 36.51 -1.11 -15.99
N TYR A 212 35.55 -0.21 -15.80
CA TYR A 212 34.97 0.10 -14.50
C TYR A 212 33.61 -0.57 -14.36
N VAL A 213 33.44 -1.35 -13.29
CA VAL A 213 32.14 -1.94 -12.95
C VAL A 213 31.66 -1.28 -11.66
N LEU A 214 30.69 -0.38 -11.80
CA LEU A 214 30.20 0.41 -10.67
C LEU A 214 29.53 -0.46 -9.60
N GLU A 215 28.91 -1.58 -9.99
CA GLU A 215 28.40 -2.56 -9.04
C GLU A 215 29.47 -3.21 -8.17
N HIS A 216 30.74 -3.08 -8.51
CA HIS A 216 31.76 -3.61 -7.60
C HIS A 216 32.05 -2.71 -6.41
N SER A 217 31.55 -1.48 -6.42
CA SER A 217 31.67 -0.60 -5.26
C SER A 217 30.42 -0.68 -4.39
N SER A 218 30.52 -0.09 -3.20
CA SER A 218 29.36 0.13 -2.36
C SER A 218 28.58 1.37 -2.78
N PHE A 219 27.26 1.23 -2.82
CA PHE A 219 26.35 2.32 -3.12
C PHE A 219 25.06 2.13 -2.33
N GLN A 220 24.29 3.21 -2.24
CA GLN A 220 23.04 3.21 -1.47
C GLN A 220 21.89 2.61 -2.27
N LEU A 221 21.07 1.81 -1.59
CA LEU A 221 19.80 1.35 -2.12
C LEU A 221 18.67 2.15 -1.48
N LEU A 222 17.95 2.92 -2.29
CA LEU A 222 16.92 3.83 -1.82
C LEU A 222 15.56 3.30 -2.23
N GLY A 223 14.67 3.11 -1.24
CA GLY A 223 13.31 2.74 -1.51
C GLY A 223 12.45 3.91 -1.96
N THR A 224 11.21 3.60 -2.34
CA THR A 224 10.22 4.62 -2.63
C THR A 224 9.97 5.53 -1.43
N GLY A 225 9.92 6.83 -1.70
CA GLY A 225 9.94 7.84 -0.66
C GLY A 225 11.30 8.13 -0.09
N GLY A 226 12.33 7.44 -0.57
CA GLY A 226 13.68 7.64 -0.07
C GLY A 226 14.24 9.00 -0.47
N THR A 227 15.12 9.50 0.38
CA THR A 227 15.87 10.73 0.13
C THR A 227 17.34 10.44 0.36
N ALA A 228 18.19 11.04 -0.48
CA ALA A 228 19.62 11.08 -0.21
C ALA A 228 20.21 12.39 -0.69
N THR A 229 21.26 12.85 -0.01
CA THR A 229 21.84 14.15 -0.25
C THR A 229 23.35 14.04 -0.45
N MET A 230 23.84 14.72 -1.49
CA MET A 230 25.26 14.96 -1.72
C MET A 230 25.57 16.41 -1.39
N SER A 231 26.73 16.64 -0.77
CA SER A 231 27.22 18.00 -0.59
C SER A 231 28.66 18.13 -1.05
N TYR A 232 28.98 19.29 -1.63
CA TYR A 232 30.29 19.58 -2.20
C TYR A 232 30.65 21.03 -1.95
N LYS A 233 31.90 21.28 -1.55
CA LYS A 233 32.44 22.63 -1.49
C LYS A 233 33.41 22.85 -2.64
N PHE A 234 33.20 23.94 -3.38
CA PHE A 234 34.16 24.34 -4.39
C PHE A 234 35.47 24.78 -3.74
N PRO A 235 36.60 24.53 -4.39
CA PRO A 235 37.86 25.15 -3.99
C PRO A 235 37.78 26.65 -4.18
N PRO A 236 38.71 27.41 -3.60
CA PRO A 236 38.82 28.83 -3.96
C PRO A 236 39.22 28.98 -5.43
N VAL A 237 38.45 29.80 -6.14
CA VAL A 237 38.69 30.04 -7.57
C VAL A 237 38.60 31.53 -7.84
N PRO A 238 39.26 32.04 -8.88
CA PRO A 238 39.12 33.46 -9.22
C PRO A 238 37.69 33.78 -9.60
N PRO A 239 37.09 34.82 -9.03
CA PRO A 239 35.76 35.23 -9.47
C PRO A 239 35.78 35.76 -10.90
N GLU A 240 34.69 35.50 -11.61
CA GLU A 240 34.44 36.17 -12.88
C GLU A 240 34.07 37.63 -12.63
N ASN A 241 34.81 38.55 -13.24
CA ASN A 241 34.47 39.96 -13.18
C ASN A 241 33.23 40.26 -14.03
N LEU A 242 32.20 40.77 -13.39
CA LEU A 242 30.96 41.15 -14.06
C LEU A 242 30.96 42.57 -14.61
N GLU A 243 32.03 43.34 -14.39
CA GLU A 243 32.11 44.73 -14.83
C GLU A 243 33.19 44.89 -15.88
N GLY A 244 32.90 45.70 -16.90
CA GLY A 244 33.84 45.93 -17.99
C GLY A 244 34.75 47.13 -17.78
N CYS A 245 35.43 47.50 -18.87
CA CYS A 245 36.43 48.56 -18.87
C CYS A 245 36.00 49.74 -19.73
N SER A 246 36.20 50.95 -19.22
CA SER A 246 35.94 52.18 -19.96
C SER A 246 37.18 52.73 -20.66
N GLN A 247 38.30 52.00 -20.65
CA GLN A 247 39.52 52.43 -21.32
C GLN A 247 40.16 51.25 -22.05
N HIS A 248 40.86 51.58 -23.14
CA HIS A 248 41.82 50.68 -23.75
C HIS A 248 43.14 50.74 -23.00
N PHE A 249 43.68 49.56 -22.64
CA PHE A 249 44.90 49.53 -21.84
C PHE A 249 46.07 50.17 -22.57
N TYR A 250 46.07 50.11 -23.89
CA TYR A 250 47.07 50.77 -24.72
C TYR A 250 46.81 52.26 -24.94
N GLU A 251 45.74 52.81 -24.36
CA GLU A 251 45.44 54.24 -24.43
C GLU A 251 45.35 54.88 -23.04
N MET A 252 46.18 54.41 -22.11
CA MET A 252 46.17 54.93 -20.74
C MET A 252 47.05 56.15 -20.55
N TYR A 253 47.73 56.61 -21.60
CA TYR A 253 48.57 57.81 -21.53
C TYR A 253 47.71 59.09 -21.55
N ASN A 254 48.33 60.18 -21.14
CA ASN A 254 47.71 61.50 -21.25
C ASN A 254 47.77 61.98 -22.71
N PRO A 255 46.63 62.21 -23.36
CA PRO A 255 46.65 62.56 -24.79
C PRO A 255 47.23 63.94 -25.10
N LEU A 256 47.39 64.80 -24.09
CA LEU A 256 47.88 66.15 -24.36
C LEU A 256 49.39 66.26 -24.50
N TYR A 257 50.15 65.23 -24.12
CA TYR A 257 51.60 65.36 -24.06
C TYR A 257 52.29 64.34 -24.94
N GLY A 258 53.44 64.74 -25.47
CA GLY A 258 54.34 63.80 -26.12
C GLY A 258 55.16 62.98 -25.14
N SER A 259 55.67 61.87 -25.63
CA SER A 259 56.58 61.03 -24.85
C SER A 259 57.92 61.71 -24.65
N ARG A 260 58.49 61.52 -23.46
CA ARG A 260 59.90 61.78 -23.22
C ARG A 260 60.80 60.74 -23.88
N LEU A 261 60.24 59.69 -24.45
CA LEU A 261 60.98 58.62 -25.09
C LEU A 261 61.01 58.82 -26.59
N GLY A 262 62.19 58.76 -27.18
CA GLY A 262 62.31 58.72 -28.62
C GLY A 262 62.12 57.33 -29.18
N VAL A 263 61.82 57.28 -30.48
CA VAL A 263 61.68 56.02 -31.21
C VAL A 263 62.53 56.11 -32.47
N PRO A 264 62.86 54.96 -33.08
CA PRO A 264 63.65 54.98 -34.32
C PRO A 264 62.99 55.83 -35.40
N ASP A 265 63.83 56.59 -36.11
CA ASP A 265 63.43 57.42 -37.23
C ASP A 265 64.18 57.05 -38.50
N THR A 266 65.51 56.93 -38.41
CA THR A 266 66.34 56.46 -39.51
C THR A 266 66.92 55.11 -39.11
N LEU A 267 66.76 54.12 -39.98
CA LEU A 267 67.16 52.76 -39.67
C LEU A 267 68.55 52.46 -40.23
N GLY A 268 68.98 51.21 -40.03
CA GLY A 268 70.30 50.76 -40.39
C GLY A 268 71.18 50.56 -39.17
N GLY A 269 72.48 50.44 -39.45
CA GLY A 269 73.44 50.17 -38.39
C GLY A 269 73.67 51.35 -37.45
N ASP A 270 73.51 52.57 -37.96
CA ASP A 270 73.64 53.78 -37.15
C ASP A 270 72.29 54.48 -37.09
N PRO A 271 71.33 53.95 -36.33
CA PRO A 271 69.98 54.52 -36.34
C PRO A 271 69.91 55.87 -35.64
N LYS A 272 69.10 56.77 -36.20
CA LYS A 272 68.77 58.03 -35.57
C LYS A 272 67.37 57.94 -34.98
N PHE A 273 67.24 58.37 -33.73
CA PHE A 273 65.97 58.38 -33.03
C PHE A 273 65.32 59.77 -33.09
N ARG A 274 64.00 59.77 -33.00
CA ARG A 274 63.17 60.96 -33.04
C ARG A 274 62.29 61.01 -31.80
N SER A 275 62.18 62.19 -31.21
CA SER A 275 61.23 62.41 -30.13
C SER A 275 59.81 62.39 -30.63
N LEU A 276 58.92 61.81 -29.84
CA LEU A 276 57.51 61.71 -30.20
C LEU A 276 56.76 62.99 -29.92
N THR A 277 55.83 63.33 -30.81
CA THR A 277 54.92 64.44 -30.57
C THR A 277 53.76 63.98 -29.69
N HIS A 278 52.91 64.93 -29.31
CA HIS A 278 51.61 64.63 -28.72
C HIS A 278 50.58 64.13 -29.74
N GLU A 279 50.95 63.92 -31.01
CA GLU A 279 49.97 63.56 -32.04
C GLU A 279 50.29 62.28 -32.82
N ASP A 280 51.51 61.75 -32.78
CA ASP A 280 51.79 60.42 -33.32
C ASP A 280 51.41 59.33 -32.32
N HIS A 281 50.11 59.31 -32.00
CA HIS A 281 49.56 58.39 -31.00
C HIS A 281 49.82 56.93 -31.34
N ALA A 282 49.84 56.57 -32.62
CA ALA A 282 50.01 55.18 -33.02
C ALA A 282 51.34 54.58 -32.58
N ILE A 283 52.35 55.40 -32.33
CA ILE A 283 53.67 54.91 -31.97
C ILE A 283 54.01 55.25 -30.51
N GLN A 284 53.00 55.50 -29.69
CA GLN A 284 53.12 55.56 -28.25
C GLN A 284 53.77 54.29 -27.70
N PRO A 285 54.88 54.40 -26.96
CA PRO A 285 55.44 53.23 -26.27
C PRO A 285 54.46 52.67 -25.25
N GLN A 286 54.54 51.36 -25.03
CA GLN A 286 53.62 50.64 -24.17
C GLN A 286 54.38 49.96 -23.04
N ASN A 287 53.79 49.96 -21.84
CA ASN A 287 54.39 49.24 -20.73
C ASN A 287 54.03 47.77 -20.74
N PHE A 288 52.87 47.41 -21.26
CA PHE A 288 52.37 46.05 -21.21
C PHE A 288 51.99 45.59 -22.60
N MET A 289 52.25 44.38 -22.87
CA MET A 289 51.92 43.76 -24.14
C MET A 289 50.49 43.22 -24.12
N PRO A 290 49.87 43.11 -25.28
CA PRO A 290 48.59 42.38 -25.36
C PRO A 290 48.78 40.88 -25.21
N GLY A 291 47.68 40.20 -24.90
CA GLY A 291 47.68 38.77 -24.67
C GLY A 291 47.92 37.90 -25.89
N PRO A 292 48.10 36.61 -25.65
CA PRO A 292 48.30 35.66 -26.75
C PRO A 292 47.04 35.48 -27.58
N LEU A 293 47.24 35.32 -28.89
CA LEU A 293 46.18 34.94 -29.81
C LEU A 293 46.66 33.77 -30.65
N VAL A 294 45.81 32.76 -30.79
CA VAL A 294 46.14 31.55 -31.55
C VAL A 294 45.04 31.32 -32.58
N ASN A 295 45.39 31.47 -33.86
CA ASN A 295 44.46 31.32 -34.99
C ASN A 295 43.16 32.07 -34.77
N SER A 296 43.23 33.25 -34.15
CA SER A 296 42.04 33.98 -33.75
C SER A 296 41.45 34.75 -34.93
N VAL A 297 41.12 34.02 -35.99
CA VAL A 297 40.64 34.60 -37.23
C VAL A 297 39.14 34.42 -37.33
N SER A 298 38.50 35.29 -38.12
CA SER A 298 37.09 35.15 -38.40
C SER A 298 36.82 33.99 -39.36
N THR A 299 35.54 33.59 -39.42
CA THR A 299 35.09 32.56 -40.34
C THR A 299 35.38 32.91 -41.80
N LYS A 300 35.44 34.20 -42.13
CA LYS A 300 35.82 34.59 -43.49
C LYS A 300 37.30 34.36 -43.76
N GLU A 301 38.15 34.50 -42.76
CA GLU A 301 39.59 34.42 -42.96
C GLU A 301 40.19 33.11 -42.49
N GLY A 302 39.42 32.27 -41.81
CA GLY A 302 39.84 30.92 -41.48
C GLY A 302 39.68 29.94 -42.63
N ALA A 312 34.12 18.97 -43.31
CA ALA A 312 35.43 18.64 -42.76
C ALA A 312 35.73 19.48 -41.53
N LEU A 313 36.79 19.12 -40.80
CA LEU A 313 37.17 19.84 -39.60
C LEU A 313 37.87 21.13 -39.99
N THR A 314 37.20 22.25 -39.78
CA THR A 314 37.82 23.57 -39.89
C THR A 314 38.30 24.07 -38.52
N GLY A 315 39.04 25.16 -38.56
CA GLY A 315 39.49 25.81 -37.34
C GLY A 315 40.69 25.15 -36.69
N LEU A 316 41.06 25.70 -35.55
CA LEU A 316 42.24 25.28 -34.81
C LEU A 316 42.15 23.81 -34.42
N SER A 317 43.18 23.05 -34.78
CA SER A 317 43.13 21.61 -34.63
C SER A 317 44.56 21.07 -34.60
N THR A 318 44.70 19.88 -34.03
CA THR A 318 46.01 19.26 -33.86
C THR A 318 45.88 17.76 -34.10
N GLY A 319 46.92 17.19 -34.70
CA GLY A 319 46.91 15.78 -35.00
C GLY A 319 48.12 15.40 -35.82
N THR A 320 48.10 14.16 -36.31
CA THR A 320 49.23 13.61 -37.06
C THR A 320 49.12 13.85 -38.56
N SER A 321 47.95 14.23 -39.06
CA SER A 321 47.77 14.53 -40.47
C SER A 321 46.48 15.32 -40.63
N GLN A 322 46.25 15.82 -41.84
CA GLN A 322 45.01 16.53 -42.15
C GLN A 322 43.78 15.67 -41.95
N ASN A 323 43.89 14.36 -42.12
CA ASN A 323 42.76 13.46 -41.95
C ASN A 323 42.59 12.94 -40.52
N THR A 324 43.57 13.15 -39.64
CA THR A 324 43.60 12.52 -38.32
C THR A 324 43.84 13.59 -37.26
N ARG A 325 42.78 14.32 -36.92
CA ARG A 325 42.86 15.55 -36.12
C ARG A 325 41.72 15.56 -35.12
N ILE A 326 41.91 16.29 -34.04
CA ILE A 326 40.82 16.71 -33.18
C ILE A 326 40.66 18.22 -33.29
N SER A 327 39.42 18.69 -33.14
CA SER A 327 39.16 20.10 -32.94
C SER A 327 39.73 20.59 -31.62
N LEU A 328 40.34 21.78 -31.65
CA LEU A 328 40.67 22.52 -30.44
C LEU A 328 39.74 23.68 -30.16
N ARG A 329 38.60 23.76 -30.85
CA ARG A 329 37.58 24.74 -30.50
C ARG A 329 37.17 24.61 -29.03
N PRO A 330 36.77 25.72 -28.39
CA PRO A 330 36.74 27.10 -28.89
C PRO A 330 38.10 27.78 -28.86
N GLY A 331 39.17 27.07 -28.53
CA GLY A 331 40.45 27.68 -28.29
C GLY A 331 40.56 28.33 -26.92
N PRO A 332 41.73 28.90 -26.63
CA PRO A 332 41.97 29.48 -25.30
C PRO A 332 40.93 30.52 -24.92
N VAL A 333 40.60 30.56 -23.61
CA VAL A 333 39.69 31.57 -23.08
C VAL A 333 40.24 32.98 -23.26
N SER A 334 41.54 33.12 -23.51
CA SER A 334 42.19 34.41 -23.69
C SER A 334 41.93 35.03 -25.04
N GLN A 335 41.03 34.48 -25.85
CA GLN A 335 40.69 35.09 -27.11
C GLN A 335 39.20 34.94 -27.39
N PRO A 336 38.58 35.94 -28.01
CA PRO A 336 37.18 35.82 -28.39
C PRO A 336 37.00 34.96 -29.63
N TYR A 337 35.78 34.49 -29.80
CA TYR A 337 35.35 33.92 -31.06
C TYR A 337 34.08 34.56 -31.63
N HIS A 338 33.56 35.61 -31.00
CA HIS A 338 32.47 36.38 -31.56
C HIS A 338 32.42 37.74 -30.88
N HIS A 339 32.27 38.79 -31.67
CA HIS A 339 31.97 40.10 -31.12
C HIS A 339 31.34 40.98 -32.20
N TRP A 340 30.62 41.99 -31.74
CA TRP A 340 30.33 43.16 -32.56
C TRP A 340 31.62 43.93 -32.80
N ASP A 341 32.13 43.86 -34.02
CA ASP A 341 33.06 44.86 -34.49
C ASP A 341 32.27 46.06 -35.02
N THR A 342 32.98 47.17 -35.24
CA THR A 342 32.37 48.49 -35.16
C THR A 342 31.08 48.62 -35.96
N ASP A 343 30.95 47.89 -37.07
CA ASP A 343 29.75 47.94 -37.89
C ASP A 343 29.23 46.56 -38.28
N LYS A 344 29.69 45.51 -37.62
CA LYS A 344 29.55 44.16 -38.15
C LYS A 344 29.76 43.18 -37.02
N TYR A 345 28.92 42.14 -36.96
CA TYR A 345 29.25 40.99 -36.15
C TYR A 345 30.32 40.14 -36.82
N VAL A 346 31.41 39.89 -36.10
CA VAL A 346 32.49 39.03 -36.54
C VAL A 346 32.46 37.76 -35.72
N THR A 347 32.51 36.60 -36.39
CA THR A 347 32.50 35.32 -35.71
C THR A 347 33.76 34.53 -36.06
N GLY A 348 34.34 33.89 -35.05
CA GLY A 348 35.58 33.15 -35.23
C GLY A 348 35.34 31.81 -35.90
N ILE A 349 36.30 31.41 -36.75
CA ILE A 349 36.31 30.04 -37.24
C ILE A 349 36.33 29.03 -36.08
N ASN A 350 36.91 29.42 -34.94
CA ASN A 350 36.96 28.59 -33.75
C ASN A 350 35.72 28.70 -32.88
N ALA A 351 34.73 29.50 -33.28
CA ALA A 351 33.55 29.71 -32.46
C ALA A 351 32.81 28.41 -32.18
N ILE A 352 32.30 28.30 -30.96
CA ILE A 352 31.26 27.34 -30.59
C ILE A 352 29.95 28.07 -30.41
N SER A 353 28.87 27.42 -30.83
CA SER A 353 27.52 27.97 -30.71
C SER A 353 26.78 27.28 -29.57
N HIS A 354 26.16 28.07 -28.70
CA HIS A 354 25.25 27.54 -27.69
C HIS A 354 23.86 27.41 -28.32
N GLY A 355 23.70 26.38 -29.12
CA GLY A 355 22.54 26.27 -29.99
C GLY A 355 22.54 27.28 -31.11
N GLN A 356 21.53 27.15 -31.96
CA GLN A 356 21.39 28.00 -33.14
C GLN A 356 20.00 28.63 -33.15
N THR A 357 19.93 29.82 -33.72
CA THR A 357 18.65 30.40 -34.15
C THR A 357 18.29 29.83 -35.51
N THR A 358 17.26 28.99 -35.56
CA THR A 358 16.81 28.41 -36.81
C THR A 358 15.98 29.41 -37.61
N GLN A 369 20.47 23.47 -38.06
CA GLN A 369 21.45 24.46 -38.50
C GLN A 369 20.81 25.84 -38.58
N GLY A 370 21.60 26.86 -38.27
CA GLY A 370 21.10 28.23 -38.36
C GLY A 370 22.16 29.20 -37.91
N VAL A 371 21.71 30.43 -37.61
CA VAL A 371 22.60 31.43 -37.05
C VAL A 371 23.01 31.03 -35.65
N GLY A 372 24.32 31.10 -35.38
CA GLY A 372 24.82 30.71 -34.09
C GLY A 372 24.42 31.66 -32.98
N ARG A 373 24.43 31.16 -31.75
CA ARG A 373 24.19 31.98 -30.57
C ARG A 373 25.49 32.11 -29.80
N PHE A 374 25.94 33.35 -29.61
CA PHE A 374 27.30 33.61 -29.19
C PHE A 374 27.34 34.69 -28.12
N PRO A 375 28.34 34.64 -27.23
CA PRO A 375 28.61 35.79 -26.38
C PRO A 375 29.19 36.93 -27.20
N ASN A 376 28.81 38.16 -26.88
CA ASN A 376 29.44 39.34 -27.47
C ASN A 376 30.66 39.72 -26.62
N GLU A 377 31.86 39.37 -27.09
CA GLU A 377 33.10 39.52 -26.33
C GLU A 377 33.70 40.92 -26.47
N LYS A 378 32.85 41.94 -26.30
CA LYS A 378 33.26 43.33 -26.46
C LYS A 378 34.43 43.74 -25.55
N GLU A 379 34.54 43.16 -24.35
CA GLU A 379 35.68 43.46 -23.48
C GLU A 379 37.00 42.87 -23.98
N GLN A 380 36.97 41.80 -24.77
CA GLN A 380 38.20 41.34 -25.40
C GLN A 380 38.56 42.19 -26.62
N LEU A 381 37.58 42.54 -27.45
CA LEU A 381 37.82 43.41 -28.60
C LEU A 381 38.46 44.74 -28.21
N LYS A 382 38.03 45.33 -27.09
CA LYS A 382 38.63 46.57 -26.62
C LYS A 382 40.11 46.46 -26.29
N GLN A 383 40.59 45.28 -25.90
CA GLN A 383 41.96 45.15 -25.41
C GLN A 383 42.87 44.42 -26.41
N LEU A 384 42.76 44.78 -27.68
CA LEU A 384 43.60 44.27 -28.78
C LEU A 384 43.44 42.77 -29.00
N GLN A 385 42.36 42.16 -28.53
CA GLN A 385 42.17 40.73 -28.74
C GLN A 385 41.13 40.42 -29.80
N GLY A 386 40.64 41.42 -30.51
CA GLY A 386 39.66 41.21 -31.56
C GLY A 386 40.03 40.14 -32.57
N LEU A 387 39.02 39.53 -33.17
CA LEU A 387 39.23 38.63 -34.30
C LEU A 387 39.94 39.35 -35.44
N ASN A 388 40.80 38.61 -36.13
CA ASN A 388 41.64 39.12 -37.22
C ASN A 388 42.60 40.23 -36.78
N MET A 389 42.90 40.34 -35.48
CA MET A 389 43.99 41.21 -35.07
C MET A 389 45.32 40.68 -35.61
N HIS A 390 45.91 41.42 -36.54
CA HIS A 390 47.25 41.10 -37.01
C HIS A 390 48.30 41.60 -36.04
N THR A 391 49.40 40.86 -35.95
CA THR A 391 50.62 41.35 -35.33
C THR A 391 51.75 41.37 -36.35
N TYR A 392 52.49 42.47 -36.36
CA TYR A 392 53.50 42.73 -37.38
C TYR A 392 54.88 42.62 -36.77
N PHE A 393 55.71 41.75 -37.34
CA PHE A 393 57.08 41.52 -36.88
C PHE A 393 58.02 41.96 -37.98
N PRO A 394 58.49 43.22 -37.96
CA PRO A 394 59.22 43.82 -39.08
C PRO A 394 60.62 43.23 -39.26
N THR A 402 56.11 38.37 -41.68
CA THR A 402 56.12 39.62 -40.95
C THR A 402 54.72 40.01 -40.48
N ASP A 403 53.71 39.71 -41.28
CA ASP A 403 52.32 39.92 -40.92
C ASP A 403 51.70 38.57 -40.57
N GLN A 404 51.22 38.44 -39.34
CA GLN A 404 50.63 37.19 -38.89
C GLN A 404 49.54 37.47 -37.88
N ILE A 405 48.62 36.52 -37.74
CA ILE A 405 47.56 36.63 -36.73
C ILE A 405 48.02 36.15 -35.37
N GLU A 406 48.94 35.20 -35.31
CA GLU A 406 49.40 34.65 -34.03
C GLU A 406 50.14 35.70 -33.21
N ARG A 407 49.72 35.87 -31.94
CA ARG A 407 50.58 36.50 -30.96
C ARG A 407 51.10 35.49 -29.97
N PRO A 408 52.42 35.41 -29.76
CA PRO A 408 52.93 34.59 -28.66
C PRO A 408 52.53 35.20 -27.34
N LEU A 409 52.49 34.37 -26.31
CA LEU A 409 52.49 34.90 -24.95
C LEU A 409 53.78 35.68 -24.70
N MET A 410 53.64 36.96 -24.40
CA MET A 410 54.77 37.82 -24.07
C MET A 410 54.86 38.02 -22.57
N VAL A 411 56.08 38.17 -22.07
CA VAL A 411 56.26 38.69 -20.72
C VAL A 411 55.59 40.06 -20.61
N GLY A 412 54.86 40.25 -19.51
CA GLY A 412 54.12 41.47 -19.29
C GLY A 412 52.87 41.60 -20.14
N SER A 413 52.30 40.48 -20.58
CA SER A 413 51.01 40.48 -21.26
C SER A 413 49.86 40.74 -20.30
N VAL A 414 48.84 41.41 -20.81
CA VAL A 414 47.55 41.55 -20.15
C VAL A 414 46.47 41.22 -21.16
N TRP A 415 45.39 40.61 -20.68
CA TRP A 415 44.28 40.28 -21.56
C TRP A 415 43.00 40.09 -20.74
N ASN A 416 41.90 40.02 -21.46
CA ASN A 416 40.60 39.67 -20.90
C ASN A 416 40.26 38.24 -21.29
N ARG A 417 39.65 37.51 -20.37
CA ARG A 417 39.03 36.23 -20.69
C ARG A 417 37.67 36.42 -21.35
N ARG A 418 37.25 35.40 -22.09
CA ARG A 418 35.88 35.29 -22.58
C ARG A 418 34.87 35.42 -21.44
N ALA A 419 33.86 36.25 -21.67
CA ALA A 419 32.87 36.56 -20.64
C ALA A 419 32.06 35.34 -20.24
N LEU A 420 31.83 35.20 -18.94
CA LEU A 420 30.79 34.32 -18.45
C LEU A 420 29.43 34.75 -19.01
N HIS A 421 28.59 33.78 -19.33
CA HIS A 421 27.27 34.09 -19.83
C HIS A 421 26.23 33.17 -19.20
N TYR A 422 24.97 33.60 -19.31
CA TYR A 422 23.84 32.93 -18.68
C TYR A 422 23.81 31.43 -18.96
N GLU A 423 24.15 31.01 -20.17
CA GLU A 423 24.09 29.61 -20.56
C GLU A 423 25.42 28.86 -20.42
N SER A 424 26.44 29.49 -19.83
CA SER A 424 27.75 28.85 -19.76
C SER A 424 27.73 27.66 -18.81
N GLN A 425 28.49 26.63 -19.15
CA GLN A 425 28.80 25.62 -18.15
C GLN A 425 29.45 26.28 -16.94
N LEU A 426 29.27 25.67 -15.78
CA LEU A 426 29.85 26.20 -14.56
C LEU A 426 31.26 25.69 -14.28
N TRP A 427 31.57 24.45 -14.65
CA TRP A 427 32.90 23.94 -14.40
C TRP A 427 33.28 22.92 -15.46
N SER A 428 34.57 22.62 -15.52
CA SER A 428 35.07 21.40 -16.14
C SER A 428 36.20 20.85 -15.29
N LYS A 429 36.40 19.54 -15.35
CA LYS A 429 37.55 18.94 -14.69
C LYS A 429 38.83 19.28 -15.43
N ILE A 430 39.77 19.91 -14.73
CA ILE A 430 41.14 20.03 -15.23
C ILE A 430 41.75 18.63 -15.27
N PRO A 431 42.21 18.16 -16.43
CA PRO A 431 42.85 16.85 -16.47
C PRO A 431 44.10 16.82 -15.60
N ASN A 432 44.21 15.79 -14.77
CA ASN A 432 45.30 15.71 -13.81
C ASN A 432 46.61 15.25 -14.45
N LEU A 433 47.00 15.92 -15.54
CA LEU A 433 48.32 15.76 -16.12
C LEU A 433 49.37 16.43 -15.23
N ASP A 434 50.64 16.22 -15.60
CA ASP A 434 51.74 16.63 -14.73
C ASP A 434 51.75 18.14 -14.50
N ASP A 435 51.45 18.93 -15.53
CA ASP A 435 51.65 20.37 -15.44
C ASP A 435 50.63 21.06 -16.32
N SER A 436 50.38 22.34 -16.03
CA SER A 436 49.43 23.11 -16.81
C SER A 436 49.72 24.59 -16.66
N PHE A 437 49.17 25.37 -17.59
CA PHE A 437 49.30 26.82 -17.59
C PHE A 437 47.92 27.46 -17.59
N LYS A 438 47.63 28.25 -16.55
CA LYS A 438 46.43 29.08 -16.44
C LYS A 438 45.15 28.31 -16.78
N THR A 439 44.93 27.20 -16.08
CA THR A 439 43.75 26.37 -16.27
C THR A 439 42.59 26.74 -15.36
N GLN A 440 42.64 27.88 -14.67
CA GLN A 440 41.55 28.25 -13.77
C GLN A 440 40.21 28.38 -14.48
N PHE A 441 40.20 28.67 -15.78
CA PHE A 441 38.97 28.78 -16.55
C PHE A 441 38.96 27.82 -17.72
N ALA A 442 37.91 27.01 -17.81
CA ALA A 442 37.75 26.05 -18.90
C ALA A 442 37.33 26.76 -20.17
N ALA A 443 37.75 26.18 -21.31
CA ALA A 443 37.53 26.82 -22.61
C ALA A 443 36.04 26.98 -22.91
N LEU A 444 35.21 26.02 -22.49
CA LEU A 444 33.77 26.11 -22.70
C LEU A 444 33.08 27.03 -21.72
N GLY A 445 33.81 27.65 -20.81
CA GLY A 445 33.24 28.53 -19.82
C GLY A 445 33.30 27.92 -18.42
N GLY A 446 33.02 28.78 -17.44
CA GLY A 446 33.11 28.41 -16.05
C GLY A 446 34.53 28.09 -15.63
N TRP A 447 34.64 27.45 -14.48
CA TRP A 447 35.89 27.29 -13.77
C TRP A 447 36.49 25.91 -14.02
N GLY A 448 37.78 25.88 -14.31
CA GLY A 448 38.53 24.63 -14.25
C GLY A 448 38.72 24.19 -12.81
N LEU A 449 38.42 22.93 -12.53
CA LEU A 449 38.57 22.38 -11.20
C LEU A 449 39.30 21.04 -11.29
N HIS A 450 40.27 20.84 -10.41
CA HIS A 450 40.91 19.55 -10.28
C HIS A 450 39.98 18.52 -9.64
N GLN A 451 39.25 18.92 -8.61
CA GLN A 451 38.28 18.08 -7.91
C GLN A 451 36.91 18.73 -8.07
N PRO A 452 36.27 18.57 -9.22
CA PRO A 452 34.97 19.19 -9.47
C PRO A 452 33.87 18.52 -8.66
N PRO A 453 32.66 19.08 -8.67
CA PRO A 453 31.49 18.37 -8.13
C PRO A 453 31.45 16.91 -8.55
N PRO A 454 31.33 16.00 -7.60
CA PRO A 454 31.40 14.57 -7.92
C PRO A 454 30.22 14.10 -8.76
N GLN A 455 30.49 13.16 -9.64
CA GLN A 455 29.43 12.50 -10.39
C GLN A 455 28.54 11.69 -9.46
N ILE A 456 27.23 11.85 -9.65
CA ILE A 456 26.22 11.05 -8.96
C ILE A 456 25.67 10.04 -9.95
N PHE A 457 25.92 8.75 -9.71
CA PHE A 457 25.43 7.71 -10.58
C PHE A 457 24.16 7.10 -10.02
N LEU A 458 23.16 6.92 -10.87
CA LEU A 458 21.89 6.33 -10.50
C LEU A 458 21.56 5.19 -11.45
N LYS A 459 21.05 4.08 -10.89
CA LYS A 459 20.36 3.08 -11.69
C LYS A 459 19.30 2.41 -10.82
N ILE A 460 18.32 1.80 -11.48
CA ILE A 460 17.36 0.97 -10.77
C ILE A 460 17.99 -0.39 -10.51
N LEU A 461 17.87 -0.87 -9.27
CA LEU A 461 18.28 -2.21 -8.94
C LEU A 461 17.43 -3.23 -9.69
N PRO A 462 18.01 -4.07 -10.55
CA PRO A 462 17.19 -5.04 -11.29
C PRO A 462 16.51 -6.03 -10.37
N GLN A 463 15.25 -6.32 -10.64
CA GLN A 463 14.48 -7.30 -9.89
C GLN A 463 14.16 -8.51 -10.76
N SER A 464 14.45 -9.70 -10.25
CA SER A 464 14.17 -10.93 -10.98
C SER A 464 12.67 -11.20 -11.06
N GLY A 465 12.22 -11.62 -12.24
CA GLY A 465 10.91 -12.19 -12.39
C GLY A 465 10.80 -13.60 -11.81
N PRO A 466 9.59 -14.15 -11.86
CA PRO A 466 9.34 -15.44 -11.19
C PRO A 466 10.09 -16.60 -11.83
N ILE A 467 10.57 -17.51 -10.99
CA ILE A 467 11.07 -18.81 -11.38
C ILE A 467 10.47 -19.85 -10.45
N GLY A 468 10.10 -21.00 -10.99
CA GLY A 468 9.50 -22.03 -10.16
C GLY A 468 8.59 -22.95 -10.97
N GLY A 469 7.44 -23.29 -10.39
CA GLY A 469 6.56 -24.28 -10.95
C GLY A 469 5.83 -23.85 -12.21
N ILE A 470 5.76 -22.55 -12.47
CA ILE A 470 5.15 -22.08 -13.70
C ILE A 470 6.04 -22.48 -14.88
N LYS A 471 5.41 -22.93 -15.96
CA LYS A 471 6.17 -23.46 -17.09
C LYS A 471 6.64 -22.35 -18.01
N SER A 472 7.74 -22.62 -18.71
CA SER A 472 8.23 -21.81 -19.83
C SER A 472 8.64 -20.39 -19.44
N MET A 473 8.85 -20.14 -18.14
CA MET A 473 9.04 -18.77 -17.68
C MET A 473 10.27 -18.12 -18.29
N GLY A 474 11.35 -18.89 -18.43
CA GLY A 474 12.66 -18.32 -18.65
C GLY A 474 13.10 -17.46 -17.47
N ILE A 475 14.15 -16.68 -17.73
CA ILE A 475 14.59 -15.62 -16.83
C ILE A 475 14.07 -14.28 -17.34
N THR A 476 13.49 -13.50 -16.44
CA THR A 476 12.94 -12.20 -16.79
C THR A 476 13.32 -11.21 -15.69
N THR A 477 13.19 -9.92 -16.00
CA THR A 477 13.25 -8.88 -14.99
C THR A 477 11.89 -8.19 -14.88
N LEU A 478 11.59 -7.74 -13.66
CA LEU A 478 10.41 -6.91 -13.46
C LEU A 478 10.56 -5.60 -14.22
N VAL A 479 9.52 -5.21 -14.95
CA VAL A 479 9.50 -3.90 -15.58
C VAL A 479 9.35 -2.85 -14.48
N GLN A 480 10.42 -2.09 -14.24
CA GLN A 480 10.40 -1.03 -13.25
C GLN A 480 11.10 0.19 -13.81
N TYR A 481 10.60 1.36 -13.46
CA TYR A 481 11.31 2.61 -13.73
C TYR A 481 11.30 3.43 -12.45
N ALA A 482 12.17 4.43 -12.40
CA ALA A 482 12.24 5.30 -11.24
C ALA A 482 11.98 6.74 -11.63
N VAL A 483 11.36 7.47 -10.71
CA VAL A 483 11.22 8.91 -10.80
C VAL A 483 11.62 9.50 -9.45
N GLY A 484 11.87 10.79 -9.47
CA GLY A 484 12.05 11.51 -8.22
C GLY A 484 12.28 12.98 -8.51
N ILE A 485 12.65 13.71 -7.47
CA ILE A 485 12.98 15.13 -7.58
C ILE A 485 14.46 15.29 -7.28
N MET A 486 15.20 15.81 -8.26
CA MET A 486 16.55 16.29 -8.03
C MET A 486 16.46 17.76 -7.62
N THR A 487 16.87 18.06 -6.39
CA THR A 487 17.01 19.42 -5.92
C THR A 487 18.49 19.75 -5.84
N VAL A 488 18.90 20.79 -6.55
CA VAL A 488 20.29 21.24 -6.54
C VAL A 488 20.36 22.65 -5.99
N THR A 489 21.11 22.82 -4.91
CA THR A 489 21.37 24.10 -4.30
C THR A 489 22.82 24.46 -4.58
N MET A 490 23.06 25.61 -5.19
CA MET A 490 24.40 26.13 -5.36
C MET A 490 24.51 27.53 -4.78
N THR A 491 25.47 27.70 -3.88
CA THR A 491 25.85 29.02 -3.38
C THR A 491 26.96 29.60 -4.25
N PHE A 492 26.80 30.87 -4.63
CA PHE A 492 27.86 31.61 -5.30
C PHE A 492 28.33 32.73 -4.40
N LYS A 493 29.64 32.92 -4.31
CA LYS A 493 30.21 34.13 -3.74
C LYS A 493 30.06 35.30 -4.71
N LEU A 494 29.59 36.43 -4.20
CA LEU A 494 29.39 37.63 -5.01
C LEU A 494 30.28 38.76 -4.53
N GLY A 495 31.07 39.32 -5.44
CA GLY A 495 31.81 40.54 -5.17
C GLY A 495 30.93 41.76 -5.29
N PRO A 496 31.21 42.79 -4.50
CA PRO A 496 30.53 44.07 -4.68
C PRO A 496 30.87 44.73 -6.02
N ARG A 497 29.94 45.56 -6.49
CA ARG A 497 30.22 46.45 -7.60
C ARG A 497 31.33 47.44 -7.27
N LYS A 498 32.15 47.77 -8.26
CA LYS A 498 33.15 48.82 -8.10
C LYS A 498 32.48 50.18 -8.02
N ALA A 499 33.05 51.07 -7.19
CA ALA A 499 32.55 52.44 -7.10
C ALA A 499 32.77 53.18 -8.42
N THR A 500 31.80 54.02 -8.78
CA THR A 500 31.80 54.75 -10.04
C THR A 500 32.08 56.22 -9.79
N GLY A 501 33.12 56.75 -10.43
CA GLY A 501 33.43 58.17 -10.40
C GLY A 501 32.79 59.01 -11.49
N ARG A 502 32.25 58.37 -12.52
CA ARG A 502 31.71 59.06 -13.69
C ARG A 502 30.70 60.14 -13.33
N TRP A 503 30.67 61.19 -14.15
CA TRP A 503 29.52 62.09 -14.19
C TRP A 503 28.36 61.45 -14.95
N ASN A 504 28.61 61.00 -16.18
CA ASN A 504 27.56 60.47 -17.03
C ASN A 504 27.09 59.10 -16.54
N PRO A 505 25.82 58.77 -16.77
CA PRO A 505 25.32 57.43 -16.42
C PRO A 505 26.20 56.31 -16.99
N GLN A 506 26.30 55.23 -16.22
CA GLN A 506 26.74 53.96 -16.77
C GLN A 506 25.80 53.52 -17.90
N PRO A 507 26.29 52.73 -18.85
CA PRO A 507 25.39 52.06 -19.80
C PRO A 507 24.29 51.28 -19.08
N GLY A 508 23.14 51.18 -19.74
CA GLY A 508 22.08 50.35 -19.23
C GLY A 508 22.47 48.89 -19.21
N VAL A 509 22.05 48.19 -18.16
CA VAL A 509 22.11 46.74 -18.13
C VAL A 509 20.91 46.20 -18.89
N TYR A 510 20.96 46.30 -20.22
CA TYR A 510 19.85 45.85 -21.04
C TYR A 510 19.67 44.34 -20.90
N PRO A 511 18.43 43.87 -20.81
CA PRO A 511 18.19 42.45 -21.05
C PRO A 511 18.49 42.11 -22.50
N PRO A 512 18.86 40.86 -22.79
CA PRO A 512 19.30 40.52 -24.13
C PRO A 512 18.14 40.51 -25.10
N HIS A 513 18.47 40.58 -26.39
CA HIS A 513 17.46 40.65 -27.43
C HIS A 513 17.23 39.27 -28.04
N ALA A 514 15.97 38.98 -28.33
CA ALA A 514 15.57 37.78 -29.03
C ALA A 514 15.54 38.03 -30.54
N ALA A 515 15.65 36.92 -31.29
CA ALA A 515 15.50 37.01 -32.74
C ALA A 515 14.11 37.49 -33.13
N GLY A 516 13.08 36.96 -32.47
CA GLY A 516 11.74 37.50 -32.57
C GLY A 516 11.27 38.04 -31.23
N HIS A 517 10.56 39.17 -31.28
CA HIS A 517 9.92 39.77 -30.11
C HIS A 517 10.85 39.86 -28.91
N LEU A 518 10.50 39.22 -27.80
CA LEU A 518 11.25 39.32 -26.55
C LEU A 518 11.60 37.94 -26.01
N PRO A 519 12.77 37.80 -25.38
CA PRO A 519 13.13 36.53 -24.76
C PRO A 519 12.53 36.35 -23.37
N TYR A 520 12.49 35.09 -22.94
CA TYR A 520 12.14 34.69 -21.57
C TYR A 520 10.73 35.08 -21.15
N VAL A 521 9.95 35.64 -22.06
CA VAL A 521 8.55 35.95 -21.79
C VAL A 521 7.72 35.02 -22.68
N LEU A 522 6.74 34.35 -22.08
CA LEU A 522 5.75 33.66 -22.88
C LEU A 522 4.87 34.68 -23.58
N TYR A 523 4.85 34.63 -24.90
CA TYR A 523 4.03 35.52 -25.71
C TYR A 523 3.21 34.70 -26.69
N ASP A 524 2.12 35.30 -27.17
CA ASP A 524 1.34 34.73 -28.24
C ASP A 524 1.98 35.12 -29.58
N PRO A 525 2.56 34.15 -30.29
CA PRO A 525 3.24 34.47 -31.55
C PRO A 525 2.31 34.91 -32.67
N THR A 526 1.00 34.69 -32.55
CA THR A 526 0.05 35.20 -33.52
C THR A 526 -0.22 36.69 -33.34
N ALA A 527 0.20 37.29 -32.24
CA ALA A 527 0.05 38.73 -32.06
C ALA A 527 1.18 39.52 -32.71
N THR A 528 2.29 38.88 -33.04
CA THR A 528 3.51 39.55 -33.45
C THR A 528 3.91 39.13 -34.85
N ASP A 529 4.52 40.05 -35.58
CA ASP A 529 5.06 39.81 -36.91
C ASP A 529 6.42 39.12 -36.89
N ALA A 530 6.94 38.78 -35.71
CA ALA A 530 8.15 37.97 -35.64
C ALA A 530 7.96 36.63 -36.33
N LYS A 531 9.08 36.05 -36.79
CA LYS A 531 9.08 34.86 -37.62
C LYS A 531 9.56 33.62 -36.86
N GLN A 532 9.52 33.66 -35.52
CA GLN A 532 9.99 32.57 -34.66
C GLN A 532 8.83 31.73 -34.13
N HIS A 533 7.82 31.49 -34.97
CA HIS A 533 6.69 30.64 -34.58
C HIS A 533 7.11 29.25 -34.14
N HIS A 534 8.22 28.73 -34.68
CA HIS A 534 8.72 27.43 -34.26
C HIS A 534 9.10 27.40 -32.78
N ARG A 535 9.34 28.56 -32.18
CA ARG A 535 9.58 28.64 -30.74
C ARG A 535 8.31 28.71 -29.93
N HIS A 536 7.14 28.74 -30.57
CA HIS A 536 5.84 28.71 -29.89
C HIS A 536 5.70 29.79 -28.83
N GLY A 537 6.31 30.96 -29.09
CA GLY A 537 6.15 32.10 -28.22
C GLY A 537 6.94 32.09 -26.93
N TYR A 538 7.87 31.16 -26.74
CA TYR A 538 8.87 31.29 -25.70
C TYR A 538 10.25 31.20 -26.35
N GLU A 539 11.06 32.23 -26.15
CA GLU A 539 12.20 32.48 -27.01
C GLU A 539 13.45 32.73 -26.18
N LYS A 540 14.55 32.15 -26.61
CA LYS A 540 15.86 32.53 -26.11
C LYS A 540 16.36 33.77 -26.84
N PRO A 541 17.20 34.57 -26.19
CA PRO A 541 17.91 35.61 -26.93
C PRO A 541 18.85 35.00 -27.95
N GLU A 542 19.13 35.78 -29.00
CA GLU A 542 20.05 35.31 -30.03
C GLU A 542 21.50 35.58 -29.67
N GLU A 543 21.77 36.58 -28.85
CA GLU A 543 23.02 36.67 -28.12
C GLU A 543 22.95 35.89 -26.81
N LEU A 544 24.11 35.40 -26.36
CA LEU A 544 24.24 34.94 -25.00
C LEU A 544 24.40 36.13 -24.07
N TRP A 545 23.75 36.05 -22.92
CA TRP A 545 23.58 37.17 -22.00
C TRP A 545 24.79 37.24 -21.06
N THR A 546 25.62 38.28 -21.20
CA THR A 546 27.02 38.20 -20.77
C THR A 546 27.43 39.09 -19.60
N ALA A 547 26.57 39.93 -19.06
CA ALA A 547 26.97 41.00 -18.12
C ALA A 547 27.99 41.96 -18.75
N LYS A 548 28.84 42.57 -17.91
CA LYS A 548 29.91 43.50 -18.29
C LYS A 548 29.42 44.77 -18.98
N SER A 549 28.15 45.13 -18.78
CA SER A 549 27.63 46.34 -19.41
C SER A 549 28.20 47.59 -18.74
N ARG A 550 28.33 47.58 -17.42
CA ARG A 550 28.95 48.70 -16.71
C ARG A 550 30.48 48.63 -16.77
N VAL A 551 31.10 49.80 -16.81
CA VAL A 551 32.52 49.93 -17.13
C VAL A 551 33.19 50.87 -16.15
N HIS A 552 34.47 50.64 -15.93
CA HIS A 552 35.30 51.37 -14.99
C HIS A 552 36.61 51.69 -15.67
N PRO A 553 37.31 52.73 -15.23
CA PRO A 553 38.60 53.04 -15.82
C PRO A 553 39.64 51.98 -15.48
N LEU A 554 40.76 52.06 -16.18
CA LEU A 554 41.95 51.30 -15.82
C LEU A 554 42.87 52.09 -14.90
N THR B 2 -16.07 4.97 -20.60
CA THR B 2 -14.87 5.79 -20.52
C THR B 2 -13.63 4.94 -20.28
N SER B 3 -12.47 5.50 -20.61
CA SER B 3 -11.21 4.80 -20.47
C SER B 3 -10.10 5.82 -20.24
N VAL B 4 -9.08 5.39 -19.49
CA VAL B 4 -7.87 6.20 -19.34
C VAL B 4 -7.17 6.39 -20.68
N ASN B 5 -7.33 5.44 -21.60
CA ASN B 5 -6.81 5.61 -22.96
C ASN B 5 -7.40 6.81 -23.70
N SER B 6 -8.50 7.39 -23.19
CA SER B 6 -9.09 8.55 -23.83
C SER B 6 -8.14 9.74 -23.88
N ALA B 7 -7.23 9.86 -22.92
CA ALA B 7 -6.09 10.76 -23.03
C ALA B 7 -4.89 9.98 -23.53
N GLU B 8 -4.37 10.38 -24.69
CA GLU B 8 -3.40 9.55 -25.40
C GLU B 8 -2.02 9.61 -24.75
N ALA B 9 -1.71 10.69 -24.04
CA ALA B 9 -0.45 10.83 -23.34
C ALA B 9 -0.59 10.53 -21.85
N SER B 10 -1.58 9.74 -21.46
CA SER B 10 -1.80 9.39 -20.06
C SER B 10 -1.70 7.88 -19.89
N THR B 11 -1.18 7.47 -18.73
CA THR B 11 -1.15 6.08 -18.34
C THR B 11 -1.98 5.88 -17.08
N GLY B 12 -2.60 4.70 -16.97
CA GLY B 12 -3.23 4.31 -15.73
C GLY B 12 -2.22 4.17 -14.60
N ALA B 13 -2.68 4.42 -13.39
CA ALA B 13 -1.86 4.29 -12.20
C ALA B 13 -2.59 3.47 -11.13
N GLY B 14 -1.86 2.55 -10.52
CA GLY B 14 -2.39 1.63 -9.53
C GLY B 14 -2.20 2.04 -8.08
N GLY B 15 -1.60 3.19 -7.82
CA GLY B 15 -1.49 3.70 -6.46
C GLY B 15 -0.75 2.81 -5.49
N GLY B 16 0.38 2.24 -5.90
CA GLY B 16 1.14 1.35 -5.04
C GLY B 16 1.73 2.02 -3.81
N GLY B 17 2.29 1.18 -2.93
CA GLY B 17 2.81 1.60 -1.65
C GLY B 17 4.18 2.27 -1.72
N SER B 18 4.55 2.91 -0.61
CA SER B 18 5.82 3.61 -0.48
C SER B 18 6.63 3.00 0.66
N ASN B 19 7.95 2.96 0.50
CA ASN B 19 8.84 2.34 1.49
C ASN B 19 10.18 3.05 1.53
N PRO B 20 10.29 4.11 2.32
CA PRO B 20 11.47 4.99 2.24
C PRO B 20 12.71 4.43 2.94
N VAL B 21 12.95 3.13 2.81
CA VAL B 21 14.11 2.47 3.41
C VAL B 21 15.36 2.81 2.62
N LYS B 22 16.48 2.96 3.33
CA LYS B 22 17.81 3.01 2.75
C LYS B 22 18.56 1.72 3.09
N SER B 23 19.16 1.11 2.08
CA SER B 23 20.05 -0.05 2.26
C SER B 23 21.28 0.13 1.40
N MET B 24 22.32 -0.64 1.73
CA MET B 24 23.59 -0.58 1.01
C MET B 24 23.75 -1.78 0.10
N TRP B 25 24.28 -1.54 -1.10
CA TRP B 25 25.02 -2.55 -1.86
C TRP B 25 26.48 -2.48 -1.45
N SER B 26 26.93 -3.46 -0.67
CA SER B 26 28.27 -3.47 -0.11
C SER B 26 29.18 -4.35 -0.97
N GLU B 27 30.20 -3.74 -1.58
CA GLU B 27 31.16 -4.47 -2.38
C GLU B 27 32.53 -3.81 -2.31
N GLY B 28 33.56 -4.62 -2.49
CA GLY B 28 34.93 -4.17 -2.56
C GLY B 28 35.85 -4.76 -1.50
N ALA B 29 37.15 -4.77 -1.80
CA ALA B 29 38.19 -5.12 -0.84
C ALA B 29 38.79 -3.87 -0.21
N THR B 30 38.78 -3.81 1.11
CA THR B 30 39.54 -2.82 1.86
C THR B 30 40.82 -3.49 2.37
N PHE B 31 41.95 -3.11 1.80
CA PHE B 31 43.25 -3.59 2.25
C PHE B 31 43.78 -2.80 3.43
N SER B 32 44.54 -3.48 4.28
CA SER B 32 45.32 -2.86 5.35
C SER B 32 46.66 -3.55 5.42
N ALA B 33 47.55 -3.02 6.28
CA ALA B 33 48.90 -3.58 6.39
C ALA B 33 48.86 -5.07 6.70
N ASN B 34 47.92 -5.52 7.52
CA ASN B 34 47.94 -6.86 8.05
C ASN B 34 46.72 -7.69 7.67
N SER B 35 45.78 -7.12 6.92
CA SER B 35 44.57 -7.84 6.56
C SER B 35 43.89 -7.14 5.39
N VAL B 36 42.96 -7.86 4.76
CA VAL B 36 42.03 -7.28 3.82
C VAL B 36 40.64 -7.71 4.22
N THR B 37 39.68 -6.79 4.14
CA THR B 37 38.27 -7.11 4.29
C THR B 37 37.60 -7.07 2.92
N CYS B 38 37.14 -8.22 2.46
CA CYS B 38 36.53 -8.36 1.14
C CYS B 38 35.03 -8.52 1.30
N THR B 39 34.27 -7.65 0.65
CA THR B 39 32.82 -7.78 0.62
C THR B 39 32.36 -7.93 -0.83
N PHE B 40 31.47 -8.87 -1.06
CA PHE B 40 30.72 -8.93 -2.30
C PHE B 40 29.23 -9.03 -1.98
N SER B 41 28.41 -8.53 -2.91
CA SER B 41 26.97 -8.68 -2.85
C SER B 41 26.48 -9.31 -4.14
N ARG B 42 25.49 -10.18 -4.02
CA ARG B 42 24.74 -10.70 -5.15
C ARG B 42 23.27 -10.62 -4.82
N GLN B 43 22.46 -10.24 -5.79
CA GLN B 43 21.06 -10.60 -5.74
C GLN B 43 20.91 -12.11 -5.87
N PHE B 44 20.05 -12.69 -5.04
CA PHE B 44 19.71 -14.09 -5.15
C PHE B 44 18.22 -14.23 -5.43
N LEU B 45 17.86 -15.35 -6.04
CA LEU B 45 16.47 -15.72 -6.23
C LEU B 45 16.26 -17.16 -5.77
N ILE B 46 15.22 -17.38 -5.00
CA ILE B 46 14.79 -18.71 -4.57
C ILE B 46 13.45 -19.01 -5.25
N PRO B 47 13.36 -20.06 -6.06
CA PRO B 47 12.17 -20.24 -6.90
C PRO B 47 10.97 -20.69 -6.11
N TYR B 48 9.80 -20.51 -6.71
CA TYR B 48 8.61 -21.20 -6.26
C TYR B 48 8.81 -22.70 -6.32
N ASP B 49 8.65 -23.36 -5.18
CA ASP B 49 8.56 -24.81 -5.14
C ASP B 49 7.11 -25.21 -4.90
N PRO B 50 6.46 -25.88 -5.87
CA PRO B 50 5.03 -26.14 -5.74
C PRO B 50 4.70 -27.23 -4.75
N GLU B 51 5.65 -28.12 -4.45
CA GLU B 51 5.41 -29.21 -3.50
C GLU B 51 6.71 -29.45 -2.74
N HIS B 52 6.71 -29.12 -1.46
CA HIS B 52 7.91 -29.14 -0.62
C HIS B 52 8.25 -30.57 -0.17
N HIS B 53 8.39 -31.46 -1.15
CA HIS B 53 8.68 -32.85 -0.85
C HIS B 53 10.13 -33.02 -0.43
N TYR B 54 10.35 -33.87 0.57
CA TYR B 54 11.61 -34.58 0.69
C TYR B 54 11.59 -35.81 -0.22
N LYS B 55 12.68 -36.03 -0.94
CA LYS B 55 12.81 -37.18 -1.81
C LYS B 55 14.06 -37.96 -1.47
N VAL B 56 13.97 -39.28 -1.55
CA VAL B 56 15.14 -40.14 -1.48
C VAL B 56 15.84 -40.16 -2.84
N PHE B 57 17.12 -39.78 -2.83
CA PHE B 57 18.00 -39.88 -4.00
C PHE B 57 18.55 -41.30 -4.04
N SER B 58 18.13 -42.09 -5.02
CA SER B 58 18.42 -43.53 -5.03
C SER B 58 18.60 -44.04 -6.45
N PRO B 59 19.76 -43.79 -7.05
CA PRO B 59 20.07 -44.40 -8.34
C PRO B 59 20.35 -45.89 -8.19
N ALA B 60 20.09 -46.64 -9.27
CA ALA B 60 20.51 -48.04 -9.31
C ALA B 60 21.98 -48.14 -9.71
N ALA B 61 22.57 -49.31 -9.40
CA ALA B 61 23.89 -49.69 -9.87
C ALA B 61 23.84 -51.06 -10.53
N SER B 62 24.73 -51.26 -11.51
CA SER B 62 24.68 -52.44 -12.37
C SER B 62 26.06 -52.81 -12.87
N LYS B 73 32.93 -48.44 -18.24
CA LYS B 73 31.90 -48.26 -17.23
C LYS B 73 32.46 -48.55 -15.84
N VAL B 74 32.49 -47.53 -14.99
CA VAL B 74 32.89 -47.67 -13.60
C VAL B 74 31.76 -47.16 -12.71
N CYS B 75 31.28 -48.01 -11.83
CA CYS B 75 30.41 -47.59 -10.75
C CYS B 75 31.23 -47.16 -9.54
N THR B 76 30.58 -46.43 -8.63
CA THR B 76 31.12 -46.28 -7.29
C THR B 76 31.23 -47.63 -6.59
N ILE B 77 31.95 -47.64 -5.47
CA ILE B 77 32.22 -48.88 -4.77
C ILE B 77 30.92 -49.56 -4.34
N SER B 78 29.92 -48.78 -3.96
CA SER B 78 28.57 -49.25 -3.76
C SER B 78 27.62 -48.20 -4.33
N PRO B 79 26.36 -48.57 -4.60
CA PRO B 79 25.39 -47.58 -5.05
C PRO B 79 25.18 -46.51 -3.99
N ILE B 80 25.14 -45.26 -4.42
CA ILE B 80 24.93 -44.15 -3.49
C ILE B 80 23.45 -44.03 -3.19
N MET B 81 23.15 -43.51 -2.01
CA MET B 81 21.79 -43.14 -1.65
C MET B 81 21.83 -41.89 -0.80
N GLY B 82 20.82 -41.06 -0.96
CA GLY B 82 20.75 -39.84 -0.19
C GLY B 82 19.34 -39.29 -0.13
N TYR B 83 19.24 -38.06 0.33
CA TYR B 83 17.97 -37.36 0.39
C TYR B 83 18.11 -35.98 -0.23
N SER B 84 17.09 -35.60 -0.98
CA SER B 84 16.91 -34.24 -1.49
C SER B 84 15.85 -33.52 -0.67
N THR B 85 16.14 -32.29 -0.27
CA THR B 85 15.24 -31.53 0.58
C THR B 85 14.63 -30.36 -0.19
N PRO B 86 13.52 -29.79 0.28
CA PRO B 86 13.01 -28.55 -0.33
C PRO B 86 13.81 -27.30 0.00
N TRP B 87 14.85 -27.41 0.81
CA TRP B 87 15.65 -26.25 1.18
C TRP B 87 16.69 -25.93 0.12
N ARG B 88 16.97 -24.64 -0.03
CA ARG B 88 18.15 -24.18 -0.74
C ARG B 88 19.23 -23.83 0.29
N TYR B 89 20.46 -23.68 -0.20
CA TYR B 89 21.56 -23.22 0.64
C TYR B 89 22.47 -22.30 -0.17
N LEU B 90 23.27 -21.53 0.56
CA LEU B 90 24.19 -20.56 -0.02
C LEU B 90 25.59 -21.14 -0.16
N ASP B 91 26.16 -21.04 -1.35
CA ASP B 91 27.54 -21.45 -1.60
C ASP B 91 28.31 -20.27 -2.17
N PHE B 92 29.30 -19.79 -1.41
CA PHE B 92 30.19 -18.70 -1.78
C PHE B 92 31.64 -19.10 -1.55
N ASN B 93 31.92 -20.40 -1.60
CA ASN B 93 33.24 -20.96 -1.29
C ASN B 93 34.19 -20.87 -2.48
N ALA B 94 34.47 -19.64 -2.91
CA ALA B 94 35.51 -19.44 -3.93
C ALA B 94 36.16 -18.08 -3.76
N LEU B 95 37.48 -18.06 -3.89
CA LEU B 95 38.27 -16.85 -3.61
C LEU B 95 37.90 -15.70 -4.55
N ASN B 96 37.75 -15.98 -5.85
CA ASN B 96 37.44 -14.96 -6.84
C ASN B 96 36.10 -14.26 -6.61
N LEU B 97 35.23 -14.79 -5.76
CA LEU B 97 34.05 -14.02 -5.38
C LEU B 97 34.42 -12.81 -4.52
N PHE B 98 35.44 -12.96 -3.68
CA PHE B 98 35.81 -11.92 -2.73
C PHE B 98 36.69 -10.84 -3.34
N PHE B 99 37.49 -11.17 -4.34
CA PHE B 99 38.38 -10.21 -4.99
C PHE B 99 37.94 -10.00 -6.43
N SER B 100 37.75 -8.75 -6.82
CA SER B 100 37.84 -8.37 -8.22
C SER B 100 39.22 -8.74 -8.76
N PRO B 101 39.35 -8.89 -10.09
CA PRO B 101 40.68 -9.13 -10.67
C PRO B 101 41.73 -8.12 -10.28
N LEU B 102 41.37 -6.83 -10.20
CA LEU B 102 42.31 -5.82 -9.71
C LEU B 102 42.71 -6.07 -8.26
N GLU B 103 41.74 -6.33 -7.39
CA GLU B 103 42.04 -6.55 -5.98
C GLU B 103 42.90 -7.79 -5.75
N PHE B 104 42.69 -8.85 -6.52
CA PHE B 104 43.55 -10.02 -6.43
C PHE B 104 44.97 -9.73 -6.89
N GLN B 105 45.12 -9.00 -7.99
CA GLN B 105 46.45 -8.49 -8.36
C GLN B 105 47.10 -7.72 -7.21
N HIS B 106 46.35 -6.81 -6.59
CA HIS B 106 46.86 -6.05 -5.46
C HIS B 106 47.28 -6.94 -4.29
N LEU B 107 46.46 -7.95 -3.98
CA LEU B 107 46.80 -8.93 -2.96
C LEU B 107 48.14 -9.61 -3.23
N ILE B 108 48.28 -10.22 -4.40
CA ILE B 108 49.49 -10.98 -4.72
C ILE B 108 50.70 -10.11 -5.00
N GLU B 109 50.50 -8.85 -5.39
CA GLU B 109 51.62 -7.92 -5.56
C GLU B 109 52.19 -7.40 -4.24
N ASN B 110 51.40 -7.36 -3.17
CA ASN B 110 51.77 -6.56 -2.00
C ASN B 110 51.91 -7.33 -0.71
N TYR B 111 51.61 -8.63 -0.69
CA TYR B 111 51.55 -9.38 0.55
C TYR B 111 52.24 -10.73 0.38
N GLY B 112 52.86 -11.19 1.46
CA GLY B 112 53.61 -12.43 1.43
C GLY B 112 52.79 -13.67 1.72
N SER B 113 51.65 -13.53 2.40
CA SER B 113 50.82 -14.69 2.69
C SER B 113 49.39 -14.26 2.95
N ILE B 114 48.48 -15.21 2.86
CA ILE B 114 47.06 -14.99 3.11
C ILE B 114 46.51 -16.15 3.93
N ALA B 115 45.64 -15.83 4.89
CA ALA B 115 44.86 -16.83 5.61
C ALA B 115 43.45 -16.29 5.83
N PRO B 116 42.45 -17.17 5.84
CA PRO B 116 41.10 -16.74 6.22
C PRO B 116 41.03 -16.39 7.70
N ASP B 117 40.29 -15.33 8.01
CA ASP B 117 40.17 -14.87 9.38
C ASP B 117 38.74 -14.89 9.89
N ALA B 118 37.81 -14.20 9.22
CA ALA B 118 36.45 -14.12 9.70
C ALA B 118 35.51 -13.98 8.50
N LEU B 119 34.26 -14.38 8.72
CA LEU B 119 33.24 -14.32 7.70
C LEU B 119 31.96 -13.75 8.30
N THR B 120 31.30 -12.87 7.54
CA THR B 120 29.94 -12.44 7.82
C THR B 120 29.10 -12.60 6.57
N VAL B 121 27.95 -13.26 6.70
CA VAL B 121 26.95 -13.34 5.65
C VAL B 121 25.72 -12.56 6.10
N THR B 122 25.32 -11.58 5.30
CA THR B 122 24.08 -10.85 5.53
C THR B 122 23.13 -11.11 4.38
N ILE B 123 21.93 -11.56 4.72
CA ILE B 123 20.81 -11.59 3.78
C ILE B 123 19.98 -10.35 4.04
N SER B 124 19.78 -9.53 3.01
CA SER B 124 19.02 -8.30 3.15
C SER B 124 18.15 -8.07 1.93
N GLU B 125 17.27 -7.08 2.03
CA GLU B 125 16.33 -6.74 0.97
C GLU B 125 15.49 -7.92 0.54
N ILE B 126 15.17 -8.81 1.49
CA ILE B 126 14.32 -9.95 1.20
C ILE B 126 13.01 -9.43 0.65
N ALA B 127 12.56 -10.03 -0.46
CA ALA B 127 11.20 -9.86 -0.93
C ALA B 127 10.64 -11.24 -1.24
N VAL B 128 9.63 -11.65 -0.48
CA VAL B 128 8.80 -12.76 -0.90
C VAL B 128 7.75 -12.17 -1.85
N LYS B 129 7.74 -12.66 -3.08
CA LYS B 129 6.94 -12.08 -4.15
C LYS B 129 5.81 -13.03 -4.54
N ASP B 130 4.58 -12.57 -4.38
CA ASP B 130 3.42 -13.25 -4.96
C ASP B 130 3.44 -13.16 -6.48
N VAL B 131 2.94 -14.21 -7.12
CA VAL B 131 2.74 -14.25 -8.56
C VAL B 131 1.27 -14.50 -8.85
N THR B 132 0.74 -13.84 -9.87
CA THR B 132 -0.62 -14.07 -10.33
C THR B 132 -0.69 -13.82 -11.83
N ASP B 133 -1.81 -14.20 -12.42
CA ASP B 133 -2.03 -13.97 -13.85
C ASP B 133 -2.10 -12.48 -14.17
N LYS B 134 -1.42 -12.09 -15.24
CA LYS B 134 -1.49 -10.74 -15.78
C LYS B 134 -2.67 -10.61 -16.74
N THR B 135 -3.22 -9.41 -16.80
CA THR B 135 -4.19 -9.07 -17.84
C THR B 135 -3.59 -9.28 -19.22
N GLY B 136 -4.32 -9.96 -20.10
CA GLY B 136 -3.81 -10.26 -21.42
C GLY B 136 -2.81 -11.38 -21.47
N GLY B 137 -2.68 -12.16 -20.40
CA GLY B 137 -1.81 -13.31 -20.38
C GLY B 137 -0.43 -13.01 -19.83
N GLY B 138 0.28 -14.09 -19.54
CA GLY B 138 1.48 -14.03 -18.73
C GLY B 138 1.15 -13.91 -17.25
N VAL B 139 2.18 -13.58 -16.47
CA VAL B 139 2.06 -13.45 -15.03
C VAL B 139 2.56 -12.07 -14.61
N GLN B 140 2.09 -11.63 -13.45
CA GLN B 140 2.59 -10.40 -12.82
C GLN B 140 2.93 -10.69 -11.36
N VAL B 141 3.86 -9.90 -10.85
CA VAL B 141 4.49 -10.14 -9.55
C VAL B 141 4.16 -8.99 -8.61
N THR B 142 3.86 -9.31 -7.35
CA THR B 142 3.67 -8.30 -6.32
C THR B 142 4.39 -8.70 -5.05
N ASP B 143 4.85 -7.70 -4.31
CA ASP B 143 5.50 -7.93 -3.03
C ASP B 143 4.51 -8.38 -1.96
N SER B 144 4.92 -9.38 -1.18
CA SER B 144 4.06 -10.02 -0.19
C SER B 144 4.44 -9.55 1.21
N THR B 145 3.46 -9.07 1.97
CA THR B 145 3.69 -8.75 3.37
C THR B 145 3.57 -9.96 4.28
N THR B 146 2.88 -11.01 3.84
CA THR B 146 2.73 -12.22 4.63
C THR B 146 3.66 -13.35 4.21
N GLY B 147 4.21 -13.31 3.01
CA GLY B 147 5.22 -14.28 2.62
C GLY B 147 6.42 -14.24 3.55
N ARG B 148 6.99 -15.41 3.81
CA ARG B 148 8.16 -15.53 4.69
C ARG B 148 9.25 -16.35 4.00
N LEU B 149 10.47 -15.84 4.08
CA LEU B 149 11.67 -16.61 3.76
C LEU B 149 12.19 -17.29 5.03
N CYS B 150 12.20 -18.62 5.01
CA CYS B 150 12.85 -19.41 6.05
C CYS B 150 14.36 -19.30 5.91
N MET B 151 15.04 -18.86 6.98
CA MET B 151 16.50 -18.96 7.06
C MET B 151 16.89 -19.84 8.22
N LEU B 152 17.63 -20.91 7.93
CA LEU B 152 18.21 -21.79 8.94
C LEU B 152 19.72 -21.70 8.81
N VAL B 153 20.39 -21.22 9.85
CA VAL B 153 21.84 -21.23 9.92
C VAL B 153 22.26 -22.37 10.84
N ASP B 154 23.03 -23.31 10.31
CA ASP B 154 23.37 -24.55 11.00
C ASP B 154 24.73 -24.41 11.69
N HIS B 155 24.78 -23.51 12.69
CA HIS B 155 25.97 -23.34 13.49
C HIS B 155 26.42 -24.63 14.16
N GLU B 156 25.48 -25.51 14.49
CA GLU B 156 25.79 -26.74 15.20
C GLU B 156 26.34 -27.83 14.29
N TYR B 157 26.31 -27.65 12.97
CA TYR B 157 26.65 -28.70 12.02
C TYR B 157 25.79 -29.95 12.24
N LYS B 158 24.52 -29.72 12.56
CA LYS B 158 23.59 -30.84 12.67
C LYS B 158 23.46 -31.58 11.35
N TYR B 159 23.36 -30.84 10.26
CA TYR B 159 22.97 -31.30 8.93
C TYR B 159 24.20 -31.59 8.09
N PRO B 160 24.15 -32.67 7.31
CA PRO B 160 25.28 -33.03 6.45
C PRO B 160 25.86 -31.86 5.67
N TYR B 161 27.16 -31.67 5.82
CA TYR B 161 27.86 -30.55 5.22
C TYR B 161 28.25 -30.89 3.78
N VAL B 162 27.69 -30.16 2.83
CA VAL B 162 27.92 -30.43 1.41
C VAL B 162 28.75 -29.36 0.72
N LEU B 163 29.05 -28.25 1.39
CA LEU B 163 29.92 -27.22 0.84
C LEU B 163 31.35 -27.73 0.72
N GLY B 164 32.09 -27.13 -0.21
CA GLY B 164 33.50 -27.40 -0.37
C GLY B 164 33.80 -28.75 -0.99
N GLN B 165 33.10 -29.03 -2.08
CA GLN B 165 33.18 -30.30 -2.79
C GLN B 165 33.46 -30.09 -4.28
N GLY B 166 33.86 -28.88 -4.68
CA GLY B 166 34.11 -28.56 -6.06
C GLY B 166 32.90 -28.57 -6.96
N GLN B 167 31.70 -28.48 -6.39
CA GLN B 167 30.46 -28.57 -7.15
C GLN B 167 30.10 -27.22 -7.79
N ASP B 168 29.37 -27.30 -8.90
CA ASP B 168 28.95 -26.13 -9.68
C ASP B 168 27.76 -25.38 -9.04
N THR B 169 28.01 -24.84 -7.85
CA THR B 169 26.97 -24.33 -6.97
C THR B 169 27.27 -22.92 -6.49
N LEU B 170 28.42 -22.36 -6.86
CA LEU B 170 28.90 -21.09 -6.34
C LEU B 170 28.01 -19.92 -6.75
N ALA B 171 28.06 -18.87 -5.93
CA ALA B 171 27.61 -17.53 -6.29
C ALA B 171 28.22 -17.09 -7.60
N PRO B 172 27.51 -16.27 -8.39
CA PRO B 172 28.04 -15.80 -9.66
C PRO B 172 29.32 -15.00 -9.51
N GLU B 173 30.23 -15.18 -10.47
CA GLU B 173 31.52 -14.51 -10.42
C GLU B 173 31.41 -13.01 -10.63
N LEU B 174 30.45 -12.57 -11.44
CA LEU B 174 30.22 -11.14 -11.62
C LEU B 174 29.12 -10.64 -10.69
N PRO B 175 29.26 -9.41 -10.19
CA PRO B 175 28.22 -8.81 -9.35
C PRO B 175 26.94 -8.45 -10.10
N ILE B 176 26.96 -8.48 -11.43
CA ILE B 176 25.77 -8.18 -12.23
C ILE B 176 24.87 -9.40 -12.44
N TRP B 177 25.18 -10.54 -11.85
CA TRP B 177 24.45 -11.78 -12.09
C TRP B 177 23.72 -12.23 -10.82
N VAL B 178 22.51 -12.74 -11.00
CA VAL B 178 21.68 -13.21 -9.89
C VAL B 178 22.11 -14.61 -9.47
N TYR B 179 22.40 -14.77 -8.18
CA TYR B 179 22.64 -16.09 -7.61
C TYR B 179 21.34 -16.89 -7.52
N PHE B 180 21.35 -18.09 -8.07
CA PHE B 180 20.30 -19.10 -7.85
C PHE B 180 20.82 -20.19 -6.93
N PRO B 181 20.66 -20.03 -5.62
CA PRO B 181 21.27 -20.97 -4.66
C PRO B 181 20.84 -22.42 -4.89
N PRO B 182 21.77 -23.35 -4.75
CA PRO B 182 21.49 -24.76 -5.04
C PRO B 182 20.47 -25.37 -4.10
N GLN B 183 19.73 -26.35 -4.60
CA GLN B 183 18.90 -27.21 -3.75
C GLN B 183 19.77 -28.06 -2.83
N TYR B 184 19.44 -28.06 -1.54
CA TYR B 184 20.14 -28.87 -0.57
C TYR B 184 19.79 -30.35 -0.70
N ALA B 185 20.79 -31.17 -0.94
CA ALA B 185 20.67 -32.61 -1.02
C ALA B 185 21.98 -33.23 -0.55
N TYR B 186 21.90 -34.42 0.03
CA TYR B 186 23.06 -35.03 0.65
C TYR B 186 22.96 -36.54 0.56
N LEU B 187 24.11 -37.19 0.62
CA LEU B 187 24.22 -38.64 0.59
C LEU B 187 24.39 -39.19 2.00
N THR B 188 23.86 -40.39 2.24
CA THR B 188 23.96 -41.03 3.53
C THR B 188 24.29 -42.51 3.34
N VAL B 189 24.76 -43.13 4.41
CA VAL B 189 25.01 -44.58 4.43
C VAL B 189 23.71 -45.35 4.30
N GLY B 190 23.84 -46.62 3.93
CA GLY B 190 22.70 -47.50 3.82
C GLY B 190 23.13 -48.92 3.53
N ASP B 191 22.14 -49.79 3.30
CA ASP B 191 22.38 -51.19 2.99
C ASP B 191 22.18 -51.49 1.52
N VAL B 192 23.16 -52.18 0.92
CA VAL B 192 23.11 -52.60 -0.48
C VAL B 192 22.18 -53.80 -0.60
N ASN B 193 21.06 -53.63 -1.29
CA ASN B 193 20.08 -54.69 -1.49
C ASN B 193 20.08 -55.14 -2.95
N THR B 194 20.24 -56.44 -3.17
CA THR B 194 20.23 -56.99 -4.52
C THR B 194 18.82 -56.89 -5.11
N GLN B 195 18.74 -56.38 -6.34
CA GLN B 195 17.44 -56.18 -7.00
C GLN B 195 16.95 -57.47 -7.66
N GLY B 196 16.56 -58.41 -6.81
CA GLY B 196 16.02 -59.67 -7.29
C GLY B 196 17.01 -60.52 -8.07
N ILE B 197 16.51 -61.16 -9.12
CA ILE B 197 17.32 -62.04 -9.97
C ILE B 197 18.38 -61.26 -10.73
N SER B 198 18.15 -59.97 -10.97
CA SER B 198 19.00 -59.20 -11.88
C SER B 198 20.45 -59.13 -11.40
N GLY B 199 20.67 -59.23 -10.09
CA GLY B 199 21.98 -58.98 -9.51
C GLY B 199 22.40 -57.54 -9.47
N ASP B 200 21.65 -56.64 -10.09
CA ASP B 200 21.87 -55.20 -9.91
C ASP B 200 21.53 -54.81 -8.47
N SER B 201 22.10 -53.70 -8.03
CA SER B 201 22.05 -53.35 -6.62
C SER B 201 21.60 -51.91 -6.44
N LYS B 202 20.87 -51.70 -5.35
CA LYS B 202 20.54 -50.38 -4.84
C LYS B 202 20.91 -50.33 -3.36
N LYS B 203 21.28 -49.14 -2.90
CA LYS B 203 21.45 -48.89 -1.48
C LYS B 203 20.10 -48.47 -0.89
N LEU B 204 19.52 -49.34 -0.08
CA LEU B 204 18.32 -49.05 0.67
C LEU B 204 18.69 -48.38 1.99
N ALA B 205 17.76 -47.58 2.51
CA ALA B 205 17.95 -47.02 3.85
C ALA B 205 18.06 -48.11 4.90
N SER B 206 18.91 -47.86 5.89
CA SER B 206 19.13 -48.73 7.03
C SER B 206 19.06 -47.89 8.29
N GLU B 207 19.13 -48.56 9.45
CA GLU B 207 19.04 -47.85 10.72
C GLU B 207 20.06 -46.72 10.82
N GLU B 208 21.24 -46.89 10.22
CA GLU B 208 22.24 -45.84 10.21
C GLU B 208 21.92 -44.69 9.26
N SER B 209 21.12 -44.94 8.23
CA SER B 209 20.79 -43.90 7.26
C SER B 209 20.14 -42.71 7.96
N ALA B 210 20.75 -41.54 7.80
CA ALA B 210 20.31 -40.32 8.47
C ALA B 210 19.33 -39.57 7.57
N PHE B 211 18.05 -39.56 7.97
CA PHE B 211 17.02 -38.77 7.32
C PHE B 211 16.80 -37.49 8.13
N TYR B 212 17.19 -36.36 7.56
CA TYR B 212 17.10 -35.07 8.23
C TYR B 212 15.92 -34.27 7.71
N VAL B 213 15.06 -33.81 8.61
CA VAL B 213 13.95 -32.92 8.27
C VAL B 213 14.24 -31.57 8.91
N LEU B 214 14.64 -30.61 8.07
CA LEU B 214 15.05 -29.30 8.56
C LEU B 214 13.90 -28.53 9.21
N GLU B 215 12.67 -28.76 8.77
CA GLU B 215 11.49 -28.20 9.44
C GLU B 215 11.29 -28.71 10.86
N HIS B 216 11.97 -29.76 11.29
CA HIS B 216 11.86 -30.15 12.68
C HIS B 216 12.71 -29.30 13.63
N SER B 217 13.61 -28.47 13.11
CA SER B 217 14.35 -27.54 13.93
C SER B 217 13.68 -26.17 13.93
N SER B 218 14.16 -25.31 14.84
CA SER B 218 13.80 -23.90 14.82
C SER B 218 14.62 -23.12 13.80
N PHE B 219 13.93 -22.26 13.04
CA PHE B 219 14.54 -21.37 12.07
C PHE B 219 13.76 -20.06 12.02
N GLN B 220 14.39 -19.04 11.45
CA GLN B 220 13.81 -17.71 11.36
C GLN B 220 12.83 -17.60 10.20
N LEU B 221 11.71 -16.94 10.44
CA LEU B 221 10.79 -16.52 9.39
C LEU B 221 10.98 -15.03 9.12
N LEU B 222 11.43 -14.70 7.91
CA LEU B 222 11.78 -13.34 7.53
C LEU B 222 10.74 -12.82 6.54
N GLY B 223 10.12 -11.69 6.87
CA GLY B 223 9.22 -11.03 5.95
C GLY B 223 9.95 -10.22 4.88
N THR B 224 9.16 -9.70 3.95
CA THR B 224 9.69 -8.77 2.96
C THR B 224 10.31 -7.54 3.60
N GLY B 225 11.47 -7.16 3.10
CA GLY B 225 12.31 -6.15 3.74
C GLY B 225 13.11 -6.68 4.92
N GLY B 226 12.96 -7.96 5.24
CA GLY B 226 13.69 -8.53 6.36
C GLY B 226 15.18 -8.65 6.09
N THR B 227 15.94 -8.57 7.17
CA THR B 227 17.38 -8.78 7.13
C THR B 227 17.74 -9.79 8.20
N ALA B 228 18.70 -10.66 7.90
CA ALA B 228 19.33 -11.50 8.91
C ALA B 228 20.80 -11.68 8.59
N THR B 229 21.60 -11.86 9.63
CA THR B 229 23.06 -11.90 9.51
C THR B 229 23.61 -13.12 10.22
N MET B 230 24.51 -13.84 9.53
CA MET B 230 25.35 -14.88 10.09
C MET B 230 26.76 -14.35 10.25
N SER B 231 27.42 -14.72 11.35
CA SER B 231 28.84 -14.42 11.50
C SER B 231 29.62 -15.66 11.93
N TYR B 232 30.84 -15.78 11.40
CA TYR B 232 31.70 -16.94 11.63
C TYR B 232 33.14 -16.48 11.75
N LYS B 233 33.87 -17.04 12.71
CA LYS B 233 35.31 -16.86 12.79
C LYS B 233 36.02 -18.14 12.37
N PHE B 234 36.96 -18.01 11.46
CA PHE B 234 37.82 -19.13 11.11
C PHE B 234 38.72 -19.51 12.27
N PRO B 235 39.02 -20.80 12.43
CA PRO B 235 40.09 -21.21 13.34
C PRO B 235 41.42 -20.68 12.85
N PRO B 236 42.46 -20.71 13.69
CA PRO B 236 43.81 -20.44 13.18
C PRO B 236 44.23 -21.52 12.20
N VAL B 237 44.70 -21.09 11.03
CA VAL B 237 45.13 -22.00 9.98
C VAL B 237 46.45 -21.53 9.40
N PRO B 238 47.28 -22.42 8.84
CA PRO B 238 48.52 -21.95 8.21
C PRO B 238 48.23 -21.05 7.03
N PRO B 239 48.87 -19.89 6.96
CA PRO B 239 48.70 -19.05 5.77
C PRO B 239 49.29 -19.70 4.53
N GLU B 240 48.65 -19.45 3.40
CA GLU B 240 49.25 -19.76 2.11
C GLU B 240 50.38 -18.79 1.81
N ASN B 241 51.57 -19.32 1.56
CA ASN B 241 52.70 -18.49 1.13
C ASN B 241 52.50 -18.00 -0.30
N LEU B 242 52.48 -16.69 -0.48
CA LEU B 242 52.33 -16.06 -1.79
C LEU B 242 53.66 -15.83 -2.50
N GLU B 243 54.79 -16.17 -1.88
CA GLU B 243 56.11 -15.95 -2.47
C GLU B 243 56.80 -17.28 -2.73
N GLY B 244 57.49 -17.37 -3.87
CA GLY B 244 58.18 -18.57 -4.27
C GLY B 244 59.63 -18.63 -3.82
N CYS B 245 60.34 -19.61 -4.39
CA CYS B 245 61.72 -19.91 -4.03
C CYS B 245 62.67 -19.65 -5.20
N SER B 246 63.81 -19.03 -4.91
CA SER B 246 64.85 -18.81 -5.90
C SER B 246 65.94 -19.89 -5.87
N GLN B 247 65.76 -20.96 -5.09
CA GLN B 247 66.71 -22.04 -5.03
C GLN B 247 65.99 -23.38 -5.03
N HIS B 248 66.67 -24.39 -5.58
CA HIS B 248 66.32 -25.78 -5.34
C HIS B 248 66.88 -26.25 -4.01
N PHE B 249 66.02 -26.88 -3.19
CA PHE B 249 66.45 -27.28 -1.86
C PHE B 249 67.58 -28.30 -1.91
N TYR B 250 67.63 -29.10 -2.96
CA TYR B 250 68.72 -30.05 -3.20
C TYR B 250 69.97 -29.41 -3.80
N GLU B 251 69.96 -28.10 -4.05
CA GLU B 251 71.12 -27.38 -4.56
C GLU B 251 71.55 -26.25 -3.62
N MET B 252 71.40 -26.45 -2.31
CA MET B 252 71.77 -25.45 -1.32
C MET B 252 73.24 -25.49 -0.92
N TYR B 253 74.02 -26.40 -1.46
CA TYR B 253 75.44 -26.49 -1.19
C TYR B 253 76.23 -25.41 -1.93
N ASN B 254 77.46 -25.18 -1.47
CA ASN B 254 78.39 -24.31 -2.17
C ASN B 254 78.96 -25.01 -3.39
N PRO B 255 78.73 -24.50 -4.61
CA PRO B 255 79.16 -25.22 -5.81
C PRO B 255 80.67 -25.28 -6.01
N LEU B 256 81.45 -24.47 -5.28
CA LEU B 256 82.89 -24.45 -5.49
C LEU B 256 83.64 -25.56 -4.77
N TYR B 257 83.02 -26.28 -3.84
CA TYR B 257 83.74 -27.21 -3.00
C TYR B 257 83.19 -28.62 -3.12
N GLY B 258 84.08 -29.60 -2.98
CA GLY B 258 83.67 -30.97 -2.81
C GLY B 258 83.21 -31.29 -1.40
N SER B 259 82.46 -32.38 -1.29
CA SER B 259 82.03 -32.88 0.01
C SER B 259 83.20 -33.44 0.80
N ARG B 260 83.18 -33.22 2.11
CA ARG B 260 84.01 -33.98 3.05
C ARG B 260 83.50 -35.41 3.22
N LEU B 261 82.36 -35.76 2.66
CA LEU B 261 81.76 -37.08 2.78
C LEU B 261 82.08 -37.90 1.54
N GLY B 262 82.57 -39.11 1.75
CA GLY B 262 82.69 -40.06 0.66
C GLY B 262 81.40 -40.80 0.37
N VAL B 263 81.34 -41.38 -0.82
CA VAL B 263 80.19 -42.20 -1.24
C VAL B 263 80.73 -43.50 -1.80
N PRO B 264 79.89 -44.54 -1.86
CA PRO B 264 80.34 -45.81 -2.42
C PRO B 264 80.92 -45.66 -3.83
N ASP B 265 82.01 -46.38 -4.07
CA ASP B 265 82.67 -46.44 -5.36
C ASP B 265 82.76 -47.87 -5.89
N THR B 266 83.21 -48.80 -5.06
CA THR B 266 83.24 -50.22 -5.37
C THR B 266 82.23 -50.91 -4.46
N LEU B 267 81.34 -51.70 -5.05
CA LEU B 267 80.26 -52.33 -4.31
C LEU B 267 80.63 -53.76 -3.92
N GLY B 268 79.68 -54.43 -3.28
CA GLY B 268 79.85 -55.76 -2.73
C GLY B 268 79.96 -55.74 -1.22
N GLY B 269 80.43 -56.87 -0.68
CA GLY B 269 80.52 -57.01 0.75
C GLY B 269 81.60 -56.17 1.40
N ASP B 270 82.67 -55.89 0.66
CA ASP B 270 83.75 -55.03 1.15
C ASP B 270 83.80 -53.76 0.30
N PRO B 271 82.85 -52.84 0.48
CA PRO B 271 82.80 -51.68 -0.40
C PRO B 271 83.93 -50.70 -0.14
N LYS B 272 84.43 -50.10 -1.22
CA LYS B 272 85.37 -49.00 -1.15
C LYS B 272 84.65 -47.70 -1.44
N PHE B 273 84.88 -46.70 -0.60
CA PHE B 273 84.30 -45.38 -0.75
C PHE B 273 85.28 -44.43 -1.45
N ARG B 274 84.70 -43.45 -2.11
CA ARG B 274 85.42 -42.41 -2.83
C ARG B 274 84.99 -41.04 -2.36
N SER B 275 85.96 -40.16 -2.16
CA SER B 275 85.68 -38.76 -1.87
C SER B 275 85.10 -38.05 -3.09
N LEU B 276 84.12 -37.19 -2.84
CA LEU B 276 83.45 -36.44 -3.89
C LEU B 276 84.27 -35.23 -4.34
N THR B 277 84.25 -34.98 -5.65
CA THR B 277 84.84 -33.77 -6.18
C THR B 277 83.86 -32.60 -6.04
N HIS B 278 84.33 -31.41 -6.40
CA HIS B 278 83.45 -30.26 -6.59
C HIS B 278 82.64 -30.33 -7.89
N GLU B 279 82.72 -31.41 -8.67
CA GLU B 279 82.05 -31.47 -9.96
C GLU B 279 81.10 -32.65 -10.17
N ASP B 280 81.14 -33.69 -9.35
CA ASP B 280 80.10 -34.73 -9.35
C ASP B 280 78.88 -34.28 -8.55
N HIS B 281 78.27 -33.19 -9.02
CA HIS B 281 77.14 -32.57 -8.34
C HIS B 281 75.95 -33.51 -8.18
N ALA B 282 75.75 -34.43 -9.13
CA ALA B 282 74.59 -35.32 -9.08
C ALA B 282 74.59 -36.24 -7.86
N ILE B 283 75.74 -36.48 -7.25
CA ILE B 283 75.83 -37.39 -6.12
C ILE B 283 76.18 -36.65 -4.83
N GLN B 284 75.90 -35.35 -4.79
CA GLN B 284 75.89 -34.56 -3.58
C GLN B 284 74.98 -35.19 -2.51
N PRO B 285 75.50 -35.49 -1.33
CA PRO B 285 74.62 -35.93 -0.23
C PRO B 285 73.63 -34.85 0.16
N GLN B 286 72.47 -35.29 0.64
CA GLN B 286 71.37 -34.40 0.95
C GLN B 286 70.98 -34.54 2.42
N ASN B 287 70.64 -33.41 3.05
CA ASN B 287 70.17 -33.46 4.43
C ASN B 287 68.67 -33.79 4.51
N PHE B 288 67.90 -33.41 3.50
CA PHE B 288 66.46 -33.56 3.54
C PHE B 288 65.99 -34.29 2.29
N MET B 289 65.04 -35.11 2.46
CA MET B 289 64.43 -35.86 1.38
C MET B 289 63.34 -35.04 0.70
N PRO B 290 63.05 -35.32 -0.56
CA PRO B 290 61.87 -34.74 -1.21
C PRO B 290 60.59 -35.37 -0.67
N GLY B 291 59.48 -34.68 -0.91
CA GLY B 291 58.17 -35.09 -0.44
C GLY B 291 57.58 -36.31 -1.12
N PRO B 292 56.48 -36.81 -0.56
CA PRO B 292 55.79 -37.96 -1.15
C PRO B 292 55.15 -37.64 -2.49
N LEU B 293 55.20 -38.61 -3.40
CA LEU B 293 54.47 -38.54 -4.67
C LEU B 293 53.69 -39.83 -4.83
N VAL B 294 52.43 -39.71 -5.23
CA VAL B 294 51.55 -40.86 -5.42
C VAL B 294 50.94 -40.78 -6.81
N ASN B 295 51.33 -41.73 -7.67
CA ASN B 295 50.89 -41.79 -9.07
C ASN B 295 50.98 -40.44 -9.77
N SER B 296 52.03 -39.68 -9.47
CA SER B 296 52.15 -38.31 -9.96
C SER B 296 52.68 -38.29 -11.39
N VAL B 297 51.96 -38.96 -12.28
CA VAL B 297 52.37 -39.14 -13.67
C VAL B 297 51.58 -38.20 -14.56
N SER B 298 52.16 -37.89 -15.72
CA SER B 298 51.44 -37.10 -16.71
C SER B 298 50.35 -37.92 -17.41
N THR B 299 49.46 -37.20 -18.09
CA THR B 299 48.41 -37.83 -18.88
C THR B 299 48.96 -38.77 -19.95
N LYS B 300 50.18 -38.50 -20.45
CA LYS B 300 50.79 -39.41 -21.40
C LYS B 300 51.24 -40.71 -20.75
N GLU B 301 51.66 -40.67 -19.49
CA GLU B 301 52.22 -41.85 -18.83
C GLU B 301 51.25 -42.50 -17.85
N GLY B 302 50.11 -41.87 -17.57
CA GLY B 302 49.05 -42.51 -16.81
C GLY B 302 48.20 -43.44 -17.63
N ALA B 312 35.99 -44.16 -19.13
CA ALA B 312 36.20 -44.89 -17.89
C ALA B 312 36.99 -44.05 -16.89
N LEU B 313 37.05 -44.51 -15.65
CA LEU B 313 37.78 -43.79 -14.61
C LEU B 313 39.28 -44.02 -14.78
N THR B 314 39.99 -42.98 -15.21
CA THR B 314 41.44 -42.97 -15.22
C THR B 314 41.98 -42.33 -13.95
N GLY B 315 43.30 -42.44 -13.77
CA GLY B 315 43.98 -41.79 -12.67
C GLY B 315 43.84 -42.52 -11.34
N LEU B 316 44.41 -41.88 -10.32
CA LEU B 316 44.48 -42.45 -8.98
C LEU B 316 43.09 -42.73 -8.43
N SER B 317 42.87 -43.96 -7.99
CA SER B 317 41.54 -44.40 -7.61
C SER B 317 41.67 -45.59 -6.68
N THR B 318 40.61 -45.83 -5.92
CA THR B 318 40.59 -46.88 -4.91
C THR B 318 39.21 -47.52 -4.89
N GLY B 319 39.19 -48.83 -4.67
CA GLY B 319 37.94 -49.55 -4.63
C GLY B 319 38.18 -51.04 -4.54
N THR B 320 37.09 -51.79 -4.71
CA THR B 320 37.13 -53.24 -4.56
C THR B 320 37.42 -53.96 -5.88
N SER B 321 37.30 -53.28 -7.01
CA SER B 321 37.61 -53.87 -8.31
C SER B 321 37.77 -52.74 -9.31
N GLN B 322 38.23 -53.11 -10.51
CA GLN B 322 38.36 -52.13 -11.60
C GLN B 322 37.04 -51.47 -11.97
N ASN B 323 35.92 -52.16 -11.78
CA ASN B 323 34.60 -51.60 -12.09
C ASN B 323 33.97 -50.85 -10.94
N THR B 324 34.50 -50.93 -9.72
CA THR B 324 33.83 -50.41 -8.53
C THR B 324 34.83 -49.55 -7.75
N ARG B 325 35.01 -48.31 -8.21
CA ARG B 325 36.08 -47.43 -7.77
C ARG B 325 35.52 -46.03 -7.62
N ILE B 326 36.18 -45.24 -6.77
CA ILE B 326 36.02 -43.79 -6.78
C ILE B 326 37.33 -43.17 -7.25
N SER B 327 37.20 -42.02 -7.92
CA SER B 327 38.35 -41.16 -8.20
C SER B 327 38.94 -40.60 -6.91
N LEU B 328 40.27 -40.59 -6.82
CA LEU B 328 40.98 -39.83 -5.80
C LEU B 328 41.61 -38.54 -6.34
N ARG B 329 41.25 -38.11 -7.55
CA ARG B 329 41.67 -36.81 -8.04
C ARG B 329 41.26 -35.70 -7.06
N PRO B 330 42.03 -34.61 -6.98
CA PRO B 330 43.31 -34.35 -7.67
C PRO B 330 44.51 -35.04 -7.02
N GLY B 331 44.28 -35.87 -6.01
CA GLY B 331 45.37 -36.40 -5.22
C GLY B 331 45.90 -35.42 -4.20
N PRO B 332 46.88 -35.86 -3.41
CA PRO B 332 47.41 -35.02 -2.33
C PRO B 332 47.87 -33.64 -2.80
N VAL B 333 47.66 -32.63 -1.95
CA VAL B 333 48.14 -31.29 -2.24
C VAL B 333 49.66 -31.24 -2.36
N SER B 334 50.36 -32.24 -1.85
CA SER B 334 51.81 -32.30 -1.88
C SER B 334 52.38 -32.69 -3.24
N GLN B 335 51.55 -32.73 -4.28
CA GLN B 335 52.05 -33.01 -5.60
C GLN B 335 51.30 -32.17 -6.64
N PRO B 336 51.98 -31.71 -7.68
CA PRO B 336 51.32 -30.99 -8.75
C PRO B 336 50.56 -31.93 -9.68
N TYR B 337 49.63 -31.35 -10.40
CA TYR B 337 49.02 -32.01 -11.55
C TYR B 337 49.10 -31.21 -12.84
N HIS B 338 49.77 -30.06 -12.83
CA HIS B 338 50.05 -29.32 -14.06
C HIS B 338 51.20 -28.36 -13.81
N HIS B 339 52.15 -28.30 -14.73
CA HIS B 339 53.15 -27.26 -14.72
C HIS B 339 53.75 -27.12 -16.10
N TRP B 340 54.32 -25.93 -16.35
CA TRP B 340 55.32 -25.76 -17.39
C TRP B 340 56.59 -26.51 -17.02
N ASP B 341 56.83 -27.63 -17.69
CA ASP B 341 58.17 -28.17 -17.75
C ASP B 341 58.95 -27.47 -18.86
N THR B 342 60.27 -27.68 -18.85
CA THR B 342 61.20 -26.68 -19.39
C THR B 342 60.82 -26.19 -20.79
N ASP B 343 60.19 -27.04 -21.60
CA ASP B 343 59.80 -26.65 -22.95
C ASP B 343 58.36 -27.04 -23.29
N LYS B 344 57.55 -27.39 -22.28
CA LYS B 344 56.32 -28.13 -22.52
C LYS B 344 55.43 -27.99 -21.30
N TYR B 345 54.13 -27.76 -21.52
CA TYR B 345 53.17 -27.96 -20.46
C TYR B 345 52.92 -29.44 -20.23
N VAL B 346 53.10 -29.88 -18.99
CA VAL B 346 52.83 -31.25 -18.56
C VAL B 346 51.61 -31.23 -17.67
N THR B 347 50.65 -32.10 -17.96
CA THR B 347 49.43 -32.20 -17.16
C THR B 347 49.30 -33.60 -16.57
N GLY B 348 48.88 -33.66 -15.32
CA GLY B 348 48.75 -34.93 -14.61
C GLY B 348 47.49 -35.69 -15.03
N ILE B 349 47.61 -37.01 -15.08
CA ILE B 349 46.41 -37.85 -15.20
C ILE B 349 45.43 -37.56 -14.06
N ASN B 350 45.94 -37.15 -12.90
CA ASN B 350 45.12 -36.80 -11.74
C ASN B 350 44.62 -35.36 -11.77
N ALA B 351 44.95 -34.59 -12.81
CA ALA B 351 44.58 -33.19 -12.85
C ALA B 351 43.06 -33.00 -12.78
N ILE B 352 42.66 -31.96 -12.07
CA ILE B 352 41.31 -31.38 -12.16
C ILE B 352 41.40 -30.06 -12.90
N SER B 353 40.38 -29.79 -13.72
CA SER B 353 40.28 -28.56 -14.48
C SER B 353 39.27 -27.63 -13.85
N HIS B 354 39.64 -26.37 -13.65
CA HIS B 354 38.70 -25.33 -13.25
C HIS B 354 38.04 -24.77 -14.51
N GLY B 355 37.09 -25.53 -15.05
CA GLY B 355 36.57 -25.27 -16.36
C GLY B 355 37.57 -25.54 -17.48
N GLN B 356 37.10 -25.37 -18.70
CA GLN B 356 37.88 -25.65 -19.89
C GLN B 356 37.86 -24.43 -20.80
N THR B 357 38.95 -24.24 -21.54
CA THR B 357 38.96 -23.37 -22.71
C THR B 357 38.39 -24.15 -23.90
N THR B 358 37.21 -23.76 -24.35
CA THR B 358 36.59 -24.41 -25.50
C THR B 358 37.18 -23.91 -26.80
N GLN B 369 33.79 -29.65 -23.46
CA GLN B 369 35.13 -30.21 -23.46
C GLN B 369 36.12 -29.28 -24.16
N GLY B 370 37.35 -29.25 -23.67
CA GLY B 370 38.37 -28.43 -24.29
C GLY B 370 39.66 -28.54 -23.53
N VAL B 371 40.55 -27.57 -23.78
CA VAL B 371 41.80 -27.49 -23.04
C VAL B 371 41.51 -27.09 -21.59
N GLY B 372 42.10 -27.83 -20.66
CA GLY B 372 41.86 -27.58 -19.25
C GLY B 372 42.46 -26.27 -18.79
N ARG B 373 41.92 -25.76 -17.69
CA ARG B 373 42.45 -24.57 -17.04
C ARG B 373 43.08 -24.98 -15.71
N PHE B 374 44.37 -24.72 -15.56
CA PHE B 374 45.15 -25.33 -14.50
C PHE B 374 46.05 -24.31 -13.84
N PRO B 375 46.37 -24.50 -12.56
CA PRO B 375 47.46 -23.74 -11.94
C PRO B 375 48.80 -24.21 -12.51
N ASN B 376 49.72 -23.27 -12.70
CA ASN B 376 51.10 -23.60 -13.04
C ASN B 376 51.90 -23.82 -11.75
N GLU B 377 52.13 -25.08 -11.40
CA GLU B 377 52.74 -25.45 -10.11
C GLU B 377 54.27 -25.42 -10.17
N LYS B 378 54.81 -24.33 -10.71
CA LYS B 378 56.25 -24.17 -10.88
C LYS B 378 57.05 -24.31 -9.58
N GLU B 379 56.48 -23.89 -8.44
CA GLU B 379 57.16 -24.08 -7.15
C GLU B 379 57.24 -25.53 -6.70
N GLN B 380 56.33 -26.39 -7.14
CA GLN B 380 56.49 -27.82 -6.87
C GLN B 380 57.50 -28.46 -7.81
N LEU B 381 57.46 -28.13 -9.09
CA LEU B 381 58.43 -28.64 -10.06
C LEU B 381 59.87 -28.34 -9.64
N LYS B 382 60.14 -27.15 -9.11
CA LYS B 382 61.48 -26.81 -8.63
C LYS B 382 61.98 -27.72 -7.52
N GLN B 383 61.09 -28.28 -6.70
CA GLN B 383 61.52 -29.01 -5.51
C GLN B 383 61.34 -30.52 -5.66
N LEU B 384 61.71 -31.06 -6.81
CA LEU B 384 61.69 -32.49 -7.12
C LEU B 384 60.30 -33.10 -7.10
N GLN B 385 59.25 -32.29 -7.20
CA GLN B 385 57.89 -32.84 -7.19
C GLN B 385 57.25 -32.84 -8.57
N GLY B 386 58.00 -32.52 -9.62
CA GLY B 386 57.47 -32.54 -10.96
C GLY B 386 56.75 -33.82 -11.36
N LEU B 387 55.81 -33.68 -12.28
CA LEU B 387 55.17 -34.84 -12.90
C LEU B 387 56.22 -35.74 -13.57
N ASN B 388 55.98 -37.05 -13.49
CA ASN B 388 56.88 -38.09 -13.99
C ASN B 388 58.25 -38.08 -13.31
N MET B 389 58.38 -37.49 -12.13
CA MET B 389 59.59 -37.67 -11.35
C MET B 389 59.73 -39.14 -10.94
N HIS B 390 60.72 -39.82 -11.49
CA HIS B 390 61.04 -41.17 -11.07
C HIS B 390 61.86 -41.15 -9.78
N THR B 391 61.67 -42.16 -8.95
CA THR B 391 62.57 -42.47 -7.86
C THR B 391 63.15 -43.86 -8.05
N TYR B 392 64.46 -43.97 -7.87
CA TYR B 392 65.20 -45.18 -8.17
C TYR B 392 65.65 -45.85 -6.87
N PHE B 393 65.26 -47.11 -6.69
CA PHE B 393 65.61 -47.90 -5.51
C PHE B 393 66.50 -49.04 -5.95
N PRO B 394 67.83 -48.87 -5.93
CA PRO B 394 68.76 -49.82 -6.52
C PRO B 394 68.85 -51.14 -5.77
N THR B 402 62.73 -51.26 -9.31
CA THR B 402 63.81 -50.35 -8.94
C THR B 402 63.52 -48.93 -9.43
N ASP B 403 62.88 -48.81 -10.58
CA ASP B 403 62.44 -47.52 -11.12
C ASP B 403 60.94 -47.41 -10.92
N GLN B 404 60.52 -46.39 -10.18
CA GLN B 404 59.10 -46.20 -9.90
C GLN B 404 58.82 -44.71 -9.75
N ILE B 405 57.56 -44.35 -9.97
CA ILE B 405 57.13 -42.96 -9.79
C ILE B 405 56.78 -42.66 -8.32
N GLU B 406 56.32 -43.65 -7.57
CA GLU B 406 55.92 -43.43 -6.19
C GLU B 406 57.12 -43.06 -5.32
N ARG B 407 56.99 -41.96 -4.56
CA ARG B 407 57.85 -41.73 -3.41
C ARG B 407 57.08 -41.92 -2.13
N PRO B 408 57.55 -42.75 -1.22
CA PRO B 408 56.95 -42.78 0.12
C PRO B 408 57.24 -41.48 0.84
N LEU B 409 56.39 -41.17 1.81
CA LEU B 409 56.77 -40.17 2.79
C LEU B 409 57.99 -40.62 3.57
N MET B 410 59.06 -39.85 3.49
CA MET B 410 60.29 -40.13 4.21
C MET B 410 60.39 -39.23 5.42
N VAL B 411 61.01 -39.73 6.49
CA VAL B 411 61.46 -38.87 7.56
C VAL B 411 62.39 -37.80 7.01
N GLY B 412 62.16 -36.56 7.44
CA GLY B 412 62.94 -35.42 6.95
C GLY B 412 62.58 -35.00 5.55
N SER B 413 61.37 -35.29 5.10
CA SER B 413 60.87 -34.78 3.83
C SER B 413 60.54 -33.29 3.91
N VAL B 414 60.73 -32.61 2.78
CA VAL B 414 60.27 -31.25 2.57
C VAL B 414 59.58 -31.21 1.21
N TRP B 415 58.53 -30.40 1.11
CA TRP B 415 57.83 -30.26 -0.16
C TRP B 415 57.04 -28.96 -0.18
N ASN B 416 56.56 -28.63 -1.37
CA ASN B 416 55.66 -27.51 -1.57
C ASN B 416 54.25 -28.05 -1.80
N ARG B 417 53.26 -27.36 -1.26
CA ARG B 417 51.87 -27.61 -1.60
C ARG B 417 51.52 -26.95 -2.93
N ARG B 418 50.48 -27.48 -3.57
CA ARG B 418 49.83 -26.85 -4.70
C ARG B 418 49.42 -25.41 -4.39
N ALA B 419 49.76 -24.50 -5.30
CA ALA B 419 49.54 -23.07 -5.10
C ALA B 419 48.06 -22.74 -4.99
N LEU B 420 47.73 -21.87 -4.04
CA LEU B 420 46.45 -21.18 -4.06
C LEU B 420 46.31 -20.37 -5.35
N HIS B 421 45.10 -20.35 -5.90
CA HIS B 421 44.84 -19.58 -7.11
C HIS B 421 43.52 -18.84 -6.99
N TYR B 422 43.38 -17.85 -7.88
CA TYR B 422 42.25 -16.94 -7.87
C TYR B 422 40.90 -17.65 -7.81
N GLU B 423 40.77 -18.78 -8.51
CA GLU B 423 39.51 -19.50 -8.58
C GLU B 423 39.40 -20.65 -7.58
N SER B 424 40.34 -20.79 -6.66
CA SER B 424 40.32 -21.92 -5.74
C SER B 424 39.18 -21.80 -4.76
N GLN B 425 38.60 -22.94 -4.39
CA GLN B 425 37.74 -22.96 -3.22
C GLN B 425 38.53 -22.46 -2.00
N LEU B 426 37.80 -21.88 -1.06
CA LEU B 426 38.44 -21.37 0.14
C LEU B 426 38.56 -22.40 1.26
N TRP B 427 37.61 -23.31 1.38
CA TRP B 427 37.69 -24.30 2.43
C TRP B 427 37.01 -25.60 1.99
N SER B 428 37.30 -26.66 2.73
CA SER B 428 36.47 -27.85 2.76
C SER B 428 36.39 -28.36 4.18
N LYS B 429 35.30 -29.04 4.50
CA LYS B 429 35.20 -29.70 5.80
C LYS B 429 36.11 -30.91 5.85
N ILE B 430 37.03 -30.93 6.82
CA ILE B 430 37.75 -32.14 7.16
C ILE B 430 36.77 -33.14 7.76
N PRO B 431 36.63 -34.33 7.18
CA PRO B 431 35.71 -35.32 7.76
C PRO B 431 36.16 -35.70 9.17
N ASN B 432 35.21 -35.69 10.10
CA ASN B 432 35.53 -35.93 11.50
C ASN B 432 35.73 -37.41 11.80
N LEU B 433 36.59 -38.06 11.02
CA LEU B 433 37.06 -39.40 11.32
C LEU B 433 38.03 -39.36 12.49
N ASP B 434 38.41 -40.56 12.97
CA ASP B 434 39.20 -40.67 14.19
C ASP B 434 40.54 -39.96 14.08
N ASP B 435 41.20 -40.05 12.93
CA ASP B 435 42.57 -39.58 12.83
C ASP B 435 42.83 -39.10 11.42
N SER B 436 43.85 -38.26 11.26
CA SER B 436 44.20 -37.75 9.95
C SER B 436 45.65 -37.30 9.94
N PHE B 437 46.19 -37.16 8.73
CA PHE B 437 47.54 -36.69 8.51
C PHE B 437 47.53 -35.46 7.61
N LYS B 438 48.03 -34.35 8.13
CA LYS B 438 48.26 -33.11 7.38
C LYS B 438 47.05 -32.69 6.54
N THR B 439 45.91 -32.56 7.19
CA THR B 439 44.66 -32.16 6.55
C THR B 439 44.43 -30.65 6.55
N GLN B 440 45.43 -29.84 6.91
CA GLN B 440 45.22 -28.39 6.95
C GLN B 440 44.82 -27.81 5.59
N PHE B 441 45.18 -28.46 4.49
CA PHE B 441 44.81 -28.00 3.15
C PHE B 441 44.02 -29.06 2.41
N ALA B 442 42.87 -28.68 1.89
CA ALA B 442 42.01 -29.57 1.14
C ALA B 442 42.56 -29.75 -0.28
N ALA B 443 42.32 -30.95 -0.84
CA ALA B 443 42.90 -31.31 -2.13
C ALA B 443 42.43 -30.37 -3.25
N LEU B 444 41.18 -29.91 -3.18
CA LEU B 444 40.66 -28.98 -4.17
C LEU B 444 41.12 -27.55 -3.95
N GLY B 445 41.92 -27.30 -2.94
CA GLY B 445 42.39 -25.97 -2.63
C GLY B 445 41.76 -25.41 -1.37
N GLY B 446 42.34 -24.32 -0.90
CA GLY B 446 41.93 -23.69 0.33
C GLY B 446 42.23 -24.58 1.53
N TRP B 447 41.60 -24.21 2.65
CA TRP B 447 41.94 -24.76 3.96
C TRP B 447 40.97 -25.85 4.37
N GLY B 448 41.52 -26.96 4.86
CA GLY B 448 40.71 -27.93 5.58
C GLY B 448 40.28 -27.37 6.93
N LEU B 449 39.00 -27.50 7.23
CA LEU B 449 38.46 -27.03 8.50
C LEU B 449 37.57 -28.12 9.09
N HIS B 450 37.74 -28.36 10.39
CA HIS B 450 36.83 -29.25 11.11
C HIS B 450 35.47 -28.60 11.31
N GLN B 451 35.44 -27.32 11.64
CA GLN B 451 34.21 -26.55 11.82
C GLN B 451 34.21 -25.42 10.80
N PRO B 452 33.89 -25.72 9.55
CA PRO B 452 33.92 -24.70 8.49
C PRO B 452 32.78 -23.70 8.66
N PRO B 453 32.77 -22.64 7.86
CA PRO B 453 31.59 -21.75 7.77
C PRO B 453 30.29 -22.55 7.70
N PRO B 454 29.34 -22.24 8.58
CA PRO B 454 28.11 -23.03 8.65
C PRO B 454 27.25 -22.88 7.40
N GLN B 455 26.58 -23.97 7.03
CA GLN B 455 25.59 -23.92 5.97
C GLN B 455 24.41 -23.04 6.36
N ILE B 456 24.01 -22.17 5.45
CA ILE B 456 22.80 -21.35 5.60
C ILE B 456 21.74 -21.94 4.68
N PHE B 457 20.67 -22.47 5.27
CA PHE B 457 19.58 -23.05 4.50
C PHE B 457 18.44 -22.05 4.37
N LEU B 458 17.93 -21.91 3.15
CA LEU B 458 16.82 -21.02 2.86
C LEU B 458 15.72 -21.79 2.14
N LYS B 459 14.47 -21.52 2.51
CA LYS B 459 13.34 -21.89 1.67
C LYS B 459 12.21 -20.89 1.91
N ILE B 460 11.30 -20.82 0.95
CA ILE B 460 10.08 -20.04 1.15
C ILE B 460 9.09 -20.86 1.99
N LEU B 461 8.52 -20.24 3.00
CA LEU B 461 7.46 -20.85 3.76
C LEU B 461 6.24 -21.08 2.88
N PRO B 462 5.79 -22.33 2.69
CA PRO B 462 4.63 -22.56 1.81
C PRO B 462 3.38 -21.91 2.39
N GLN B 463 2.60 -21.30 1.50
CA GLN B 463 1.33 -20.68 1.87
C GLN B 463 0.18 -21.44 1.23
N SER B 464 -0.82 -21.81 2.04
CA SER B 464 -1.99 -22.52 1.54
C SER B 464 -2.86 -21.61 0.69
N GLY B 465 -3.35 -22.14 -0.44
CA GLY B 465 -4.41 -21.53 -1.17
C GLY B 465 -5.77 -21.66 -0.49
N PRO B 466 -6.78 -21.05 -1.10
CA PRO B 466 -8.10 -20.97 -0.45
C PRO B 466 -8.77 -22.33 -0.32
N ILE B 467 -9.45 -22.52 0.81
CA ILE B 467 -10.38 -23.61 1.03
C ILE B 467 -11.65 -23.04 1.64
N GLY B 468 -12.80 -23.54 1.23
CA GLY B 468 -14.05 -23.02 1.76
C GLY B 468 -15.20 -23.21 0.78
N GLY B 469 -16.03 -22.18 0.67
CA GLY B 469 -17.27 -22.27 -0.09
C GLY B 469 -17.10 -22.33 -1.58
N ILE B 470 -15.93 -21.94 -2.10
CA ILE B 470 -15.66 -22.06 -3.52
C ILE B 470 -15.57 -23.53 -3.88
N LYS B 471 -16.14 -23.90 -5.02
CA LYS B 471 -16.22 -25.31 -5.40
C LYS B 471 -14.94 -25.76 -6.10
N SER B 472 -14.66 -27.05 -5.98
CA SER B 472 -13.63 -27.75 -6.77
C SER B 472 -12.22 -27.26 -6.50
N MET B 473 -12.00 -26.55 -5.38
CA MET B 473 -10.72 -25.87 -5.19
C MET B 473 -9.56 -26.86 -5.11
N GLY B 474 -9.78 -28.00 -4.46
CA GLY B 474 -8.70 -28.84 -4.02
C GLY B 474 -7.81 -28.13 -2.99
N ILE B 475 -6.64 -28.72 -2.76
CA ILE B 475 -5.58 -28.08 -2.00
C ILE B 475 -4.55 -27.50 -2.96
N THR B 476 -4.17 -26.26 -2.73
CA THR B 476 -3.20 -25.57 -3.57
C THR B 476 -2.23 -24.80 -2.67
N THR B 477 -1.11 -24.41 -3.25
CA THR B 477 -0.23 -23.44 -2.62
C THR B 477 -0.20 -22.14 -3.41
N LEU B 478 -0.01 -21.04 -2.70
CA LEU B 478 0.22 -19.76 -3.36
C LEU B 478 1.53 -19.81 -4.15
N VAL B 479 1.49 -19.35 -5.39
CA VAL B 479 2.71 -19.21 -6.17
C VAL B 479 3.51 -18.04 -5.59
N GLN B 480 4.63 -18.36 -4.94
CA GLN B 480 5.50 -17.35 -4.36
C GLN B 480 6.94 -17.72 -4.65
N TYR B 481 7.76 -16.70 -4.89
CA TYR B 481 9.19 -16.87 -4.95
C TYR B 481 9.84 -15.80 -4.10
N ALA B 482 11.10 -15.99 -3.75
CA ALA B 482 11.83 -15.02 -2.96
C ALA B 482 13.05 -14.51 -3.70
N VAL B 483 13.36 -13.25 -3.45
CA VAL B 483 14.60 -12.64 -3.89
C VAL B 483 15.21 -11.91 -2.70
N GLY B 484 16.48 -11.58 -2.82
CA GLY B 484 17.12 -10.70 -1.87
C GLY B 484 18.54 -10.46 -2.26
N ILE B 485 19.28 -9.83 -1.37
CA ILE B 485 20.70 -9.59 -1.55
C ILE B 485 21.47 -10.39 -0.51
N MET B 486 22.32 -11.29 -0.98
CA MET B 486 23.32 -11.92 -0.13
C MET B 486 24.56 -11.05 -0.14
N THR B 487 24.92 -10.50 1.02
CA THR B 487 26.17 -9.79 1.20
C THR B 487 27.09 -10.67 2.03
N VAL B 488 28.27 -10.97 1.50
CA VAL B 488 29.25 -11.78 2.19
C VAL B 488 30.52 -10.96 2.39
N THR B 489 30.90 -10.79 3.65
CA THR B 489 32.13 -10.11 4.04
C THR B 489 33.09 -11.16 4.56
N MET B 490 34.28 -11.25 3.96
CA MET B 490 35.33 -12.10 4.48
C MET B 490 36.60 -11.29 4.74
N THR B 491 37.09 -11.37 5.97
CA THR B 491 38.40 -10.83 6.32
C THR B 491 39.46 -11.91 6.13
N PHE B 492 40.56 -11.53 5.49
CA PHE B 492 41.73 -12.39 5.39
C PHE B 492 42.88 -11.75 6.16
N LYS B 493 43.61 -12.57 6.94
CA LYS B 493 44.89 -12.15 7.47
C LYS B 493 45.95 -12.17 6.38
N LEU B 494 46.73 -11.10 6.29
CA LEU B 494 47.79 -10.98 5.29
C LEU B 494 49.15 -10.89 5.96
N GLY B 495 50.07 -11.76 5.56
CA GLY B 495 51.45 -11.66 5.95
C GLY B 495 52.20 -10.63 5.12
N PRO B 496 53.18 -9.98 5.72
CA PRO B 496 54.06 -9.10 4.93
C PRO B 496 54.90 -9.87 3.93
N ARG B 497 55.29 -9.17 2.86
CA ARG B 497 56.30 -9.68 1.94
C ARG B 497 57.64 -9.89 2.65
N LYS B 498 58.35 -10.92 2.24
CA LYS B 498 59.72 -11.13 2.72
C LYS B 498 60.66 -10.08 2.14
N ALA B 499 61.63 -9.65 2.96
CA ALA B 499 62.64 -8.72 2.47
C ALA B 499 63.51 -9.36 1.40
N THR B 500 63.87 -8.56 0.39
CA THR B 500 64.63 -9.03 -0.77
C THR B 500 66.06 -8.50 -0.69
N GLY B 501 67.03 -9.41 -0.73
CA GLY B 501 68.44 -9.06 -0.81
C GLY B 501 69.00 -8.93 -2.21
N ARG B 502 68.28 -9.40 -3.22
CA ARG B 502 68.76 -9.45 -4.60
C ARG B 502 69.28 -8.10 -5.08
N TRP B 503 70.27 -8.15 -5.97
CA TRP B 503 70.59 -7.02 -6.82
C TRP B 503 69.57 -6.89 -7.96
N ASN B 504 69.38 -7.97 -8.73
CA ASN B 504 68.52 -7.93 -9.89
C ASN B 504 67.04 -7.83 -9.48
N PRO B 505 66.21 -7.20 -10.33
CA PRO B 505 64.77 -7.16 -10.05
C PRO B 505 64.18 -8.55 -9.80
N GLN B 506 63.19 -8.59 -8.91
CA GLN B 506 62.28 -9.72 -8.86
C GLN B 506 61.57 -9.88 -10.20
N PRO B 507 61.14 -11.10 -10.54
CA PRO B 507 60.23 -11.28 -11.68
C PRO B 507 59.00 -10.39 -11.56
N GLY B 508 58.48 -10.00 -12.73
CA GLY B 508 57.23 -9.26 -12.74
C GLY B 508 56.07 -10.09 -12.21
N VAL B 509 55.19 -9.45 -11.47
CA VAL B 509 53.90 -10.04 -11.12
C VAL B 509 52.96 -9.85 -12.31
N TYR B 510 53.18 -10.63 -13.36
CA TYR B 510 52.36 -10.51 -14.57
C TYR B 510 50.92 -10.87 -14.26
N PRO B 511 49.95 -10.13 -14.77
CA PRO B 511 48.59 -10.64 -14.83
C PRO B 511 48.52 -11.85 -15.76
N PRO B 512 47.58 -12.75 -15.53
CA PRO B 512 47.57 -14.00 -16.29
C PRO B 512 47.14 -13.75 -17.73
N HIS B 513 47.44 -14.72 -18.59
CA HIS B 513 47.15 -14.60 -20.00
C HIS B 513 45.86 -15.32 -20.36
N ALA B 514 45.09 -14.71 -21.24
CA ALA B 514 43.88 -15.30 -21.79
C ALA B 514 44.21 -16.09 -23.06
N ALA B 515 43.33 -17.03 -23.40
CA ALA B 515 43.45 -17.75 -24.66
C ALA B 515 43.31 -16.81 -25.84
N GLY B 516 42.35 -15.90 -25.78
CA GLY B 516 42.27 -14.79 -26.73
C GLY B 516 42.45 -13.46 -26.03
N HIS B 517 43.17 -12.55 -26.69
CA HIS B 517 43.34 -11.17 -26.22
C HIS B 517 43.74 -11.09 -24.75
N LEU B 518 42.91 -10.44 -23.93
CA LEU B 518 43.23 -10.19 -22.53
C LEU B 518 42.09 -10.65 -21.62
N PRO B 519 42.42 -11.16 -20.44
CA PRO B 519 41.38 -11.54 -19.48
C PRO B 519 40.86 -10.37 -18.67
N TYR B 520 39.67 -10.57 -18.09
CA TYR B 520 39.06 -9.67 -17.12
C TYR B 520 38.78 -8.27 -17.64
N VAL B 521 39.02 -8.04 -18.92
CA VAL B 521 38.67 -6.78 -19.56
C VAL B 521 37.55 -7.07 -20.55
N LEU B 522 36.49 -6.29 -20.49
CA LEU B 522 35.50 -6.32 -21.56
C LEU B 522 36.10 -5.71 -22.82
N TYR B 523 36.14 -6.50 -23.88
CA TYR B 523 36.66 -6.05 -25.16
C TYR B 523 35.64 -6.36 -26.25
N ASP B 524 35.77 -5.65 -27.36
CA ASP B 524 34.99 -5.94 -28.56
C ASP B 524 35.71 -7.04 -29.34
N PRO B 525 35.15 -8.24 -29.40
CA PRO B 525 35.83 -9.35 -30.09
C PRO B 525 35.92 -9.19 -31.59
N THR B 526 35.16 -8.27 -32.19
CA THR B 526 35.28 -7.97 -33.61
C THR B 526 36.49 -7.09 -33.92
N ALA B 527 37.13 -6.50 -32.90
CA ALA B 527 38.34 -5.74 -33.14
C ALA B 527 39.59 -6.62 -33.18
N THR B 528 39.51 -7.85 -32.69
CA THR B 528 40.68 -8.69 -32.47
C THR B 528 40.57 -9.97 -33.28
N ASP B 529 41.72 -10.47 -33.72
CA ASP B 529 41.83 -11.73 -34.43
C ASP B 529 41.79 -12.95 -33.52
N ALA B 530 41.62 -12.76 -32.21
CA ALA B 530 41.40 -13.89 -31.31
C ALA B 530 40.16 -14.68 -31.71
N LYS B 531 40.16 -15.96 -31.33
CA LYS B 531 39.15 -16.91 -31.75
C LYS B 531 38.19 -17.28 -30.63
N GLN B 532 38.09 -16.45 -29.60
CA GLN B 532 37.25 -16.70 -28.42
C GLN B 532 35.96 -15.88 -28.48
N HIS B 533 35.37 -15.76 -29.68
CA HIS B 533 34.09 -15.06 -29.83
C HIS B 533 32.99 -15.63 -28.97
N HIS B 534 33.03 -16.94 -28.68
CA HIS B 534 32.04 -17.55 -27.80
C HIS B 534 32.06 -16.95 -26.40
N ARG B 535 33.16 -16.32 -25.99
CA ARG B 535 33.23 -15.62 -24.73
C ARG B 535 32.68 -14.21 -24.80
N HIS B 536 32.26 -13.74 -25.98
CA HIS B 536 31.62 -12.43 -26.16
C HIS B 536 32.47 -11.29 -25.61
N GLY B 537 33.79 -11.42 -25.69
CA GLY B 537 34.68 -10.36 -25.30
C GLY B 537 34.91 -10.16 -23.82
N TYR B 538 34.45 -11.07 -22.97
CA TYR B 538 34.93 -11.11 -21.59
C TYR B 538 35.48 -12.50 -21.33
N GLU B 539 36.74 -12.57 -20.92
CA GLU B 539 37.52 -13.78 -21.03
C GLU B 539 38.21 -14.08 -19.70
N LYS B 540 38.19 -15.34 -19.31
CA LYS B 540 39.05 -15.83 -18.25
C LYS B 540 40.45 -16.14 -18.79
N PRO B 541 41.47 -16.03 -17.96
CA PRO B 541 42.77 -16.57 -18.36
C PRO B 541 42.71 -18.07 -18.54
N GLU B 542 43.60 -18.59 -19.37
CA GLU B 542 43.65 -20.02 -19.59
C GLU B 542 44.48 -20.74 -18.53
N GLU B 543 45.45 -20.05 -17.92
CA GLU B 543 46.00 -20.48 -16.65
C GLU B 543 45.16 -19.96 -15.49
N LEU B 544 45.18 -20.70 -14.38
CA LEU B 544 44.71 -20.16 -13.12
C LEU B 544 45.78 -19.27 -12.51
N TRP B 545 45.35 -18.16 -11.95
CA TRP B 545 46.22 -17.07 -11.52
C TRP B 545 46.72 -17.34 -10.10
N THR B 546 48.02 -17.60 -9.95
CA THR B 546 48.52 -18.39 -8.81
C THR B 546 49.40 -17.64 -7.80
N ALA B 547 49.75 -16.38 -8.03
CA ALA B 547 50.81 -15.69 -7.24
C ALA B 547 52.16 -16.42 -7.38
N LYS B 548 53.00 -16.28 -6.34
CA LYS B 548 54.33 -16.90 -6.23
C LYS B 548 55.31 -16.48 -7.32
N SER B 549 55.08 -15.33 -7.94
CA SER B 549 56.00 -14.86 -8.97
C SER B 549 57.32 -14.38 -8.37
N ARG B 550 57.27 -13.70 -7.23
CA ARG B 550 58.48 -13.28 -6.54
C ARG B 550 59.07 -14.43 -5.71
N VAL B 551 60.40 -14.44 -5.61
CA VAL B 551 61.15 -15.59 -5.12
C VAL B 551 62.21 -15.11 -4.13
N HIS B 552 62.53 -15.99 -3.19
CA HIS B 552 63.47 -15.73 -2.11
C HIS B 552 64.36 -16.94 -1.98
N PRO B 553 65.57 -16.77 -1.45
CA PRO B 553 66.45 -17.92 -1.25
C PRO B 553 65.92 -18.85 -0.18
N LEU B 554 66.52 -20.04 -0.12
CA LEU B 554 66.30 -20.96 0.97
C LEU B 554 67.34 -20.76 2.07
N THR C 2 -12.29 -22.59 -11.50
CA THR C 2 -13.01 -22.17 -10.31
C THR C 2 -13.22 -20.66 -10.31
N SER C 3 -14.22 -20.22 -9.54
CA SER C 3 -14.57 -18.81 -9.45
C SER C 3 -15.17 -18.52 -8.09
N VAL C 4 -14.95 -17.30 -7.60
CA VAL C 4 -15.63 -16.85 -6.38
C VAL C 4 -17.14 -16.79 -6.58
N ASN C 5 -17.59 -16.59 -7.82
CA ASN C 5 -19.02 -16.68 -8.12
C ASN C 5 -19.62 -18.05 -7.84
N SER C 6 -18.80 -19.08 -7.61
CA SER C 6 -19.33 -20.41 -7.31
C SER C 6 -20.13 -20.42 -6.02
N ALA C 7 -19.81 -19.55 -5.07
CA ALA C 7 -20.69 -19.27 -3.94
C ALA C 7 -21.53 -18.02 -4.25
N GLU C 8 -22.85 -18.21 -4.28
CA GLU C 8 -23.72 -17.17 -4.83
C GLU C 8 -23.87 -15.99 -3.87
N ALA C 9 -23.72 -16.22 -2.57
CA ALA C 9 -23.78 -15.17 -1.57
C ALA C 9 -22.40 -14.69 -1.13
N SER C 10 -21.39 -14.85 -1.98
CA SER C 10 -20.04 -14.43 -1.67
C SER C 10 -19.58 -13.39 -2.68
N THR C 11 -18.77 -12.44 -2.20
CA THR C 11 -18.11 -11.46 -3.05
C THR C 11 -16.61 -11.63 -2.95
N GLY C 12 -15.92 -11.35 -4.07
CA GLY C 12 -14.48 -11.25 -4.03
C GLY C 12 -14.01 -10.10 -3.17
N ALA C 13 -12.82 -10.27 -2.57
CA ALA C 13 -12.21 -9.26 -1.75
C ALA C 13 -10.77 -9.01 -2.16
N GLY C 14 -10.39 -7.75 -2.25
CA GLY C 14 -9.08 -7.32 -2.70
C GLY C 14 -8.07 -7.04 -1.61
N GLY C 15 -8.43 -7.21 -0.34
CA GLY C 15 -7.49 -7.06 0.76
C GLY C 15 -6.82 -5.71 0.88
N GLY C 16 -7.59 -4.63 0.74
CA GLY C 16 -7.04 -3.30 0.81
C GLY C 16 -6.48 -2.92 2.18
N GLY C 17 -5.83 -1.75 2.20
CA GLY C 17 -5.12 -1.27 3.37
C GLY C 17 -6.02 -0.67 4.44
N SER C 18 -5.44 -0.48 5.63
CA SER C 18 -6.13 0.09 6.78
C SER C 18 -5.45 1.37 7.21
N ASN C 19 -6.23 2.34 7.69
CA ASN C 19 -5.70 3.64 8.08
C ASN C 19 -6.51 4.24 9.23
N PRO C 20 -6.17 3.89 10.47
CA PRO C 20 -7.04 4.22 11.61
C PRO C 20 -6.94 5.68 12.07
N VAL C 21 -6.84 6.60 11.12
CA VAL C 21 -6.77 8.03 11.41
C VAL C 21 -8.13 8.56 11.84
N LYS C 22 -8.13 9.49 12.78
CA LYS C 22 -9.29 10.32 13.12
C LYS C 22 -9.06 11.74 12.63
N SER C 23 -10.05 12.29 11.94
CA SER C 23 -10.06 13.69 11.54
C SER C 23 -11.44 14.29 11.79
N MET C 24 -11.50 15.61 11.83
CA MET C 24 -12.74 16.33 12.08
C MET C 24 -13.29 16.93 10.79
N TRP C 25 -14.60 16.86 10.62
CA TRP C 25 -15.35 17.81 9.81
C TRP C 25 -15.75 18.98 10.70
N SER C 26 -15.08 20.12 10.54
CA SER C 26 -15.30 21.28 11.39
C SER C 26 -16.25 22.26 10.69
N GLU C 27 -17.40 22.49 11.30
CA GLU C 27 -18.37 23.44 10.78
C GLU C 27 -19.16 24.08 11.91
N GLY C 28 -19.63 25.29 11.66
CA GLY C 28 -20.48 26.03 12.57
C GLY C 28 -19.91 27.36 13.04
N ALA C 29 -20.80 28.26 13.44
CA ALA C 29 -20.44 29.52 14.09
C ALA C 29 -20.53 29.37 15.61
N THR C 30 -19.43 29.69 16.30
CA THR C 30 -19.44 29.87 17.74
C THR C 30 -19.48 31.36 18.04
N PHE C 31 -20.62 31.83 18.55
CA PHE C 31 -20.77 33.22 18.96
C PHE C 31 -20.25 33.45 20.38
N SER C 32 -19.76 34.67 20.60
CA SER C 32 -19.40 35.16 21.92
C SER C 32 -19.86 36.61 22.03
N ALA C 33 -19.71 37.18 23.22
CA ALA C 33 -20.15 38.56 23.44
C ALA C 33 -19.51 39.52 22.45
N ASN C 34 -18.25 39.30 22.09
CA ASN C 34 -17.49 40.28 21.34
C ASN C 34 -16.99 39.76 20.01
N SER C 35 -17.29 38.52 19.66
CA SER C 35 -16.81 37.94 18.42
C SER C 35 -17.61 36.70 18.08
N VAL C 36 -17.50 36.26 16.83
CA VAL C 36 -17.96 34.96 16.40
C VAL C 36 -16.82 34.28 15.65
N THR C 37 -16.63 32.99 15.91
CA THR C 37 -15.73 32.17 15.11
C THR C 37 -16.54 31.28 14.19
N CYS C 38 -16.41 31.49 12.89
CA CYS C 38 -17.18 30.77 11.89
C CYS C 38 -16.26 29.78 11.18
N THR C 39 -16.63 28.51 11.19
CA THR C 39 -15.90 27.50 10.46
C THR C 39 -16.84 26.84 9.44
N PHE C 40 -16.35 26.69 8.22
CA PHE C 40 -16.99 25.82 7.24
C PHE C 40 -15.97 24.85 6.68
N SER C 41 -16.45 23.69 6.24
CA SER C 41 -15.64 22.72 5.53
C SER C 41 -16.32 22.38 4.22
N ARG C 42 -15.50 22.20 3.19
CA ARG C 42 -15.95 21.64 1.92
C ARG C 42 -14.95 20.59 1.49
N GLN C 43 -15.46 19.48 0.95
CA GLN C 43 -14.63 18.66 0.09
C GLN C 43 -14.29 19.43 -1.17
N PHE C 44 -13.03 19.36 -1.58
CA PHE C 44 -12.61 19.92 -2.85
C PHE C 44 -12.07 18.82 -3.74
N LEU C 45 -12.12 19.06 -5.05
CA LEU C 45 -11.49 18.19 -6.03
C LEU C 45 -10.65 19.03 -6.98
N ILE C 46 -9.43 18.58 -7.23
CA ILE C 46 -8.54 19.19 -8.21
C ILE C 46 -8.37 18.18 -9.35
N PRO C 47 -8.73 18.53 -10.57
CA PRO C 47 -8.80 17.52 -11.64
C PRO C 47 -7.42 17.11 -12.13
N TYR C 48 -7.39 15.96 -12.79
CA TYR C 48 -6.25 15.61 -13.61
C TYR C 48 -6.03 16.64 -14.70
N ASP C 49 -4.84 17.23 -14.71
CA ASP C 49 -4.41 18.06 -15.83
C ASP C 49 -3.39 17.28 -16.65
N PRO C 50 -3.70 16.93 -17.91
CA PRO C 50 -2.82 16.05 -18.67
C PRO C 50 -1.55 16.73 -19.16
N GLU C 51 -1.57 18.06 -19.27
CA GLU C 51 -0.40 18.80 -19.74
C GLU C 51 -0.35 20.12 -19.00
N HIS C 52 0.64 20.27 -18.12
CA HIS C 52 0.73 21.41 -17.20
C HIS C 52 1.28 22.65 -17.92
N HIS C 53 0.62 23.02 -19.00
CA HIS C 53 1.07 24.16 -19.79
C HIS C 53 0.74 25.47 -19.08
N TYR C 54 1.67 26.42 -19.15
CA TYR C 54 1.32 27.82 -19.08
C TYR C 54 0.87 28.30 -20.45
N LYS C 55 -0.22 29.05 -20.49
CA LYS C 55 -0.73 29.61 -21.73
C LYS C 55 -0.87 31.12 -21.61
N VAL C 56 -0.57 31.83 -22.70
CA VAL C 56 -0.90 33.24 -22.81
C VAL C 56 -2.37 33.42 -23.16
N PHE C 57 -3.09 34.15 -22.32
CA PHE C 57 -4.48 34.55 -22.58
C PHE C 57 -4.44 35.81 -23.43
N SER C 58 -4.84 35.70 -24.70
CA SER C 58 -4.64 36.79 -25.66
C SER C 58 -5.78 36.84 -26.65
N PRO C 59 -6.92 37.40 -26.25
CA PRO C 59 -8.00 37.65 -27.22
C PRO C 59 -7.66 38.81 -28.14
N ALA C 60 -8.23 38.77 -29.35
CA ALA C 60 -8.14 39.91 -30.24
C ALA C 60 -9.18 40.98 -29.88
N ALA C 61 -8.92 42.20 -30.35
CA ALA C 61 -9.89 43.29 -30.30
C ALA C 61 -10.07 43.91 -31.68
N SER C 62 -11.28 44.43 -31.91
CA SER C 62 -11.68 44.86 -33.25
C SER C 62 -12.70 45.99 -33.17
N LYS C 73 -21.66 47.05 -29.46
CA LYS C 73 -20.35 46.44 -29.30
C LYS C 73 -19.40 47.41 -28.59
N VAL C 74 -18.96 47.03 -27.40
CA VAL C 74 -17.97 47.81 -26.64
C VAL C 74 -16.79 46.89 -26.31
N CYS C 75 -15.61 47.29 -26.75
CA CYS C 75 -14.38 46.67 -26.29
C CYS C 75 -13.89 47.35 -25.01
N THR C 76 -12.99 46.68 -24.31
CA THR C 76 -12.18 47.35 -23.31
C THR C 76 -11.32 48.43 -23.94
N ILE C 77 -10.75 49.29 -23.09
CA ILE C 77 -10.00 50.43 -23.58
C ILE C 77 -8.82 49.99 -24.45
N SER C 78 -8.20 48.87 -24.10
CA SER C 78 -7.25 48.19 -24.96
C SER C 78 -7.50 46.69 -24.85
N PRO C 79 -7.01 45.91 -25.81
CA PRO C 79 -7.15 44.46 -25.70
C PRO C 79 -6.43 43.93 -24.46
N ILE C 80 -7.07 43.02 -23.76
CA ILE C 80 -6.47 42.46 -22.56
C ILE C 80 -5.51 41.36 -22.94
N MET C 81 -4.50 41.14 -22.12
CA MET C 81 -3.61 40.00 -22.27
C MET C 81 -3.23 39.49 -20.89
N GLY C 82 -3.06 38.19 -20.77
CA GLY C 82 -2.68 37.61 -19.50
C GLY C 82 -2.07 36.24 -19.67
N TYR C 83 -1.94 35.55 -18.55
CA TYR C 83 -1.43 34.19 -18.55
C TYR C 83 -2.35 33.29 -17.74
N SER C 84 -2.56 32.08 -18.26
CA SER C 84 -3.22 31.00 -17.56
C SER C 84 -2.19 29.99 -17.08
N THR C 85 -2.30 29.57 -15.83
CA THR C 85 -1.33 28.67 -15.23
C THR C 85 -1.97 27.30 -14.99
N PRO C 86 -1.16 26.25 -14.81
CA PRO C 86 -1.72 24.95 -14.39
C PRO C 86 -2.14 24.88 -12.94
N TRP C 87 -1.97 25.95 -12.17
CA TRP C 87 -2.34 25.95 -10.76
C TRP C 87 -3.82 26.24 -10.58
N ARG C 88 -4.40 25.64 -9.55
CA ARG C 88 -5.69 26.04 -9.03
C ARG C 88 -5.47 26.93 -7.80
N TYR C 89 -6.51 27.63 -7.39
CA TYR C 89 -6.48 28.39 -6.15
C TYR C 89 -7.83 28.30 -5.45
N LEU C 90 -7.82 28.63 -4.16
CA LEU C 90 -9.00 28.58 -3.30
C LEU C 90 -9.66 29.94 -3.21
N ASP C 91 -10.96 29.98 -3.47
CA ASP C 91 -11.76 31.19 -3.29
C ASP C 91 -12.91 30.90 -2.33
N PHE C 92 -12.88 31.56 -1.17
CA PHE C 92 -13.90 31.48 -0.13
C PHE C 92 -14.35 32.87 0.32
N ASN C 93 -14.20 33.85 -0.57
CA ASN C 93 -14.46 35.26 -0.28
C ASN C 93 -15.95 35.60 -0.38
N ALA C 94 -16.75 34.95 0.47
CA ALA C 94 -18.16 35.32 0.58
C ALA C 94 -18.67 35.03 1.98
N LEU C 95 -19.46 35.97 2.51
CA LEU C 95 -19.91 35.90 3.90
C LEU C 95 -20.79 34.69 4.16
N ASN C 96 -21.72 34.39 3.25
CA ASN C 96 -22.64 33.27 3.40
C ASN C 96 -21.96 31.90 3.47
N LEU C 97 -20.69 31.79 3.10
CA LEU C 97 -19.96 30.55 3.36
C LEU C 97 -19.74 30.34 4.85
N PHE C 98 -19.51 31.42 5.58
CA PHE C 98 -19.15 31.33 6.99
C PHE C 98 -20.37 31.18 7.90
N PHE C 99 -21.52 31.71 7.51
CA PHE C 99 -22.74 31.61 8.31
C PHE C 99 -23.77 30.76 7.58
N SER C 100 -24.30 29.75 8.26
CA SER C 100 -25.60 29.22 7.89
C SER C 100 -26.65 30.32 7.96
N PRO C 101 -27.78 30.15 7.26
CA PRO C 101 -28.87 31.13 7.38
C PRO C 101 -29.33 31.42 8.80
N LEU C 102 -29.38 30.39 9.65
CA LEU C 102 -29.70 30.61 11.06
C LEU C 102 -28.64 31.47 11.76
N GLU C 103 -27.37 31.13 11.56
CA GLU C 103 -26.28 31.86 12.20
C GLU C 103 -26.22 33.32 11.75
N PHE C 104 -26.49 33.59 10.47
CA PHE C 104 -26.56 34.98 10.01
C PHE C 104 -27.72 35.74 10.63
N GLN C 105 -28.89 35.11 10.72
CA GLN C 105 -29.98 35.69 11.50
C GLN C 105 -29.54 36.03 12.92
N HIS C 106 -28.88 35.09 13.59
CA HIS C 106 -28.39 35.31 14.94
C HIS C 106 -27.40 36.48 15.01
N LEU C 107 -26.48 36.56 14.04
CA LEU C 107 -25.56 37.69 13.94
C LEU C 107 -26.29 39.03 13.88
N ILE C 108 -27.19 39.19 12.90
CA ILE C 108 -27.87 40.46 12.70
C ILE C 108 -28.91 40.77 13.76
N GLU C 109 -29.45 39.75 14.44
CA GLU C 109 -30.37 39.98 15.54
C GLU C 109 -29.69 40.45 16.82
N ASN C 110 -28.42 40.13 17.04
CA ASN C 110 -27.83 40.24 18.37
C ASN C 110 -26.63 41.17 18.47
N TYR C 111 -26.15 41.73 17.37
CA TYR C 111 -24.91 42.47 17.37
C TYR C 111 -25.05 43.75 16.57
N GLY C 112 -24.37 44.79 17.02
CA GLY C 112 -24.44 46.09 16.38
C GLY C 112 -23.50 46.32 15.22
N SER C 113 -22.40 45.56 15.17
CA SER C 113 -21.46 45.72 14.07
C SER C 113 -20.64 44.45 13.90
N ILE C 114 -20.02 44.32 12.74
CA ILE C 114 -19.16 43.20 12.41
C ILE C 114 -17.92 43.70 11.67
N ALA C 115 -16.76 43.13 12.01
CA ALA C 115 -15.54 43.33 11.27
C ALA C 115 -14.78 42.02 11.16
N PRO C 116 -14.06 41.80 10.06
CA PRO C 116 -13.17 40.63 9.99
C PRO C 116 -12.00 40.77 10.94
N ASP C 117 -11.63 39.66 11.58
CA ASP C 117 -10.54 39.66 12.54
C ASP C 117 -9.39 38.74 12.14
N ALA C 118 -9.65 37.45 11.94
CA ALA C 118 -8.60 36.50 11.64
C ALA C 118 -9.16 35.39 10.75
N LEU C 119 -8.27 34.76 10.01
CA LEU C 119 -8.63 33.68 9.11
C LEU C 119 -7.63 32.54 9.27
N THR C 120 -8.14 31.31 9.30
CA THR C 120 -7.34 30.11 9.16
C THR C 120 -7.92 29.23 8.06
N VAL C 121 -7.06 28.80 7.13
CA VAL C 121 -7.42 27.82 6.12
C VAL C 121 -6.64 26.55 6.40
N THR C 122 -7.34 25.44 6.58
CA THR C 122 -6.71 24.13 6.70
C THR C 122 -7.12 23.26 5.53
N ILE C 123 -6.13 22.73 4.82
CA ILE C 123 -6.35 21.66 3.85
C ILE C 123 -6.02 20.35 4.57
N SER C 124 -6.97 19.43 4.60
CA SER C 124 -6.79 18.16 5.28
C SER C 124 -7.42 17.04 4.47
N GLU C 125 -7.14 15.80 4.89
CA GLU C 125 -7.64 14.60 4.22
C GLU C 125 -7.27 14.57 2.74
N ILE C 126 -6.12 15.14 2.40
CA ILE C 126 -5.66 15.11 1.02
C ILE C 126 -5.59 13.66 0.57
N ALA C 127 -6.13 13.39 -0.60
CA ALA C 127 -5.89 12.14 -1.31
C ALA C 127 -5.53 12.46 -2.75
N VAL C 128 -4.29 12.16 -3.13
CA VAL C 128 -3.96 12.09 -4.54
C VAL C 128 -4.37 10.70 -5.01
N LYS C 129 -5.27 10.66 -5.97
CA LYS C 129 -5.89 9.41 -6.40
C LYS C 129 -5.43 9.04 -7.80
N ASP C 130 -4.79 7.88 -7.92
CA ASP C 130 -4.53 7.27 -9.22
C ASP C 130 -5.83 6.81 -9.88
N VAL C 131 -5.85 6.90 -11.21
CA VAL C 131 -6.95 6.38 -12.01
C VAL C 131 -6.39 5.35 -12.99
N THR C 132 -7.14 4.28 -13.21
CA THR C 132 -6.78 3.29 -14.21
C THR C 132 -8.05 2.67 -14.78
N ASP C 133 -7.89 1.89 -15.84
CA ASP C 133 -9.03 1.21 -16.46
C ASP C 133 -9.62 0.17 -15.51
N LYS C 134 -10.95 0.16 -15.44
CA LYS C 134 -11.68 -0.86 -14.71
C LYS C 134 -11.94 -2.08 -15.59
N THR C 135 -12.01 -3.25 -14.95
CA THR C 135 -12.47 -4.45 -15.63
C THR C 135 -13.87 -4.25 -16.19
N GLY C 136 -14.07 -4.63 -17.45
CA GLY C 136 -15.34 -4.43 -18.09
C GLY C 136 -15.61 -3.00 -18.53
N GLY C 137 -14.60 -2.15 -18.55
CA GLY C 137 -14.73 -0.80 -19.04
C GLY C 137 -15.03 0.21 -17.93
N GLY C 138 -14.88 1.47 -18.30
CA GLY C 138 -14.82 2.55 -17.34
C GLY C 138 -13.45 2.64 -16.68
N VAL C 139 -13.41 3.41 -15.60
CA VAL C 139 -12.18 3.63 -14.85
C VAL C 139 -12.42 3.29 -13.38
N GLN C 140 -11.33 2.99 -12.69
CA GLN C 140 -11.35 2.79 -11.25
C GLN C 140 -10.24 3.61 -10.60
N VAL C 141 -10.46 3.97 -9.34
CA VAL C 141 -9.63 4.94 -8.63
C VAL C 141 -8.98 4.25 -7.44
N THR C 142 -7.71 4.56 -7.20
CA THR C 142 -7.01 4.09 -6.02
C THR C 142 -6.20 5.22 -5.40
N ASP C 143 -6.07 5.16 -4.07
CA ASP C 143 -5.27 6.13 -3.34
C ASP C 143 -3.78 5.95 -3.60
N SER C 144 -3.09 7.07 -3.80
CA SER C 144 -1.68 7.08 -4.18
C SER C 144 -0.82 7.47 -2.98
N THR C 145 0.18 6.65 -2.68
CA THR C 145 1.15 7.01 -1.65
C THR C 145 2.27 7.89 -2.18
N THR C 146 2.50 7.90 -3.49
CA THR C 146 3.54 8.72 -4.09
C THR C 146 3.00 9.99 -4.74
N GLY C 147 1.71 10.05 -5.06
CA GLY C 147 1.13 11.29 -5.54
C GLY C 147 1.29 12.42 -4.53
N ARG C 148 1.51 13.62 -5.04
CA ARG C 148 1.68 14.81 -4.21
C ARG C 148 0.77 15.92 -4.68
N LEU C 149 0.10 16.56 -3.72
CA LEU C 149 -0.57 17.84 -3.94
C LEU C 149 0.38 18.99 -3.62
N CYS C 150 0.69 19.79 -4.62
CA CYS C 150 1.43 21.03 -4.43
C CYS C 150 0.54 22.06 -3.75
N MET C 151 0.98 22.59 -2.61
CA MET C 151 0.33 23.76 -2.02
C MET C 151 1.33 24.91 -1.95
N LEU C 152 0.97 26.03 -2.58
CA LEU C 152 1.74 27.27 -2.49
C LEU C 152 0.86 28.32 -1.83
N VAL C 153 1.28 28.81 -0.68
CA VAL C 153 0.61 29.93 -0.01
C VAL C 153 1.44 31.17 -0.24
N ASP C 154 0.84 32.17 -0.89
CA ASP C 154 1.55 33.37 -1.35
C ASP C 154 1.41 34.49 -0.30
N HIS C 155 2.00 34.24 0.87
CA HIS C 155 2.03 35.26 1.93
C HIS C 155 2.68 36.56 1.46
N GLU C 156 3.64 36.47 0.55
CA GLU C 156 4.38 37.64 0.09
C GLU C 156 3.62 38.47 -0.94
N TYR C 157 2.49 37.97 -1.45
CA TYR C 157 1.79 38.60 -2.57
C TYR C 157 2.70 38.78 -3.77
N LYS C 158 3.55 37.78 -4.01
CA LYS C 158 4.39 37.78 -5.20
C LYS C 158 3.53 37.77 -6.46
N TYR C 159 2.50 36.96 -6.48
CA TYR C 159 1.70 36.59 -7.63
C TYR C 159 0.44 37.46 -7.72
N PRO C 160 0.09 37.86 -8.94
CA PRO C 160 -1.10 38.69 -9.15
C PRO C 160 -2.32 38.21 -8.39
N TYR C 161 -2.90 39.11 -7.60
CA TYR C 161 -4.02 38.79 -6.73
C TYR C 161 -5.31 38.88 -7.52
N VAL C 162 -6.02 37.77 -7.67
CA VAL C 162 -7.24 37.73 -8.47
C VAL C 162 -8.49 37.51 -7.63
N LEU C 163 -8.35 37.26 -6.33
CA LEU C 163 -9.49 37.14 -5.44
C LEU C 163 -10.19 38.48 -5.25
N GLY C 164 -11.48 38.41 -4.93
CA GLY C 164 -12.25 39.60 -4.60
C GLY C 164 -12.58 40.47 -5.79
N GLN C 165 -13.07 39.82 -6.84
CA GLN C 165 -13.39 40.44 -8.11
C GLN C 165 -14.81 40.13 -8.55
N GLY C 166 -15.64 39.59 -7.65
CA GLY C 166 -17.00 39.21 -7.98
C GLY C 166 -17.14 38.07 -8.95
N GLN C 167 -16.09 37.27 -9.13
CA GLN C 167 -16.08 36.18 -10.10
C GLN C 167 -16.77 34.93 -9.55
N ASP C 168 -17.30 34.13 -10.47
CA ASP C 168 -18.03 32.90 -10.13
C ASP C 168 -17.10 31.74 -9.78
N THR C 169 -16.36 31.91 -8.68
CA THR C 169 -15.23 31.06 -8.33
C THR C 169 -15.33 30.56 -6.89
N LEU C 170 -16.35 30.99 -6.15
CA LEU C 170 -16.47 30.72 -4.72
C LEU C 170 -16.65 29.23 -4.42
N ALA C 171 -16.25 28.85 -3.21
CA ALA C 171 -16.65 27.62 -2.57
C ALA C 171 -18.16 27.44 -2.59
N PRO C 172 -18.65 26.20 -2.67
CA PRO C 172 -20.10 25.97 -2.70
C PRO C 172 -20.80 26.50 -1.45
N GLU C 173 -22.00 27.01 -1.67
CA GLU C 173 -22.78 27.60 -0.58
C GLU C 173 -23.26 26.54 0.41
N LEU C 174 -23.57 25.34 -0.06
CA LEU C 174 -23.95 24.25 0.83
C LEU C 174 -22.75 23.38 1.18
N PRO C 175 -22.71 22.88 2.43
CA PRO C 175 -21.63 21.97 2.82
C PRO C 175 -21.71 20.60 2.18
N ILE C 176 -22.83 20.26 1.52
CA ILE C 176 -22.96 18.97 0.84
C ILE C 176 -22.40 18.97 -0.57
N TRP C 177 -21.77 20.06 -1.02
CA TRP C 177 -21.31 20.19 -2.40
C TRP C 177 -19.78 20.27 -2.44
N VAL C 178 -19.20 19.62 -3.45
CA VAL C 178 -17.75 19.58 -3.61
C VAL C 178 -17.27 20.86 -4.28
N TYR C 179 -16.30 21.53 -3.66
CA TYR C 179 -15.62 22.66 -4.27
C TYR C 179 -14.70 22.20 -5.40
N PHE C 180 -14.87 22.78 -6.58
CA PHE C 180 -13.93 22.66 -7.69
C PHE C 180 -13.15 23.95 -7.84
N PRO C 181 -12.01 24.11 -7.16
CA PRO C 181 -11.29 25.38 -7.14
C PRO C 181 -10.91 25.86 -8.53
N PRO C 182 -11.03 27.18 -8.77
CA PRO C 182 -10.79 27.74 -10.11
C PRO C 182 -9.34 27.60 -10.55
N GLN C 183 -9.16 27.50 -11.87
CA GLN C 183 -7.82 27.62 -12.45
C GLN C 183 -7.28 29.04 -12.28
N TYR C 184 -6.04 29.14 -11.80
CA TYR C 184 -5.39 30.42 -11.64
C TYR C 184 -4.96 31.01 -12.97
N ALA C 185 -5.46 32.21 -13.27
CA ALA C 185 -5.11 32.96 -14.46
C ALA C 185 -5.23 34.44 -14.13
N TYR C 186 -4.40 35.25 -14.79
CA TYR C 186 -4.33 36.67 -14.44
C TYR C 186 -3.98 37.48 -15.68
N LEU C 187 -4.34 38.75 -15.64
CA LEU C 187 -4.07 39.70 -16.69
C LEU C 187 -2.84 40.55 -16.35
N THR C 188 -2.09 40.93 -17.38
CA THR C 188 -0.90 41.74 -17.21
C THR C 188 -0.86 42.83 -18.27
N VAL C 189 -0.05 43.86 -18.02
CA VAL C 189 0.19 44.92 -19.00
C VAL C 189 0.92 44.38 -20.22
N GLY C 190 0.86 45.14 -21.30
CA GLY C 190 1.56 44.79 -22.51
C GLY C 190 1.45 45.90 -23.55
N ASP C 191 1.95 45.61 -24.74
CA ASP C 191 1.93 46.56 -25.85
C ASP C 191 0.87 46.19 -26.87
N VAL C 192 0.07 47.18 -27.27
CA VAL C 192 -0.97 47.01 -28.29
C VAL C 192 -0.30 47.02 -29.66
N ASN C 193 -0.38 45.89 -30.36
CA ASN C 193 0.21 45.73 -31.69
C ASN C 193 -0.89 45.61 -32.73
N THR C 194 -0.83 46.46 -33.75
CA THR C 194 -1.81 46.42 -34.83
C THR C 194 -1.64 45.15 -35.66
N GLN C 195 -2.74 44.44 -35.91
CA GLN C 195 -2.69 43.17 -36.62
C GLN C 195 -2.68 43.40 -38.14
N GLY C 196 -1.55 43.91 -38.62
CA GLY C 196 -1.38 44.14 -40.05
C GLY C 196 -2.30 45.18 -40.63
N ILE C 197 -2.77 44.90 -41.84
CA ILE C 197 -3.67 45.80 -42.57
C ILE C 197 -5.02 45.93 -41.88
N SER C 198 -5.43 44.91 -41.12
CA SER C 198 -6.79 44.84 -40.61
C SER C 198 -7.13 46.01 -39.68
N GLY C 199 -6.12 46.59 -39.04
CA GLY C 199 -6.35 47.58 -38.01
C GLY C 199 -6.89 47.04 -36.70
N ASP C 200 -7.25 45.75 -36.64
CA ASP C 200 -7.55 45.10 -35.37
C ASP C 200 -6.29 45.00 -34.53
N SER C 201 -6.48 44.89 -33.22
CA SER C 201 -5.37 45.02 -32.29
C SER C 201 -5.35 43.85 -31.31
N LYS C 202 -4.14 43.47 -30.93
CA LYS C 202 -3.86 42.57 -29.83
C LYS C 202 -2.83 43.20 -28.93
N LYS C 203 -2.93 42.90 -27.63
CA LYS C 203 -1.89 43.26 -26.69
C LYS C 203 -0.83 42.16 -26.67
N LEU C 204 0.35 42.47 -27.19
CA LEU C 204 1.50 41.59 -27.13
C LEU C 204 2.25 41.83 -25.82
N ALA C 205 2.95 40.79 -25.36
CA ALA C 205 3.82 40.95 -24.21
C ALA C 205 4.91 41.98 -24.47
N SER C 206 5.24 42.73 -23.43
CA SER C 206 6.30 43.73 -23.44
C SER C 206 7.18 43.51 -22.23
N GLU C 207 8.27 44.28 -22.14
CA GLU C 207 9.20 44.13 -21.02
C GLU C 207 8.50 44.24 -19.67
N GLU C 208 7.45 45.06 -19.59
CA GLU C 208 6.69 45.18 -18.35
C GLU C 208 5.78 43.99 -18.08
N SER C 209 5.38 43.25 -19.12
CA SER C 209 4.48 42.11 -18.94
C SER C 209 5.10 41.10 -17.98
N ALA C 210 4.37 40.81 -16.91
CA ALA C 210 4.85 39.92 -15.86
C ALA C 210 4.41 38.48 -16.15
N PHE C 211 5.37 37.63 -16.51
CA PHE C 211 5.15 36.20 -16.67
C PHE C 211 5.62 35.49 -15.41
N TYR C 212 4.68 34.95 -14.65
CA TYR C 212 4.95 34.27 -13.39
C TYR C 212 4.92 32.76 -13.56
N VAL C 213 5.99 32.09 -13.15
CA VAL C 213 6.05 30.64 -13.12
C VAL C 213 6.10 30.20 -11.66
N LEU C 214 4.96 29.71 -11.17
CA LEU C 214 4.84 29.34 -9.75
C LEU C 214 5.76 28.19 -9.35
N GLU C 215 6.08 27.29 -10.29
CA GLU C 215 7.08 26.25 -10.06
C GLU C 215 8.48 26.79 -9.82
N HIS C 216 8.75 28.06 -10.12
CA HIS C 216 10.08 28.59 -9.79
C HIS C 216 10.22 28.97 -8.32
N SER C 217 9.14 28.99 -7.55
CA SER C 217 9.23 29.22 -6.12
C SER C 217 9.23 27.88 -5.37
N SER C 218 9.53 27.97 -4.07
CA SER C 218 9.35 26.83 -3.17
C SER C 218 7.90 26.70 -2.72
N PHE C 219 7.41 25.47 -2.73
CA PHE C 219 6.07 25.12 -2.27
C PHE C 219 6.10 23.73 -1.64
N GLN C 220 5.06 23.43 -0.87
CA GLN C 220 4.96 22.16 -0.15
C GLN C 220 4.44 21.06 -1.06
N LEU C 221 5.04 19.87 -0.92
CA LEU C 221 4.52 18.65 -1.53
C LEU C 221 3.84 17.82 -0.44
N LEU C 222 2.54 17.63 -0.59
CA LEU C 222 1.71 16.96 0.41
C LEU C 222 1.26 15.61 -0.12
N GLY C 223 1.58 14.55 0.63
CA GLY C 223 1.10 13.23 0.29
C GLY C 223 -0.35 13.00 0.69
N THR C 224 -0.86 11.84 0.30
CA THR C 224 -2.18 11.39 0.74
C THR C 224 -2.25 11.29 2.26
N GLY C 225 -3.34 11.80 2.83
CA GLY C 225 -3.47 12.00 4.25
C GLY C 225 -2.77 13.23 4.78
N GLY C 226 -2.10 13.98 3.90
CA GLY C 226 -1.40 15.17 4.32
C GLY C 226 -2.33 16.28 4.76
N THR C 227 -1.84 17.11 5.67
CA THR C 227 -2.54 18.29 6.12
C THR C 227 -1.58 19.47 6.03
N ALA C 228 -2.10 20.63 5.65
CA ALA C 228 -1.36 21.88 5.77
C ALA C 228 -2.32 23.01 6.11
N THR C 229 -1.81 24.00 6.84
CA THR C 229 -2.62 25.09 7.38
C THR C 229 -2.01 26.43 7.05
N MET C 230 -2.86 27.34 6.56
CA MET C 230 -2.55 28.76 6.40
C MET C 230 -3.26 29.54 7.50
N SER C 231 -2.58 30.55 8.05
CA SER C 231 -3.24 31.48 8.96
C SER C 231 -2.97 32.92 8.57
N TYR C 232 -3.98 33.77 8.75
CA TYR C 232 -3.94 35.17 8.37
C TYR C 232 -4.68 36.01 9.40
N LYS C 233 -4.10 37.15 9.76
CA LYS C 233 -4.79 38.14 10.57
C LYS C 233 -5.18 39.34 9.70
N PHE C 234 -6.45 39.72 9.77
CA PHE C 234 -6.89 40.94 9.12
C PHE C 234 -6.28 42.16 9.79
N PRO C 235 -5.98 43.21 9.03
CA PRO C 235 -5.66 44.50 9.62
C PRO C 235 -6.86 45.06 10.36
N PRO C 236 -6.67 46.07 11.21
CA PRO C 236 -7.83 46.79 11.74
C PRO C 236 -8.60 47.49 10.63
N VAL C 237 -9.91 47.26 10.59
CA VAL C 237 -10.78 47.85 9.58
C VAL C 237 -12.03 48.40 10.24
N PRO C 238 -12.69 49.39 9.66
CA PRO C 238 -13.94 49.88 10.24
C PRO C 238 -14.99 48.79 10.22
N PRO C 239 -15.66 48.55 11.34
CA PRO C 239 -16.77 47.59 11.34
C PRO C 239 -17.94 48.10 10.50
N GLU C 240 -18.62 47.16 9.86
CA GLU C 240 -19.92 47.44 9.26
C GLU C 240 -20.96 47.62 10.34
N ASN C 241 -21.65 48.76 10.33
CA ASN C 241 -22.76 49.00 11.24
C ASN C 241 -23.98 48.17 10.84
N LEU C 242 -24.43 47.31 11.74
CA LEU C 242 -25.60 46.47 11.51
C LEU C 242 -26.91 47.13 11.91
N GLU C 243 -26.88 48.34 12.46
CA GLU C 243 -28.08 49.04 12.92
C GLU C 243 -28.32 50.29 12.08
N GLY C 244 -29.59 50.54 11.76
CA GLY C 244 -29.97 51.69 10.96
C GLY C 244 -30.30 52.93 11.76
N CYS C 245 -30.89 53.90 11.06
CA CYS C 245 -31.20 55.22 11.60
C CYS C 245 -32.71 55.45 11.65
N SER C 246 -33.19 56.00 12.76
CA SER C 246 -34.60 56.39 12.90
C SER C 246 -34.84 57.86 12.57
N GLN C 247 -33.85 58.58 12.06
CA GLN C 247 -34.01 59.97 11.68
C GLN C 247 -33.31 60.24 10.35
N HIS C 248 -33.86 61.21 9.62
CA HIS C 248 -33.15 61.85 8.52
C HIS C 248 -32.20 62.91 9.05
N PHE C 249 -30.94 62.87 8.60
CA PHE C 249 -29.95 63.81 9.13
C PHE C 249 -30.31 65.25 8.83
N TYR C 250 -31.02 65.49 7.73
CA TYR C 250 -31.51 66.81 7.37
C TYR C 250 -32.80 67.19 8.11
N GLU C 251 -33.32 66.33 8.98
CA GLU C 251 -34.50 66.62 9.79
C GLU C 251 -34.21 66.52 11.28
N MET C 252 -33.00 66.89 11.69
CA MET C 252 -32.60 66.82 13.10
C MET C 252 -33.00 68.05 13.91
N TYR C 253 -33.62 69.05 13.28
CA TYR C 253 -34.06 70.25 13.98
C TYR C 253 -35.34 69.98 14.78
N ASN C 254 -35.64 70.88 15.72
CA ASN C 254 -36.89 70.86 16.44
C ASN C 254 -38.02 71.38 15.57
N PRO C 255 -39.03 70.57 15.26
CA PRO C 255 -40.08 71.00 14.32
C PRO C 255 -40.98 72.11 14.84
N LEU C 256 -40.96 72.41 16.14
CA LEU C 256 -41.85 73.43 16.69
C LEU C 256 -41.37 74.85 16.51
N TYR C 257 -40.10 75.06 16.16
CA TYR C 257 -39.54 76.40 16.18
C TYR C 257 -39.02 76.80 14.80
N GLY C 258 -39.10 78.11 14.52
CA GLY C 258 -38.42 78.68 13.39
C GLY C 258 -36.94 78.90 13.63
N SER C 259 -36.21 79.04 12.52
CA SER C 259 -34.80 79.37 12.60
C SER C 259 -34.58 80.80 13.06
N ARG C 260 -33.53 81.00 13.85
CA ARG C 260 -32.98 82.33 14.09
C ARG C 260 -32.23 82.87 12.88
N LEU C 261 -32.05 82.06 11.84
CA LEU C 261 -31.33 82.45 10.64
C LEU C 261 -32.32 82.84 9.54
N GLY C 262 -32.09 84.01 8.95
CA GLY C 262 -32.82 84.38 7.75
C GLY C 262 -32.24 83.78 6.49
N VAL C 263 -33.05 83.75 5.45
CA VAL C 263 -32.63 83.28 4.13
C VAL C 263 -33.05 84.32 3.10
N PRO C 264 -32.43 84.30 1.92
CA PRO C 264 -32.81 85.26 0.87
C PRO C 264 -34.29 85.22 0.55
N ASP C 265 -34.86 86.41 0.37
CA ASP C 265 -36.25 86.59 -0.01
C ASP C 265 -36.38 87.37 -1.31
N THR C 266 -35.68 88.50 -1.41
CA THR C 266 -35.61 89.29 -2.64
C THR C 266 -34.18 89.21 -3.16
N LEU C 267 -34.04 88.86 -4.44
CA LEU C 267 -32.73 88.62 -5.02
C LEU C 267 -32.24 89.87 -5.75
N GLY C 268 -31.07 89.73 -6.36
CA GLY C 268 -30.38 90.82 -7.02
C GLY C 268 -29.18 91.30 -6.23
N GLY C 269 -28.69 92.47 -6.62
CA GLY C 269 -27.50 93.02 -6.00
C GLY C 269 -27.71 93.50 -4.58
N ASP C 270 -28.92 93.93 -4.24
CA ASP C 270 -29.27 94.35 -2.89
C ASP C 270 -30.31 93.39 -2.32
N PRO C 271 -29.92 92.17 -1.95
CA PRO C 271 -30.90 91.18 -1.52
C PRO C 271 -31.50 91.51 -0.15
N LYS C 272 -32.78 91.23 -0.01
CA LYS C 272 -33.47 91.30 1.27
C LYS C 272 -33.67 89.89 1.80
N PHE C 273 -33.32 89.69 3.06
CA PHE C 273 -33.49 88.41 3.74
C PHE C 273 -34.79 88.38 4.54
N ARG C 274 -35.30 87.17 4.72
CA ARG C 274 -36.52 86.90 5.47
C ARG C 274 -36.23 85.87 6.55
N SER C 275 -36.78 86.12 7.74
CA SER C 275 -36.74 85.14 8.81
C SER C 275 -37.63 83.94 8.50
N LEU C 276 -37.14 82.76 8.86
CA LEU C 276 -37.87 81.53 8.63
C LEU C 276 -38.94 81.29 9.67
N THR C 277 -40.08 80.77 9.23
CA THR C 277 -41.12 80.33 10.14
C THR C 277 -40.80 78.93 10.66
N HIS C 278 -41.62 78.46 11.60
CA HIS C 278 -41.64 77.05 11.99
C HIS C 278 -42.29 76.14 10.95
N GLU C 279 -42.70 76.63 9.79
CA GLU C 279 -43.44 75.82 8.82
C GLU C 279 -42.85 75.77 7.41
N ASP C 280 -41.92 76.65 7.04
CA ASP C 280 -41.16 76.49 5.80
C ASP C 280 -39.99 75.53 6.00
N HIS C 281 -40.35 74.29 6.33
CA HIS C 281 -39.38 73.24 6.64
C HIS C 281 -38.42 72.97 5.49
N ALA C 282 -38.88 73.11 4.24
CA ALA C 282 -38.04 72.80 3.09
C ALA C 282 -36.80 73.68 2.98
N ILE C 283 -36.81 74.86 3.59
CA ILE C 283 -35.69 75.79 3.50
C ILE C 283 -34.97 75.94 4.83
N GLN C 284 -35.12 74.96 5.72
CA GLN C 284 -34.30 74.81 6.91
C GLN C 284 -32.81 74.79 6.55
N PRO C 285 -32.01 75.69 7.11
CA PRO C 285 -30.55 75.60 6.94
C PRO C 285 -29.99 74.31 7.51
N GLN C 286 -28.91 73.82 6.90
CA GLN C 286 -28.32 72.55 7.24
C GLN C 286 -26.88 72.75 7.69
N ASN C 287 -26.45 71.98 8.70
CA ASN C 287 -25.06 72.02 9.12
C ASN C 287 -24.17 71.13 8.26
N PHE C 288 -24.72 70.04 7.73
CA PHE C 288 -23.93 69.06 7.00
C PHE C 288 -24.55 68.82 5.64
N MET C 289 -23.74 68.64 4.68
CA MET C 289 -24.14 68.35 3.32
C MET C 289 -24.37 66.85 3.14
N PRO C 290 -25.21 66.46 2.18
CA PRO C 290 -25.29 65.06 1.79
C PRO C 290 -24.05 64.62 1.01
N GLY C 291 -23.87 63.30 0.95
CA GLY C 291 -22.73 62.70 0.29
C GLY C 291 -22.70 62.82 -1.22
N PRO C 292 -21.57 62.43 -1.80
CA PRO C 292 -21.42 62.47 -3.26
C PRO C 292 -22.30 61.42 -3.95
N LEU C 293 -22.84 61.80 -5.11
CA LEU C 293 -23.55 60.88 -5.98
C LEU C 293 -22.98 61.03 -7.38
N VAL C 294 -22.71 59.90 -8.03
CA VAL C 294 -22.15 59.88 -9.38
C VAL C 294 -23.02 59.00 -10.26
N ASN C 295 -23.69 59.63 -11.23
CA ASN C 295 -24.63 58.96 -12.14
C ASN C 295 -25.59 58.02 -11.43
N SER C 296 -26.05 58.43 -10.24
CA SER C 296 -26.85 57.56 -9.38
C SER C 296 -28.31 57.56 -9.84
N VAL C 297 -28.52 57.18 -11.10
CA VAL C 297 -29.83 57.22 -11.72
C VAL C 297 -30.42 55.82 -11.79
N SER C 298 -31.74 55.75 -11.85
CA SER C 298 -32.41 54.47 -12.06
C SER C 298 -32.24 53.96 -13.49
N THR C 299 -32.54 52.67 -13.67
CA THR C 299 -32.52 52.05 -14.99
C THR C 299 -33.45 52.74 -15.97
N LYS C 300 -34.53 53.35 -15.48
CA LYS C 300 -35.41 54.11 -16.38
C LYS C 300 -34.77 55.41 -16.84
N GLU C 301 -33.94 56.03 -16.02
CA GLU C 301 -33.38 57.34 -16.35
C GLU C 301 -31.94 57.28 -16.79
N GLY C 302 -31.29 56.13 -16.68
CA GLY C 302 -29.96 55.91 -17.24
C GLY C 302 -29.99 55.63 -18.73
N ALA C 312 -24.97 46.51 -25.32
CA ALA C 312 -23.87 47.45 -25.18
C ALA C 312 -23.64 47.80 -23.72
N LEU C 313 -22.52 48.46 -23.43
CA LEU C 313 -22.19 48.85 -22.07
C LEU C 313 -23.04 50.06 -21.68
N THR C 314 -24.00 49.85 -20.78
CA THR C 314 -24.73 50.93 -20.15
C THR C 314 -24.10 51.29 -18.80
N GLY C 315 -24.59 52.39 -18.23
CA GLY C 315 -24.17 52.81 -16.91
C GLY C 315 -22.82 53.51 -16.86
N LEU C 316 -22.41 53.82 -15.64
CA LEU C 316 -21.19 54.59 -15.39
C LEU C 316 -19.98 53.86 -15.94
N SER C 317 -19.20 54.55 -16.77
CA SER C 317 -18.10 53.93 -17.49
C SER C 317 -17.11 55.00 -17.90
N THR C 318 -15.88 54.56 -18.15
CA THR C 318 -14.78 55.45 -18.48
C THR C 318 -13.91 54.81 -19.55
N GLY C 319 -13.40 55.65 -20.45
CA GLY C 319 -12.57 55.15 -21.52
C GLY C 319 -12.25 56.26 -22.50
N THR C 320 -11.66 55.86 -23.62
CA THR C 320 -11.21 56.80 -24.64
C THR C 320 -12.26 57.10 -25.69
N SER C 321 -13.31 56.29 -25.78
CA SER C 321 -14.40 56.52 -26.73
C SER C 321 -15.59 55.69 -26.29
N GLN C 322 -16.73 55.92 -26.94
CA GLN C 322 -17.94 55.15 -26.67
C GLN C 322 -17.75 53.65 -26.93
N ASN C 323 -16.87 53.28 -27.85
CA ASN C 323 -16.61 51.88 -28.15
C ASN C 323 -15.51 51.25 -27.30
N THR C 324 -14.75 52.03 -26.54
CA THR C 324 -13.55 51.54 -25.86
C THR C 324 -13.61 51.98 -24.39
N ARG C 325 -14.39 51.25 -23.60
CA ARG C 325 -14.78 51.63 -22.25
C ARG C 325 -14.71 50.41 -21.35
N ILE C 326 -14.53 50.66 -20.06
CA ILE C 326 -14.82 49.66 -19.03
C ILE C 326 -16.01 50.13 -18.23
N SER C 327 -16.79 49.16 -17.73
CA SER C 327 -17.79 49.43 -16.71
C SER C 327 -17.16 49.88 -15.41
N LEU C 328 -17.75 50.89 -14.78
CA LEU C 328 -17.44 51.23 -13.40
C LEU C 328 -18.52 50.79 -12.41
N ARG C 329 -19.45 49.94 -12.83
CA ARG C 329 -20.39 49.33 -11.89
C ARG C 329 -19.64 48.61 -10.76
N PRO C 330 -20.23 48.55 -9.55
CA PRO C 330 -21.50 49.17 -9.13
C PRO C 330 -21.40 50.65 -8.82
N GLY C 331 -20.25 51.26 -9.06
CA GLY C 331 -19.99 52.62 -8.60
C GLY C 331 -19.65 52.69 -7.12
N PRO C 332 -19.37 53.90 -6.65
CA PRO C 332 -18.95 54.10 -5.26
C PRO C 332 -19.91 53.47 -4.24
N VAL C 333 -19.34 52.95 -3.17
CA VAL C 333 -20.15 52.41 -2.07
C VAL C 333 -21.02 53.48 -1.42
N SER C 334 -20.70 54.75 -1.63
CA SER C 334 -21.44 55.87 -1.06
C SER C 334 -22.75 56.15 -1.77
N GLN C 335 -23.20 55.28 -2.67
CA GLN C 335 -24.48 55.46 -3.31
C GLN C 335 -25.16 54.11 -3.50
N PRO C 336 -26.49 54.07 -3.36
CA PRO C 336 -27.21 52.84 -3.62
C PRO C 336 -27.38 52.59 -5.12
N TYR C 337 -27.66 51.34 -5.44
CA TYR C 337 -28.15 50.98 -6.75
C TYR C 337 -29.46 50.20 -6.73
N HIS C 338 -30.08 50.02 -5.56
CA HIS C 338 -31.41 49.44 -5.48
C HIS C 338 -32.01 49.79 -4.13
N HIS C 339 -33.26 50.21 -4.13
CA HIS C 339 -34.00 50.34 -2.89
C HIS C 339 -35.50 50.33 -3.18
N TRP C 340 -36.27 49.97 -2.17
CA TRP C 340 -37.68 50.34 -2.10
C TRP C 340 -37.82 51.83 -1.95
N ASP C 341 -38.22 52.51 -3.01
CA ASP C 341 -38.81 53.83 -2.86
C ASP C 341 -40.29 53.69 -2.53
N THR C 342 -40.89 54.80 -2.10
CA THR C 342 -42.05 54.75 -1.20
C THR C 342 -43.14 53.79 -1.67
N ASP C 343 -43.29 53.61 -2.99
CA ASP C 343 -44.31 52.71 -3.52
C ASP C 343 -43.79 51.79 -4.61
N LYS C 344 -42.47 51.66 -4.74
CA LYS C 344 -41.87 51.12 -5.95
C LYS C 344 -40.44 50.70 -5.64
N TYR C 345 -40.04 49.54 -6.13
CA TYR C 345 -38.62 49.23 -6.19
C TYR C 345 -37.95 49.99 -7.31
N VAL C 346 -36.90 50.73 -6.96
CA VAL C 346 -36.08 51.47 -7.92
C VAL C 346 -34.71 50.78 -8.00
N THR C 347 -34.27 50.51 -9.22
CA THR C 347 -32.97 49.88 -9.44
C THR C 347 -32.08 50.78 -10.28
N GLY C 348 -30.81 50.85 -9.89
CA GLY C 348 -29.86 51.71 -10.58
C GLY C 348 -29.38 51.11 -11.89
N ILE C 349 -29.16 51.98 -12.87
CA ILE C 349 -28.46 51.56 -14.08
C ILE C 349 -27.09 50.96 -13.74
N ASN C 350 -26.48 51.41 -12.64
CA ASN C 350 -25.19 50.89 -12.18
C ASN C 350 -25.32 49.64 -11.32
N ALA C 351 -26.53 49.15 -11.10
CA ALA C 351 -26.73 48.01 -10.21
C ALA C 351 -25.96 46.78 -10.70
N ILE C 352 -25.42 46.04 -9.75
CA ILE C 352 -24.97 44.67 -9.94
C ILE C 352 -25.95 43.72 -9.26
N SER C 353 -26.20 42.58 -9.89
CA SER C 353 -27.08 41.56 -9.37
C SER C 353 -26.27 40.39 -8.81
N HIS C 354 -26.61 39.98 -7.59
CA HIS C 354 -26.06 38.75 -7.02
C HIS C 354 -26.91 37.57 -7.49
N GLY C 355 -26.70 37.19 -8.74
CA GLY C 355 -27.60 36.27 -9.41
C GLY C 355 -28.95 36.89 -9.72
N GLN C 356 -29.78 36.09 -10.39
CA GLN C 356 -31.09 36.52 -10.84
C GLN C 356 -32.14 35.52 -10.36
N THR C 357 -33.34 36.03 -10.10
CA THR C 357 -34.53 35.19 -10.01
C THR C 357 -35.05 34.91 -11.42
N THR C 358 -34.92 33.67 -11.87
CA THR C 358 -35.41 33.28 -13.18
C THR C 358 -36.91 33.08 -13.17
N GLN C 369 -31.04 34.91 -17.39
CA GLN C 369 -31.58 36.26 -17.23
C GLN C 369 -32.88 36.24 -16.43
N GLY C 370 -33.08 37.28 -15.63
CA GLY C 370 -34.31 37.38 -14.87
C GLY C 370 -34.30 38.62 -14.01
N VAL C 371 -35.19 38.63 -13.02
CA VAL C 371 -35.21 39.72 -12.04
C VAL C 371 -33.97 39.66 -11.18
N GLY C 372 -33.30 40.80 -11.02
CA GLY C 372 -32.08 40.84 -10.26
C GLY C 372 -32.31 40.63 -8.78
N ARG C 373 -31.25 40.21 -8.09
CA ARG C 373 -31.27 40.08 -6.63
C ARG C 373 -30.37 41.15 -6.04
N PHE C 374 -30.95 41.99 -5.20
CA PHE C 374 -30.32 43.24 -4.81
C PHE C 374 -30.47 43.48 -3.31
N PRO C 375 -29.50 44.18 -2.70
CA PRO C 375 -29.74 44.71 -1.36
C PRO C 375 -30.75 45.84 -1.40
N ASN C 376 -31.60 45.90 -0.38
CA ASN C 376 -32.49 47.05 -0.20
C ASN C 376 -31.76 48.12 0.61
N GLU C 377 -31.27 49.15 -0.07
CA GLU C 377 -30.42 50.18 0.53
C GLU C 377 -31.23 51.30 1.20
N LYS C 378 -32.22 50.90 2.00
CA LYS C 378 -33.12 51.84 2.67
C LYS C 378 -32.41 52.87 3.55
N GLU C 379 -31.28 52.50 4.16
CA GLU C 379 -30.50 53.47 4.94
C GLU C 379 -29.81 54.53 4.09
N GLN C 380 -29.51 54.25 2.83
CA GLN C 380 -29.01 55.31 1.95
C GLN C 380 -30.14 56.21 1.46
N LEU C 381 -31.27 55.61 1.07
CA LEU C 381 -32.43 56.39 0.64
C LEU C 381 -32.88 57.41 1.68
N LYS C 382 -32.86 57.03 2.96
CA LYS C 382 -33.22 57.96 4.03
C LYS C 382 -32.31 59.19 4.11
N GLN C 383 -31.06 59.08 3.69
CA GLN C 383 -30.10 60.16 3.90
C GLN C 383 -29.76 60.90 2.60
N LEU C 384 -30.78 61.19 1.80
CA LEU C 384 -30.67 61.96 0.55
C LEU C 384 -29.81 61.29 -0.50
N GLN C 385 -29.58 59.98 -0.41
CA GLN C 385 -28.75 59.30 -1.39
C GLN C 385 -29.58 58.45 -2.35
N GLY C 386 -30.90 58.54 -2.29
CA GLY C 386 -31.75 57.79 -3.18
C GLY C 386 -31.40 57.90 -4.65
N LEU C 387 -31.74 56.87 -5.42
CA LEU C 387 -31.65 56.94 -6.86
C LEU C 387 -32.50 58.08 -7.42
N ASN C 388 -31.99 58.71 -8.48
CA ASN C 388 -32.61 59.88 -9.11
C ASN C 388 -32.73 61.08 -8.18
N MET C 389 -31.95 61.14 -7.11
CA MET C 389 -31.87 62.37 -6.34
C MET C 389 -31.24 63.48 -7.18
N HIS C 390 -32.02 64.47 -7.54
CA HIS C 390 -31.51 65.65 -8.22
C HIS C 390 -30.85 66.60 -7.22
N THR C 391 -29.81 67.29 -7.68
CA THR C 391 -29.28 68.45 -6.97
C THR C 391 -29.39 69.67 -7.87
N TYR C 392 -29.86 70.77 -7.30
CA TYR C 392 -30.18 71.97 -8.03
C TYR C 392 -29.17 73.07 -7.71
N PHE C 393 -28.51 73.59 -8.75
CA PHE C 393 -27.51 74.65 -8.63
C PHE C 393 -28.04 75.89 -9.33
N PRO C 394 -28.72 76.78 -8.60
CA PRO C 394 -29.46 77.90 -9.21
C PRO C 394 -28.54 78.96 -9.80
N THR C 402 -28.40 73.49 -14.27
CA THR C 402 -28.86 73.85 -12.94
C THR C 402 -29.48 72.64 -12.22
N ASP C 403 -30.14 71.77 -12.97
CA ASP C 403 -30.69 70.53 -12.45
C ASP C 403 -29.80 69.38 -12.92
N GLN C 404 -29.22 68.65 -11.97
CA GLN C 404 -28.33 67.56 -12.30
C GLN C 404 -28.42 66.49 -11.23
N ILE C 405 -28.08 65.26 -11.61
CA ILE C 405 -28.04 64.15 -10.66
C ILE C 405 -26.73 64.10 -9.88
N GLU C 406 -25.63 64.56 -10.46
CA GLU C 406 -24.34 64.50 -9.80
C GLU C 406 -24.30 65.41 -8.57
N ARG C 407 -23.88 64.85 -7.43
CA ARG C 407 -23.41 65.67 -6.33
C ARG C 407 -21.91 65.56 -6.18
N PRO C 408 -21.18 66.66 -6.15
CA PRO C 408 -19.77 66.59 -5.80
C PRO C 408 -19.62 66.22 -4.34
N LEU C 409 -18.48 65.66 -4.00
CA LEU C 409 -18.09 65.59 -2.59
C LEU C 409 -17.95 67.00 -2.03
N MET C 410 -18.74 67.31 -1.02
CA MET C 410 -18.68 68.60 -0.34
C MET C 410 -17.95 68.46 0.98
N VAL C 411 -17.25 69.52 1.37
CA VAL C 411 -16.79 69.62 2.75
C VAL C 411 -17.97 69.52 3.70
N GLY C 412 -17.81 68.73 4.75
CA GLY C 412 -18.86 68.48 5.71
C GLY C 412 -19.96 67.58 5.19
N SER C 413 -19.66 66.71 4.23
CA SER C 413 -20.60 65.70 3.78
C SER C 413 -20.74 64.57 4.80
N VAL C 414 -21.93 64.00 4.85
CA VAL C 414 -22.21 62.77 5.58
C VAL C 414 -23.01 61.86 4.65
N TRP C 415 -22.77 60.56 4.77
CA TRP C 415 -23.50 59.61 3.94
C TRP C 415 -23.45 58.23 4.58
N ASN C 416 -24.28 57.34 4.04
CA ASN C 416 -24.27 55.93 4.40
C ASN C 416 -23.63 55.15 3.26
N ARG C 417 -22.84 54.13 3.62
CA ARG C 417 -22.39 53.14 2.66
C ARG C 417 -23.48 52.12 2.35
N ARG C 418 -23.35 51.49 1.18
CA ARG C 418 -24.13 50.31 0.84
C ARG C 418 -24.02 49.23 1.91
N ALA C 419 -25.17 48.69 2.29
CA ALA C 419 -25.24 47.72 3.37
C ALA C 419 -24.49 46.43 3.03
N LEU C 420 -23.76 45.92 4.01
CA LEU C 420 -23.30 44.54 3.97
C LEU C 420 -24.50 43.59 3.89
N HIS C 421 -24.36 42.52 3.11
CA HIS C 421 -25.42 41.55 3.00
C HIS C 421 -24.85 40.14 3.05
N TYR C 422 -25.76 39.18 3.31
CA TYR C 422 -25.41 37.79 3.51
C TYR C 422 -24.52 37.23 2.40
N GLU C 423 -24.76 37.62 1.15
CA GLU C 423 -24.01 37.09 0.02
C GLU C 423 -22.84 37.98 -0.41
N SER C 424 -22.51 39.02 0.34
CA SER C 424 -21.47 39.94 -0.08
C SER C 424 -20.10 39.27 -0.02
N GLN C 425 -19.23 39.62 -0.95
CA GLN C 425 -17.82 39.32 -0.77
C GLN C 425 -17.32 39.93 0.54
N LEU C 426 -16.32 39.29 1.12
CA LEU C 426 -15.77 39.79 2.38
C LEU C 426 -14.65 40.80 2.19
N TRP C 427 -13.85 40.68 1.14
CA TRP C 427 -12.76 41.62 0.93
C TRP C 427 -12.48 41.78 -0.55
N SER C 428 -11.75 42.83 -0.87
CA SER C 428 -11.02 42.94 -2.14
C SER C 428 -9.67 43.58 -1.86
N LYS C 429 -8.69 43.26 -2.70
CA LYS C 429 -7.40 43.92 -2.61
C LYS C 429 -7.51 45.36 -3.10
N ILE C 430 -7.17 46.31 -2.25
CA ILE C 430 -6.94 47.69 -2.69
C ILE C 430 -5.72 47.71 -3.58
N PRO C 431 -5.83 48.17 -4.83
CA PRO C 431 -4.65 48.24 -5.69
C PRO C 431 -3.62 49.18 -5.11
N ASN C 432 -2.37 48.73 -5.05
CA ASN C 432 -1.30 49.49 -4.42
C ASN C 432 -0.79 50.62 -5.31
N LEU C 433 -1.71 51.43 -5.81
CA LEU C 433 -1.36 52.68 -6.48
C LEU C 433 -0.88 53.71 -5.45
N ASP C 434 -0.39 54.85 -5.96
CA ASP C 434 0.28 55.83 -5.11
C ASP C 434 -0.66 56.38 -4.04
N ASP C 435 -1.92 56.62 -4.38
CA ASP C 435 -2.81 57.33 -3.46
C ASP C 435 -4.24 56.85 -3.68
N SER C 436 -5.07 57.07 -2.68
CA SER C 436 -6.46 56.66 -2.78
C SER C 436 -7.31 57.47 -1.80
N PHE C 437 -8.62 57.47 -2.05
CA PHE C 437 -9.59 58.13 -1.20
C PHE C 437 -10.64 57.14 -0.72
N LYS C 438 -10.73 56.98 0.60
CA LYS C 438 -11.77 56.20 1.27
C LYS C 438 -11.96 54.81 0.65
N THR C 439 -10.88 54.05 0.57
CA THR C 439 -10.90 52.70 0.02
C THR C 439 -11.15 51.62 1.06
N GLN C 440 -11.55 51.98 2.29
CA GLN C 440 -11.78 50.96 3.31
C GLN C 440 -12.83 49.94 2.92
N PHE C 441 -13.78 50.30 2.06
CA PHE C 441 -14.82 49.39 1.59
C PHE C 441 -14.79 49.24 0.07
N ALA C 442 -14.72 47.99 -0.39
CA ALA C 442 -14.72 47.69 -1.80
C ALA C 442 -16.12 47.83 -2.39
N ALA C 443 -16.16 48.21 -3.67
CA ALA C 443 -17.44 48.52 -4.32
C ALA C 443 -18.36 47.31 -4.35
N LEU C 444 -17.80 46.11 -4.52
CA LEU C 444 -18.60 44.89 -4.53
C LEU C 444 -18.98 44.41 -3.14
N GLY C 445 -18.61 45.15 -2.10
CA GLY C 445 -18.91 44.78 -0.74
C GLY C 445 -17.68 44.31 0.02
N GLY C 446 -17.85 44.22 1.34
CA GLY C 446 -16.78 43.86 2.22
C GLY C 446 -15.71 44.94 2.26
N TRP C 447 -14.56 44.56 2.81
CA TRP C 447 -13.51 45.50 3.18
C TRP C 447 -12.41 45.54 2.13
N GLY C 448 -12.01 46.76 1.77
CA GLY C 448 -10.77 46.93 1.03
C GLY C 448 -9.57 46.64 1.91
N LEU C 449 -8.65 45.83 1.41
CA LEU C 449 -7.44 45.49 2.14
C LEU C 449 -6.24 45.65 1.23
N HIS C 450 -5.19 46.27 1.74
CA HIS C 450 -3.91 46.33 1.02
C HIS C 450 -3.23 44.96 1.01
N GLN C 451 -3.25 44.25 2.13
CA GLN C 451 -2.68 42.92 2.26
C GLN C 451 -3.82 41.96 2.63
N PRO C 452 -4.62 41.56 1.65
CA PRO C 452 -5.75 40.67 1.93
C PRO C 452 -5.29 39.27 2.28
N PRO C 453 -6.21 38.40 2.68
CA PRO C 453 -5.90 36.96 2.79
C PRO C 453 -5.13 36.44 1.60
N PRO C 454 -4.00 35.79 1.83
CA PRO C 454 -3.13 35.36 0.73
C PRO C 454 -3.78 34.29 -0.13
N GLN C 455 -3.48 34.34 -1.42
CA GLN C 455 -3.89 33.27 -2.34
C GLN C 455 -3.19 31.97 -1.99
N ILE C 456 -3.96 30.89 -1.95
CA ILE C 456 -3.44 29.54 -1.78
C ILE C 456 -3.52 28.85 -3.14
N PHE C 457 -2.36 28.54 -3.72
CA PHE C 457 -2.33 27.86 -5.01
C PHE C 457 -2.12 26.37 -4.81
N LEU C 458 -2.90 25.57 -5.52
CA LEU C 458 -2.81 24.12 -5.48
C LEU C 458 -2.68 23.56 -6.88
N LYS C 459 -1.80 22.57 -7.05
CA LYS C 459 -1.84 21.71 -8.22
C LYS C 459 -1.33 20.33 -7.84
N ILE C 460 -1.68 19.34 -8.66
CA ILE C 460 -1.10 18.01 -8.51
C ILE C 460 0.28 18.00 -9.14
N LEU C 461 1.25 17.47 -8.43
CA LEU C 461 2.58 17.26 -8.99
C LEU C 461 2.50 16.24 -10.12
N PRO C 462 2.86 16.60 -11.35
CA PRO C 462 2.78 15.65 -12.46
C PRO C 462 3.71 14.47 -12.24
N GLN C 463 3.22 13.26 -12.54
CA GLN C 463 4.01 12.04 -12.45
C GLN C 463 4.24 11.46 -13.84
N SER C 464 5.50 11.17 -14.16
CA SER C 464 5.83 10.58 -15.45
C SER C 464 5.34 9.14 -15.55
N GLY C 465 4.79 8.80 -16.72
CA GLY C 465 4.55 7.42 -17.07
C GLY C 465 5.83 6.68 -17.43
N PRO C 466 5.67 5.38 -17.71
CA PRO C 466 6.85 4.53 -17.90
C PRO C 466 7.63 4.88 -19.16
N ILE C 467 8.96 4.79 -19.06
CA ILE C 467 9.87 4.82 -20.19
C ILE C 467 10.88 3.69 -20.01
N GLY C 468 11.23 3.01 -21.08
CA GLY C 468 12.16 1.91 -20.98
C GLY C 468 11.97 0.90 -22.11
N GLY C 469 12.04 -0.38 -21.74
CA GLY C 469 12.05 -1.45 -22.71
C GLY C 469 10.73 -1.70 -23.41
N ILE C 470 9.63 -1.20 -22.85
CA ILE C 470 8.35 -1.32 -23.52
C ILE C 470 8.35 -0.45 -24.77
N LYS C 471 7.79 -0.97 -25.85
CA LYS C 471 7.86 -0.27 -27.13
C LYS C 471 6.75 0.77 -27.26
N SER C 472 7.02 1.79 -28.07
CA SER C 472 6.03 2.77 -28.53
C SER C 472 5.42 3.60 -27.40
N MET C 473 6.06 3.64 -26.23
CA MET C 473 5.43 4.24 -25.06
C MET C 473 5.15 5.73 -25.27
N GLY C 474 6.08 6.42 -25.91
CA GLY C 474 6.12 7.87 -25.87
C GLY C 474 6.36 8.38 -24.44
N ILE C 475 6.10 9.67 -24.27
CA ILE C 475 6.06 10.30 -22.95
C ILE C 475 4.60 10.45 -22.53
N THR C 476 4.30 10.05 -21.30
CA THR C 476 2.95 10.13 -20.76
C THR C 476 3.02 10.63 -19.33
N THR C 477 1.88 11.08 -18.82
CA THR C 477 1.73 11.33 -17.40
C THR C 477 0.74 10.35 -16.79
N LEU C 478 0.96 10.02 -15.52
CA LEU C 478 -0.01 9.24 -14.78
C LEU C 478 -1.30 10.03 -14.63
N VAL C 479 -2.43 9.38 -14.91
CA VAL C 479 -3.72 10.01 -14.64
C VAL C 479 -3.92 10.06 -13.12
N GLN C 480 -3.86 11.26 -12.56
CA GLN C 480 -4.06 11.46 -11.13
C GLN C 480 -4.93 12.68 -10.92
N TYR C 481 -5.78 12.61 -9.91
CA TYR C 481 -6.52 13.78 -9.45
C TYR C 481 -6.39 13.84 -7.93
N ALA C 482 -6.69 15.00 -7.36
CA ALA C 482 -6.62 15.18 -5.93
C ALA C 482 -7.98 15.58 -5.37
N VAL C 483 -8.24 15.12 -4.15
CA VAL C 483 -9.37 15.56 -3.36
C VAL C 483 -8.86 15.89 -1.97
N GLY C 484 -9.68 16.61 -1.22
CA GLY C 484 -9.41 16.82 0.18
C GLY C 484 -10.52 17.64 0.79
N ILE C 485 -10.30 18.06 2.03
CA ILE C 485 -11.22 18.92 2.75
C ILE C 485 -10.53 20.26 2.98
N MET C 486 -11.13 21.31 2.44
CA MET C 486 -10.77 22.68 2.81
C MET C 486 -11.61 23.07 4.01
N THR C 487 -10.95 23.33 5.14
CA THR C 487 -11.60 23.89 6.32
C THR C 487 -11.16 25.33 6.45
N VAL C 488 -12.11 26.25 6.48
CA VAL C 488 -11.84 27.66 6.62
C VAL C 488 -12.50 28.17 7.90
N THR C 489 -11.68 28.69 8.80
CA THR C 489 -12.15 29.31 10.04
C THR C 489 -11.93 30.81 9.92
N MET C 490 -12.99 31.59 10.08
CA MET C 490 -12.87 33.03 10.15
C MET C 490 -13.50 33.56 11.44
N THR C 491 -12.70 34.31 12.20
CA THR C 491 -13.19 35.06 13.34
C THR C 491 -13.62 36.46 12.89
N PHE C 492 -14.79 36.89 13.35
CA PHE C 492 -15.24 38.26 13.16
C PHE C 492 -15.33 38.93 14.52
N LYS C 493 -14.85 40.17 14.58
CA LYS C 493 -15.15 41.04 15.73
C LYS C 493 -16.58 41.55 15.64
N LEU C 494 -17.31 41.46 16.76
CA LEU C 494 -18.69 41.91 16.82
C LEU C 494 -18.84 43.05 17.81
N GLY C 495 -19.41 44.16 17.35
CA GLY C 495 -19.80 45.24 18.22
C GLY C 495 -21.12 44.95 18.92
N PRO C 496 -21.28 45.46 20.14
CA PRO C 496 -22.59 45.36 20.81
C PRO C 496 -23.65 46.19 20.10
N ARG C 497 -24.90 45.77 20.28
CA ARG C 497 -26.04 46.58 19.90
C ARG C 497 -26.07 47.90 20.66
N LYS C 498 -26.51 48.96 19.99
CA LYS C 498 -26.74 50.24 20.66
C LYS C 498 -27.95 50.15 21.58
N ALA C 499 -27.87 50.83 22.73
CA ALA C 499 -29.00 50.90 23.65
C ALA C 499 -30.17 51.65 23.02
N THR C 500 -31.38 51.17 23.28
CA THR C 500 -32.61 51.71 22.71
C THR C 500 -33.40 52.48 23.76
N GLY C 501 -33.69 53.74 23.48
CA GLY C 501 -34.54 54.56 24.31
C GLY C 501 -36.01 54.52 23.99
N ARG C 502 -36.38 53.99 22.82
CA ARG C 502 -37.76 54.02 22.33
C ARG C 502 -38.75 53.44 23.34
N TRP C 503 -39.97 53.98 23.30
CA TRP C 503 -41.12 53.31 23.88
C TRP C 503 -41.59 52.16 22.99
N ASN C 504 -41.86 52.46 21.72
CA ASN C 504 -42.41 51.47 20.81
C ASN C 504 -41.35 50.43 20.43
N PRO C 505 -41.79 49.19 20.14
CA PRO C 505 -40.86 48.16 19.67
C PRO C 505 -40.01 48.63 18.49
N GLN C 506 -38.77 48.15 18.46
CA GLN C 506 -38.00 48.16 17.23
C GLN C 506 -38.71 47.37 16.14
N PRO C 507 -38.48 47.69 14.87
CA PRO C 507 -38.93 46.81 13.79
C PRO C 507 -38.44 45.38 13.98
N GLY C 508 -39.24 44.44 13.48
CA GLY C 508 -38.82 43.05 13.49
C GLY C 508 -37.60 42.83 12.61
N VAL C 509 -36.70 41.98 13.08
CA VAL C 509 -35.62 41.46 12.23
C VAL C 509 -36.19 40.32 11.39
N TYR C 510 -36.98 40.67 10.39
CA TYR C 510 -37.60 39.67 9.54
C TYR C 510 -36.54 38.89 8.78
N PRO C 511 -36.66 37.56 8.67
CA PRO C 511 -35.90 36.85 7.66
C PRO C 511 -36.35 37.27 6.27
N PRO C 512 -35.47 37.18 5.28
CA PRO C 512 -35.80 37.71 3.97
C PRO C 512 -36.83 36.85 3.26
N HIS C 513 -37.46 37.43 2.25
CA HIS C 513 -38.52 36.76 1.53
C HIS C 513 -37.99 36.14 0.24
N ALA C 514 -38.49 34.94 -0.06
CA ALA C 514 -38.21 34.25 -1.31
C ALA C 514 -39.23 34.63 -2.38
N ALA C 515 -38.83 34.44 -3.64
CA ALA C 515 -39.77 34.63 -4.73
C ALA C 515 -40.92 33.63 -4.65
N GLY C 516 -40.62 32.38 -4.35
CA GLY C 516 -41.63 31.40 -4.02
C GLY C 516 -41.47 30.92 -2.59
N HIS C 517 -42.59 30.73 -1.90
CA HIS C 517 -42.63 30.14 -0.56
C HIS C 517 -41.63 30.79 0.40
N LEU C 518 -40.69 30.00 0.93
CA LEU C 518 -39.75 30.47 1.93
C LEU C 518 -38.32 30.15 1.53
N PRO C 519 -37.36 31.02 1.86
CA PRO C 519 -35.96 30.73 1.59
C PRO C 519 -35.31 29.85 2.65
N TYR C 520 -34.20 29.24 2.24
CA TYR C 520 -33.29 28.50 3.12
C TYR C 520 -33.93 27.31 3.81
N VAL C 521 -35.17 26.99 3.48
CA VAL C 521 -35.84 25.80 3.97
C VAL C 521 -36.03 24.86 2.78
N LEU C 522 -35.64 23.61 2.95
CA LEU C 522 -36.03 22.60 1.97
C LEU C 522 -37.52 22.35 2.08
N TYR C 523 -38.24 22.57 0.98
CA TYR C 523 -39.66 22.34 0.92
C TYR C 523 -39.99 21.47 -0.28
N ASP C 524 -41.15 20.83 -0.22
CA ASP C 524 -41.69 20.11 -1.37
C ASP C 524 -42.43 21.09 -2.26
N PRO C 525 -41.90 21.38 -3.45
CA PRO C 525 -42.55 22.37 -4.33
C PRO C 525 -43.88 21.93 -4.89
N THR C 526 -44.21 20.64 -4.82
CA THR C 526 -45.54 20.17 -5.22
C THR C 526 -46.61 20.46 -4.19
N ALA C 527 -46.23 20.86 -2.97
CA ALA C 527 -47.22 21.25 -1.98
C ALA C 527 -47.66 22.70 -2.12
N THR C 528 -46.90 23.52 -2.84
CA THR C 528 -47.10 24.96 -2.86
C THR C 528 -47.41 25.43 -4.28
N ASP C 529 -48.22 26.48 -4.36
CA ASP C 529 -48.56 27.13 -5.62
C ASP C 529 -47.48 28.09 -6.12
N ALA C 530 -46.35 28.19 -5.41
CA ALA C 530 -45.23 28.96 -5.92
C ALA C 530 -44.75 28.40 -7.26
N LYS C 531 -44.11 29.28 -8.05
CA LYS C 531 -43.72 28.98 -9.42
C LYS C 531 -42.22 28.79 -9.57
N GLN C 532 -41.52 28.49 -8.48
CA GLN C 532 -40.06 28.33 -8.47
C GLN C 532 -39.67 26.85 -8.44
N HIS C 533 -40.39 26.01 -9.19
CA HIS C 533 -40.07 24.59 -9.29
C HIS C 533 -38.65 24.35 -9.79
N HIS C 534 -38.12 25.25 -10.62
CA HIS C 534 -36.74 25.11 -11.08
C HIS C 534 -35.73 25.15 -9.95
N ARG C 535 -36.10 25.70 -8.80
CA ARG C 535 -35.25 25.67 -7.61
C ARG C 535 -35.39 24.38 -6.81
N HIS C 536 -36.27 23.47 -7.21
CA HIS C 536 -36.42 22.15 -6.60
C HIS C 536 -36.67 22.24 -5.09
N GLY C 537 -37.36 23.28 -4.66
CA GLY C 537 -37.74 23.42 -3.27
C GLY C 537 -36.68 23.87 -2.30
N TYR C 538 -35.51 24.31 -2.77
CA TYR C 538 -34.59 25.07 -1.94
C TYR C 538 -34.32 26.39 -2.62
N GLU C 539 -34.58 27.48 -1.92
CA GLU C 539 -34.76 28.78 -2.55
C GLU C 539 -33.93 29.82 -1.84
N LYS C 540 -33.29 30.69 -2.61
CA LYS C 540 -32.72 31.91 -2.08
C LYS C 540 -33.80 32.99 -1.97
N PRO C 541 -33.64 33.92 -1.04
CA PRO C 541 -34.48 35.11 -1.08
C PRO C 541 -34.23 35.93 -2.33
N GLU C 542 -35.24 36.68 -2.74
CA GLU C 542 -35.10 37.53 -3.91
C GLU C 542 -34.46 38.88 -3.58
N GLU C 543 -34.60 39.35 -2.34
CA GLU C 543 -33.72 40.36 -1.80
C GLU C 543 -32.46 39.74 -1.21
N LEU C 544 -31.37 40.50 -1.24
CA LEU C 544 -30.21 40.17 -0.41
C LEU C 544 -30.47 40.59 1.03
N TRP C 545 -30.05 39.74 1.95
CA TRP C 545 -30.39 39.85 3.36
C TRP C 545 -29.40 40.78 4.07
N THR C 546 -29.86 41.96 4.51
CA THR C 546 -28.97 43.11 4.69
C THR C 546 -28.76 43.59 6.13
N ALA C 547 -29.42 43.03 7.12
CA ALA C 547 -29.47 43.62 8.48
C ALA C 547 -30.07 45.03 8.46
N LYS C 548 -29.66 45.86 9.43
CA LYS C 548 -30.08 47.27 9.60
C LYS C 548 -31.58 47.46 9.82
N SER C 549 -32.27 46.41 10.28
CA SER C 549 -33.70 46.54 10.53
C SER C 549 -33.98 47.40 11.77
N ARG C 550 -33.17 47.26 12.82
CA ARG C 550 -33.29 48.10 14.00
C ARG C 550 -32.63 49.46 13.79
N VAL C 551 -33.21 50.49 14.40
CA VAL C 551 -32.87 51.88 14.10
C VAL C 551 -32.70 52.65 15.40
N HIS C 552 -31.87 53.68 15.34
CA HIS C 552 -31.50 54.51 16.47
C HIS C 552 -31.54 55.95 16.01
N PRO C 553 -31.75 56.90 16.93
CA PRO C 553 -31.73 58.31 16.53
C PRO C 553 -30.35 58.77 16.10
N LEU C 554 -30.32 59.94 15.51
CA LEU C 554 -29.07 60.64 15.24
C LEU C 554 -28.72 61.60 16.37
N THR D 2 0.15 -0.62 -26.32
CA THR D 2 1.40 -1.10 -25.74
C THR D 2 1.15 -2.18 -24.68
N SER D 3 2.17 -2.98 -24.41
CA SER D 3 2.07 -4.07 -23.45
C SER D 3 3.44 -4.32 -22.84
N VAL D 4 3.43 -4.76 -21.58
CA VAL D 4 4.67 -5.22 -20.95
C VAL D 4 5.24 -6.43 -21.65
N ASN D 5 4.39 -7.22 -22.31
CA ASN D 5 4.87 -8.33 -23.14
C ASN D 5 5.75 -7.88 -24.30
N SER D 6 5.78 -6.58 -24.61
CA SER D 6 6.62 -6.09 -25.71
C SER D 6 8.10 -6.33 -25.44
N ALA D 7 8.51 -6.36 -24.17
CA ALA D 7 9.81 -6.88 -23.81
C ALA D 7 9.67 -8.34 -23.38
N GLU D 8 10.34 -9.23 -24.10
CA GLU D 8 10.07 -10.66 -23.96
C GLU D 8 10.66 -11.23 -22.67
N ALA D 9 11.72 -10.61 -22.15
CA ALA D 9 12.33 -11.03 -20.89
C ALA D 9 11.88 -10.18 -19.72
N SER D 10 10.71 -9.55 -19.81
CA SER D 10 10.20 -8.70 -18.75
C SER D 10 8.86 -9.26 -18.24
N THR D 11 8.63 -9.10 -16.95
CA THR D 11 7.36 -9.43 -16.33
C THR D 11 6.72 -8.18 -15.75
N GLY D 12 5.39 -8.13 -15.78
CA GLY D 12 4.68 -7.09 -15.06
C GLY D 12 4.89 -7.21 -13.56
N ALA D 13 4.82 -6.06 -12.89
CA ALA D 13 4.96 -5.99 -11.44
C ALA D 13 3.84 -5.16 -10.84
N GLY D 14 3.25 -5.68 -9.76
CA GLY D 14 2.13 -5.08 -9.08
C GLY D 14 2.46 -4.19 -7.90
N GLY D 15 3.74 -4.01 -7.57
CA GLY D 15 4.14 -3.09 -6.51
C GLY D 15 3.58 -3.39 -5.14
N GLY D 16 3.59 -4.65 -4.72
CA GLY D 16 3.05 -5.03 -3.44
C GLY D 16 3.81 -4.46 -2.24
N GLY D 17 3.21 -4.67 -1.07
CA GLY D 17 3.72 -4.12 0.18
C GLY D 17 4.91 -4.86 0.76
N SER D 18 5.55 -4.23 1.74
CA SER D 18 6.72 -4.78 2.42
C SER D 18 6.43 -4.91 3.91
N ASN D 19 6.97 -5.97 4.52
CA ASN D 19 6.71 -6.24 5.94
C ASN D 19 7.92 -6.90 6.58
N PRO D 20 8.87 -6.09 7.08
CA PRO D 20 10.17 -6.64 7.51
C PRO D 20 10.14 -7.32 8.87
N VAL D 21 9.09 -8.07 9.15
CA VAL D 21 8.94 -8.80 10.41
C VAL D 21 9.84 -10.02 10.42
N LYS D 22 10.40 -10.33 11.59
CA LYS D 22 11.05 -11.60 11.87
C LYS D 22 10.19 -12.42 12.81
N SER D 23 9.97 -13.69 12.46
CA SER D 23 9.31 -14.65 13.33
C SER D 23 10.06 -15.97 13.30
N MET D 24 9.78 -16.81 14.29
CA MET D 24 10.43 -18.11 14.42
C MET D 24 9.49 -19.22 14.01
N TRP D 25 10.03 -20.21 13.30
CA TRP D 25 9.50 -21.57 13.30
C TRP D 25 10.15 -22.33 14.45
N SER D 26 9.40 -22.56 15.51
CA SER D 26 9.92 -23.21 16.72
C SER D 26 9.58 -24.69 16.71
N GLU D 27 10.61 -25.53 16.68
CA GLU D 27 10.42 -26.98 16.72
C GLU D 27 11.60 -27.64 17.41
N GLY D 28 11.33 -28.80 18.00
CA GLY D 28 12.33 -29.64 18.63
C GLY D 28 12.11 -29.89 20.12
N ALA D 29 12.67 -30.99 20.61
CA ALA D 29 12.73 -31.30 22.03
C ALA D 29 14.06 -30.86 22.62
N THR D 30 14.01 -30.04 23.67
CA THR D 30 15.16 -29.77 24.51
C THR D 30 15.06 -30.62 25.76
N PHE D 31 15.95 -31.63 25.87
CA PHE D 31 16.02 -32.46 27.05
C PHE D 31 16.89 -31.83 28.15
N SER D 32 16.52 -32.14 29.39
CA SER D 32 17.32 -31.80 30.56
C SER D 32 17.28 -32.99 31.51
N ALA D 33 18.07 -32.91 32.59
CA ALA D 33 18.13 -34.01 33.55
C ALA D 33 16.75 -34.39 34.07
N ASN D 34 15.88 -33.40 34.28
CA ASN D 34 14.64 -33.63 34.99
C ASN D 34 13.40 -33.30 34.17
N SER D 35 13.57 -32.87 32.92
CA SER D 35 12.43 -32.49 32.10
C SER D 35 12.86 -32.43 30.64
N VAL D 36 11.86 -32.43 29.76
CA VAL D 36 12.06 -32.10 28.35
C VAL D 36 11.04 -31.04 27.98
N THR D 37 11.48 -30.06 27.21
CA THR D 37 10.57 -29.09 26.59
C THR D 37 10.43 -29.42 25.11
N CYS D 38 9.23 -29.80 24.70
CA CYS D 38 8.94 -30.20 23.33
C CYS D 38 8.14 -29.11 22.64
N THR D 39 8.65 -28.62 21.52
CA THR D 39 7.93 -27.66 20.71
C THR D 39 7.71 -28.24 19.32
N PHE D 40 6.49 -28.12 18.81
CA PHE D 40 6.21 -28.34 17.41
C PHE D 40 5.46 -27.13 16.85
N SER D 41 5.64 -26.91 15.54
CA SER D 41 4.88 -25.91 14.82
C SER D 41 4.20 -26.57 13.63
N ARG D 42 2.98 -26.13 13.34
CA ARG D 42 2.30 -26.47 12.12
C ARG D 42 1.70 -25.20 11.54
N GLN D 43 1.77 -25.07 10.22
CA GLN D 43 0.85 -24.18 9.54
C GLN D 43 -0.57 -24.74 9.67
N PHE D 44 -1.52 -23.86 9.97
CA PHE D 44 -2.92 -24.23 9.96
C PHE D 44 -3.65 -23.39 8.92
N LEU D 45 -4.78 -23.93 8.45
CA LEU D 45 -5.69 -23.20 7.59
C LEU D 45 -7.11 -23.34 8.13
N ILE D 46 -7.81 -22.23 8.20
CA ILE D 46 -9.22 -22.19 8.57
C ILE D 46 -10.01 -21.76 7.34
N PRO D 47 -10.93 -22.57 6.84
CA PRO D 47 -11.53 -22.30 5.53
C PRO D 47 -12.53 -21.15 5.58
N TYR D 48 -12.81 -20.62 4.40
CA TYR D 48 -13.98 -19.76 4.23
C TYR D 48 -15.25 -20.53 4.59
N ASP D 49 -16.00 -20.00 5.54
CA ASP D 49 -17.34 -20.47 5.82
C ASP D 49 -18.35 -19.46 5.27
N PRO D 50 -19.14 -19.83 4.27
CA PRO D 50 -20.00 -18.83 3.61
C PRO D 50 -21.21 -18.44 4.44
N GLU D 51 -21.62 -19.27 5.39
CA GLU D 51 -22.77 -18.98 6.23
C GLU D 51 -22.50 -19.54 7.61
N HIS D 52 -22.30 -18.65 8.58
CA HIS D 52 -21.87 -19.02 9.93
C HIS D 52 -23.04 -19.55 10.77
N HIS D 53 -23.71 -20.56 10.23
CA HIS D 53 -24.86 -21.14 10.91
C HIS D 53 -24.43 -21.98 12.10
N TYR D 54 -25.18 -21.88 13.20
CA TYR D 54 -25.29 -22.97 14.14
C TYR D 54 -26.33 -23.95 13.65
N LYS D 55 -26.01 -25.25 13.72
CA LYS D 55 -26.92 -26.30 13.32
C LYS D 55 -27.12 -27.28 14.45
N VAL D 56 -28.34 -27.79 14.60
CA VAL D 56 -28.62 -28.91 15.47
C VAL D 56 -28.22 -30.21 14.79
N PHE D 57 -27.34 -30.97 15.43
CA PHE D 57 -26.97 -32.32 15.02
C PHE D 57 -28.00 -33.28 15.57
N SER D 58 -28.83 -33.87 14.71
CA SER D 58 -30.00 -34.63 15.14
C SER D 58 -30.27 -35.80 14.20
N PRO D 59 -29.49 -36.88 14.32
CA PRO D 59 -29.82 -38.10 13.57
C PRO D 59 -31.05 -38.78 14.15
N ALA D 60 -31.75 -39.52 13.29
CA ALA D 60 -32.82 -40.39 13.76
C ALA D 60 -32.26 -41.71 14.29
N ALA D 61 -33.08 -42.38 15.10
CA ALA D 61 -32.83 -43.75 15.54
C ALA D 61 -34.03 -44.64 15.24
N SER D 62 -33.76 -45.92 15.00
CA SER D 62 -34.77 -46.84 14.51
C SER D 62 -34.48 -48.27 14.96
N LYS D 73 -27.19 -54.62 13.65
CA LYS D 73 -27.55 -53.21 13.85
C LYS D 73 -27.67 -52.91 15.34
N VAL D 74 -26.81 -52.02 15.83
CA VAL D 74 -26.87 -51.55 17.21
C VAL D 74 -26.96 -50.02 17.18
N CYS D 75 -28.00 -49.49 17.79
CA CYS D 75 -28.09 -48.07 18.08
C CYS D 75 -27.44 -47.77 19.43
N THR D 76 -27.13 -46.49 19.66
CA THR D 76 -26.86 -46.02 21.00
C THR D 76 -28.09 -46.22 21.89
N ILE D 77 -27.87 -46.07 23.20
CA ILE D 77 -28.94 -46.33 24.16
C ILE D 77 -30.14 -45.41 23.91
N SER D 78 -29.88 -44.18 23.50
CA SER D 78 -30.90 -43.29 22.99
C SER D 78 -30.33 -42.54 21.79
N PRO D 79 -31.18 -41.96 20.94
CA PRO D 79 -30.66 -41.14 19.84
C PRO D 79 -29.86 -39.96 20.36
N ILE D 80 -28.73 -39.70 19.74
CA ILE D 80 -27.89 -38.59 20.15
C ILE D 80 -28.43 -37.30 19.54
N MET D 81 -28.18 -36.19 20.22
CA MET D 81 -28.48 -34.89 19.67
C MET D 81 -27.40 -33.92 20.13
N GLY D 82 -27.06 -32.97 19.27
CA GLY D 82 -26.05 -32.00 19.61
C GLY D 82 -26.17 -30.76 18.76
N TYR D 83 -25.13 -29.93 18.83
CA TYR D 83 -25.04 -28.72 18.03
C TYR D 83 -23.70 -28.66 17.33
N SER D 84 -23.73 -28.23 16.07
CA SER D 84 -22.55 -27.88 15.30
C SER D 84 -22.42 -26.37 15.22
N THR D 85 -21.21 -25.86 15.46
CA THR D 85 -20.98 -24.43 15.49
C THR D 85 -20.13 -24.01 14.29
N PRO D 86 -20.12 -22.71 13.94
CA PRO D 86 -19.19 -22.23 12.92
C PRO D 86 -17.75 -22.12 13.38
N TRP D 87 -17.45 -22.42 14.64
CA TRP D 87 -16.10 -22.31 15.15
C TRP D 87 -15.27 -23.55 14.83
N ARG D 88 -13.99 -23.35 14.61
CA ARG D 88 -13.01 -24.42 14.62
C ARG D 88 -12.31 -24.45 15.98
N TYR D 89 -11.62 -25.54 16.25
CA TYR D 89 -10.80 -25.65 17.44
C TYR D 89 -9.52 -26.41 17.13
N LEU D 90 -8.54 -26.26 18.01
CA LEU D 90 -7.22 -26.87 17.87
C LEU D 90 -7.15 -28.17 18.66
N ASP D 91 -6.72 -29.24 18.00
CA ASP D 91 -6.48 -30.52 18.65
C ASP D 91 -5.03 -30.95 18.41
N PHE D 92 -4.24 -31.01 19.48
CA PHE D 92 -2.85 -31.45 19.46
C PHE D 92 -2.60 -32.49 20.54
N ASN D 93 -3.65 -33.22 20.92
CA ASN D 93 -3.62 -34.18 22.02
C ASN D 93 -3.04 -35.53 21.57
N ALA D 94 -1.78 -35.51 21.15
CA ALA D 94 -1.07 -36.76 20.88
C ALA D 94 0.42 -36.59 21.11
N LEU D 95 1.01 -37.61 21.74
CA LEU D 95 2.41 -37.53 22.16
C LEU D 95 3.36 -37.37 20.98
N ASN D 96 3.15 -38.14 19.90
CA ASN D 96 4.01 -38.11 18.72
C ASN D 96 4.06 -36.76 18.02
N LEU D 97 3.14 -35.84 18.32
CA LEU D 97 3.30 -34.48 17.81
C LEU D 97 4.48 -33.78 18.47
N PHE D 98 4.71 -34.06 19.75
CA PHE D 98 5.72 -33.35 20.51
C PHE D 98 7.13 -33.92 20.31
N PHE D 99 7.25 -35.22 20.03
CA PHE D 99 8.54 -35.85 19.81
C PHE D 99 8.66 -36.31 18.37
N SER D 100 9.74 -35.91 17.70
CA SER D 100 10.22 -36.66 16.55
C SER D 100 10.52 -38.10 16.96
N PRO D 101 10.55 -39.03 16.00
CA PRO D 101 10.94 -40.42 16.32
C PRO D 101 12.28 -40.53 17.03
N LEU D 102 13.27 -39.73 16.64
CA LEU D 102 14.54 -39.71 17.36
C LEU D 102 14.38 -39.25 18.80
N GLU D 103 13.67 -38.15 19.01
CA GLU D 103 13.49 -37.60 20.35
C GLU D 103 12.73 -38.56 21.26
N PHE D 104 11.73 -39.27 20.72
CA PHE D 104 11.04 -40.29 21.53
C PHE D 104 11.95 -41.45 21.89
N GLN D 105 12.75 -41.93 20.95
CA GLN D 105 13.81 -42.88 21.29
C GLN D 105 14.69 -42.37 22.43
N HIS D 106 15.14 -41.12 22.33
CA HIS D 106 15.96 -40.53 23.38
C HIS D 106 15.24 -40.47 24.72
N LEU D 107 13.96 -40.09 24.72
CA LEU D 107 13.14 -40.11 25.92
C LEU D 107 13.12 -41.49 26.59
N ILE D 108 12.72 -42.52 25.84
CA ILE D 108 12.58 -43.86 26.42
C ILE D 108 13.91 -44.53 26.70
N GLU D 109 14.99 -44.13 26.03
CA GLU D 109 16.31 -44.66 26.34
C GLU D 109 16.92 -44.10 27.61
N ASN D 110 16.55 -42.89 28.02
CA ASN D 110 17.33 -42.16 29.00
C ASN D 110 16.59 -41.79 30.28
N TYR D 111 15.30 -42.07 30.39
CA TYR D 111 14.49 -41.58 31.49
C TYR D 111 13.59 -42.69 32.01
N GLY D 112 13.36 -42.68 33.32
CA GLY D 112 12.56 -43.70 33.96
C GLY D 112 11.07 -43.44 33.98
N SER D 113 10.65 -42.17 33.85
CA SER D 113 9.23 -41.86 33.85
C SER D 113 9.00 -40.53 33.17
N ILE D 114 7.75 -40.30 32.78
CA ILE D 114 7.32 -39.06 32.15
C ILE D 114 5.97 -38.64 32.71
N ALA D 115 5.82 -37.33 32.94
CA ALA D 115 4.53 -36.74 33.27
C ALA D 115 4.39 -35.41 32.55
N PRO D 116 3.17 -35.03 32.17
CA PRO D 116 2.95 -33.69 31.63
C PRO D 116 3.13 -32.64 32.71
N ASP D 117 3.74 -31.51 32.34
CA ASP D 117 4.00 -30.43 33.29
C ASP D 117 3.32 -29.13 32.89
N ALA D 118 3.60 -28.61 31.70
CA ALA D 118 3.06 -27.32 31.29
C ALA D 118 2.88 -27.31 29.78
N LEU D 119 1.97 -26.45 29.33
CA LEU D 119 1.65 -26.31 27.92
C LEU D 119 1.58 -24.84 27.57
N THR D 120 2.16 -24.47 26.42
CA THR D 120 1.94 -23.17 25.80
C THR D 120 1.51 -23.38 24.35
N VAL D 121 0.44 -22.74 23.94
CA VAL D 121 0.01 -22.68 22.55
C VAL D 121 0.16 -21.25 22.07
N THR D 122 0.93 -21.06 21.01
CA THR D 122 1.05 -19.76 20.36
C THR D 122 0.48 -19.86 18.94
N ILE D 123 -0.47 -18.99 18.63
CA ILE D 123 -0.89 -18.77 17.25
C ILE D 123 -0.15 -17.54 16.75
N SER D 124 0.58 -17.69 15.66
CA SER D 124 1.36 -16.59 15.10
C SER D 124 1.28 -16.61 13.58
N GLU D 125 1.79 -15.53 12.97
CA GLU D 125 1.79 -15.37 11.52
C GLU D 125 0.38 -15.48 10.94
N ILE D 126 -0.62 -15.04 11.71
CA ILE D 126 -1.98 -15.05 11.22
C ILE D 126 -2.04 -14.25 9.93
N ALA D 127 -2.68 -14.82 8.92
CA ALA D 127 -3.08 -14.07 7.73
C ALA D 127 -4.53 -14.38 7.44
N VAL D 128 -5.39 -13.38 7.57
CA VAL D 128 -6.72 -13.47 6.96
C VAL D 128 -6.56 -13.07 5.51
N LYS D 129 -6.91 -13.97 4.61
CA LYS D 129 -6.64 -13.80 3.19
C LYS D 129 -7.95 -13.61 2.44
N ASP D 130 -8.08 -12.46 1.78
CA ASP D 130 -9.14 -12.25 0.80
C ASP D 130 -8.93 -13.13 -0.44
N VAL D 131 -10.04 -13.55 -1.03
CA VAL D 131 -10.04 -14.28 -2.29
C VAL D 131 -10.88 -13.50 -3.29
N THR D 132 -10.43 -13.48 -4.54
CA THR D 132 -11.19 -12.88 -5.63
C THR D 132 -10.87 -13.62 -6.92
N ASP D 133 -11.65 -13.32 -7.96
CA ASP D 133 -11.43 -13.91 -9.27
C ASP D 133 -10.10 -13.48 -9.85
N LYS D 134 -9.37 -14.44 -10.41
CA LYS D 134 -8.15 -14.19 -11.15
C LYS D 134 -8.45 -13.87 -12.61
N THR D 135 -7.60 -13.05 -13.22
CA THR D 135 -7.63 -12.84 -14.66
C THR D 135 -7.45 -14.17 -15.38
N GLY D 136 -8.31 -14.43 -16.37
CA GLY D 136 -8.25 -15.69 -17.08
C GLY D 136 -8.84 -16.86 -16.34
N GLY D 137 -9.56 -16.63 -15.26
CA GLY D 137 -10.23 -17.68 -14.53
C GLY D 137 -9.42 -18.21 -13.36
N GLY D 138 -10.11 -18.95 -12.51
CA GLY D 138 -9.61 -19.30 -11.20
C GLY D 138 -9.75 -18.16 -10.23
N VAL D 139 -9.07 -18.29 -9.09
CA VAL D 139 -9.11 -17.31 -8.02
C VAL D 139 -7.69 -16.88 -7.68
N GLN D 140 -7.58 -15.69 -7.10
CA GLN D 140 -6.33 -15.20 -6.55
C GLN D 140 -6.54 -14.69 -5.14
N VAL D 141 -5.48 -14.74 -4.35
CA VAL D 141 -5.53 -14.51 -2.90
C VAL D 141 -4.70 -13.28 -2.57
N THR D 142 -5.21 -12.45 -1.66
CA THR D 142 -4.47 -11.31 -1.14
C THR D 142 -4.62 -11.22 0.36
N ASP D 143 -3.58 -10.74 1.02
CA ASP D 143 -3.61 -10.52 2.46
C ASP D 143 -4.52 -9.37 2.85
N SER D 144 -5.30 -9.58 3.90
CA SER D 144 -6.32 -8.63 4.34
C SER D 144 -5.85 -7.90 5.59
N THR D 145 -5.90 -6.57 5.55
CA THR D 145 -5.61 -5.78 6.75
C THR D 145 -6.83 -5.62 7.65
N THR D 146 -8.04 -5.80 7.12
CA THR D 146 -9.26 -5.70 7.91
C THR D 146 -9.84 -7.04 8.31
N GLY D 147 -9.47 -8.13 7.65
CA GLY D 147 -9.90 -9.44 8.10
C GLY D 147 -9.41 -9.73 9.51
N ARG D 148 -10.24 -10.43 10.28
CA ARG D 148 -9.92 -10.79 11.65
C ARG D 148 -10.13 -12.28 11.88
N LEU D 149 -9.16 -12.91 12.52
CA LEU D 149 -9.32 -14.24 13.10
C LEU D 149 -9.81 -14.14 14.53
N CYS D 150 -10.99 -14.66 14.79
CA CYS D 150 -11.51 -14.80 16.15
C CYS D 150 -10.75 -15.92 16.87
N MET D 151 -10.16 -15.61 18.01
CA MET D 151 -9.62 -16.63 18.92
C MET D 151 -10.34 -16.56 20.25
N LEU D 152 -10.96 -17.67 20.64
CA LEU D 152 -11.58 -17.82 21.96
C LEU D 152 -10.85 -18.94 22.68
N VAL D 153 -10.23 -18.61 23.80
CA VAL D 153 -9.61 -19.60 24.68
C VAL D 153 -10.52 -19.79 25.88
N ASP D 154 -11.01 -21.02 26.05
CA ASP D 154 -12.03 -21.33 27.06
C ASP D 154 -11.37 -21.83 28.35
N HIS D 155 -10.63 -20.92 28.99
CA HIS D 155 -10.01 -21.24 30.28
C HIS D 155 -11.04 -21.66 31.32
N GLU D 156 -12.25 -21.13 31.23
CA GLU D 156 -13.29 -21.42 32.21
C GLU D 156 -13.98 -22.76 32.01
N TYR D 157 -13.71 -23.44 30.89
CA TYR D 157 -14.44 -24.66 30.52
C TYR D 157 -15.94 -24.40 30.48
N LYS D 158 -16.33 -23.23 29.97
CA LYS D 158 -17.73 -22.93 29.75
C LYS D 158 -18.35 -23.90 28.77
N TYR D 159 -17.65 -24.19 27.68
CA TYR D 159 -18.12 -24.88 26.51
C TYR D 159 -17.79 -26.36 26.57
N PRO D 160 -18.72 -27.20 26.13
CA PRO D 160 -18.49 -28.65 26.14
C PRO D 160 -17.13 -29.07 25.61
N TYR D 161 -16.43 -29.84 26.43
CA TYR D 161 -15.06 -30.24 26.11
C TYR D 161 -15.09 -31.50 25.24
N VAL D 162 -14.60 -31.39 24.02
CA VAL D 162 -14.64 -32.49 23.06
C VAL D 162 -13.26 -33.07 22.76
N LEU D 163 -12.20 -32.45 23.26
CA LEU D 163 -10.85 -33.00 23.10
C LEU D 163 -10.67 -34.28 23.91
N GLY D 164 -9.75 -35.12 23.45
CA GLY D 164 -9.37 -36.32 24.17
C GLY D 164 -10.42 -37.42 24.11
N GLN D 165 -10.89 -37.68 22.90
CA GLN D 165 -11.94 -38.65 22.62
C GLN D 165 -11.51 -39.63 21.54
N GLY D 166 -10.22 -39.69 21.21
CA GLY D 166 -9.72 -40.57 20.16
C GLY D 166 -10.18 -40.24 18.76
N GLN D 167 -10.65 -39.02 18.54
CA GLN D 167 -11.20 -38.62 17.25
C GLN D 167 -10.10 -38.23 16.27
N ASP D 168 -10.40 -38.38 14.98
CA ASP D 168 -9.46 -38.10 13.89
C ASP D 168 -9.34 -36.59 13.59
N THR D 169 -8.84 -35.87 14.57
CA THR D 169 -8.90 -34.41 14.60
C THR D 169 -7.53 -33.78 14.87
N LEU D 170 -6.51 -34.60 15.11
CA LEU D 170 -5.20 -34.15 15.54
C LEU D 170 -4.49 -33.30 14.49
N ALA D 171 -3.59 -32.44 14.97
CA ALA D 171 -2.55 -31.82 14.16
C ALA D 171 -1.78 -32.86 13.36
N PRO D 172 -1.30 -32.50 12.17
CA PRO D 172 -0.55 -33.45 11.34
C PRO D 172 0.72 -33.95 12.04
N GLU D 173 1.01 -35.23 11.81
CA GLU D 173 2.15 -35.87 12.44
C GLU D 173 3.48 -35.32 11.91
N LEU D 174 3.53 -34.95 10.64
CA LEU D 174 4.74 -34.34 10.08
C LEU D 174 4.65 -32.82 10.11
N PRO D 175 5.78 -32.15 10.35
CA PRO D 175 5.80 -30.68 10.32
C PRO D 175 5.64 -30.08 8.94
N ILE D 176 5.72 -30.89 7.87
CA ILE D 176 5.54 -30.40 6.51
C ILE D 176 4.08 -30.36 6.08
N TRP D 177 3.14 -30.68 6.95
CA TRP D 177 1.73 -30.78 6.58
C TRP D 177 0.92 -29.69 7.29
N VAL D 178 -0.05 -29.13 6.56
CA VAL D 178 -0.90 -28.07 7.09
C VAL D 178 -2.02 -28.67 7.93
N TYR D 179 -2.14 -28.18 9.17
CA TYR D 179 -3.27 -28.53 10.02
C TYR D 179 -4.55 -27.87 9.53
N PHE D 180 -5.60 -28.67 9.32
CA PHE D 180 -6.96 -28.17 9.11
C PHE D 180 -7.79 -28.42 10.36
N PRO D 181 -7.83 -27.47 11.29
CA PRO D 181 -8.48 -27.71 12.58
C PRO D 181 -9.95 -28.09 12.44
N PRO D 182 -10.41 -29.03 13.27
CA PRO D 182 -11.77 -29.55 13.15
C PRO D 182 -12.83 -28.50 13.46
N GLN D 183 -14.00 -28.66 12.83
CA GLN D 183 -15.18 -27.90 13.21
C GLN D 183 -15.65 -28.30 14.60
N TYR D 184 -15.90 -27.31 15.45
CA TYR D 184 -16.40 -27.54 16.79
C TYR D 184 -17.87 -27.94 16.78
N ALA D 185 -18.16 -29.12 17.33
CA ALA D 185 -19.51 -29.63 17.47
C ALA D 185 -19.54 -30.53 18.70
N TYR D 186 -20.69 -30.58 19.36
CA TYR D 186 -20.79 -31.28 20.63
C TYR D 186 -22.19 -31.84 20.80
N LEU D 187 -22.29 -32.88 21.62
CA LEU D 187 -23.55 -33.53 21.95
C LEU D 187 -24.08 -33.03 23.29
N THR D 188 -25.41 -32.98 23.41
CA THR D 188 -26.04 -32.54 24.63
C THR D 188 -27.22 -33.46 24.95
N VAL D 189 -27.66 -33.39 26.22
CA VAL D 189 -28.85 -34.13 26.64
C VAL D 189 -30.11 -33.58 25.97
N GLY D 190 -31.16 -34.38 25.99
CA GLY D 190 -32.44 -33.98 25.43
C GLY D 190 -33.50 -35.01 25.72
N ASP D 191 -34.68 -34.78 25.15
CA ASP D 191 -35.83 -35.67 25.32
C ASP D 191 -36.06 -36.51 24.08
N VAL D 192 -36.22 -37.83 24.29
CA VAL D 192 -36.52 -38.77 23.22
C VAL D 192 -37.99 -38.65 22.84
N ASN D 193 -38.26 -38.21 21.62
CA ASN D 193 -39.62 -38.03 21.11
C ASN D 193 -39.90 -39.08 20.03
N THR D 194 -40.98 -39.82 20.21
CA THR D 194 -41.39 -40.82 19.22
C THR D 194 -41.85 -40.15 17.94
N GLN D 195 -41.34 -40.61 16.80
CA GLN D 195 -41.64 -40.00 15.51
C GLN D 195 -42.96 -40.55 14.96
N GLY D 196 -44.05 -40.14 15.60
CA GLY D 196 -45.39 -40.53 15.16
C GLY D 196 -45.66 -42.01 15.26
N ILE D 197 -46.38 -42.53 14.25
CA ILE D 197 -46.75 -43.93 14.20
C ILE D 197 -45.53 -44.83 14.03
N SER D 198 -44.45 -44.32 13.45
CA SER D 198 -43.33 -45.16 13.06
C SER D 198 -42.68 -45.87 14.24
N GLY D 199 -42.77 -45.29 15.43
CA GLY D 199 -42.05 -45.78 16.59
C GLY D 199 -40.56 -45.51 16.57
N ASP D 200 -40.02 -44.99 15.47
CA ASP D 200 -38.66 -44.48 15.46
C ASP D 200 -38.56 -43.24 16.34
N SER D 201 -37.34 -42.95 16.81
CA SER D 201 -37.16 -41.95 17.84
C SER D 201 -36.07 -40.96 17.45
N LYS D 202 -36.27 -39.72 17.87
CA LYS D 202 -35.27 -38.68 17.84
C LYS D 202 -35.18 -38.04 19.21
N LYS D 203 -33.99 -37.58 19.56
CA LYS D 203 -33.80 -36.76 20.75
C LYS D 203 -34.04 -35.30 20.38
N LEU D 204 -35.15 -34.75 20.89
CA LEU D 204 -35.45 -33.34 20.75
C LEU D 204 -34.80 -32.56 21.89
N ALA D 205 -34.50 -31.29 21.63
CA ALA D 205 -34.02 -30.41 22.68
C ALA D 205 -35.04 -30.29 23.82
N SER D 206 -34.53 -30.22 25.03
CA SER D 206 -35.30 -30.03 26.25
C SER D 206 -34.68 -28.91 27.05
N GLU D 207 -35.35 -28.54 28.15
CA GLU D 207 -34.84 -27.44 29.00
C GLU D 207 -33.40 -27.67 29.43
N GLU D 208 -33.00 -28.93 29.63
CA GLU D 208 -31.63 -29.24 29.99
C GLU D 208 -30.65 -29.13 28.82
N SER D 209 -31.14 -29.26 27.59
CA SER D 209 -30.27 -29.20 26.42
C SER D 209 -29.53 -27.87 26.38
N ALA D 210 -28.20 -27.94 26.37
CA ALA D 210 -27.35 -26.76 26.41
C ALA D 210 -27.02 -26.30 24.99
N PHE D 211 -27.58 -25.16 24.59
CA PHE D 211 -27.26 -24.51 23.33
C PHE D 211 -26.27 -23.38 23.60
N TYR D 212 -25.05 -23.55 23.15
CA TYR D 212 -23.96 -22.60 23.37
C TYR D 212 -23.72 -21.76 22.13
N VAL D 213 -23.74 -20.44 22.29
CA VAL D 213 -23.40 -19.51 21.22
C VAL D 213 -22.10 -18.81 21.63
N LEU D 214 -21.00 -19.22 20.99
CA LEU D 214 -19.67 -18.72 21.35
C LEU D 214 -19.52 -17.23 21.08
N GLU D 215 -20.23 -16.69 20.07
CA GLU D 215 -20.28 -15.26 19.84
C GLU D 215 -20.92 -14.47 20.97
N HIS D 216 -21.62 -15.11 21.91
CA HIS D 216 -22.12 -14.35 23.04
C HIS D 216 -21.07 -14.07 24.11
N SER D 217 -19.90 -14.69 24.03
CA SER D 217 -18.80 -14.37 24.93
C SER D 217 -17.86 -13.36 24.29
N SER D 218 -16.95 -12.83 25.11
CA SER D 218 -15.83 -12.04 24.61
C SER D 218 -14.70 -12.93 24.09
N PHE D 219 -14.17 -12.55 22.94
CA PHE D 219 -13.02 -13.21 22.33
C PHE D 219 -12.18 -12.19 21.59
N GLN D 220 -10.95 -12.58 21.28
CA GLN D 220 -9.99 -11.70 20.62
C GLN D 220 -10.20 -11.65 19.12
N LEU D 221 -10.11 -10.46 18.55
CA LEU D 221 -10.05 -10.27 17.10
C LEU D 221 -8.61 -9.97 16.70
N LEU D 222 -8.03 -10.88 15.92
CA LEU D 222 -6.63 -10.83 15.54
C LEU D 222 -6.52 -10.48 14.06
N GLY D 223 -5.79 -9.41 13.75
CA GLY D 223 -5.51 -9.05 12.39
C GLY D 223 -4.39 -9.89 11.78
N THR D 224 -4.18 -9.68 10.48
CA THR D 224 -3.04 -10.28 9.78
C THR D 224 -1.72 -9.86 10.40
N GLY D 225 -0.83 -10.84 10.60
CA GLY D 225 0.37 -10.66 11.38
C GLY D 225 0.15 -10.74 12.87
N GLY D 226 -1.09 -10.93 13.31
CA GLY D 226 -1.38 -11.01 14.72
C GLY D 226 -0.82 -12.27 15.36
N THR D 227 -0.52 -12.15 16.64
CA THR D 227 -0.08 -13.26 17.47
C THR D 227 -0.93 -13.28 18.73
N ALA D 228 -1.28 -14.48 19.20
CA ALA D 228 -1.84 -14.64 20.52
C ALA D 228 -1.35 -15.95 21.13
N THR D 229 -1.25 -15.97 22.46
CA THR D 229 -0.66 -17.09 23.18
C THR D 229 -1.58 -17.54 24.31
N MET D 230 -1.77 -18.85 24.40
CA MET D 230 -2.41 -19.53 25.52
C MET D 230 -1.33 -20.22 26.34
N SER D 231 -1.47 -20.19 27.67
CA SER D 231 -0.61 -20.98 28.53
C SER D 231 -1.42 -21.77 29.55
N TYR D 232 -0.98 -22.98 29.84
CA TYR D 232 -1.66 -23.91 30.73
C TYR D 232 -0.64 -24.68 31.55
N LYS D 233 -0.91 -24.84 32.84
CA LYS D 233 -0.14 -25.75 33.68
C LYS D 233 -0.96 -26.99 33.99
N PHE D 234 -0.36 -28.16 33.77
CA PHE D 234 -0.98 -29.40 34.18
C PHE D 234 -1.02 -29.50 35.70
N PRO D 235 -2.06 -30.12 36.25
CA PRO D 235 -2.05 -30.50 37.67
C PRO D 235 -0.97 -31.53 37.92
N PRO D 236 -0.61 -31.78 39.18
CA PRO D 236 0.25 -32.93 39.47
C PRO D 236 -0.48 -34.23 39.14
N VAL D 237 0.20 -35.08 38.37
CA VAL D 237 -0.35 -36.36 37.95
C VAL D 237 0.68 -37.46 38.14
N PRO D 238 0.29 -38.72 38.32
CA PRO D 238 1.27 -39.78 38.43
C PRO D 238 2.05 -39.92 37.13
N PRO D 239 3.39 -39.98 37.20
CA PRO D 239 4.16 -40.22 35.99
C PRO D 239 3.92 -41.63 35.46
N GLU D 240 3.96 -41.75 34.14
CA GLU D 240 4.04 -43.05 33.50
C GLU D 240 5.42 -43.65 33.71
N ASN D 241 5.47 -44.86 34.27
CA ASN D 241 6.73 -45.59 34.41
C ASN D 241 7.20 -46.10 33.05
N LEU D 242 8.39 -45.68 32.63
CA LEU D 242 8.99 -46.11 31.38
C LEU D 242 9.82 -47.39 31.51
N GLU D 243 9.95 -47.94 32.70
CA GLU D 243 10.76 -49.14 32.93
C GLU D 243 9.88 -50.30 33.37
N GLY D 244 10.18 -51.49 32.84
CA GLY D 244 9.42 -52.68 33.16
C GLY D 244 9.96 -53.47 34.35
N CYS D 245 9.42 -54.68 34.48
CA CYS D 245 9.71 -55.57 35.61
C CYS D 245 10.44 -56.83 35.15
N SER D 246 11.47 -57.22 35.89
CA SER D 246 12.19 -58.47 35.65
C SER D 246 11.68 -59.63 36.49
N GLN D 247 10.58 -59.45 37.23
CA GLN D 247 10.00 -60.52 38.03
C GLN D 247 8.49 -60.53 37.89
N HIS D 248 7.92 -61.72 38.03
CA HIS D 248 6.49 -61.88 38.30
C HIS D 248 6.20 -61.67 39.77
N PHE D 249 5.21 -60.81 40.08
CA PHE D 249 4.92 -60.49 41.46
C PHE D 249 4.50 -61.71 42.26
N TYR D 250 3.88 -62.69 41.60
CA TYR D 250 3.51 -63.96 42.20
C TYR D 250 4.66 -64.95 42.29
N GLU D 251 5.86 -64.58 41.83
CA GLU D 251 7.05 -65.42 41.94
C GLU D 251 8.17 -64.74 42.71
N MET D 252 7.82 -63.95 43.71
CA MET D 252 8.81 -63.23 44.52
C MET D 252 9.38 -64.05 45.68
N TYR D 253 8.92 -65.28 45.86
CA TYR D 253 9.43 -66.16 46.90
C TYR D 253 10.80 -66.73 46.53
N ASN D 254 11.50 -67.24 47.54
CA ASN D 254 12.74 -67.97 47.33
C ASN D 254 12.44 -69.38 46.81
N PRO D 255 12.89 -69.73 45.60
CA PRO D 255 12.53 -71.02 45.02
C PRO D 255 13.14 -72.23 45.72
N LEU D 256 14.13 -72.04 46.59
CA LEU D 256 14.79 -73.18 47.23
C LEU D 256 14.04 -73.72 48.45
N TYR D 257 13.07 -73.00 48.98
CA TYR D 257 12.48 -73.38 50.25
C TYR D 257 10.97 -73.60 50.11
N GLY D 258 10.47 -74.53 50.93
CA GLY D 258 9.04 -74.68 51.10
C GLY D 258 8.45 -73.64 52.03
N SER D 259 7.14 -73.47 51.92
CA SER D 259 6.40 -72.60 52.83
C SER D 259 6.33 -73.17 54.23
N ARG D 260 6.42 -72.30 55.23
CA ARG D 260 6.02 -72.62 56.59
C ARG D 260 4.50 -72.71 56.74
N LEU D 261 3.75 -72.37 55.70
CA LEU D 261 2.29 -72.39 55.73
C LEU D 261 1.78 -73.66 55.07
N GLY D 262 0.88 -74.37 55.76
CA GLY D 262 0.17 -75.45 55.14
C GLY D 262 -1.03 -74.99 54.33
N VAL D 263 -1.48 -75.87 53.44
CA VAL D 263 -2.67 -75.63 52.63
C VAL D 263 -3.58 -76.85 52.74
N PRO D 264 -4.87 -76.69 52.42
CA PRO D 264 -5.78 -77.84 52.47
C PRO D 264 -5.29 -79.01 51.64
N ASP D 265 -5.45 -80.21 52.20
CA ASP D 265 -5.12 -81.47 51.54
C ASP D 265 -6.33 -82.38 51.46
N THR D 266 -7.04 -82.58 52.56
CA THR D 266 -8.29 -83.34 52.60
C THR D 266 -9.41 -82.36 52.90
N LEU D 267 -10.45 -82.37 52.08
CA LEU D 267 -11.54 -81.41 52.19
C LEU D 267 -12.70 -81.99 53.00
N GLY D 268 -13.76 -81.20 53.11
CA GLY D 268 -14.91 -81.53 53.91
C GLY D 268 -14.98 -80.70 55.18
N GLY D 269 -15.84 -81.15 56.10
CA GLY D 269 -16.04 -80.42 57.34
C GLY D 269 -14.87 -80.48 58.30
N ASP D 270 -14.10 -81.56 58.25
CA ASP D 270 -12.90 -81.71 59.07
C ASP D 270 -11.67 -81.76 58.18
N PRO D 271 -11.26 -80.62 57.61
CA PRO D 271 -10.17 -80.64 56.63
C PRO D 271 -8.82 -80.92 57.28
N LYS D 272 -7.99 -81.68 56.58
CA LYS D 272 -6.60 -81.88 56.95
C LYS D 272 -5.72 -81.04 56.05
N PHE D 273 -4.79 -80.32 56.66
CA PHE D 273 -3.83 -79.49 55.95
C PHE D 273 -2.51 -80.22 55.75
N ARG D 274 -1.81 -79.82 54.70
CA ARG D 274 -0.52 -80.36 54.33
C ARG D 274 0.50 -79.24 54.20
N SER D 275 1.70 -79.48 54.72
CA SER D 275 2.81 -78.56 54.52
C SER D 275 3.29 -78.58 53.08
N LEU D 276 3.64 -77.41 52.56
CA LEU D 276 4.11 -77.28 51.19
C LEU D 276 5.57 -77.65 51.05
N THR D 277 5.89 -78.31 49.95
CA THR D 277 7.28 -78.57 49.60
C THR D 277 7.90 -77.35 48.93
N HIS D 278 9.21 -77.42 48.68
CA HIS D 278 9.88 -76.47 47.80
C HIS D 278 9.58 -76.70 46.31
N GLU D 279 8.69 -77.63 45.95
CA GLU D 279 8.45 -77.94 44.54
C GLU D 279 7.00 -77.85 44.07
N ASP D 280 6.01 -77.80 44.97
CA ASP D 280 4.64 -77.47 44.58
C ASP D 280 4.45 -75.95 44.45
N HIS D 281 5.22 -75.38 43.51
CA HIS D 281 5.24 -73.93 43.30
C HIS D 281 3.87 -73.36 42.95
N ALA D 282 3.02 -74.13 42.25
CA ALA D 282 1.73 -73.62 41.82
C ALA D 282 0.81 -73.26 42.98
N ILE D 283 1.03 -73.82 44.16
CA ILE D 283 0.16 -73.56 45.30
C ILE D 283 0.88 -72.76 46.39
N GLN D 284 1.94 -72.05 46.01
CA GLN D 284 2.54 -71.00 46.82
C GLN D 284 1.51 -69.97 47.29
N PRO D 285 1.36 -69.76 48.59
CA PRO D 285 0.51 -68.67 49.08
C PRO D 285 1.02 -67.31 48.62
N GLN D 286 0.09 -66.38 48.42
CA GLN D 286 0.40 -65.06 47.89
C GLN D 286 0.00 -63.99 48.88
N ASN D 287 0.82 -62.94 48.97
CA ASN D 287 0.46 -61.80 49.82
C ASN D 287 -0.47 -60.83 49.12
N PHE D 288 -0.38 -60.73 47.80
CA PHE D 288 -1.13 -59.74 47.04
C PHE D 288 -1.90 -60.43 45.92
N MET D 289 -3.06 -59.96 45.68
CA MET D 289 -3.91 -60.46 44.62
C MET D 289 -3.58 -59.78 43.30
N PRO D 290 -3.86 -60.43 42.18
CA PRO D 290 -3.81 -59.74 40.89
C PRO D 290 -4.96 -58.76 40.72
N GLY D 291 -4.79 -57.85 39.76
CA GLY D 291 -5.75 -56.81 39.49
C GLY D 291 -7.06 -57.27 38.85
N PRO D 292 -8.02 -56.35 38.78
CA PRO D 292 -9.30 -56.66 38.15
C PRO D 292 -9.18 -56.88 36.65
N LEU D 293 -9.96 -57.82 36.14
CA LEU D 293 -10.11 -58.03 34.70
C LEU D 293 -11.60 -58.07 34.38
N VAL D 294 -12.00 -57.36 33.34
CA VAL D 294 -13.39 -57.29 32.92
C VAL D 294 -13.47 -57.65 31.44
N ASN D 295 -14.10 -58.80 31.15
CA ASN D 295 -14.23 -59.34 29.79
C ASN D 295 -12.92 -59.31 29.01
N SER D 296 -11.81 -59.57 29.70
CA SER D 296 -10.48 -59.42 29.10
C SER D 296 -10.13 -60.63 28.24
N VAL D 297 -10.98 -60.90 27.25
CA VAL D 297 -10.85 -62.08 26.42
C VAL D 297 -10.28 -61.69 25.06
N SER D 298 -9.66 -62.65 24.39
CA SER D 298 -9.18 -62.43 23.03
C SER D 298 -10.33 -62.39 22.03
N THR D 299 -10.01 -61.88 20.84
CA THR D 299 -10.96 -61.84 19.74
C THR D 299 -11.49 -63.23 19.37
N LYS D 300 -10.69 -64.28 19.60
CA LYS D 300 -11.17 -65.64 19.36
C LYS D 300 -12.21 -66.07 20.39
N GLU D 301 -12.09 -65.60 21.63
CA GLU D 301 -12.96 -66.06 22.70
C GLU D 301 -14.04 -65.05 23.08
N GLY D 302 -13.99 -63.85 22.54
CA GLY D 302 -15.06 -62.89 22.69
C GLY D 302 -16.21 -63.14 21.73
N ALA D 312 -21.96 -55.64 13.80
CA ALA D 312 -22.62 -55.35 15.07
C ALA D 312 -21.60 -55.00 16.15
N LEU D 313 -22.08 -54.48 17.27
CA LEU D 313 -21.21 -54.11 18.38
C LEU D 313 -20.76 -55.36 19.12
N THR D 314 -19.49 -55.71 18.97
CA THR D 314 -18.86 -56.74 19.78
C THR D 314 -18.14 -56.12 20.98
N GLY D 315 -17.70 -56.99 21.89
CA GLY D 315 -16.91 -56.58 23.02
C GLY D 315 -17.72 -55.97 24.15
N LEU D 316 -16.98 -55.53 25.17
CA LEU D 316 -17.57 -55.01 26.39
C LEU D 316 -18.46 -53.81 26.11
N SER D 317 -19.70 -53.86 26.58
CA SER D 317 -20.69 -52.86 26.22
C SER D 317 -21.79 -52.87 27.27
N THR D 318 -22.50 -51.76 27.35
CA THR D 318 -23.54 -51.57 28.34
C THR D 318 -24.71 -50.82 27.73
N GLY D 319 -25.91 -51.18 28.14
CA GLY D 319 -27.10 -50.55 27.61
C GLY D 319 -28.34 -51.24 28.12
N THR D 320 -29.48 -50.87 27.53
CA THR D 320 -30.78 -51.37 27.94
C THR D 320 -31.20 -52.63 27.20
N SER D 321 -30.55 -52.94 26.08
CA SER D 321 -30.85 -54.16 25.33
C SER D 321 -29.68 -54.43 24.39
N GLN D 322 -29.73 -55.61 23.75
CA GLN D 322 -28.71 -55.96 22.76
C GLN D 322 -28.64 -54.99 21.60
N ASN D 323 -29.76 -54.35 21.25
CA ASN D 323 -29.79 -53.40 20.16
C ASN D 323 -29.47 -51.96 20.57
N THR D 324 -29.42 -51.66 21.86
CA THR D 324 -29.33 -50.28 22.36
C THR D 324 -28.19 -50.19 23.36
N ARG D 325 -26.96 -50.11 22.84
CA ARG D 325 -25.75 -50.27 23.63
C ARG D 325 -24.73 -49.24 23.16
N ILE D 326 -23.81 -48.91 24.06
CA ILE D 326 -22.57 -48.24 23.68
C ILE D 326 -21.41 -49.20 23.90
N SER D 327 -20.37 -49.06 23.07
CA SER D 327 -19.10 -49.71 23.33
C SER D 327 -18.44 -49.14 24.58
N LEU D 328 -17.86 -50.03 25.39
CA LEU D 328 -16.96 -49.63 26.46
C LEU D 328 -15.49 -49.90 26.13
N ARG D 329 -15.17 -50.19 24.87
CA ARG D 329 -13.77 -50.27 24.46
C ARG D 329 -13.03 -48.98 24.80
N PRO D 330 -11.71 -49.06 25.08
CA PRO D 330 -10.88 -50.26 25.19
C PRO D 330 -11.04 -51.00 26.52
N GLY D 331 -11.96 -50.57 27.37
CA GLY D 331 -12.03 -51.08 28.71
C GLY D 331 -11.01 -50.47 29.64
N PRO D 332 -11.04 -50.86 30.92
CA PRO D 332 -10.15 -50.27 31.92
C PRO D 332 -8.67 -50.35 31.52
N VAL D 333 -7.92 -49.31 31.89
CA VAL D 333 -6.48 -49.30 31.66
C VAL D 333 -5.77 -50.42 32.41
N SER D 334 -6.42 -51.01 33.41
CA SER D 334 -5.85 -52.08 34.21
C SER D 334 -5.86 -53.43 33.51
N GLN D 335 -6.16 -53.48 32.22
CA GLN D 335 -6.10 -54.72 31.49
C GLN D 335 -5.59 -54.48 30.08
N PRO D 336 -4.80 -55.40 29.53
CA PRO D 336 -4.35 -55.28 28.15
C PRO D 336 -5.45 -55.65 27.18
N TYR D 337 -5.27 -55.19 25.94
CA TYR D 337 -6.03 -55.70 24.82
C TYR D 337 -5.17 -56.21 23.67
N HIS D 338 -3.85 -56.23 23.82
CA HIS D 338 -2.97 -56.86 22.85
C HIS D 338 -1.64 -57.15 23.51
N HIS D 339 -1.12 -58.36 23.28
CA HIS D 339 0.27 -58.65 23.65
C HIS D 339 0.76 -59.84 22.86
N TRP D 340 2.08 -59.93 22.74
CA TRP D 340 2.75 -61.18 22.44
C TRP D 340 2.58 -62.16 23.59
N ASP D 341 1.73 -63.15 23.41
CA ASP D 341 1.82 -64.35 24.22
C ASP D 341 2.88 -65.28 23.63
N THR D 342 3.26 -66.30 24.42
CA THR D 342 4.59 -66.89 24.31
C THR D 342 4.98 -67.25 22.89
N ASP D 343 4.01 -67.61 22.04
CA ASP D 343 4.29 -67.98 20.66
C ASP D 343 3.35 -67.32 19.66
N LYS D 344 2.61 -66.29 20.07
CA LYS D 344 1.44 -65.84 19.34
C LYS D 344 1.09 -64.43 19.80
N TYR D 345 0.76 -63.56 18.84
CA TYR D 345 0.09 -62.32 19.20
C TYR D 345 -1.37 -62.59 19.53
N VAL D 346 -1.79 -62.16 20.72
CA VAL D 346 -3.16 -62.24 21.17
C VAL D 346 -3.75 -60.84 21.21
N THR D 347 -4.92 -60.66 20.60
CA THR D 347 -5.59 -59.37 20.58
C THR D 347 -6.96 -59.48 21.24
N GLY D 348 -7.28 -58.46 22.04
CA GLY D 348 -8.54 -58.45 22.78
C GLY D 348 -9.72 -58.09 21.89
N ILE D 349 -10.86 -58.71 22.17
CA ILE D 349 -12.12 -58.26 21.57
C ILE D 349 -12.36 -56.79 21.88
N ASN D 350 -11.87 -56.30 23.02
CA ASN D 350 -11.99 -54.91 23.41
C ASN D 350 -10.91 -54.01 22.83
N ALA D 351 -10.00 -54.56 22.03
CA ALA D 351 -8.89 -53.77 21.51
C ALA D 351 -9.37 -52.58 20.67
N ILE D 352 -8.67 -51.47 20.82
CA ILE D 352 -8.72 -50.36 19.88
C ILE D 352 -7.43 -50.34 19.07
N SER D 353 -7.56 -50.01 17.79
CA SER D 353 -6.43 -49.91 16.88
C SER D 353 -6.08 -48.45 16.62
N HIS D 354 -4.79 -48.12 16.76
CA HIS D 354 -4.30 -46.81 16.33
C HIS D 354 -3.97 -46.87 14.85
N GLY D 355 -5.02 -46.81 14.03
CA GLY D 355 -4.90 -47.11 12.62
C GLY D 355 -4.64 -48.58 12.36
N GLN D 356 -4.59 -48.90 11.06
CA GLN D 356 -4.41 -50.27 10.60
C GLN D 356 -3.26 -50.32 9.62
N THR D 357 -2.56 -51.45 9.60
CA THR D 357 -1.69 -51.81 8.49
C THR D 357 -2.53 -52.41 7.37
N THR D 358 -2.65 -51.69 6.27
CA THR D 358 -3.42 -52.18 5.12
C THR D 358 -2.60 -53.18 4.32
N GLN D 369 -9.49 -51.03 6.22
CA GLN D 369 -9.42 -52.21 7.09
C GLN D 369 -8.11 -52.95 6.89
N GLY D 370 -7.59 -53.52 7.98
CA GLY D 370 -6.37 -54.29 7.90
C GLY D 370 -5.97 -54.80 9.25
N VAL D 371 -4.69 -55.20 9.35
CA VAL D 371 -4.14 -55.61 10.64
C VAL D 371 -4.03 -54.41 11.56
N GLY D 372 -4.52 -54.56 12.79
CA GLY D 372 -4.50 -53.46 13.73
C GLY D 372 -3.10 -53.10 14.19
N ARG D 373 -2.95 -51.88 14.66
CA ARG D 373 -1.70 -51.40 15.25
C ARG D 373 -1.92 -51.23 16.75
N PHE D 374 -1.13 -51.95 17.55
CA PHE D 374 -1.43 -52.12 18.96
C PHE D 374 -0.17 -51.97 19.80
N PRO D 375 -0.33 -51.51 21.04
CA PRO D 375 0.78 -51.63 22.00
C PRO D 375 0.97 -53.09 22.39
N ASN D 376 2.23 -53.49 22.56
CA ASN D 376 2.55 -54.80 23.13
C ASN D 376 2.59 -54.68 24.65
N GLU D 377 1.52 -55.12 25.32
CA GLU D 377 1.35 -54.94 26.77
C GLU D 377 2.04 -56.04 27.57
N LYS D 378 3.30 -56.33 27.23
CA LYS D 378 4.07 -57.38 27.87
C LYS D 378 4.19 -57.23 29.39
N GLU D 379 4.22 -56.00 29.91
CA GLU D 379 4.25 -55.79 31.36
C GLU D 379 2.94 -56.15 32.05
N GLN D 380 1.81 -56.09 31.36
CA GLN D 380 0.57 -56.60 31.95
C GLN D 380 0.51 -58.13 31.90
N LEU D 381 0.89 -58.72 30.76
CA LEU D 381 0.92 -60.18 30.64
C LEU D 381 1.77 -60.84 31.72
N LYS D 382 2.90 -60.25 32.07
CA LYS D 382 3.75 -60.78 33.13
C LYS D 382 3.07 -60.82 34.49
N GLN D 383 2.12 -59.94 34.77
CA GLN D 383 1.54 -59.82 36.10
C GLN D 383 0.12 -60.36 36.18
N LEU D 384 -0.12 -61.52 35.57
CA LEU D 384 -1.39 -62.24 35.59
C LEU D 384 -2.54 -61.47 34.95
N GLN D 385 -2.26 -60.48 34.10
CA GLN D 385 -3.32 -59.72 33.47
C GLN D 385 -3.50 -60.09 32.00
N GLY D 386 -2.80 -61.12 31.52
CA GLY D 386 -2.94 -61.54 30.14
C GLY D 386 -4.37 -61.75 29.67
N LEU D 387 -4.58 -61.58 28.37
CA LEU D 387 -5.85 -61.95 27.75
C LEU D 387 -6.16 -63.42 27.98
N ASN D 388 -7.44 -63.72 28.17
CA ASN D 388 -7.95 -65.06 28.48
C ASN D 388 -7.41 -65.63 29.78
N MET D 389 -6.92 -64.78 30.69
CA MET D 389 -6.62 -65.26 32.04
C MET D 389 -7.92 -65.68 32.74
N HIS D 390 -8.07 -66.97 32.98
CA HIS D 390 -9.18 -67.47 33.77
C HIS D 390 -8.91 -67.29 35.25
N THR D 391 -9.96 -67.05 36.01
CA THR D 391 -9.93 -67.17 37.47
C THR D 391 -10.92 -68.22 37.91
N TYR D 392 -10.49 -69.09 38.81
CA TYR D 392 -11.24 -70.26 39.22
C TYR D 392 -11.74 -70.06 40.64
N PHE D 393 -13.06 -70.19 40.83
CA PHE D 393 -13.71 -70.03 42.12
C PHE D 393 -14.33 -71.37 42.49
N PRO D 394 -13.61 -72.23 43.23
CA PRO D 394 -14.02 -73.62 43.46
C PRO D 394 -15.24 -73.73 44.38
N THR D 402 -17.68 -71.53 38.13
CA THR D 402 -16.43 -71.74 38.83
C THR D 402 -15.23 -71.27 38.00
N ASP D 403 -15.31 -71.44 36.69
CA ASP D 403 -14.29 -70.96 35.77
C ASP D 403 -14.85 -69.73 35.07
N GLN D 404 -14.17 -68.60 35.22
CA GLN D 404 -14.62 -67.36 34.62
C GLN D 404 -13.42 -66.48 34.28
N ILE D 405 -13.61 -65.59 33.32
CA ILE D 405 -12.56 -64.63 32.96
C ILE D 405 -12.55 -63.41 33.88
N GLU D 406 -13.70 -63.02 34.41
CA GLU D 406 -13.78 -61.84 35.25
C GLU D 406 -13.01 -62.03 36.56
N ARG D 407 -12.12 -61.07 36.87
CA ARG D 407 -11.64 -60.92 38.24
C ARG D 407 -12.24 -59.68 38.87
N PRO D 408 -12.86 -59.80 40.04
CA PRO D 408 -13.25 -58.60 40.78
C PRO D 408 -12.01 -57.87 41.26
N LEU D 409 -12.17 -56.58 41.50
CA LEU D 409 -11.17 -55.87 42.30
C LEU D 409 -11.13 -56.46 43.70
N MET D 410 -9.96 -56.97 44.09
CA MET D 410 -9.75 -57.52 45.41
C MET D 410 -8.98 -56.52 46.27
N VAL D 411 -9.27 -56.53 47.57
CA VAL D 411 -8.37 -55.88 48.52
C VAL D 411 -6.97 -56.45 48.38
N GLY D 412 -5.98 -55.56 48.36
CA GLY D 412 -4.60 -55.95 48.18
C GLY D 412 -4.25 -56.36 46.76
N SER D 413 -5.00 -55.87 45.78
CA SER D 413 -4.65 -56.08 44.38
C SER D 413 -3.46 -55.22 43.95
N VAL D 414 -2.68 -55.77 43.03
CA VAL D 414 -1.63 -55.03 42.34
C VAL D 414 -1.79 -55.33 40.85
N TRP D 415 -1.50 -54.34 40.02
CA TRP D 415 -1.57 -54.53 38.58
C TRP D 415 -0.74 -53.48 37.86
N ASN D 416 -0.55 -53.72 36.57
CA ASN D 416 0.09 -52.76 35.67
C ASN D 416 -0.98 -52.11 34.80
N ARG D 417 -0.82 -50.82 34.56
CA ARG D 417 -1.61 -50.14 33.54
C ARG D 417 -1.07 -50.42 32.14
N ARG D 418 -1.96 -50.25 31.16
CA ARG D 418 -1.57 -50.23 29.75
C ARG D 418 -0.46 -49.19 29.50
N ALA D 419 0.57 -49.62 28.77
CA ALA D 419 1.73 -48.79 28.53
C ALA D 419 1.40 -47.55 27.72
N LEU D 420 1.97 -46.43 28.12
CA LEU D 420 2.04 -45.26 27.25
C LEU D 420 2.80 -45.61 25.99
N HIS D 421 2.36 -45.07 24.85
CA HIS D 421 3.03 -45.30 23.59
C HIS D 421 3.12 -44.02 22.79
N TYR D 422 4.03 -44.06 21.81
CA TYR D 422 4.37 -42.89 20.99
C TYR D 422 3.15 -42.19 20.43
N GLU D 423 2.13 -42.94 20.01
CA GLU D 423 0.94 -42.36 19.39
C GLU D 423 -0.22 -42.14 20.36
N SER D 424 -0.01 -42.33 21.66
CA SER D 424 -1.11 -42.21 22.62
C SER D 424 -1.57 -40.76 22.74
N GLN D 425 -2.88 -40.58 22.92
CA GLN D 425 -3.35 -39.28 23.39
C GLN D 425 -2.66 -38.93 24.70
N LEU D 426 -2.52 -37.64 24.94
CA LEU D 426 -1.87 -37.18 26.17
C LEU D 426 -2.84 -37.01 27.33
N TRP D 427 -4.08 -36.61 27.08
CA TRP D 427 -5.03 -36.44 28.16
C TRP D 427 -6.44 -36.71 27.68
N SER D 428 -7.33 -36.90 28.65
CA SER D 428 -8.76 -36.75 28.44
C SER D 428 -9.37 -36.05 29.64
N LYS D 429 -10.47 -35.35 29.41
CA LYS D 429 -11.21 -34.77 30.53
C LYS D 429 -11.91 -35.85 31.33
N ILE D 430 -11.60 -35.93 32.62
CA ILE D 430 -12.42 -36.72 33.55
C ILE D 430 -13.79 -36.06 33.66
N PRO D 431 -14.87 -36.76 33.36
CA PRO D 431 -16.20 -36.15 33.51
C PRO D 431 -16.45 -35.79 34.96
N ASN D 432 -16.92 -34.57 35.18
CA ASN D 432 -17.12 -34.05 36.52
C ASN D 432 -18.38 -34.59 37.18
N LEU D 433 -18.55 -35.91 37.15
CA LEU D 433 -19.58 -36.58 37.93
C LEU D 433 -19.22 -36.57 39.41
N ASP D 434 -20.17 -37.02 40.24
CA ASP D 434 -20.03 -36.89 41.68
C ASP D 434 -18.80 -37.63 42.22
N ASP D 435 -18.52 -38.81 41.68
CA ASP D 435 -17.50 -39.66 42.28
C ASP D 435 -16.85 -40.50 41.20
N SER D 436 -15.65 -40.99 41.47
CA SER D 436 -14.94 -41.82 40.51
C SER D 436 -13.90 -42.67 41.23
N PHE D 437 -13.45 -43.71 40.54
CA PHE D 437 -12.43 -44.62 41.04
C PHE D 437 -11.26 -44.67 40.06
N LYS D 438 -10.08 -44.29 40.53
CA LYS D 438 -8.81 -44.41 39.81
C LYS D 438 -8.88 -43.88 38.38
N THR D 439 -9.31 -42.63 38.24
CA THR D 439 -9.43 -41.99 36.94
C THR D 439 -8.17 -41.24 36.51
N GLN D 440 -7.04 -41.42 37.20
CA GLN D 440 -5.82 -40.69 36.83
C GLN D 440 -5.38 -40.97 35.40
N PHE D 441 -5.71 -42.13 34.84
CA PHE D 441 -5.35 -42.48 33.48
C PHE D 441 -6.59 -42.78 32.65
N ALA D 442 -6.70 -42.11 31.51
CA ALA D 442 -7.81 -42.31 30.59
C ALA D 442 -7.64 -43.60 29.80
N ALA D 443 -8.77 -44.21 29.45
CA ALA D 443 -8.74 -45.52 28.81
C ALA D 443 -8.02 -45.49 27.47
N LEU D 444 -8.14 -44.39 26.73
CA LEU D 444 -7.45 -44.25 25.45
C LEU D 444 -5.99 -43.89 25.60
N GLY D 445 -5.49 -43.76 26.82
CA GLY D 445 -4.12 -43.40 27.06
C GLY D 445 -3.99 -41.99 27.62
N GLY D 446 -2.78 -41.70 28.11
CA GLY D 446 -2.49 -40.44 28.74
C GLY D 446 -3.26 -40.28 30.05
N TRP D 447 -3.29 -39.04 30.53
CA TRP D 447 -3.73 -38.72 31.87
C TRP D 447 -5.16 -38.22 31.87
N GLY D 448 -5.96 -38.73 32.80
CA GLY D 448 -7.24 -38.12 33.11
C GLY D 448 -7.03 -36.81 33.83
N LEU D 449 -7.71 -35.77 33.38
CA LEU D 449 -7.63 -34.46 34.01
C LEU D 449 -9.02 -33.89 34.20
N HIS D 450 -9.27 -33.34 35.39
CA HIS D 450 -10.51 -32.62 35.63
C HIS D 450 -10.53 -31.29 34.90
N GLN D 451 -9.41 -30.57 34.89
CA GLN D 451 -9.26 -29.30 34.19
C GLN D 451 -8.15 -29.47 33.15
N PRO D 452 -8.47 -30.09 32.02
CA PRO D 452 -7.46 -30.34 30.99
C PRO D 452 -7.05 -29.05 30.29
N PRO D 453 -6.04 -29.10 29.43
CA PRO D 453 -5.75 -27.98 28.52
C PRO D 453 -7.00 -27.40 27.90
N PRO D 454 -7.21 -26.09 28.01
CA PRO D 454 -8.46 -25.50 27.52
C PRO D 454 -8.58 -25.56 26.01
N GLN D 455 -9.82 -25.72 25.55
CA GLN D 455 -10.11 -25.63 24.13
C GLN D 455 -9.86 -24.21 23.62
N ILE D 456 -9.18 -24.13 22.48
CA ILE D 456 -8.97 -22.88 21.76
C ILE D 456 -9.88 -22.89 20.54
N PHE D 457 -10.87 -22.00 20.52
CA PHE D 457 -11.79 -21.91 19.41
C PHE D 457 -11.37 -20.79 18.46
N LEU D 458 -11.37 -21.09 17.17
CA LEU D 458 -11.02 -20.13 16.13
C LEU D 458 -12.12 -20.08 15.08
N LYS D 459 -12.44 -18.87 14.64
CA LYS D 459 -13.20 -18.70 13.40
C LYS D 459 -12.80 -17.38 12.76
N ILE D 460 -13.06 -17.26 11.46
CA ILE D 460 -12.89 -15.98 10.77
C ILE D 460 -14.11 -15.12 11.06
N LEU D 461 -13.86 -13.87 11.43
CA LEU D 461 -14.94 -12.91 11.57
C LEU D 461 -15.60 -12.65 10.22
N PRO D 462 -16.89 -12.93 10.05
CA PRO D 462 -17.54 -12.71 8.76
C PRO D 462 -17.53 -11.24 8.38
N GLN D 463 -17.25 -10.97 7.11
CA GLN D 463 -17.26 -9.62 6.57
C GLN D 463 -18.39 -9.47 5.55
N SER D 464 -19.21 -8.43 5.73
CA SER D 464 -20.31 -8.17 4.80
C SER D 464 -19.79 -7.70 3.45
N GLY D 465 -20.40 -8.23 2.38
CA GLY D 465 -20.24 -7.67 1.07
C GLY D 465 -20.99 -6.36 0.88
N PRO D 466 -20.82 -5.76 -0.30
CA PRO D 466 -21.36 -4.42 -0.54
C PRO D 466 -22.89 -4.39 -0.53
N ILE D 467 -23.43 -3.31 0.02
CA ILE D 467 -24.84 -2.95 -0.11
C ILE D 467 -24.91 -1.46 -0.43
N GLY D 468 -25.82 -1.08 -1.32
CA GLY D 468 -25.93 0.31 -1.70
C GLY D 468 -26.52 0.47 -3.09
N GLY D 469 -25.94 1.39 -3.85
CA GLY D 469 -26.49 1.79 -5.14
C GLY D 469 -26.36 0.76 -6.23
N ILE D 470 -25.47 -0.22 -6.07
CA ILE D 470 -25.34 -1.29 -7.04
C ILE D 470 -26.60 -2.14 -6.98
N LYS D 471 -27.09 -2.55 -8.14
CA LYS D 471 -28.36 -3.27 -8.22
C LYS D 471 -28.16 -4.76 -7.97
N SER D 472 -29.23 -5.39 -7.46
CA SER D 472 -29.36 -6.85 -7.39
C SER D 472 -28.32 -7.51 -6.47
N MET D 473 -27.67 -6.73 -5.59
CA MET D 473 -26.53 -7.25 -4.84
C MET D 473 -26.94 -8.41 -3.93
N GLY D 474 -28.11 -8.32 -3.31
CA GLY D 474 -28.44 -9.15 -2.17
C GLY D 474 -27.50 -8.89 -1.01
N ILE D 475 -27.54 -9.82 -0.05
CA ILE D 475 -26.58 -9.86 1.04
C ILE D 475 -25.54 -10.93 0.73
N THR D 476 -24.27 -10.60 0.88
CA THR D 476 -23.17 -11.51 0.62
C THR D 476 -22.14 -11.36 1.73
N THR D 477 -21.25 -12.34 1.82
CA THR D 477 -20.05 -12.23 2.64
C THR D 477 -18.82 -12.22 1.76
N LEU D 478 -17.79 -11.50 2.22
CA LEU D 478 -16.50 -11.56 1.56
C LEU D 478 -15.92 -12.97 1.67
N VAL D 479 -15.43 -13.49 0.56
CA VAL D 479 -14.72 -14.76 0.60
C VAL D 479 -13.37 -14.53 1.28
N GLN D 480 -13.23 -15.07 2.50
CA GLN D 480 -12.00 -14.95 3.25
C GLN D 480 -11.68 -16.29 3.89
N TYR D 481 -10.40 -16.61 3.97
CA TYR D 481 -9.94 -17.74 4.76
C TYR D 481 -8.75 -17.26 5.59
N ALA D 482 -8.42 -18.04 6.62
CA ALA D 482 -7.30 -17.71 7.47
C ALA D 482 -6.26 -18.81 7.46
N VAL D 483 -5.01 -18.39 7.59
CA VAL D 483 -3.89 -19.30 7.82
C VAL D 483 -3.07 -18.74 8.97
N GLY D 484 -2.22 -19.59 9.51
CA GLY D 484 -1.23 -19.13 10.46
C GLY D 484 -0.37 -20.29 10.90
N ILE D 485 0.45 -20.03 11.92
CA ILE D 485 1.29 -21.06 12.52
C ILE D 485 0.81 -21.29 13.94
N MET D 486 0.39 -22.52 14.23
CA MET D 486 0.19 -22.98 15.59
C MET D 486 1.51 -23.53 16.10
N THR D 487 2.06 -22.88 17.13
CA THR D 487 3.23 -23.39 17.84
C THR D 487 2.76 -23.88 19.20
N VAL D 488 3.04 -25.15 19.49
CA VAL D 488 2.68 -25.76 20.76
C VAL D 488 3.94 -26.21 21.46
N THR D 489 4.16 -25.67 22.66
CA THR D 489 5.27 -26.05 23.53
C THR D 489 4.68 -26.84 24.69
N MET D 490 5.16 -28.06 24.91
CA MET D 490 4.80 -28.82 26.08
C MET D 490 6.05 -29.26 26.83
N THR D 491 6.10 -28.92 28.12
CA THR D 491 7.11 -29.43 29.03
C THR D 491 6.61 -30.71 29.68
N PHE D 492 7.47 -31.72 29.71
CA PHE D 492 7.21 -32.94 30.46
C PHE D 492 8.21 -33.05 31.60
N LYS D 493 7.73 -33.42 32.79
CA LYS D 493 8.61 -33.86 33.86
C LYS D 493 9.13 -35.26 33.59
N LEU D 494 10.44 -35.44 33.75
CA LEU D 494 11.08 -36.74 33.51
C LEU D 494 11.69 -37.28 34.80
N GLY D 495 11.32 -38.50 35.16
CA GLY D 495 11.98 -39.20 36.23
C GLY D 495 13.28 -39.83 35.77
N PRO D 496 14.26 -39.92 36.68
CA PRO D 496 15.49 -40.67 36.37
C PRO D 496 15.23 -42.15 36.18
N ARG D 497 16.10 -42.78 35.41
CA ARG D 497 16.15 -44.24 35.34
C ARG D 497 16.48 -44.85 36.70
N LYS D 498 15.88 -46.00 36.98
CA LYS D 498 16.23 -46.77 38.17
C LYS D 498 17.63 -47.37 38.03
N ALA D 499 18.37 -47.40 39.14
CA ALA D 499 19.68 -48.04 39.15
C ALA D 499 19.56 -49.55 38.89
N THR D 500 20.51 -50.09 38.13
CA THR D 500 20.50 -51.49 37.72
C THR D 500 21.58 -52.26 38.47
N GLY D 501 21.19 -53.31 39.17
CA GLY D 501 22.10 -54.22 39.83
C GLY D 501 22.58 -55.40 39.00
N ARG D 502 21.92 -55.66 37.87
CA ARG D 502 22.19 -56.84 37.04
C ARG D 502 23.66 -56.96 36.67
N TRP D 503 24.10 -58.21 36.54
CA TRP D 503 25.33 -58.51 35.79
C TRP D 503 25.11 -58.41 34.30
N ASN D 504 24.11 -59.14 33.78
CA ASN D 504 23.87 -59.21 32.35
C ASN D 504 23.29 -57.88 31.83
N PRO D 505 23.57 -57.55 30.57
CA PRO D 505 22.96 -56.35 29.96
C PRO D 505 21.45 -56.32 30.11
N GLN D 506 20.93 -55.11 30.27
CA GLN D 506 19.51 -54.87 30.03
C GLN D 506 19.16 -55.22 28.58
N PRO D 507 17.91 -55.59 28.31
CA PRO D 507 17.45 -55.68 26.92
C PRO D 507 17.71 -54.41 26.15
N GLY D 508 17.92 -54.56 24.85
CA GLY D 508 18.06 -53.41 23.98
C GLY D 508 16.78 -52.60 23.92
N VAL D 509 16.92 -51.28 23.90
CA VAL D 509 15.81 -50.39 23.56
C VAL D 509 15.68 -50.36 22.04
N TYR D 510 15.15 -51.43 21.47
CA TYR D 510 15.01 -51.52 20.03
C TYR D 510 14.03 -50.45 19.54
N PRO D 511 14.32 -49.79 18.42
CA PRO D 511 13.28 -49.06 17.72
C PRO D 511 12.25 -50.03 17.18
N PRO D 512 11.01 -49.57 17.00
CA PRO D 512 9.95 -50.50 16.64
C PRO D 512 10.09 -50.94 15.19
N HIS D 513 9.41 -52.04 14.86
CA HIS D 513 9.52 -52.63 13.54
C HIS D 513 8.34 -52.20 12.67
N ALA D 514 8.62 -51.93 11.41
CA ALA D 514 7.62 -51.65 10.40
C ALA D 514 7.15 -52.93 9.73
N ALA D 515 5.95 -52.85 9.15
CA ALA D 515 5.46 -53.97 8.35
C ALA D 515 6.34 -54.20 7.13
N GLY D 516 6.74 -53.14 6.45
CA GLY D 516 7.77 -53.21 5.43
C GLY D 516 9.00 -52.41 5.84
N HIS D 517 10.17 -52.96 5.53
CA HIS D 517 11.45 -52.27 5.72
C HIS D 517 11.59 -51.65 7.11
N LEU D 518 11.76 -50.33 7.18
CA LEU D 518 12.01 -49.63 8.44
C LEU D 518 11.03 -48.48 8.62
N PRO D 519 10.62 -48.20 9.86
CA PRO D 519 9.76 -47.04 10.12
C PRO D 519 10.53 -45.74 10.24
N TYR D 520 9.79 -44.64 10.07
CA TYR D 520 10.26 -43.29 10.34
C TYR D 520 11.44 -42.85 9.48
N VAL D 521 11.86 -43.69 8.55
CA VAL D 521 12.90 -43.33 7.59
C VAL D 521 12.24 -43.23 6.22
N LEU D 522 12.48 -42.13 5.52
CA LEU D 522 12.11 -42.08 4.12
C LEU D 522 13.00 -43.01 3.31
N TYR D 523 12.40 -43.98 2.64
CA TYR D 523 13.12 -44.92 1.82
C TYR D 523 12.49 -44.98 0.43
N ASP D 524 13.27 -45.43 -0.53
CA ASP D 524 12.77 -45.71 -1.87
C ASP D 524 12.16 -47.11 -1.88
N PRO D 525 10.83 -47.21 -2.01
CA PRO D 525 10.18 -48.53 -1.95
C PRO D 525 10.48 -49.42 -3.15
N THR D 526 11.03 -48.87 -4.24
CA THR D 526 11.47 -49.68 -5.36
C THR D 526 12.80 -50.37 -5.11
N ALA D 527 13.52 -50.01 -4.05
CA ALA D 527 14.75 -50.71 -3.71
C ALA D 527 14.49 -51.96 -2.87
N THR D 528 13.31 -52.09 -2.28
CA THR D 528 13.03 -53.11 -1.27
C THR D 528 11.90 -54.01 -1.74
N ASP D 529 11.97 -55.27 -1.33
CA ASP D 529 10.94 -56.26 -1.60
C ASP D 529 9.76 -56.16 -0.65
N ALA D 530 9.75 -55.19 0.26
CA ALA D 530 8.57 -54.95 1.09
C ALA D 530 7.36 -54.62 0.23
N LYS D 531 6.18 -54.89 0.78
CA LYS D 531 4.92 -54.78 0.06
C LYS D 531 4.08 -53.59 0.50
N GLN D 532 4.71 -52.59 1.11
CA GLN D 532 4.04 -51.39 1.62
C GLN D 532 4.23 -50.19 0.69
N HIS D 533 4.18 -50.44 -0.62
CA HIS D 533 4.28 -49.36 -1.61
C HIS D 533 3.22 -48.28 -1.41
N HIS D 534 2.04 -48.66 -0.90
CA HIS D 534 1.00 -47.66 -0.63
C HIS D 534 1.43 -46.63 0.39
N ARG D 535 2.43 -46.93 1.21
CA ARG D 535 3.01 -45.95 2.13
C ARG D 535 4.05 -45.05 1.48
N HIS D 536 4.38 -45.28 0.21
CA HIS D 536 5.30 -44.42 -0.55
C HIS D 536 6.64 -44.25 0.14
N GLY D 537 7.09 -45.28 0.84
CA GLY D 537 8.41 -45.28 1.44
C GLY D 537 8.58 -44.49 2.72
N TYR D 538 7.49 -44.01 3.32
CA TYR D 538 7.54 -43.55 4.71
C TYR D 538 6.51 -44.33 5.50
N GLU D 539 6.95 -45.00 6.56
CA GLU D 539 6.20 -46.08 7.15
C GLU D 539 6.13 -45.91 8.66
N LYS D 540 4.95 -46.15 9.21
CA LYS D 540 4.81 -46.33 10.64
C LYS D 540 5.17 -47.75 11.05
N PRO D 541 5.63 -47.95 12.28
CA PRO D 541 5.74 -49.31 12.79
C PRO D 541 4.36 -49.95 12.90
N GLU D 542 4.35 -51.28 12.83
CA GLU D 542 3.09 -52.00 12.97
C GLU D 542 2.72 -52.24 14.43
N GLU D 543 3.71 -52.30 15.33
CA GLU D 543 3.47 -52.10 16.76
C GLU D 543 3.48 -50.63 17.11
N LEU D 544 2.74 -50.27 18.15
CA LEU D 544 2.92 -48.99 18.81
C LEU D 544 4.14 -49.05 19.71
N TRP D 545 4.91 -47.96 19.71
CA TRP D 545 6.23 -47.90 20.32
C TRP D 545 6.09 -47.53 21.79
N THR D 546 6.39 -48.47 22.71
CA THR D 546 5.82 -48.46 24.05
C THR D 546 6.78 -48.20 25.21
N ALA D 547 8.09 -48.08 24.97
CA ALA D 547 9.10 -48.11 26.06
C ALA D 547 9.03 -49.42 26.86
N LYS D 548 9.42 -49.36 28.14
CA LYS D 548 9.43 -50.47 29.09
C LYS D 548 10.32 -51.65 28.69
N SER D 549 11.30 -51.40 27.83
CA SER D 549 12.21 -52.48 27.42
C SER D 549 13.15 -52.88 28.55
N ARG D 550 13.65 -51.90 29.31
CA ARG D 550 14.49 -52.18 30.47
C ARG D 550 13.64 -52.57 31.69
N VAL D 551 14.20 -53.46 32.51
CA VAL D 551 13.44 -54.12 33.56
C VAL D 551 14.25 -54.12 34.85
N HIS D 552 13.53 -54.13 35.96
CA HIS D 552 14.08 -54.05 37.30
C HIS D 552 13.37 -55.08 38.16
N PRO D 553 13.99 -55.55 39.23
CA PRO D 553 13.31 -56.50 40.11
C PRO D 553 12.16 -55.85 40.85
N LEU D 554 11.35 -56.71 41.47
CA LEU D 554 10.34 -56.27 42.41
C LEU D 554 10.88 -56.28 43.83
N THR E 2 2.49 -17.66 -20.69
CA THR E 2 2.55 -18.39 -19.44
C THR E 2 1.39 -17.99 -18.52
N SER E 3 1.09 -18.88 -17.56
CA SER E 3 -0.01 -18.65 -16.63
C SER E 3 0.30 -19.36 -15.32
N VAL E 4 -0.19 -18.79 -14.23
CA VAL E 4 -0.12 -19.45 -12.93
C VAL E 4 -0.91 -20.76 -12.95
N ASN E 5 -1.95 -20.84 -13.79
CA ASN E 5 -2.67 -22.11 -13.97
C ASN E 5 -1.80 -23.24 -14.50
N SER E 6 -0.59 -22.94 -15.00
CA SER E 6 0.29 -23.98 -15.49
C SER E 6 0.69 -24.98 -14.40
N ALA E 7 0.75 -24.53 -13.14
CA ALA E 7 0.80 -25.43 -12.00
C ALA E 7 -0.61 -25.65 -11.46
N GLU E 8 -1.07 -26.90 -11.49
CA GLU E 8 -2.49 -27.17 -11.25
C GLU E 8 -2.85 -27.04 -9.77
N ALA E 9 -1.88 -27.25 -8.87
CA ALA E 9 -2.10 -27.10 -7.44
C ALA E 9 -1.61 -25.76 -6.92
N SER E 10 -1.53 -24.75 -7.76
CA SER E 10 -1.08 -23.43 -7.38
C SER E 10 -2.19 -22.40 -7.62
N THR E 11 -2.24 -21.41 -6.73
CA THR E 11 -3.13 -20.27 -6.89
C THR E 11 -2.32 -18.99 -7.02
N GLY E 12 -2.84 -18.05 -7.80
CA GLY E 12 -2.27 -16.72 -7.83
C GLY E 12 -2.40 -16.02 -6.49
N ALA E 13 -1.45 -15.14 -6.21
CA ALA E 13 -1.44 -14.35 -4.98
C ALA E 13 -1.22 -12.89 -5.29
N GLY E 14 -2.02 -12.03 -4.65
CA GLY E 14 -2.00 -10.60 -4.86
C GLY E 14 -1.16 -9.80 -3.90
N GLY E 15 -0.48 -10.44 -2.95
CA GLY E 15 0.44 -9.75 -2.05
C GLY E 15 -0.18 -8.65 -1.21
N GLY E 16 -1.34 -8.90 -0.62
CA GLY E 16 -2.02 -7.89 0.18
C GLY E 16 -1.27 -7.51 1.46
N GLY E 17 -1.80 -6.48 2.11
CA GLY E 17 -1.18 -5.89 3.29
C GLY E 17 -1.40 -6.69 4.56
N SER E 18 -0.63 -6.31 5.58
CA SER E 18 -0.66 -6.95 6.90
C SER E 18 -1.03 -5.92 7.96
N ASN E 19 -1.80 -6.34 8.96
CA ASN E 19 -2.27 -5.43 10.01
C ASN E 19 -2.39 -6.16 11.35
N PRO E 20 -1.30 -6.24 12.11
CA PRO E 20 -1.27 -7.11 13.29
C PRO E 20 -2.00 -6.55 14.50
N VAL E 21 -3.15 -5.92 14.29
CA VAL E 21 -3.96 -5.36 15.37
C VAL E 21 -4.68 -6.47 16.12
N LYS E 22 -4.81 -6.29 17.43
CA LYS E 22 -5.70 -7.08 18.27
C LYS E 22 -6.88 -6.23 18.71
N SER E 23 -8.09 -6.78 18.55
CA SER E 23 -9.31 -6.15 19.06
C SER E 23 -10.17 -7.22 19.72
N MET E 24 -11.13 -6.77 20.53
CA MET E 24 -12.02 -7.65 21.25
C MET E 24 -13.41 -7.66 20.62
N TRP E 25 -14.01 -8.84 20.55
CA TRP E 25 -15.46 -8.99 20.51
C TRP E 25 -15.96 -9.08 21.96
N SER E 26 -16.57 -8.00 22.44
CA SER E 26 -17.01 -7.91 23.83
C SER E 26 -18.49 -8.24 23.92
N GLU E 27 -18.81 -9.32 24.64
CA GLU E 27 -20.19 -9.73 24.85
C GLU E 27 -20.34 -10.41 26.20
N GLY E 28 -21.55 -10.31 26.75
CA GLY E 28 -21.92 -10.97 27.99
C GLY E 28 -22.36 -10.04 29.10
N ALA E 29 -23.15 -10.57 30.03
CA ALA E 29 -23.52 -9.89 31.27
C ALA E 29 -22.59 -10.31 32.40
N THR E 30 -21.97 -9.35 33.05
CA THR E 30 -21.28 -9.57 34.32
C THR E 30 -22.20 -9.09 35.45
N PHE E 31 -22.73 -10.03 36.22
CA PHE E 31 -23.54 -9.72 37.38
C PHE E 31 -22.69 -9.43 38.62
N SER E 32 -23.22 -8.56 39.47
CA SER E 32 -22.67 -8.31 40.80
C SER E 32 -23.83 -8.17 41.77
N ALA E 33 -23.50 -8.07 43.06
CA ALA E 33 -24.54 -7.97 44.09
C ALA E 33 -25.51 -6.82 43.81
N ASN E 34 -25.01 -5.70 43.29
CA ASN E 34 -25.80 -4.49 43.21
C ASN E 34 -25.97 -3.99 41.79
N SER E 35 -25.41 -4.66 40.79
CA SER E 35 -25.50 -4.20 39.43
C SER E 35 -25.14 -5.34 38.48
N VAL E 36 -25.50 -5.16 37.22
CA VAL E 36 -25.02 -6.01 36.13
C VAL E 36 -24.47 -5.09 35.04
N THR E 37 -23.33 -5.47 34.47
CA THR E 37 -22.81 -4.82 33.29
C THR E 37 -23.04 -5.72 32.08
N CYS E 38 -23.86 -5.25 31.15
CA CYS E 38 -24.24 -6.02 29.98
C CYS E 38 -23.55 -5.43 28.76
N THR E 39 -22.80 -6.27 28.04
CA THR E 39 -22.19 -5.86 26.79
C THR E 39 -22.69 -6.75 25.67
N PHE E 40 -23.06 -6.14 24.55
CA PHE E 40 -23.27 -6.86 23.31
C PHE E 40 -22.47 -6.20 22.20
N SER E 41 -22.10 -7.00 21.21
CA SER E 41 -21.46 -6.51 20.00
C SER E 41 -22.25 -6.98 18.79
N ARG E 42 -22.35 -6.11 17.79
CA ARG E 42 -22.86 -6.48 16.49
C ARG E 42 -21.92 -5.91 15.44
N GLN E 43 -21.67 -6.69 14.39
CA GLN E 43 -21.21 -6.08 13.15
C GLN E 43 -22.32 -5.24 12.57
N PHE E 44 -21.97 -4.05 12.10
CA PHE E 44 -22.90 -3.20 11.38
C PHE E 44 -22.38 -2.96 9.97
N LEU E 45 -23.30 -2.66 9.07
CA LEU E 45 -22.97 -2.24 7.72
C LEU E 45 -23.75 -0.97 7.38
N ILE E 46 -23.05 0.01 6.83
CA ILE E 46 -23.65 1.23 6.32
C ILE E 46 -23.49 1.23 4.80
N PRO E 47 -24.59 1.28 4.05
CA PRO E 47 -24.50 1.04 2.61
C PRO E 47 -23.89 2.21 1.86
N TYR E 48 -23.44 1.93 0.64
CA TYR E 48 -23.16 2.98 -0.32
C TYR E 48 -24.42 3.79 -0.58
N ASP E 49 -24.34 5.09 -0.34
CA ASP E 49 -25.36 6.03 -0.79
C ASP E 49 -24.84 6.80 -1.99
N PRO E 50 -25.43 6.63 -3.18
CA PRO E 50 -24.85 7.24 -4.38
C PRO E 50 -25.07 8.73 -4.47
N GLU E 51 -26.07 9.26 -3.77
CA GLU E 51 -26.37 10.70 -3.80
C GLU E 51 -26.86 11.10 -2.42
N HIS E 52 -26.05 11.87 -1.71
CA HIS E 52 -26.30 12.22 -0.32
C HIS E 52 -27.35 13.34 -0.20
N HIS E 53 -28.51 13.10 -0.80
CA HIS E 53 -29.57 14.10 -0.79
C HIS E 53 -30.23 14.17 0.57
N TYR E 54 -30.55 15.39 1.01
CA TYR E 54 -31.65 15.60 1.93
C TYR E 54 -32.95 15.66 1.14
N LYS E 55 -33.97 14.98 1.63
CA LYS E 55 -35.29 14.97 1.00
C LYS E 55 -36.35 15.40 2.01
N VAL E 56 -37.32 16.17 1.53
CA VAL E 56 -38.53 16.44 2.30
C VAL E 56 -39.48 15.25 2.22
N PHE E 57 -39.83 14.72 3.39
CA PHE E 57 -40.85 13.68 3.52
C PHE E 57 -42.21 14.37 3.59
N SER E 58 -43.02 14.22 2.54
CA SER E 58 -44.25 15.01 2.39
C SER E 58 -45.34 14.20 1.71
N PRO E 59 -45.99 13.30 2.45
CA PRO E 59 -47.17 12.62 1.92
C PRO E 59 -48.36 13.56 1.82
N ALA E 60 -49.26 13.26 0.89
CA ALA E 60 -50.53 13.96 0.83
C ALA E 60 -51.53 13.37 1.83
N ALA E 61 -52.55 14.17 2.15
CA ALA E 61 -53.70 13.72 2.91
C ALA E 61 -54.99 14.06 2.18
N SER E 62 -56.01 13.22 2.39
CA SER E 62 -57.24 13.29 1.61
C SER E 62 -58.43 12.79 2.42
N LYS E 73 -60.93 4.40 6.71
CA LYS E 73 -59.84 5.32 6.39
C LYS E 73 -59.73 6.40 7.46
N VAL E 74 -58.60 6.43 8.16
CA VAL E 74 -58.30 7.46 9.14
C VAL E 74 -56.97 8.10 8.77
N CYS E 75 -56.98 9.41 8.58
CA CYS E 75 -55.76 10.18 8.47
C CYS E 75 -55.32 10.64 9.87
N THR E 76 -54.05 11.04 9.97
CA THR E 76 -53.62 11.84 11.11
C THR E 76 -54.39 13.15 11.17
N ILE E 77 -54.27 13.83 12.32
CA ILE E 77 -55.03 15.05 12.54
C ILE E 77 -54.70 16.10 11.47
N SER E 78 -53.45 16.16 11.05
CA SER E 78 -53.03 16.93 9.89
C SER E 78 -52.03 16.10 9.10
N PRO E 79 -51.80 16.43 7.83
CA PRO E 79 -50.77 15.72 7.08
C PRO E 79 -49.40 15.93 7.71
N ILE E 80 -48.64 14.86 7.79
CA ILE E 80 -47.30 14.94 8.37
C ILE E 80 -46.32 15.46 7.33
N MET E 81 -45.28 16.12 7.79
CA MET E 81 -44.17 16.50 6.93
C MET E 81 -42.88 16.38 7.72
N GLY E 82 -41.81 16.01 7.02
CA GLY E 82 -40.54 15.87 7.67
C GLY E 82 -39.40 15.93 6.68
N TYR E 83 -38.22 15.56 7.16
CA TYR E 83 -37.03 15.49 6.31
C TYR E 83 -36.34 14.15 6.50
N SER E 84 -35.88 13.60 5.40
CA SER E 84 -35.00 12.44 5.37
C SER E 84 -33.57 12.88 5.08
N THR E 85 -32.61 12.37 5.85
CA THR E 85 -31.23 12.78 5.71
C THR E 85 -30.39 11.63 5.16
N PRO E 86 -29.20 11.93 4.61
CA PRO E 86 -28.28 10.84 4.23
C PRO E 86 -27.59 10.14 5.39
N TRP E 87 -27.85 10.55 6.62
CA TRP E 87 -27.21 9.94 7.78
C TRP E 87 -27.96 8.70 8.22
N ARG E 88 -27.20 7.73 8.73
CA ARG E 88 -27.75 6.62 9.49
C ARG E 88 -27.58 6.92 10.98
N TYR E 89 -28.30 6.17 11.80
CA TYR E 89 -28.13 6.25 13.25
C TYR E 89 -28.24 4.86 13.86
N LEU E 90 -27.75 4.74 15.09
CA LEU E 90 -27.73 3.50 15.84
C LEU E 90 -28.93 3.41 16.78
N ASP E 91 -29.67 2.30 16.70
CA ASP E 91 -30.76 2.01 17.61
C ASP E 91 -30.51 0.68 18.31
N PHE E 92 -30.31 0.73 19.62
CA PHE E 92 -30.11 -0.43 20.48
C PHE E 92 -31.02 -0.38 21.69
N ASN E 93 -32.16 0.30 21.55
CA ASN E 93 -33.10 0.56 22.64
C ASN E 93 -34.03 -0.63 22.88
N ALA E 94 -33.45 -1.77 23.23
CA ALA E 94 -34.24 -2.91 23.65
C ALA E 94 -33.47 -3.77 24.65
N LEU E 95 -34.18 -4.21 25.69
CA LEU E 95 -33.55 -4.92 26.80
C LEU E 95 -32.91 -6.24 26.36
N ASN E 96 -33.61 -7.01 25.53
CA ASN E 96 -33.12 -8.31 25.05
C ASN E 96 -31.83 -8.23 24.25
N LEU E 97 -31.41 -7.05 23.80
CA LEU E 97 -30.08 -6.94 23.21
C LEU E 97 -28.99 -7.11 24.26
N PHE E 98 -29.26 -6.63 25.48
CA PHE E 98 -28.24 -6.62 26.53
C PHE E 98 -28.14 -7.96 27.26
N PHE E 99 -29.23 -8.71 27.35
CA PHE E 99 -29.23 -10.01 28.03
C PHE E 99 -29.49 -11.12 27.03
N SER E 100 -28.61 -12.12 27.01
CA SER E 100 -28.99 -13.42 26.50
C SER E 100 -30.20 -13.95 27.29
N PRO E 101 -30.94 -14.90 26.72
CA PRO E 101 -32.04 -15.52 27.48
C PRO E 101 -31.64 -16.10 28.82
N LEU E 102 -30.46 -16.73 28.91
CA LEU E 102 -29.95 -17.20 30.19
C LEU E 102 -29.72 -16.05 31.17
N GLU E 103 -29.04 -14.99 30.71
CA GLU E 103 -28.74 -13.86 31.58
C GLU E 103 -30.00 -13.16 32.08
N PHE E 104 -31.03 -13.05 31.23
CA PHE E 104 -32.29 -12.47 31.68
C PHE E 104 -32.99 -13.35 32.72
N GLN E 105 -32.99 -14.67 32.52
CA GLN E 105 -33.43 -15.58 33.57
C GLN E 105 -32.68 -15.33 34.87
N HIS E 106 -31.35 -15.23 34.80
CA HIS E 106 -30.55 -14.96 35.99
C HIS E 106 -30.91 -13.64 36.65
N LEU E 107 -31.12 -12.59 35.85
CA LEU E 107 -31.59 -11.31 36.36
C LEU E 107 -32.88 -11.43 37.17
N ILE E 108 -33.92 -11.98 36.54
CA ILE E 108 -35.23 -12.06 37.18
C ILE E 108 -35.29 -13.09 38.30
N GLU E 109 -34.42 -14.11 38.28
CA GLU E 109 -34.36 -15.07 39.37
C GLU E 109 -33.69 -14.52 40.63
N ASN E 110 -32.79 -13.55 40.51
CA ASN E 110 -31.86 -13.24 41.60
C ASN E 110 -31.96 -11.82 42.13
N TYR E 111 -32.77 -10.94 41.54
CA TYR E 111 -32.76 -9.54 41.89
C TYR E 111 -34.19 -9.02 42.01
N GLY E 112 -34.37 -8.08 42.94
CA GLY E 112 -35.68 -7.53 43.20
C GLY E 112 -36.09 -6.36 42.33
N SER E 113 -35.12 -5.66 41.75
CA SER E 113 -35.44 -4.52 40.88
C SER E 113 -34.29 -4.25 39.94
N ILE E 114 -34.59 -3.51 38.88
CA ILE E 114 -33.61 -3.10 37.89
C ILE E 114 -33.84 -1.64 37.50
N ALA E 115 -32.76 -0.90 37.33
CA ALA E 115 -32.80 0.44 36.77
C ALA E 115 -31.60 0.63 35.84
N PRO E 116 -31.75 1.42 34.78
CA PRO E 116 -30.59 1.77 33.96
C PRO E 116 -29.65 2.70 34.73
N ASP E 117 -28.35 2.47 34.54
CA ASP E 117 -27.35 3.27 35.23
C ASP E 117 -26.42 4.02 34.28
N ALA E 118 -25.74 3.32 33.38
CA ALA E 118 -24.78 3.96 32.49
C ALA E 118 -24.73 3.20 31.17
N LEU E 119 -24.32 3.91 30.12
CA LEU E 119 -24.21 3.36 28.79
C LEU E 119 -22.89 3.78 28.18
N THR E 120 -22.23 2.83 27.51
CA THR E 120 -21.10 3.12 26.63
C THR E 120 -21.35 2.48 25.28
N VAL E 121 -21.21 3.26 24.21
CA VAL E 121 -21.23 2.76 22.84
C VAL E 121 -19.84 2.92 22.25
N THR E 122 -19.25 1.82 21.80
CA THR E 122 -17.99 1.86 21.07
C THR E 122 -18.21 1.39 19.65
N ILE E 123 -17.80 2.20 18.69
CA ILE E 123 -17.68 1.80 17.31
C ILE E 123 -16.22 1.44 17.08
N SER E 124 -15.95 0.21 16.63
CA SER E 124 -14.59 -0.24 16.42
C SER E 124 -14.52 -1.09 15.15
N GLU E 125 -13.29 -1.40 14.74
CA GLU E 125 -13.03 -2.18 13.53
C GLU E 125 -13.68 -1.58 12.30
N ILE E 126 -13.78 -0.24 12.26
CA ILE E 126 -14.33 0.43 11.10
C ILE E 126 -13.54 0.02 9.88
N ALA E 127 -14.24 -0.35 8.83
CA ALA E 127 -13.64 -0.47 7.50
C ALA E 127 -14.52 0.26 6.51
N VAL E 128 -13.99 1.33 5.93
CA VAL E 128 -14.60 1.89 4.73
C VAL E 128 -14.06 1.08 3.56
N LYS E 129 -14.96 0.43 2.82
CA LYS E 129 -14.58 -0.52 1.79
C LYS E 129 -14.90 0.04 0.41
N ASP E 130 -13.87 0.18 -0.41
CA ASP E 130 -14.05 0.44 -1.84
C ASP E 130 -14.66 -0.78 -2.53
N VAL E 131 -15.48 -0.51 -3.55
CA VAL E 131 -16.03 -1.53 -4.42
C VAL E 131 -15.62 -1.24 -5.86
N THR E 132 -15.30 -2.29 -6.61
CA THR E 132 -15.00 -2.16 -8.03
C THR E 132 -15.42 -3.42 -8.74
N ASP E 133 -15.42 -3.37 -10.07
CA ASP E 133 -15.75 -4.53 -10.88
C ASP E 133 -14.74 -5.66 -10.69
N LYS E 134 -15.25 -6.88 -10.54
CA LYS E 134 -14.45 -8.08 -10.50
C LYS E 134 -14.18 -8.60 -11.90
N THR E 135 -13.02 -9.24 -12.07
CA THR E 135 -12.75 -9.99 -13.29
C THR E 135 -13.81 -11.06 -13.51
N GLY E 136 -14.33 -11.13 -14.73
CA GLY E 136 -15.38 -12.08 -15.02
C GLY E 136 -16.75 -11.68 -14.53
N GLY E 137 -16.93 -10.44 -14.11
CA GLY E 137 -18.22 -9.94 -13.69
C GLY E 137 -18.45 -10.04 -12.19
N GLY E 138 -19.48 -9.33 -11.75
CA GLY E 138 -19.67 -9.06 -10.35
C GLY E 138 -18.78 -7.92 -9.87
N VAL E 139 -18.70 -7.79 -8.54
CA VAL E 139 -17.91 -6.75 -7.90
C VAL E 139 -16.95 -7.39 -6.91
N GLN E 140 -15.88 -6.66 -6.62
CA GLN E 140 -14.93 -7.04 -5.58
C GLN E 140 -14.69 -5.85 -4.67
N VAL E 141 -14.33 -6.16 -3.42
CA VAL E 141 -14.26 -5.18 -2.34
C VAL E 141 -12.82 -5.10 -1.85
N THR E 142 -12.36 -3.87 -1.56
CA THR E 142 -11.06 -3.66 -0.95
C THR E 142 -11.17 -2.62 0.15
N ASP E 143 -10.33 -2.78 1.17
CA ASP E 143 -10.27 -1.83 2.27
C ASP E 143 -9.65 -0.51 1.83
N SER E 144 -10.25 0.59 2.29
CA SER E 144 -9.87 1.93 1.88
C SER E 144 -9.11 2.61 3.00
N THR E 145 -7.93 3.15 2.68
CA THR E 145 -7.19 3.94 3.65
C THR E 145 -7.63 5.41 3.66
N THR E 146 -8.28 5.87 2.59
CA THR E 146 -8.75 7.25 2.52
C THR E 146 -10.25 7.39 2.78
N GLY E 147 -11.02 6.31 2.66
CA GLY E 147 -12.42 6.36 3.05
C GLY E 147 -12.58 6.75 4.51
N ARG E 148 -13.63 7.51 4.81
CA ARG E 148 -13.92 7.95 6.16
C ARG E 148 -15.37 7.66 6.51
N LEU E 149 -15.57 7.11 7.71
CA LEU E 149 -16.88 7.05 8.33
C LEU E 149 -17.10 8.29 9.20
N CYS E 150 -18.11 9.07 8.84
CA CYS E 150 -18.56 10.19 9.67
C CYS E 150 -19.30 9.65 10.89
N MET E 151 -18.85 10.03 12.09
CA MET E 151 -19.61 9.78 13.31
C MET E 151 -19.96 11.10 13.97
N LEU E 152 -21.26 11.34 14.15
CA LEU E 152 -21.76 12.50 14.88
C LEU E 152 -22.52 11.98 16.10
N VAL E 153 -22.03 12.32 17.29
CA VAL E 153 -22.73 12.02 18.54
C VAL E 153 -23.39 13.30 19.03
N ASP E 154 -24.71 13.27 19.14
CA ASP E 154 -25.51 14.46 19.42
C ASP E 154 -25.78 14.56 20.93
N HIS E 155 -24.70 14.77 21.69
CA HIS E 155 -24.81 14.98 23.13
C HIS E 155 -25.72 16.16 23.47
N GLU E 156 -25.76 17.17 22.61
CA GLU E 156 -26.53 18.38 22.88
C GLU E 156 -28.02 18.21 22.59
N TYR E 157 -28.44 17.11 21.98
CA TYR E 157 -29.81 16.94 21.52
C TYR E 157 -30.22 18.07 20.58
N LYS E 158 -29.29 18.49 19.73
CA LYS E 158 -29.61 19.48 18.71
C LYS E 158 -30.66 18.96 17.76
N TYR E 159 -30.53 17.71 17.35
CA TYR E 159 -31.27 17.07 16.26
C TYR E 159 -32.47 16.31 16.80
N PRO E 160 -33.59 16.38 16.08
CA PRO E 160 -34.80 15.67 16.50
C PRO E 160 -34.56 14.23 16.93
N TYR E 161 -35.00 13.91 18.13
CA TYR E 161 -34.76 12.61 18.73
C TYR E 161 -35.83 11.63 18.25
N VAL E 162 -35.43 10.59 17.53
CA VAL E 162 -36.38 9.64 16.95
C VAL E 162 -36.28 8.26 17.60
N LEU E 163 -35.30 8.04 18.48
CA LEU E 163 -35.21 6.78 19.21
C LEU E 163 -36.36 6.64 20.21
N GLY E 164 -36.68 5.39 20.53
CA GLY E 164 -37.65 5.08 21.56
C GLY E 164 -39.08 5.36 21.14
N GLN E 165 -39.42 4.87 19.94
CA GLN E 165 -40.72 5.08 19.33
C GLN E 165 -41.34 3.75 18.90
N GLY E 166 -40.82 2.63 19.36
CA GLY E 166 -41.32 1.31 18.98
C GLY E 166 -41.11 0.94 17.54
N GLN E 167 -40.19 1.62 16.85
CA GLN E 167 -39.97 1.39 15.42
C GLN E 167 -39.07 0.19 15.18
N ASP E 168 -39.23 -0.42 14.00
CA ASP E 168 -38.49 -1.62 13.61
C ASP E 168 -37.07 -1.30 13.13
N THR E 169 -36.26 -0.78 14.07
CA THR E 169 -34.98 -0.17 13.76
C THR E 169 -33.86 -0.73 14.62
N LEU E 170 -34.18 -1.63 15.55
CA LEU E 170 -33.24 -2.13 16.54
C LEU E 170 -32.09 -2.93 15.93
N ALA E 171 -30.98 -2.94 16.65
CA ALA E 171 -29.91 -3.92 16.46
C ALA E 171 -30.45 -5.34 16.46
N PRO E 172 -29.82 -6.25 15.70
CA PRO E 172 -30.30 -7.63 15.65
C PRO E 172 -30.27 -8.31 17.01
N GLU E 173 -31.27 -9.16 17.25
CA GLU E 173 -31.40 -9.84 18.52
C GLU E 173 -30.30 -10.87 18.73
N LEU E 174 -29.85 -11.52 17.67
CA LEU E 174 -28.74 -12.47 17.78
C LEU E 174 -27.41 -11.80 17.45
N PRO E 175 -26.35 -12.19 18.15
CA PRO E 175 -25.01 -11.66 17.85
C PRO E 175 -24.43 -12.13 16.52
N ILE E 176 -25.04 -13.13 15.88
CA ILE E 176 -24.57 -13.62 14.59
C ILE E 176 -25.13 -12.83 13.40
N TRP E 177 -25.88 -11.77 13.64
CA TRP E 177 -26.55 -11.02 12.57
C TRP E 177 -25.97 -9.61 12.47
N VAL E 178 -25.83 -9.14 11.23
CA VAL E 178 -25.28 -7.81 10.96
C VAL E 178 -26.36 -6.74 11.14
N TYR E 179 -26.06 -5.75 11.96
CA TYR E 179 -26.93 -4.57 12.08
C TYR E 179 -26.83 -3.70 10.84
N PHE E 180 -27.98 -3.40 10.24
CA PHE E 180 -28.10 -2.37 9.21
C PHE E 180 -28.78 -1.14 9.79
N PRO E 181 -28.02 -0.20 10.33
CA PRO E 181 -28.61 0.95 11.05
C PRO E 181 -29.57 1.75 10.19
N PRO E 182 -30.69 2.19 10.78
CA PRO E 182 -31.73 2.89 10.02
C PRO E 182 -31.26 4.23 9.46
N GLN E 183 -31.85 4.63 8.34
CA GLN E 183 -31.70 5.98 7.84
C GLN E 183 -32.38 6.98 8.77
N TYR E 184 -31.64 8.04 9.11
CA TYR E 184 -32.18 9.11 9.96
C TYR E 184 -33.17 9.98 9.20
N ALA E 185 -34.39 10.05 9.70
CA ALA E 185 -35.45 10.89 9.16
C ALA E 185 -36.36 11.29 10.31
N TYR E 186 -36.95 12.48 10.20
CA TYR E 186 -37.72 13.02 11.30
C TYR E 186 -38.84 13.90 10.76
N LEU E 187 -39.87 14.06 11.57
CA LEU E 187 -41.03 14.88 11.27
C LEU E 187 -40.91 16.24 11.95
N THR E 188 -41.44 17.27 11.28
CA THR E 188 -41.41 18.62 11.82
C THR E 188 -42.76 19.29 11.59
N VAL E 189 -42.99 20.37 12.35
CA VAL E 189 -44.20 21.18 12.16
C VAL E 189 -44.18 21.88 10.81
N GLY E 190 -45.36 22.33 10.40
CA GLY E 190 -45.50 23.06 9.16
C GLY E 190 -46.91 23.59 8.99
N ASP E 191 -47.16 24.18 7.83
CA ASP E 191 -48.46 24.75 7.50
C ASP E 191 -49.23 23.86 6.54
N VAL E 192 -50.49 23.58 6.86
CA VAL E 192 -51.39 22.79 6.04
C VAL E 192 -51.88 23.66 4.87
N ASN E 193 -51.50 23.30 3.66
CA ASN E 193 -51.90 24.02 2.45
C ASN E 193 -52.86 23.19 1.63
N THR E 194 -54.02 23.77 1.31
CA THR E 194 -55.01 23.09 0.49
C THR E 194 -54.50 22.92 -0.94
N GLN E 195 -54.61 21.70 -1.47
CA GLN E 195 -54.09 21.40 -2.81
C GLN E 195 -55.11 21.80 -3.89
N GLY E 196 -55.25 23.11 -4.05
CA GLY E 196 -56.14 23.64 -5.08
C GLY E 196 -57.60 23.31 -4.87
N ILE E 197 -58.29 23.02 -5.97
CA ILE E 197 -59.71 22.72 -5.94
C ILE E 197 -60.00 21.41 -5.21
N SER E 198 -59.02 20.50 -5.17
CA SER E 198 -59.27 19.14 -4.70
C SER E 198 -59.72 19.11 -3.25
N GLY E 199 -59.34 20.11 -2.46
CA GLY E 199 -59.55 20.08 -1.03
C GLY E 199 -58.66 19.12 -0.25
N ASP E 200 -57.89 18.29 -0.93
CA ASP E 200 -56.85 17.52 -0.28
C ASP E 200 -55.75 18.46 0.24
N SER E 201 -55.01 17.98 1.24
CA SER E 201 -54.11 18.84 1.98
C SER E 201 -52.73 18.22 2.08
N LYS E 202 -51.73 19.09 2.06
CA LYS E 202 -50.35 18.77 2.39
C LYS E 202 -49.85 19.77 3.42
N LYS E 203 -48.95 19.30 4.27
CA LYS E 203 -48.22 20.19 5.17
C LYS E 203 -46.99 20.71 4.46
N LEU E 204 -47.00 22.00 4.14
CA LEU E 204 -45.85 22.69 3.58
C LEU E 204 -44.96 23.19 4.70
N ALA E 205 -43.67 23.33 4.40
CA ALA E 205 -42.76 23.95 5.35
C ALA E 205 -43.17 25.38 5.67
N SER E 206 -42.98 25.77 6.92
CA SER E 206 -43.24 27.11 7.41
C SER E 206 -42.02 27.58 8.20
N GLU E 207 -42.05 28.84 8.64
CA GLU E 207 -40.92 29.39 9.37
C GLU E 207 -40.55 28.54 10.58
N GLU E 208 -41.52 27.90 11.21
CA GLU E 208 -41.24 27.01 12.34
C GLU E 208 -40.64 25.68 11.92
N SER E 209 -40.86 25.25 10.68
CA SER E 209 -40.34 23.96 10.22
C SER E 209 -38.82 23.93 10.34
N ALA E 210 -38.33 22.95 11.09
CA ALA E 210 -36.90 22.83 11.37
C ALA E 210 -36.23 21.94 10.32
N PHE E 211 -35.42 22.55 9.47
CA PHE E 211 -34.60 21.83 8.50
C PHE E 211 -33.18 21.73 9.06
N TYR E 212 -32.77 20.52 9.42
CA TYR E 212 -31.47 20.26 10.02
C TYR E 212 -30.51 19.67 8.99
N VAL E 213 -29.35 20.29 8.85
CA VAL E 213 -28.27 19.78 8.00
C VAL E 213 -27.12 19.37 8.92
N LEU E 214 -26.98 18.06 9.10
CA LEU E 214 -25.98 17.53 10.04
C LEU E 214 -24.55 17.83 9.61
N GLU E 215 -24.30 17.94 8.30
CA GLU E 215 -23.01 18.41 7.80
C GLU E 215 -22.65 19.84 8.19
N HIS E 216 -23.60 20.63 8.68
CA HIS E 216 -23.23 21.95 9.16
C HIS E 216 -22.61 21.94 10.54
N SER E 217 -22.66 20.82 11.27
CA SER E 217 -21.97 20.70 12.54
C SER E 217 -20.61 20.04 12.36
N SER E 218 -19.81 20.09 13.42
CA SER E 218 -18.58 19.31 13.49
C SER E 218 -18.85 17.86 13.89
N PHE E 219 -18.19 16.95 13.19
CA PHE E 219 -18.26 15.52 13.47
C PHE E 219 -16.91 14.88 13.14
N GLN E 220 -16.72 13.68 13.67
CA GLN E 220 -15.46 12.95 13.50
C GLN E 220 -15.40 12.24 12.17
N LEU E 221 -14.23 12.29 11.52
CA LEU E 221 -13.92 11.48 10.36
C LEU E 221 -13.02 10.33 10.79
N LEU E 222 -13.52 9.11 10.66
CA LEU E 222 -12.85 7.91 11.14
C LEU E 222 -12.37 7.09 9.94
N GLY E 223 -11.07 6.81 9.89
CA GLY E 223 -10.52 5.94 8.87
C GLY E 223 -10.75 4.47 9.19
N THR E 224 -10.37 3.63 8.22
CA THR E 224 -10.37 2.18 8.42
C THR E 224 -9.48 1.77 9.58
N GLY E 225 -9.99 0.88 10.42
CA GLY E 225 -9.38 0.56 11.69
C GLY E 225 -9.65 1.57 12.79
N GLY E 226 -10.41 2.63 12.47
CA GLY E 226 -10.71 3.64 13.46
C GLY E 226 -11.65 3.14 14.54
N THR E 227 -11.51 3.73 15.72
CA THR E 227 -12.39 3.46 16.85
C THR E 227 -12.87 4.81 17.39
N ALA E 228 -14.13 4.86 17.80
CA ALA E 228 -14.63 5.98 18.58
C ALA E 228 -15.65 5.49 19.61
N THR E 229 -15.72 6.19 20.74
CA THR E 229 -16.53 5.77 21.86
C THR E 229 -17.42 6.91 22.35
N MET E 230 -18.69 6.59 22.57
CA MET E 230 -19.65 7.45 23.25
C MET E 230 -19.89 6.90 24.65
N SER E 231 -20.01 7.79 25.63
CA SER E 231 -20.43 7.38 26.96
C SER E 231 -21.56 8.26 27.47
N TYR E 232 -22.50 7.64 28.20
CA TYR E 232 -23.69 8.30 28.71
C TYR E 232 -24.01 7.75 30.10
N LYS E 233 -24.37 8.65 31.02
CA LYS E 233 -24.93 8.25 32.30
C LYS E 233 -26.42 8.53 32.34
N PHE E 234 -27.19 7.52 32.72
CA PHE E 234 -28.61 7.72 32.96
C PHE E 234 -28.83 8.61 34.17
N PRO E 235 -29.88 9.44 34.15
CA PRO E 235 -30.33 10.11 35.36
C PRO E 235 -30.82 9.10 36.38
N PRO E 236 -30.98 9.49 37.65
CA PRO E 236 -31.67 8.62 38.59
C PRO E 236 -33.13 8.42 38.17
N VAL E 237 -33.55 7.16 38.11
CA VAL E 237 -34.90 6.81 37.70
C VAL E 237 -35.46 5.77 38.66
N PRO E 238 -36.78 5.66 38.82
CA PRO E 238 -37.33 4.61 39.68
C PRO E 238 -37.01 3.24 39.11
N PRO E 239 -36.51 2.33 39.92
CA PRO E 239 -36.30 0.96 39.43
C PRO E 239 -37.63 0.27 39.15
N GLU E 240 -37.62 -0.58 38.13
CA GLU E 240 -38.71 -1.52 37.91
C GLU E 240 -38.67 -2.61 38.98
N ASN E 241 -39.78 -2.78 39.70
CA ASN E 241 -39.91 -3.88 40.66
C ASN E 241 -40.06 -5.20 39.93
N LEU E 242 -39.14 -6.13 40.18
CA LEU E 242 -39.18 -7.46 39.60
C LEU E 242 -39.98 -8.47 40.42
N GLU E 243 -40.52 -8.07 41.57
CA GLU E 243 -41.27 -8.97 42.44
C GLU E 243 -42.73 -8.54 42.53
N GLY E 244 -43.63 -9.52 42.51
CA GLY E 244 -45.05 -9.26 42.57
C GLY E 244 -45.63 -9.25 43.98
N CYS E 245 -46.96 -9.25 44.03
CA CYS E 245 -47.72 -9.14 45.27
C CYS E 245 -48.50 -10.41 45.56
N SER E 246 -48.48 -10.86 46.82
CA SER E 246 -49.27 -11.99 47.27
C SER E 246 -50.60 -11.59 47.88
N GLN E 247 -50.97 -10.30 47.82
CA GLN E 247 -52.24 -9.83 48.35
C GLN E 247 -52.89 -8.84 47.40
N HIS E 248 -54.22 -8.82 47.42
CA HIS E 248 -54.99 -7.71 46.86
C HIS E 248 -55.03 -6.55 47.85
N PHE E 249 -54.71 -5.34 47.36
CA PHE E 249 -54.65 -4.19 48.26
C PHE E 249 -56.00 -3.90 48.90
N TYR E 250 -57.09 -4.23 48.21
CA TYR E 250 -58.44 -4.10 48.74
C TYR E 250 -58.85 -5.25 49.66
N GLU E 251 -57.96 -6.23 49.88
CA GLU E 251 -58.22 -7.34 50.81
C GLU E 251 -57.19 -7.40 51.92
N MET E 252 -56.70 -6.26 52.38
CA MET E 252 -55.70 -6.20 53.43
C MET E 252 -56.28 -6.24 54.84
N TYR E 253 -57.60 -6.29 54.98
CA TYR E 253 -58.25 -6.37 56.27
C TYR E 253 -58.16 -7.78 56.86
N ASN E 254 -58.39 -7.87 58.16
CA ASN E 254 -58.51 -9.16 58.84
C ASN E 254 -59.86 -9.81 58.53
N PRO E 255 -59.89 -10.97 57.88
CA PRO E 255 -61.17 -11.56 57.46
C PRO E 255 -62.05 -12.05 58.61
N LEU E 256 -61.52 -12.17 59.83
CA LEU E 256 -62.31 -12.69 60.94
C LEU E 256 -63.21 -11.66 61.60
N TYR E 257 -63.02 -10.37 61.34
CA TYR E 257 -63.72 -9.34 62.09
C TYR E 257 -64.55 -8.44 61.19
N GLY E 258 -65.66 -7.97 61.74
CA GLY E 258 -66.42 -6.91 61.12
C GLY E 258 -65.81 -5.54 61.32
N SER E 259 -66.22 -4.61 60.46
CA SER E 259 -65.80 -3.22 60.60
C SER E 259 -66.47 -2.57 61.81
N ARG E 260 -65.71 -1.70 62.48
CA ARG E 260 -66.28 -0.74 63.41
C ARG E 260 -67.02 0.39 62.70
N LEU E 261 -66.96 0.45 61.38
CA LEU E 261 -67.60 1.48 60.58
C LEU E 261 -68.92 0.96 60.02
N GLY E 262 -69.99 1.74 60.20
CA GLY E 262 -71.23 1.46 59.52
C GLY E 262 -71.26 2.00 58.10
N VAL E 263 -72.18 1.46 57.31
CA VAL E 263 -72.41 1.92 55.94
C VAL E 263 -73.89 2.15 55.76
N PRO E 264 -74.28 2.93 54.75
CA PRO E 264 -75.71 3.17 54.50
C PRO E 264 -76.50 1.87 54.35
N ASP E 265 -77.68 1.86 54.94
CA ASP E 265 -78.63 0.75 54.85
C ASP E 265 -79.96 1.20 54.28
N THR E 266 -80.53 2.28 54.81
CA THR E 266 -81.74 2.89 54.29
C THR E 266 -81.36 4.24 53.71
N LEU E 267 -81.76 4.49 52.47
CA LEU E 267 -81.37 5.70 51.75
C LEU E 267 -82.45 6.78 51.86
N GLY E 268 -82.20 7.90 51.20
CA GLY E 268 -83.05 9.06 51.26
C GLY E 268 -82.42 10.18 52.09
N GLY E 269 -83.27 11.15 52.42
CA GLY E 269 -82.80 12.31 53.17
C GLY E 269 -82.43 12.02 54.61
N ASP E 270 -83.06 11.04 55.21
CA ASP E 270 -82.75 10.61 56.58
C ASP E 270 -82.20 9.19 56.55
N PRO E 271 -80.96 9.00 56.10
CA PRO E 271 -80.44 7.64 55.94
C PRO E 271 -80.16 6.97 57.27
N LYS E 272 -80.43 5.68 57.32
CA LYS E 272 -80.05 4.83 58.45
C LYS E 272 -78.84 4.00 58.05
N PHE E 273 -77.84 3.98 58.93
CA PHE E 273 -76.63 3.20 58.72
C PHE E 273 -76.70 1.87 59.46
N ARG E 274 -75.97 0.90 58.92
CA ARG E 274 -75.88 -0.45 59.45
C ARG E 274 -74.42 -0.80 59.70
N SER E 275 -74.16 -1.43 60.84
CA SER E 275 -72.84 -1.98 61.12
C SER E 275 -72.56 -3.19 60.24
N LEU E 276 -71.30 -3.28 59.79
CA LEU E 276 -70.88 -4.37 58.92
C LEU E 276 -70.58 -5.64 59.71
N THR E 277 -70.95 -6.78 59.13
CA THR E 277 -70.57 -8.06 59.69
C THR E 277 -69.15 -8.42 59.25
N HIS E 278 -68.64 -9.52 59.79
CA HIS E 278 -67.43 -10.15 59.28
C HIS E 278 -67.64 -10.89 57.97
N GLU E 279 -68.83 -10.84 57.36
CA GLU E 279 -69.10 -11.63 56.15
C GLU E 279 -69.60 -10.84 54.95
N ASP E 280 -70.05 -9.59 55.10
CA ASP E 280 -70.30 -8.72 53.94
C ASP E 280 -69.01 -8.08 53.44
N HIS E 281 -68.10 -8.95 53.01
CA HIS E 281 -66.77 -8.54 52.56
C HIS E 281 -66.81 -7.55 51.40
N ALA E 282 -67.81 -7.67 50.52
CA ALA E 282 -67.88 -6.81 49.34
C ALA E 282 -68.03 -5.33 49.68
N ILE E 283 -68.53 -5.00 50.87
CA ILE E 283 -68.76 -3.61 51.24
C ILE E 283 -67.82 -3.18 52.36
N GLN E 284 -66.69 -3.87 52.50
CA GLN E 284 -65.56 -3.41 53.30
C GLN E 284 -65.11 -2.01 52.89
N PRO E 285 -65.08 -1.04 53.81
CA PRO E 285 -64.49 0.26 53.50
C PRO E 285 -63.02 0.15 53.15
N GLN E 286 -62.56 1.06 52.29
CA GLN E 286 -61.20 1.02 51.77
C GLN E 286 -60.48 2.32 52.14
N ASN E 287 -59.19 2.20 52.46
CA ASN E 287 -58.39 3.39 52.72
C ASN E 287 -57.86 4.01 51.44
N PHE E 288 -57.63 3.21 50.41
CA PHE E 288 -57.00 3.68 49.19
C PHE E 288 -57.86 3.30 47.99
N MET E 289 -57.92 4.15 47.06
CA MET E 289 -58.65 3.94 45.82
C MET E 289 -57.78 3.19 44.82
N PRO E 290 -58.41 2.48 43.87
CA PRO E 290 -57.66 1.94 42.74
C PRO E 290 -57.27 3.03 41.77
N GLY E 291 -56.30 2.70 40.92
CA GLY E 291 -55.76 3.63 39.95
C GLY E 291 -56.67 4.00 38.79
N PRO E 292 -56.24 4.99 38.01
CA PRO E 292 -57.03 5.41 36.85
C PRO E 292 -57.05 4.35 35.75
N LEU E 293 -58.20 4.24 35.09
CA LEU E 293 -58.34 3.42 33.89
C LEU E 293 -58.99 4.27 32.81
N VAL E 294 -58.43 4.21 31.60
CA VAL E 294 -58.94 4.97 30.46
C VAL E 294 -59.19 4.02 29.30
N ASN E 295 -60.46 3.85 28.95
CA ASN E 295 -60.90 2.93 27.89
C ASN E 295 -60.25 1.55 27.99
N SER E 296 -60.07 1.06 29.22
CA SER E 296 -59.31 -0.16 29.45
C SER E 296 -60.19 -1.40 29.21
N VAL E 297 -60.71 -1.48 27.99
CA VAL E 297 -61.66 -2.52 27.62
C VAL E 297 -60.95 -3.58 26.77
N SER E 298 -61.51 -4.78 26.77
CA SER E 298 -60.99 -5.84 25.91
C SER E 298 -61.38 -5.60 24.45
N THR E 299 -60.69 -6.34 23.57
CA THR E 299 -60.98 -6.30 22.14
C THR E 299 -62.42 -6.68 21.82
N LYS E 300 -63.04 -7.52 22.66
CA LYS E 300 -64.45 -7.84 22.47
C LYS E 300 -65.37 -6.66 22.81
N GLU E 301 -64.98 -5.83 23.77
CA GLU E 301 -65.86 -4.77 24.24
C GLU E 301 -65.45 -3.39 23.73
N GLY E 302 -64.29 -3.28 23.09
CA GLY E 302 -63.89 -2.05 22.41
C GLY E 302 -64.53 -1.89 21.05
N ALA E 312 -59.63 0.39 9.98
CA ALA E 312 -59.75 1.72 10.57
C ALA E 312 -59.07 1.77 11.93
N LEU E 313 -58.91 2.97 12.46
CA LEU E 313 -58.28 3.15 13.76
C LEU E 313 -59.27 2.79 14.85
N THR E 314 -59.03 1.66 15.52
CA THR E 314 -59.75 1.30 16.74
C THR E 314 -58.99 1.73 17.98
N GLY E 315 -59.65 1.62 19.12
CA GLY E 315 -59.02 1.90 20.40
C GLY E 315 -58.92 3.37 20.74
N LEU E 316 -58.28 3.62 21.87
CA LEU E 316 -58.17 4.96 22.43
C LEU E 316 -57.43 5.88 21.46
N SER E 317 -58.05 7.02 21.15
CA SER E 317 -57.55 7.90 20.11
C SER E 317 -58.11 9.29 20.35
N THR E 318 -57.42 10.28 19.78
CA THR E 318 -57.76 11.68 19.96
C THR E 318 -57.55 12.42 18.66
N GLY E 319 -58.42 13.39 18.38
CA GLY E 319 -58.31 14.16 17.17
C GLY E 319 -59.51 15.07 17.01
N THR E 320 -59.60 15.66 15.83
CA THR E 320 -60.65 16.63 15.53
C THR E 320 -61.90 16.01 14.94
N SER E 321 -61.83 14.77 14.47
CA SER E 321 -62.99 14.07 13.95
C SER E 321 -62.67 12.58 13.90
N GLN E 322 -63.69 11.78 13.59
CA GLN E 322 -63.51 10.34 13.44
C GLN E 322 -62.50 9.98 12.34
N ASN E 323 -62.39 10.81 11.31
CA ASN E 323 -61.45 10.56 10.23
C ASN E 323 -60.06 11.13 10.46
N THR E 324 -59.86 11.98 11.47
CA THR E 324 -58.62 12.74 11.64
C THR E 324 -58.13 12.56 13.07
N ARG E 325 -57.50 11.41 13.34
CA ARG E 325 -57.18 10.95 14.68
C ARG E 325 -55.78 10.36 14.68
N ILE E 326 -55.15 10.37 15.84
CA ILE E 326 -53.99 9.52 16.10
C ILE E 326 -54.38 8.45 17.12
N SER E 327 -53.75 7.29 17.01
CA SER E 327 -53.80 6.29 18.06
C SER E 327 -53.11 6.78 19.33
N LEU E 328 -53.73 6.51 20.48
CA LEU E 328 -53.06 6.64 21.77
C LEU E 328 -52.65 5.31 22.38
N ARG E 329 -52.67 4.22 21.61
CA ARG E 329 -52.12 2.96 22.08
C ARG E 329 -50.66 3.13 22.50
N PRO E 330 -50.19 2.34 23.49
CA PRO E 330 -50.94 1.34 24.28
C PRO E 330 -51.77 1.96 25.41
N GLY E 331 -51.84 3.28 25.49
CA GLY E 331 -52.44 3.94 26.63
C GLY E 331 -51.51 3.99 27.84
N PRO E 332 -51.99 4.61 28.91
CA PRO E 332 -51.15 4.80 30.10
C PRO E 332 -50.56 3.49 30.63
N VAL E 333 -49.33 3.57 31.15
CA VAL E 333 -48.69 2.43 31.77
C VAL E 333 -49.45 1.93 32.99
N SER E 334 -50.33 2.75 33.55
CA SER E 334 -51.12 2.41 34.72
C SER E 334 -52.28 1.48 34.42
N GLN E 335 -52.36 0.92 33.21
CA GLN E 335 -53.39 -0.04 32.91
C GLN E 335 -52.84 -1.15 32.02
N PRO E 336 -53.29 -2.38 32.21
CA PRO E 336 -52.88 -3.47 31.32
C PRO E 336 -53.62 -3.41 29.99
N TYR E 337 -53.03 -4.09 29.02
CA TYR E 337 -53.72 -4.41 27.79
C TYR E 337 -53.72 -5.89 27.45
N HIS E 338 -53.20 -6.74 28.32
CA HIS E 338 -53.31 -8.19 28.15
C HIS E 338 -53.05 -8.86 29.49
N HIS E 339 -53.90 -9.83 29.84
CA HIS E 339 -53.60 -10.69 30.97
C HIS E 339 -54.40 -11.98 30.83
N TRP E 340 -53.90 -13.02 31.50
CA TRP E 340 -54.72 -14.16 31.88
C TRP E 340 -55.77 -13.73 32.91
N ASP E 341 -57.01 -13.63 32.48
CA ASP E 341 -58.11 -13.67 33.42
C ASP E 341 -58.45 -15.13 33.72
N THR E 342 -59.27 -15.33 34.76
CA THR E 342 -59.23 -16.56 35.55
C THR E 342 -59.28 -17.82 34.69
N ASP E 343 -59.95 -17.77 33.55
CA ASP E 343 -60.05 -18.93 32.66
C ASP E 343 -59.78 -18.60 31.20
N LYS E 344 -59.20 -17.43 30.92
CA LYS E 344 -59.24 -16.86 29.58
C LYS E 344 -58.16 -15.80 29.47
N TYR E 345 -57.44 -15.79 28.36
CA TYR E 345 -56.64 -14.63 28.01
C TYR E 345 -57.53 -13.49 27.51
N VAL E 346 -57.40 -12.34 28.15
CA VAL E 346 -58.11 -11.12 27.76
C VAL E 346 -57.10 -10.15 27.18
N THR E 347 -57.40 -9.60 26.00
CA THR E 347 -56.52 -8.65 25.35
C THR E 347 -57.25 -7.33 25.14
N GLY E 348 -56.53 -6.22 25.39
CA GLY E 348 -57.11 -4.90 25.28
C GLY E 348 -57.23 -4.46 23.83
N ILE E 349 -58.31 -3.72 23.54
CA ILE E 349 -58.38 -3.01 22.26
C ILE E 349 -57.19 -2.08 22.08
N ASN E 350 -56.62 -1.57 23.18
CA ASN E 350 -55.46 -0.70 23.14
C ASN E 350 -54.14 -1.46 23.11
N ALA E 351 -54.17 -2.79 23.09
CA ALA E 351 -52.96 -3.59 23.14
C ALA E 351 -52.03 -3.28 21.96
N ILE E 352 -50.74 -3.27 22.25
CA ILE E 352 -49.69 -3.36 21.25
C ILE E 352 -49.05 -4.74 21.32
N SER E 353 -48.70 -5.28 20.16
CA SER E 353 -48.07 -6.57 20.03
C SER E 353 -46.58 -6.40 19.74
N HIS E 354 -45.74 -7.11 20.50
CA HIS E 354 -44.32 -7.20 20.19
C HIS E 354 -44.12 -8.33 19.18
N GLY E 355 -44.45 -8.05 17.94
CA GLY E 355 -44.57 -9.08 16.92
C GLY E 355 -45.75 -10.00 17.15
N GLN E 356 -45.92 -10.92 16.20
CA GLN E 356 -47.04 -11.85 16.20
C GLN E 356 -46.51 -13.27 16.06
N THR E 357 -47.24 -14.21 16.67
CA THR E 357 -47.10 -15.62 16.34
C THR E 357 -47.91 -15.91 15.09
N THR E 358 -47.23 -16.20 13.98
CA THR E 358 -47.90 -16.52 12.74
C THR E 358 -48.40 -17.97 12.74
N GLN E 369 -49.56 -11.12 9.98
CA GLN E 369 -50.65 -11.12 10.94
C GLN E 369 -50.74 -12.46 11.68
N GLY E 370 -51.13 -12.40 12.95
CA GLY E 370 -51.28 -13.61 13.72
C GLY E 370 -51.68 -13.30 15.13
N VAL E 371 -51.51 -14.29 16.01
CA VAL E 371 -51.74 -14.08 17.43
C VAL E 371 -50.67 -13.15 18.00
N GLY E 372 -51.11 -12.14 18.75
CA GLY E 372 -50.20 -11.17 19.30
C GLY E 372 -49.31 -11.75 20.37
N ARG E 373 -48.18 -11.11 20.60
CA ARG E 373 -47.27 -11.46 21.68
C ARG E 373 -47.32 -10.35 22.73
N PHE E 374 -47.69 -10.72 23.95
CA PHE E 374 -48.09 -9.74 24.94
C PHE E 374 -47.48 -10.07 26.30
N PRO E 375 -47.22 -9.06 27.13
CA PRO E 375 -46.93 -9.32 28.54
C PRO E 375 -48.19 -9.79 29.25
N ASN E 376 -48.03 -10.73 30.17
CA ASN E 376 -49.12 -11.13 31.07
C ASN E 376 -49.10 -10.21 32.29
N GLU E 377 -50.02 -9.24 32.32
CA GLU E 377 -50.04 -8.20 33.35
C GLU E 377 -50.80 -8.63 34.60
N LYS E 378 -50.49 -9.83 35.09
CA LYS E 378 -51.16 -10.41 36.24
C LYS E 378 -51.09 -9.54 37.50
N GLU E 379 -50.01 -8.78 37.69
CA GLU E 379 -49.92 -7.87 38.84
C GLU E 379 -50.85 -6.66 38.73
N GLN E 380 -51.24 -6.26 37.52
CA GLN E 380 -52.26 -5.23 37.40
C GLN E 380 -53.67 -5.80 37.62
N LEU E 381 -53.95 -6.96 37.05
CA LEU E 381 -55.24 -7.63 37.25
C LEU E 381 -55.56 -7.84 38.73
N LYS E 382 -54.57 -8.22 39.52
CA LYS E 382 -54.77 -8.39 40.96
C LYS E 382 -55.21 -7.12 41.67
N GLN E 383 -54.84 -5.95 41.19
CA GLN E 383 -55.08 -4.71 41.92
C GLN E 383 -56.18 -3.86 41.29
N LEU E 384 -57.28 -4.51 40.89
CA LEU E 384 -58.47 -3.86 40.33
C LEU E 384 -58.22 -3.14 39.02
N GLN E 385 -57.14 -3.45 38.31
CA GLN E 385 -56.87 -2.78 37.05
C GLN E 385 -57.16 -3.66 35.85
N GLY E 386 -57.75 -4.83 36.05
CA GLY E 386 -58.08 -5.72 34.94
C GLY E 386 -58.84 -5.07 33.81
N LEU E 387 -58.68 -5.61 32.61
CA LEU E 387 -59.51 -5.23 31.48
C LEU E 387 -60.98 -5.44 31.78
N ASN E 388 -61.81 -4.54 31.26
CA ASN E 388 -63.26 -4.51 31.49
C ASN E 388 -63.65 -4.34 32.95
N MET E 389 -62.74 -3.82 33.79
CA MET E 389 -63.15 -3.42 35.13
C MET E 389 -64.14 -2.27 35.05
N HIS E 390 -65.39 -2.52 35.42
CA HIS E 390 -66.37 -1.46 35.53
C HIS E 390 -66.21 -0.69 36.84
N THR E 391 -66.51 0.60 36.80
CA THR E 391 -66.71 1.39 38.01
C THR E 391 -68.12 1.93 38.02
N TYR E 392 -68.77 1.83 39.16
CA TYR E 392 -70.19 2.15 39.30
C TYR E 392 -70.34 3.42 40.13
N PHE E 393 -71.02 4.41 39.56
CA PHE E 393 -71.26 5.70 40.20
C PHE E 393 -72.76 5.85 40.41
N PRO E 394 -73.28 5.44 41.58
CA PRO E 394 -74.72 5.33 41.81
C PRO E 394 -75.43 6.68 41.88
N THR E 402 -74.00 5.57 35.05
CA THR E 402 -73.71 5.02 36.37
C THR E 402 -72.71 3.87 36.28
N ASP E 403 -72.80 3.08 35.22
CA ASP E 403 -71.86 2.00 34.95
C ASP E 403 -70.93 2.45 33.83
N GLN E 404 -69.63 2.50 34.11
CA GLN E 404 -68.66 2.95 33.13
C GLN E 404 -67.34 2.23 33.36
N ILE E 405 -66.53 2.14 32.30
CA ILE E 405 -65.20 1.56 32.42
C ILE E 405 -64.16 2.57 32.92
N GLU E 406 -64.35 3.85 32.62
CA GLU E 406 -63.39 4.87 33.03
C GLU E 406 -63.33 5.01 34.54
N ARG E 407 -62.11 4.95 35.10
CA ARG E 407 -61.86 5.47 36.44
C ARG E 407 -61.06 6.74 36.37
N PRO E 408 -61.52 7.83 36.98
CA PRO E 408 -60.67 9.00 37.12
C PRO E 408 -59.52 8.69 38.06
N LEU E 409 -58.44 9.45 37.91
CA LEU E 409 -57.44 9.49 38.97
C LEU E 409 -58.05 10.06 40.24
N MET E 410 -58.05 9.27 41.30
CA MET E 410 -58.55 9.68 42.60
C MET E 410 -57.39 10.03 43.52
N VAL E 411 -57.63 10.99 44.41
CA VAL E 411 -56.73 11.17 45.54
C VAL E 411 -56.64 9.88 46.34
N GLY E 412 -55.41 9.51 46.70
CA GLY E 412 -55.15 8.27 47.40
C GLY E 412 -55.26 7.03 46.55
N SER E 413 -55.07 7.17 45.24
CA SER E 413 -55.00 6.02 44.35
C SER E 413 -53.69 5.25 44.51
N VAL E 414 -53.77 3.94 44.30
CA VAL E 414 -52.60 3.08 44.19
C VAL E 414 -52.82 2.19 42.98
N TRP E 415 -51.74 1.88 42.27
CA TRP E 415 -51.84 1.01 41.11
C TRP E 415 -50.48 0.39 40.80
N ASN E 416 -50.50 -0.59 39.92
CA ASN E 416 -49.31 -1.20 39.36
C ASN E 416 -49.11 -0.70 37.93
N ARG E 417 -47.86 -0.46 37.57
CA ARG E 417 -47.51 -0.24 36.18
C ARG E 417 -47.42 -1.55 35.41
N ARG E 418 -47.58 -1.45 34.10
CA ARG E 418 -47.27 -2.53 33.18
C ARG E 418 -45.86 -3.07 33.38
N ALA E 419 -45.74 -4.39 33.47
CA ALA E 419 -44.48 -5.05 33.77
C ALA E 419 -43.44 -4.80 32.68
N LEU E 420 -42.21 -4.53 33.10
CA LEU E 420 -41.07 -4.64 32.21
C LEU E 420 -40.95 -6.07 31.69
N HIS E 421 -40.57 -6.21 30.42
CA HIS E 421 -40.40 -7.53 29.84
C HIS E 421 -39.14 -7.57 28.99
N TYR E 422 -38.70 -8.81 28.72
CA TYR E 422 -37.45 -9.07 28.03
C TYR E 422 -37.30 -8.26 26.74
N GLU E 423 -38.37 -8.09 25.99
CA GLU E 423 -38.32 -7.39 24.70
C GLU E 423 -38.68 -5.91 24.79
N SER E 424 -38.86 -5.36 25.99
CA SER E 424 -39.31 -3.98 26.12
C SER E 424 -38.20 -3.01 25.66
N GLN E 425 -38.61 -1.90 25.05
CA GLN E 425 -37.68 -0.80 24.90
C GLN E 425 -37.18 -0.37 26.28
N LEU E 426 -35.96 0.17 26.30
CA LEU E 426 -35.38 0.62 27.55
C LEU E 426 -35.72 2.05 27.91
N TRP E 427 -35.88 2.93 26.92
CA TRP E 427 -36.20 4.31 27.23
C TRP E 427 -37.03 4.92 26.11
N SER E 428 -37.65 6.06 26.42
CA SER E 428 -38.11 7.00 25.41
C SER E 428 -37.83 8.41 25.91
N LYS E 429 -37.66 9.33 24.96
CA LYS E 429 -37.53 10.73 25.34
C LYS E 429 -38.88 11.28 25.80
N ILE E 430 -38.92 11.80 27.02
CA ILE E 430 -40.04 12.62 27.46
C ILE E 430 -40.05 13.91 26.66
N PRO E 431 -41.11 14.23 25.93
CA PRO E 431 -41.15 15.49 25.19
C PRO E 431 -41.04 16.67 26.14
N ASN E 432 -40.15 17.60 25.81
CA ASN E 432 -39.89 18.74 26.69
C ASN E 432 -40.96 19.81 26.60
N LEU E 433 -42.21 19.41 26.75
CA LEU E 433 -43.32 20.33 26.92
C LEU E 433 -43.28 20.96 28.33
N ASP E 434 -44.16 21.94 28.55
CA ASP E 434 -44.08 22.74 29.75
C ASP E 434 -44.27 21.91 31.02
N ASP E 435 -45.17 20.93 30.99
CA ASP E 435 -45.54 20.23 32.21
C ASP E 435 -45.94 18.81 31.86
N SER E 436 -45.88 17.94 32.86
CA SER E 436 -46.25 16.54 32.65
C SER E 436 -46.63 15.90 33.97
N PHE E 437 -47.32 14.77 33.87
CA PHE E 437 -47.74 13.99 35.03
C PHE E 437 -47.21 12.56 34.91
N LYS E 438 -46.40 12.15 35.88
CA LYS E 438 -45.91 10.78 36.04
C LYS E 438 -45.36 10.19 34.73
N THR E 439 -44.41 10.90 34.15
CA THR E 439 -43.77 10.46 32.90
C THR E 439 -42.52 9.61 33.12
N GLN E 440 -42.26 9.15 34.35
CA GLN E 440 -41.06 8.35 34.59
C GLN E 440 -41.00 7.08 33.75
N PHE E 441 -42.15 6.54 33.34
CA PHE E 441 -42.21 5.34 32.51
C PHE E 441 -42.94 5.61 31.21
N ALA E 442 -42.29 5.28 30.10
CA ALA E 442 -42.87 5.44 28.78
C ALA E 442 -43.91 4.36 28.49
N ALA E 443 -44.92 4.71 27.70
CA ALA E 443 -46.04 3.81 27.46
C ALA E 443 -45.59 2.52 26.78
N LEU E 444 -44.59 2.59 25.91
CA LEU E 444 -44.08 1.40 25.24
C LEU E 444 -43.13 0.60 26.11
N GLY E 445 -42.90 1.01 27.34
CA GLY E 445 -42.00 0.33 28.24
C GLY E 445 -40.72 1.10 28.48
N GLY E 446 -39.99 0.64 29.49
CA GLY E 446 -38.78 1.31 29.91
C GLY E 446 -39.07 2.69 30.49
N TRP E 447 -37.99 3.47 30.62
CA TRP E 447 -38.00 4.71 31.39
C TRP E 447 -38.16 5.91 30.48
N GLY E 448 -39.04 6.82 30.88
CA GLY E 448 -39.05 8.15 30.30
C GLY E 448 -37.84 8.93 30.74
N LEU E 449 -37.16 9.55 29.79
CA LEU E 449 -35.99 10.36 30.08
C LEU E 449 -36.10 11.69 29.35
N HIS E 450 -35.80 12.78 30.05
CA HIS E 450 -35.70 14.08 29.40
C HIS E 450 -34.46 14.18 28.53
N GLN E 451 -33.33 13.66 29.02
CA GLN E 451 -32.06 13.63 28.29
C GLN E 451 -31.66 12.17 28.11
N PRO E 452 -32.27 11.49 27.15
CA PRO E 452 -31.98 10.07 26.93
C PRO E 452 -30.59 9.86 26.35
N PRO E 453 -30.13 8.62 26.23
CA PRO E 453 -28.92 8.31 25.44
C PRO E 453 -28.90 9.06 24.13
N PRO E 454 -27.81 9.78 23.84
CA PRO E 454 -27.77 10.60 22.63
C PRO E 454 -27.76 9.77 21.35
N GLN E 455 -28.40 10.31 20.32
CA GLN E 455 -28.35 9.72 19.00
C GLN E 455 -26.92 9.78 18.45
N ILE E 456 -26.45 8.66 17.90
CA ILE E 456 -25.19 8.57 17.20
C ILE E 456 -25.49 8.50 15.71
N PHE E 457 -25.11 9.53 14.96
CA PHE E 457 -25.33 9.57 13.53
C PHE E 457 -24.07 9.14 12.79
N LEU E 458 -24.24 8.26 11.81
CA LEU E 458 -23.16 7.76 10.98
C LEU E 458 -23.49 7.95 9.51
N LYS E 459 -22.51 8.39 8.73
CA LYS E 459 -22.58 8.26 7.29
C LYS E 459 -21.17 8.10 6.73
N ILE E 460 -21.07 7.56 5.51
CA ILE E 460 -19.80 7.53 4.81
C ILE E 460 -19.56 8.91 4.19
N LEU E 461 -18.36 9.43 4.37
CA LEU E 461 -17.96 10.65 3.69
C LEU E 461 -17.91 10.41 2.18
N PRO E 462 -18.71 11.13 1.38
CA PRO E 462 -18.69 10.90 -0.06
C PRO E 462 -17.33 11.24 -0.66
N GLN E 463 -16.86 10.39 -1.57
CA GLN E 463 -15.60 10.61 -2.28
C GLN E 463 -15.88 10.87 -3.75
N SER E 464 -15.31 11.95 -4.28
CA SER E 464 -15.47 12.28 -5.69
C SER E 464 -14.72 11.30 -6.59
N GLY E 465 -15.37 10.90 -7.68
CA GLY E 465 -14.70 10.23 -8.76
C GLY E 465 -13.83 11.15 -9.59
N PRO E 466 -13.12 10.57 -10.57
CA PRO E 466 -12.12 11.34 -11.32
C PRO E 466 -12.75 12.42 -12.18
N ILE E 467 -12.07 13.56 -12.25
CA ILE E 467 -12.33 14.62 -13.22
C ILE E 467 -10.99 15.05 -13.81
N GLY E 468 -10.97 15.32 -15.11
CA GLY E 468 -9.73 15.72 -15.75
C GLY E 468 -9.73 15.37 -17.23
N GLY E 469 -8.59 14.87 -17.70
CA GLY E 469 -8.37 14.66 -19.12
C GLY E 469 -9.15 13.51 -19.72
N ILE E 470 -9.66 12.60 -18.90
CA ILE E 470 -10.51 11.53 -19.40
C ILE E 470 -11.82 12.12 -19.89
N LYS E 471 -12.30 11.62 -21.02
CA LYS E 471 -13.48 12.20 -21.65
C LYS E 471 -14.76 11.64 -21.05
N SER E 472 -15.83 12.44 -21.11
CA SER E 472 -17.20 12.01 -20.83
C SER E 472 -17.41 11.57 -19.38
N MET E 473 -16.51 11.93 -18.47
CA MET E 473 -16.55 11.36 -17.13
C MET E 473 -17.84 11.73 -16.40
N GLY E 474 -18.30 12.96 -16.57
CA GLY E 474 -19.28 13.54 -15.69
C GLY E 474 -18.74 13.68 -14.26
N ILE E 475 -19.66 13.91 -13.33
CA ILE E 475 -19.39 13.85 -11.91
C ILE E 475 -19.88 12.52 -11.37
N THR E 476 -19.04 11.84 -10.59
CA THR E 476 -19.37 10.55 -10.01
C THR E 476 -18.89 10.54 -8.57
N THR E 477 -19.41 9.59 -7.80
CA THR E 477 -18.84 9.26 -6.50
C THR E 477 -18.24 7.87 -6.50
N LEU E 478 -17.19 7.69 -5.70
CA LEU E 478 -16.64 6.37 -5.49
C LEU E 478 -17.67 5.48 -4.80
N VAL E 479 -17.85 4.27 -5.32
CA VAL E 479 -18.69 3.29 -4.63
C VAL E 479 -17.97 2.83 -3.37
N GLN E 480 -18.47 3.24 -2.22
CA GLN E 480 -17.91 2.86 -0.94
C GLN E 480 -19.02 2.50 0.03
N TYR E 481 -18.76 1.51 0.86
CA TYR E 481 -19.64 1.21 1.98
C TYR E 481 -18.78 1.04 3.22
N ALA E 482 -19.42 1.12 4.38
CA ALA E 482 -18.70 0.96 5.64
C ALA E 482 -19.25 -0.22 6.43
N VAL E 483 -18.35 -0.86 7.15
CA VAL E 483 -18.71 -1.87 8.14
C VAL E 483 -17.94 -1.56 9.41
N GLY E 484 -18.38 -2.16 10.51
CA GLY E 484 -17.62 -2.12 11.73
C GLY E 484 -18.34 -2.92 12.80
N ILE E 485 -17.83 -2.81 14.02
CA ILE E 485 -18.44 -3.44 15.18
C ILE E 485 -18.98 -2.35 16.10
N MET E 486 -20.28 -2.37 16.33
CA MET E 486 -20.88 -1.59 17.40
C MET E 486 -20.85 -2.44 18.67
N THR E 487 -20.11 -1.97 19.67
CA THR E 487 -20.12 -2.57 21.00
C THR E 487 -20.88 -1.64 21.94
N VAL E 488 -21.92 -2.15 22.56
CA VAL E 488 -22.72 -1.38 23.51
C VAL E 488 -22.64 -2.03 24.87
N THR E 489 -22.17 -1.27 25.84
CA THR E 489 -22.10 -1.70 27.24
C THR E 489 -23.14 -0.89 28.00
N MET E 490 -24.05 -1.58 28.69
CA MET E 490 -24.99 -0.93 29.58
C MET E 490 -24.90 -1.54 30.97
N THR E 491 -24.67 -0.68 31.96
CA THR E 491 -24.77 -1.06 33.37
C THR E 491 -26.19 -0.82 33.86
N PHE E 492 -26.74 -1.80 34.57
CA PHE E 492 -28.01 -1.64 35.26
C PHE E 492 -27.76 -1.72 36.77
N LYS E 493 -28.39 -0.82 37.51
CA LYS E 493 -28.50 -0.98 38.96
C LYS E 493 -29.51 -2.06 39.31
N LEU E 494 -29.13 -2.96 40.21
CA LEU E 494 -30.02 -4.05 40.64
C LEU E 494 -30.33 -3.93 42.11
N GLY E 495 -31.63 -3.93 42.45
CA GLY E 495 -32.06 -4.05 43.81
C GLY E 495 -32.02 -5.48 44.30
N PRO E 496 -31.76 -5.66 45.59
CA PRO E 496 -31.88 -7.00 46.18
C PRO E 496 -33.33 -7.51 46.18
N ARG E 497 -33.46 -8.83 46.17
CA ARG E 497 -34.74 -9.47 46.43
C ARG E 497 -35.25 -9.13 47.84
N LYS E 498 -36.57 -8.99 47.95
CA LYS E 498 -37.20 -8.83 49.26
C LYS E 498 -37.14 -10.14 50.05
N ALA E 499 -36.93 -10.03 51.36
CA ALA E 499 -36.96 -11.20 52.22
C ALA E 499 -38.34 -11.84 52.26
N THR E 500 -38.36 -13.17 52.28
CA THR E 500 -39.59 -13.95 52.22
C THR E 500 -39.88 -14.57 53.59
N GLY E 501 -41.06 -14.29 54.13
CA GLY E 501 -41.54 -14.90 55.35
C GLY E 501 -42.33 -16.18 55.18
N ARG E 502 -42.76 -16.48 53.96
CA ARG E 502 -43.64 -17.62 53.68
C ARG E 502 -43.09 -18.93 54.23
N TRP E 503 -44.01 -19.81 54.62
CA TRP E 503 -43.71 -21.23 54.77
C TRP E 503 -43.60 -21.91 53.42
N ASN E 504 -44.63 -21.79 52.59
CA ASN E 504 -44.69 -22.50 51.32
C ASN E 504 -43.71 -21.88 50.32
N PRO E 505 -43.19 -22.69 49.39
CA PRO E 505 -42.32 -22.16 48.33
C PRO E 505 -42.95 -20.99 47.60
N GLN E 506 -42.10 -20.04 47.19
CA GLN E 506 -42.47 -19.10 46.15
C GLN E 506 -42.82 -19.84 44.87
N PRO E 507 -43.66 -19.26 44.02
CA PRO E 507 -43.85 -19.78 42.66
C PRO E 507 -42.52 -19.94 41.93
N GLY E 508 -42.46 -20.92 41.04
CA GLY E 508 -41.29 -21.08 40.19
C GLY E 508 -41.12 -19.89 39.27
N VAL E 509 -39.86 -19.50 39.06
CA VAL E 509 -39.52 -18.56 37.99
C VAL E 509 -39.42 -19.35 36.70
N TYR E 510 -40.57 -19.74 36.16
CA TYR E 510 -40.60 -20.52 34.93
C TYR E 510 -40.02 -19.70 33.77
N PRO E 511 -39.20 -20.32 32.92
CA PRO E 511 -38.93 -19.70 31.63
C PRO E 511 -40.21 -19.67 30.80
N PRO E 512 -40.32 -18.72 29.87
CA PRO E 512 -41.58 -18.54 29.15
C PRO E 512 -41.81 -19.67 28.16
N HIS E 513 -43.05 -19.81 27.74
CA HIS E 513 -43.44 -20.89 26.85
C HIS E 513 -43.49 -20.40 25.40
N ALA E 514 -43.04 -21.24 24.50
CA ALA E 514 -43.12 -21.01 23.07
C ALA E 514 -44.42 -21.58 22.52
N ALA E 515 -44.83 -21.05 21.36
CA ALA E 515 -45.98 -21.60 20.66
C ALA E 515 -45.72 -23.03 20.22
N GLY E 516 -44.54 -23.30 19.70
CA GLY E 516 -44.07 -24.66 19.47
C GLY E 516 -42.87 -24.99 20.32
N HIS E 517 -42.83 -26.21 20.85
CA HIS E 517 -41.69 -26.73 21.59
C HIS E 517 -41.17 -25.77 22.65
N LEU E 518 -39.92 -25.34 22.55
CA LEU E 518 -39.27 -24.51 23.55
C LEU E 518 -38.67 -23.26 22.93
N PRO E 519 -38.69 -22.13 23.63
CA PRO E 519 -38.04 -20.92 23.14
C PRO E 519 -36.54 -20.89 23.41
N TYR E 520 -35.86 -20.04 22.64
CA TYR E 520 -34.45 -19.69 22.85
C TYR E 520 -33.50 -20.86 22.75
N VAL E 521 -33.99 -22.03 22.39
CA VAL E 521 -33.15 -23.20 22.13
C VAL E 521 -33.24 -23.49 20.65
N LEU E 522 -32.09 -23.66 20.00
CA LEU E 522 -32.10 -24.21 18.65
C LEU E 522 -32.50 -25.67 18.70
N TYR E 523 -33.57 -26.02 18.01
CA TYR E 523 -34.05 -27.39 17.94
C TYR E 523 -34.25 -27.77 16.48
N ASP E 524 -34.26 -29.08 16.23
CA ASP E 524 -34.62 -29.61 14.93
C ASP E 524 -36.13 -29.72 14.86
N PRO E 525 -36.79 -28.90 14.02
CA PRO E 525 -38.26 -28.92 13.97
C PRO E 525 -38.83 -30.19 13.35
N THR E 526 -38.02 -31.00 12.68
CA THR E 526 -38.48 -32.29 12.18
C THR E 526 -38.56 -33.36 13.27
N ALA E 527 -38.00 -33.09 14.45
CA ALA E 527 -38.14 -34.03 15.55
C ALA E 527 -39.43 -33.84 16.33
N THR E 528 -40.10 -32.70 16.17
CA THR E 528 -41.21 -32.31 17.02
C THR E 528 -42.47 -32.13 16.19
N ASP E 529 -43.61 -32.44 16.80
CA ASP E 529 -44.92 -32.24 16.19
C ASP E 529 -45.42 -30.81 16.29
N ALA E 530 -44.61 -29.88 16.82
CA ALA E 530 -44.96 -28.47 16.78
C ALA E 530 -45.12 -28.00 15.34
N LYS E 531 -45.90 -26.93 15.17
CA LYS E 531 -46.30 -26.42 13.86
C LYS E 531 -45.61 -25.11 13.51
N GLN E 532 -44.49 -24.80 14.16
CA GLN E 532 -43.74 -23.57 13.96
C GLN E 532 -42.51 -23.79 13.08
N HIS E 533 -42.65 -24.62 12.04
CA HIS E 533 -41.55 -24.86 11.10
C HIS E 533 -41.05 -23.57 10.44
N HIS E 534 -41.93 -22.58 10.27
CA HIS E 534 -41.51 -21.31 9.70
C HIS E 534 -40.47 -20.60 10.56
N ARG E 535 -40.37 -20.94 11.84
CA ARG E 535 -39.32 -20.43 12.71
C ARG E 535 -38.02 -21.20 12.60
N HIS E 536 -37.98 -22.28 11.80
CA HIS E 536 -36.76 -23.04 11.54
C HIS E 536 -36.08 -23.52 12.81
N GLY E 537 -36.87 -23.83 13.83
CA GLY E 537 -36.35 -24.40 15.06
C GLY E 537 -35.67 -23.46 16.02
N TYR E 538 -35.75 -22.15 15.81
CA TYR E 538 -35.42 -21.19 16.85
C TYR E 538 -36.62 -20.30 17.07
N GLU E 539 -37.11 -20.24 18.30
CA GLU E 539 -38.46 -19.79 18.57
C GLU E 539 -38.46 -18.77 19.70
N LYS E 540 -39.22 -17.71 19.53
CA LYS E 540 -39.55 -16.83 20.63
C LYS E 540 -40.71 -17.40 21.45
N PRO E 541 -40.78 -17.08 22.73
CA PRO E 541 -42.01 -17.37 23.47
C PRO E 541 -43.18 -16.58 22.91
N GLU E 542 -44.38 -17.12 23.12
CA GLU E 542 -45.58 -16.44 22.67
C GLU E 542 -46.06 -15.41 23.68
N GLU E 543 -45.77 -15.59 24.96
CA GLU E 543 -45.81 -14.50 25.93
C GLU E 543 -44.49 -13.72 25.93
N LEU E 544 -44.58 -12.45 26.28
CA LEU E 544 -43.39 -11.71 26.65
C LEU E 544 -42.99 -12.05 28.08
N TRP E 545 -41.68 -12.18 28.29
CA TRP E 545 -41.12 -12.73 29.52
C TRP E 545 -40.95 -11.62 30.56
N THR E 546 -41.74 -11.66 31.64
CA THR E 546 -42.08 -10.45 32.39
C THR E 546 -41.52 -10.35 33.81
N ALA E 547 -40.85 -11.36 34.34
CA ALA E 547 -40.52 -11.45 35.78
C ALA E 547 -41.79 -11.44 36.64
N LYS E 548 -41.66 -10.94 37.89
CA LYS E 548 -42.74 -10.81 38.87
C LYS E 548 -43.39 -12.14 39.28
N SER E 549 -42.68 -13.25 39.10
CA SER E 549 -43.24 -14.53 39.49
C SER E 549 -43.27 -14.69 41.00
N ARG E 550 -42.24 -14.22 41.70
CA ARG E 550 -42.23 -14.24 43.16
C ARG E 550 -43.02 -13.08 43.74
N VAL E 551 -43.65 -13.32 44.88
CA VAL E 551 -44.66 -12.43 45.44
C VAL E 551 -44.41 -12.23 46.92
N HIS E 552 -44.82 -11.08 47.42
CA HIS E 552 -44.62 -10.64 48.79
C HIS E 552 -45.92 -10.03 49.27
N PRO E 553 -46.16 -10.02 50.58
CA PRO E 553 -47.37 -9.39 51.10
C PRO E 553 -47.33 -7.88 50.92
N LEU E 554 -48.50 -7.28 51.12
CA LEU E 554 -48.61 -5.83 51.23
C LEU E 554 -48.49 -5.38 52.67
N MET F 271 -14.40 0.63 -63.15
CA MET F 271 -12.97 0.62 -63.08
C MET F 271 -12.45 -0.21 -61.90
N PRO F 272 -11.51 -1.17 -62.06
CA PRO F 272 -10.60 -1.54 -60.98
C PRO F 272 -10.01 -0.35 -60.25
N LYS F 273 -9.86 -0.46 -58.93
CA LYS F 273 -9.36 0.64 -58.15
C LYS F 273 -8.31 0.20 -57.16
N ASN F 274 -7.46 1.17 -56.77
CA ASN F 274 -6.45 0.98 -55.77
C ASN F 274 -6.90 1.81 -54.58
N VAL F 275 -7.36 1.16 -53.51
CA VAL F 275 -7.95 1.87 -52.39
C VAL F 275 -7.10 1.65 -51.15
N VAL F 276 -6.76 2.75 -50.47
CA VAL F 276 -6.00 2.68 -49.25
C VAL F 276 -6.81 3.34 -48.15
N PHE F 277 -6.98 2.60 -47.03
CA PHE F 277 -7.74 3.07 -45.89
C PHE F 277 -6.79 3.38 -44.75
N VAL F 278 -6.90 4.60 -44.20
CA VAL F 278 -6.06 5.10 -43.13
C VAL F 278 -6.93 5.33 -41.92
N ILE F 279 -6.71 4.56 -40.84
CA ILE F 279 -7.68 4.44 -39.77
C ILE F 279 -7.03 4.79 -38.45
N ASP F 280 -7.55 5.82 -37.76
CA ASP F 280 -7.10 6.13 -36.41
C ASP F 280 -7.38 5.01 -35.40
N LYS F 281 -6.41 4.77 -34.51
CA LYS F 281 -6.43 3.73 -33.50
C LYS F 281 -5.92 4.31 -32.20
N SER F 282 -6.08 5.63 -32.02
CA SER F 282 -5.97 6.34 -30.76
C SER F 282 -6.80 5.73 -29.61
N GLY F 283 -6.46 6.05 -28.34
CA GLY F 283 -7.19 5.52 -27.18
C GLY F 283 -8.55 6.15 -26.98
N SER F 284 -8.84 7.24 -27.70
CA SER F 284 -10.15 7.85 -27.77
C SER F 284 -11.13 7.06 -28.61
N MET F 285 -10.64 6.17 -29.49
CA MET F 285 -11.51 5.33 -30.31
C MET F 285 -12.13 4.18 -29.52
N SER F 286 -11.63 3.87 -28.31
CA SER F 286 -12.09 2.77 -27.48
C SER F 286 -13.59 2.76 -27.18
N GLY F 287 -14.23 1.58 -27.33
CA GLY F 287 -15.67 1.45 -27.17
C GLY F 287 -16.40 1.34 -28.48
N ARG F 288 -17.48 2.12 -28.66
CA ARG F 288 -18.30 2.03 -29.86
C ARG F 288 -17.58 2.41 -31.14
N LYS F 289 -16.77 3.50 -31.15
CA LYS F 289 -16.13 3.99 -32.36
C LYS F 289 -15.21 2.97 -33.02
N ILE F 290 -14.33 2.30 -32.25
CA ILE F 290 -13.48 1.23 -32.78
C ILE F 290 -14.27 0.03 -33.29
N GLN F 291 -15.34 -0.38 -32.57
CA GLN F 291 -16.22 -1.45 -32.96
C GLN F 291 -16.96 -1.20 -34.27
N GLN F 292 -17.59 -0.02 -34.40
CA GLN F 292 -18.32 0.38 -35.58
C GLN F 292 -17.42 0.59 -36.80
N THR F 293 -16.23 1.20 -36.62
CA THR F 293 -15.20 1.31 -37.65
C THR F 293 -14.73 -0.02 -38.15
N ARG F 294 -14.45 -0.96 -37.22
CA ARG F 294 -14.07 -2.31 -37.60
C ARG F 294 -15.16 -3.03 -38.36
N GLU F 295 -16.41 -2.94 -37.90
CA GLU F 295 -17.55 -3.56 -38.53
C GLU F 295 -17.81 -3.06 -39.95
N ALA F 296 -17.70 -1.73 -40.15
CA ALA F 296 -17.75 -1.15 -41.48
C ALA F 296 -16.62 -1.61 -42.39
N LEU F 297 -15.37 -1.68 -41.90
CA LEU F 297 -14.25 -2.20 -42.66
C LEU F 297 -14.42 -3.66 -43.07
N ILE F 298 -14.94 -4.53 -42.17
CA ILE F 298 -15.23 -5.92 -42.51
C ILE F 298 -16.21 -6.03 -43.68
N LYS F 299 -17.34 -5.31 -43.62
CA LYS F 299 -18.32 -5.26 -44.70
C LYS F 299 -17.78 -4.67 -45.99
N ILE F 300 -16.98 -3.57 -45.93
CA ILE F 300 -16.29 -3.02 -47.09
C ILE F 300 -15.33 -4.02 -47.72
N LEU F 301 -14.51 -4.74 -46.92
CA LEU F 301 -13.62 -5.78 -47.41
C LEU F 301 -14.35 -6.96 -48.03
N ASP F 302 -15.44 -7.44 -47.39
CA ASP F 302 -16.28 -8.52 -47.89
C ASP F 302 -16.91 -8.25 -49.27
N ASP F 303 -17.35 -6.99 -49.57
CA ASP F 303 -17.89 -6.63 -50.87
C ASP F 303 -16.85 -6.12 -51.89
N LEU F 304 -15.51 -6.18 -51.61
CA LEU F 304 -14.51 -5.84 -52.62
C LEU F 304 -14.48 -6.77 -53.83
N SER F 305 -14.21 -6.21 -55.04
CA SER F 305 -14.21 -6.99 -56.26
C SER F 305 -12.85 -7.60 -56.52
N PRO F 306 -12.71 -8.76 -57.20
CA PRO F 306 -11.43 -9.45 -57.32
C PRO F 306 -10.36 -8.70 -58.08
N ARG F 307 -10.73 -7.64 -58.83
CA ARG F 307 -9.79 -6.90 -59.63
C ARG F 307 -9.21 -5.70 -58.90
N ASP F 308 -9.78 -5.32 -57.74
CA ASP F 308 -9.28 -4.20 -56.96
C ASP F 308 -8.00 -4.55 -56.22
N GLN F 309 -7.23 -3.53 -55.87
CA GLN F 309 -6.06 -3.67 -55.03
C GLN F 309 -6.19 -2.76 -53.82
N PHE F 310 -5.58 -3.15 -52.69
CA PHE F 310 -5.80 -2.39 -51.48
C PHE F 310 -4.69 -2.57 -50.45
N ASN F 311 -4.72 -1.70 -49.41
CA ASN F 311 -3.96 -1.88 -48.21
C ASN F 311 -4.61 -1.07 -47.09
N LEU F 312 -4.22 -1.36 -45.84
CA LEU F 312 -4.77 -0.79 -44.64
C LEU F 312 -3.63 -0.18 -43.84
N ILE F 313 -3.82 1.05 -43.35
CA ILE F 313 -2.86 1.74 -42.52
C ILE F 313 -3.59 2.07 -41.25
N VAL F 314 -2.96 1.74 -40.12
CA VAL F 314 -3.46 2.14 -38.83
C VAL F 314 -2.47 3.14 -38.30
N PHE F 315 -2.97 4.10 -37.52
CA PHE F 315 -2.09 5.06 -36.92
C PHE F 315 -2.55 5.33 -35.54
N SER F 316 -1.57 5.64 -34.70
CA SER F 316 -1.81 6.03 -33.35
C SER F 316 -0.61 6.87 -33.03
N THR F 317 0.04 6.70 -31.86
CA THR F 317 1.41 7.17 -31.70
C THR F 317 2.39 6.58 -32.71
N GLU F 318 2.16 5.31 -33.13
CA GLU F 318 2.95 4.63 -34.14
C GLU F 318 2.12 4.41 -35.40
N ALA F 319 2.76 4.40 -36.57
CA ALA F 319 2.13 4.13 -37.84
C ALA F 319 2.46 2.72 -38.30
N THR F 320 1.43 1.93 -38.69
CA THR F 320 1.60 0.51 -38.99
C THR F 320 0.75 0.18 -40.19
N GLN F 321 1.29 -0.59 -41.15
CA GLN F 321 0.61 -0.92 -42.38
C GLN F 321 0.43 -2.42 -42.50
N TRP F 322 -0.71 -2.90 -43.05
CA TRP F 322 -0.98 -4.32 -43.13
C TRP F 322 -0.07 -5.08 -44.10
N ARG F 323 0.13 -4.56 -45.33
CA ARG F 323 1.01 -5.21 -46.29
C ARG F 323 2.21 -4.42 -46.82
N PRO F 324 2.51 -3.27 -46.25
CA PRO F 324 3.27 -2.15 -46.87
C PRO F 324 3.19 -1.85 -48.38
N SER F 325 2.37 -2.55 -49.17
CA SER F 325 2.17 -2.27 -50.60
C SER F 325 0.74 -2.63 -51.01
N LEU F 326 0.32 -2.32 -52.24
CA LEU F 326 -1.00 -2.70 -52.72
C LEU F 326 -1.08 -4.18 -53.09
N VAL F 327 -2.04 -4.92 -52.50
CA VAL F 327 -2.19 -6.35 -52.80
C VAL F 327 -3.53 -6.59 -53.45
N PRO F 328 -3.71 -7.56 -54.35
CA PRO F 328 -4.99 -7.79 -55.02
C PRO F 328 -6.02 -8.33 -54.07
N ALA F 329 -7.30 -7.97 -54.28
CA ALA F 329 -8.43 -8.44 -53.52
C ALA F 329 -8.79 -9.90 -53.81
N SER F 330 -7.81 -10.79 -53.63
CA SER F 330 -7.99 -12.23 -53.66
C SER F 330 -8.73 -12.72 -52.44
N ALA F 331 -9.37 -13.91 -52.53
CA ALA F 331 -10.10 -14.50 -51.43
C ALA F 331 -9.26 -14.68 -50.17
N GLU F 332 -8.01 -15.15 -50.31
CA GLU F 332 -7.06 -15.19 -49.22
C GLU F 332 -6.68 -13.82 -48.66
N ASN F 333 -6.35 -12.82 -49.50
CA ASN F 333 -5.99 -11.50 -49.02
C ASN F 333 -7.12 -10.78 -48.29
N VAL F 334 -8.37 -10.87 -48.81
CA VAL F 334 -9.54 -10.32 -48.15
C VAL F 334 -9.82 -10.97 -46.80
N ASN F 335 -9.75 -12.31 -46.70
CA ASN F 335 -9.88 -12.99 -45.40
C ASN F 335 -8.77 -12.63 -44.41
N LYS F 336 -7.50 -12.55 -44.85
CA LYS F 336 -6.39 -12.12 -44.02
C LYS F 336 -6.54 -10.67 -43.55
N ALA F 337 -7.00 -9.74 -44.41
CA ALA F 337 -7.30 -8.37 -44.06
C ALA F 337 -8.43 -8.22 -43.05
N ARG F 338 -9.52 -9.01 -43.20
CA ARG F 338 -10.61 -9.07 -42.24
C ARG F 338 -10.15 -9.56 -40.87
N SER F 339 -9.30 -10.61 -40.82
CA SER F 339 -8.67 -11.07 -39.60
C SER F 339 -7.76 -10.04 -38.96
N PHE F 340 -6.97 -9.29 -39.75
CA PHE F 340 -6.19 -8.16 -39.26
C PHE F 340 -7.07 -7.04 -38.67
N ALA F 341 -8.17 -6.68 -39.36
CA ALA F 341 -9.13 -5.72 -38.89
C ALA F 341 -9.79 -6.10 -37.56
N ALA F 342 -10.07 -7.40 -37.38
CA ALA F 342 -10.51 -7.95 -36.12
C ALA F 342 -9.48 -7.97 -35.00
N GLY F 343 -8.20 -8.20 -35.31
CA GLY F 343 -7.18 -8.36 -34.26
C GLY F 343 -6.54 -7.12 -33.72
N ILE F 344 -6.44 -6.04 -34.52
CA ILE F 344 -5.73 -4.83 -34.11
C ILE F 344 -6.30 -4.12 -32.88
N GLN F 345 -5.40 -3.64 -32.00
CA GLN F 345 -5.76 -2.98 -30.76
C GLN F 345 -5.41 -1.49 -30.82
N ALA F 346 -6.02 -0.69 -29.93
CA ALA F 346 -5.71 0.72 -29.81
C ALA F 346 -4.34 1.00 -29.17
N LEU F 347 -3.74 2.16 -29.50
CA LEU F 347 -2.34 2.43 -29.23
C LEU F 347 -2.12 3.89 -28.82
N GLY F 348 -3.03 4.47 -28.01
CA GLY F 348 -2.75 5.73 -27.31
C GLY F 348 -2.96 7.00 -28.10
N GLY F 349 -1.85 7.62 -28.57
CA GLY F 349 -1.84 8.94 -29.24
C GLY F 349 -2.25 8.94 -30.69
N THR F 350 -2.09 10.09 -31.39
CA THR F 350 -2.63 10.31 -32.75
C THR F 350 -1.62 10.91 -33.75
N ASN F 351 -0.96 10.09 -34.61
CA ASN F 351 0.04 10.54 -35.59
C ASN F 351 -0.55 10.60 -36.99
N ILE F 352 -1.48 11.55 -37.22
CA ILE F 352 -2.19 11.74 -38.48
C ILE F 352 -1.28 12.04 -39.66
N ASN F 353 -0.21 12.83 -39.46
CA ASN F 353 0.73 13.13 -40.53
C ASN F 353 1.44 11.90 -41.09
N ASP F 354 2.00 11.04 -40.22
CA ASP F 354 2.69 9.85 -40.65
C ASP F 354 1.74 8.89 -41.38
N ALA F 355 0.53 8.71 -40.80
CA ALA F 355 -0.52 7.88 -41.35
C ALA F 355 -0.92 8.16 -42.78
N MET F 356 -1.19 9.45 -43.08
CA MET F 356 -1.50 9.91 -44.40
C MET F 356 -0.35 9.76 -45.35
N LEU F 357 0.86 10.17 -44.93
CA LEU F 357 2.05 10.03 -45.75
C LEU F 357 2.37 8.59 -46.11
N MET F 358 2.22 7.65 -45.15
CA MET F 358 2.35 6.23 -45.41
C MET F 358 1.34 5.68 -46.41
N ALA F 359 0.06 6.04 -46.30
CA ALA F 359 -0.94 5.68 -47.28
C ALA F 359 -0.71 6.24 -48.67
N VAL F 360 -0.29 7.52 -48.73
CA VAL F 360 0.13 8.19 -49.94
C VAL F 360 1.33 7.52 -50.59
N GLN F 361 2.35 7.16 -49.79
CA GLN F 361 3.53 6.44 -50.27
C GLN F 361 3.21 5.09 -50.88
N LEU F 362 2.29 4.31 -50.26
CA LEU F 362 1.79 3.05 -50.79
C LEU F 362 1.03 3.20 -52.09
N LEU F 363 0.15 4.22 -52.23
CA LEU F 363 -0.50 4.51 -53.51
C LEU F 363 0.49 4.97 -54.56
N ASP F 364 1.46 5.84 -54.22
CA ASP F 364 2.48 6.33 -55.13
C ASP F 364 3.49 5.26 -55.55
N SER F 365 3.56 4.07 -54.88
CA SER F 365 4.30 2.91 -55.36
C SER F 365 3.90 2.49 -56.77
N SER F 366 2.66 2.82 -57.22
CA SER F 366 2.17 2.61 -58.57
C SER F 366 2.99 3.28 -59.66
N ASN F 367 3.55 4.47 -59.37
CA ASN F 367 4.38 5.21 -60.31
C ASN F 367 5.69 4.49 -60.69
N GLN F 368 6.25 3.65 -59.79
CA GLN F 368 7.57 3.06 -59.99
C GLN F 368 7.57 1.56 -59.86
N GLU F 369 7.39 1.02 -58.64
CA GLU F 369 7.47 -0.41 -58.38
C GLU F 369 6.39 -1.23 -59.08
N GLU F 370 5.14 -0.80 -58.96
CA GLU F 370 4.01 -1.51 -59.51
C GLU F 370 3.44 -0.67 -60.62
N ARG F 371 3.90 -0.77 -61.88
CA ARG F 371 3.35 0.06 -62.96
C ARG F 371 2.14 -0.56 -63.65
N LEU F 372 1.89 -1.84 -63.43
CA LEU F 372 0.68 -2.50 -63.90
C LEU F 372 -0.66 -1.98 -63.33
N PRO F 373 -0.88 -1.43 -62.11
CA PRO F 373 -2.13 -0.87 -61.68
C PRO F 373 -2.23 0.63 -61.92
N GLU F 374 -1.35 1.26 -62.74
CA GLU F 374 -1.41 2.70 -63.06
C GLU F 374 -2.73 3.11 -63.73
N GLY F 375 -3.35 2.22 -64.53
CA GLY F 375 -4.64 2.49 -65.16
C GLY F 375 -5.85 2.33 -64.27
N SER F 376 -5.66 1.87 -63.02
CA SER F 376 -6.70 1.76 -62.02
C SER F 376 -7.02 3.10 -61.40
N VAL F 377 -8.25 3.30 -60.88
CA VAL F 377 -8.55 4.49 -60.11
C VAL F 377 -7.98 4.42 -58.70
N SER F 378 -7.12 5.37 -58.31
CA SER F 378 -6.61 5.43 -56.95
C SER F 378 -7.51 6.27 -56.07
N LEU F 379 -7.75 5.80 -54.83
CA LEU F 379 -8.59 6.44 -53.85
C LEU F 379 -7.94 6.32 -52.48
N ILE F 380 -7.89 7.41 -51.70
CA ILE F 380 -7.37 7.38 -50.34
C ILE F 380 -8.47 7.84 -49.39
N ILE F 381 -8.76 7.02 -48.37
CA ILE F 381 -9.81 7.29 -47.40
C ILE F 381 -9.17 7.33 -46.04
N LEU F 382 -9.40 8.41 -45.27
CA LEU F 382 -8.86 8.58 -43.94
C LEU F 382 -10.00 8.73 -42.96
N LEU F 383 -9.96 7.98 -41.85
CA LEU F 383 -10.91 8.11 -40.77
C LEU F 383 -10.20 8.50 -39.49
N THR F 384 -10.72 9.52 -38.78
CA THR F 384 -10.13 9.96 -37.52
C THR F 384 -11.21 10.44 -36.58
N ASP F 385 -11.02 10.28 -35.26
CA ASP F 385 -11.89 10.88 -34.26
C ASP F 385 -11.26 12.08 -33.57
N GLY F 386 -9.99 12.40 -33.87
CA GLY F 386 -9.31 13.49 -33.18
C GLY F 386 -8.29 14.20 -34.02
N ASP F 387 -7.71 15.26 -33.43
CA ASP F 387 -6.71 16.10 -34.05
C ASP F 387 -5.31 15.47 -33.87
N PRO F 388 -4.29 15.82 -34.67
CA PRO F 388 -2.93 15.29 -34.51
C PRO F 388 -2.29 15.61 -33.16
N THR F 389 -1.76 14.57 -32.48
CA THR F 389 -1.11 14.75 -31.17
C THR F 389 0.27 14.16 -31.12
N VAL F 390 0.69 13.41 -32.16
CA VAL F 390 1.98 12.75 -32.20
C VAL F 390 2.66 13.12 -33.51
N GLY F 391 3.99 13.31 -33.48
CA GLY F 391 4.77 13.71 -34.64
C GLY F 391 4.50 15.12 -35.06
N GLU F 392 4.33 15.35 -36.37
CA GLU F 392 3.98 16.65 -36.89
C GLU F 392 2.55 17.03 -36.54
N THR F 393 2.37 18.05 -35.68
CA THR F 393 1.06 18.48 -35.20
C THR F 393 0.69 19.86 -35.69
N ASN F 394 1.56 20.55 -36.44
CA ASN F 394 1.23 21.82 -37.07
C ASN F 394 0.28 21.61 -38.24
N PRO F 395 -0.98 22.03 -38.22
CA PRO F 395 -1.94 21.61 -39.22
C PRO F 395 -1.63 22.22 -40.58
N ARG F 396 -1.08 23.45 -40.62
CA ARG F 396 -0.66 24.06 -41.88
C ARG F 396 0.47 23.30 -42.56
N SER F 397 1.47 22.83 -41.78
CA SER F 397 2.53 21.96 -42.27
C SER F 397 2.00 20.64 -42.81
N ILE F 398 1.04 20.00 -42.11
CA ILE F 398 0.41 18.78 -42.58
C ILE F 398 -0.32 18.97 -43.91
N GLN F 399 -1.05 20.09 -44.09
CA GLN F 399 -1.71 20.43 -45.36
C GLN F 399 -0.72 20.54 -46.50
N ASN F 400 0.44 21.16 -46.23
CA ASN F 400 1.52 21.21 -47.20
C ASN F 400 2.08 19.83 -47.53
N ASN F 401 2.41 19.02 -46.50
CA ASN F 401 2.98 17.69 -46.65
C ASN F 401 2.11 16.74 -47.45
N VAL F 402 0.78 16.71 -47.21
CA VAL F 402 -0.13 15.87 -47.97
C VAL F 402 -0.27 16.28 -49.42
N ARG F 403 -0.49 17.59 -49.73
CA ARG F 403 -0.71 18.00 -51.10
C ARG F 403 0.51 17.87 -51.99
N GLU F 404 1.72 18.14 -51.44
CA GLU F 404 2.98 17.93 -52.12
C GLU F 404 3.30 16.47 -52.37
N ALA F 405 2.82 15.56 -51.50
CA ALA F 405 2.95 14.14 -51.75
C ALA F 405 1.97 13.62 -52.80
N VAL F 406 0.65 13.87 -52.65
CA VAL F 406 -0.39 13.44 -53.58
C VAL F 406 -0.25 14.05 -54.97
N SER F 407 0.06 15.36 -55.07
CA SER F 407 0.27 16.10 -56.32
C SER F 407 -0.88 15.98 -57.33
N GLY F 408 -2.14 15.90 -56.83
CA GLY F 408 -3.31 15.87 -57.70
C GLY F 408 -3.64 14.56 -58.37
N ARG F 409 -2.87 13.49 -58.06
CA ARG F 409 -2.99 12.18 -58.68
C ARG F 409 -4.28 11.44 -58.35
N TYR F 410 -4.86 11.68 -57.16
CA TYR F 410 -6.03 10.95 -56.73
C TYR F 410 -6.78 11.75 -55.68
N SER F 411 -8.03 11.35 -55.36
CA SER F 411 -8.86 12.09 -54.43
C SER F 411 -8.71 11.60 -53.01
N LEU F 412 -8.70 12.55 -52.04
CA LEU F 412 -8.62 12.24 -50.63
C LEU F 412 -9.93 12.52 -49.92
N PHE F 413 -10.49 11.47 -49.30
CA PHE F 413 -11.73 11.56 -48.57
C PHE F 413 -11.47 11.41 -47.09
N CYS F 414 -11.76 12.48 -46.31
CA CYS F 414 -11.50 12.51 -44.88
C CYS F 414 -12.78 12.39 -44.10
N LEU F 415 -12.83 11.41 -43.19
CA LEU F 415 -14.00 11.11 -42.39
C LEU F 415 -13.75 11.55 -40.97
N GLY F 416 -14.54 12.54 -40.51
CA GLY F 416 -14.48 13.04 -39.14
C GLY F 416 -15.47 12.35 -38.27
N PHE F 417 -15.01 11.44 -37.40
CA PHE F 417 -15.87 10.68 -36.52
C PHE F 417 -16.07 11.43 -35.23
N GLY F 418 -17.29 11.92 -34.96
CA GLY F 418 -17.55 12.68 -33.74
C GLY F 418 -17.33 14.16 -33.88
N PHE F 419 -17.37 14.88 -32.74
CA PHE F 419 -17.26 16.33 -32.71
C PHE F 419 -16.05 16.78 -31.93
N ASP F 420 -15.14 15.84 -31.60
CA ASP F 420 -13.91 16.03 -30.87
C ASP F 420 -12.71 16.23 -31.82
N VAL F 421 -12.98 16.67 -33.06
CA VAL F 421 -12.02 16.86 -34.14
C VAL F 421 -12.21 18.20 -34.87
N SER F 422 -11.10 18.88 -35.26
CA SER F 422 -11.09 20.05 -36.14
C SER F 422 -11.57 19.72 -37.55
N TYR F 423 -12.90 19.67 -37.79
CA TYR F 423 -13.46 19.31 -39.09
C TYR F 423 -13.06 20.23 -40.24
N ALA F 424 -12.93 21.55 -40.01
CA ALA F 424 -12.46 22.50 -41.00
C ALA F 424 -11.07 22.19 -41.56
N PHE F 425 -10.17 21.64 -40.71
CA PHE F 425 -8.89 21.12 -41.14
C PHE F 425 -9.03 19.93 -42.11
N LEU F 426 -9.94 18.99 -41.79
CA LEU F 426 -10.26 17.87 -42.65
C LEU F 426 -10.92 18.26 -43.96
N GLU F 427 -11.87 19.21 -43.94
CA GLU F 427 -12.49 19.75 -45.14
C GLU F 427 -11.50 20.44 -46.07
N LYS F 428 -10.66 21.35 -45.53
CA LYS F 428 -9.64 22.03 -46.34
C LYS F 428 -8.67 21.06 -46.97
N LEU F 429 -8.21 20.05 -46.21
CA LEU F 429 -7.31 19.04 -46.71
C LEU F 429 -7.87 18.21 -47.86
N ALA F 430 -9.14 17.79 -47.76
CA ALA F 430 -9.81 17.09 -48.82
C ALA F 430 -10.03 17.96 -50.06
N LEU F 431 -10.43 19.23 -49.88
CA LEU F 431 -10.59 20.21 -50.94
C LEU F 431 -9.30 20.48 -51.71
N ASP F 432 -8.15 20.62 -51.02
CA ASP F 432 -6.84 20.80 -51.62
C ASP F 432 -6.37 19.57 -52.44
N ASN F 433 -7.03 18.40 -52.25
CA ASN F 433 -6.61 17.13 -52.84
C ASN F 433 -7.74 16.44 -53.58
N GLY F 434 -8.67 17.20 -54.21
CA GLY F 434 -9.61 16.63 -55.19
C GLY F 434 -10.71 15.79 -54.62
N GLY F 435 -10.93 15.85 -53.30
CA GLY F 435 -11.93 15.06 -52.61
C GLY F 435 -12.81 15.92 -51.77
N LEU F 436 -13.52 15.31 -50.81
CA LEU F 436 -14.42 16.03 -49.92
C LEU F 436 -14.31 15.37 -48.58
N ALA F 437 -14.73 16.06 -47.51
CA ALA F 437 -14.77 15.44 -46.20
C ALA F 437 -16.20 15.05 -45.87
N ARG F 438 -16.37 14.15 -44.89
CA ARG F 438 -17.68 13.72 -44.49
C ARG F 438 -17.67 13.55 -43.00
N ARG F 439 -18.76 13.98 -42.35
CA ARG F 439 -18.93 13.77 -40.94
C ARG F 439 -19.59 12.43 -40.65
N ILE F 440 -19.08 11.72 -39.64
CA ILE F 440 -19.67 10.50 -39.12
C ILE F 440 -20.12 10.83 -37.71
N HIS F 441 -21.42 10.71 -37.44
CA HIS F 441 -22.02 11.09 -36.18
C HIS F 441 -21.95 9.95 -35.20
N GLU F 442 -21.40 10.17 -33.98
CA GLU F 442 -21.35 9.12 -32.95
C GLU F 442 -22.72 8.70 -32.44
N ASP F 443 -23.22 7.56 -32.95
CA ASP F 443 -24.59 7.17 -32.76
C ASP F 443 -24.65 5.66 -32.87
N SER F 444 -25.86 5.07 -32.87
CA SER F 444 -25.99 3.63 -33.08
C SER F 444 -25.71 3.17 -34.51
N ASP F 445 -25.91 4.06 -35.50
CA ASP F 445 -25.85 3.72 -36.91
C ASP F 445 -24.53 4.04 -37.59
N SER F 446 -23.45 4.35 -36.84
CA SER F 446 -22.17 4.80 -37.41
C SER F 446 -21.55 3.85 -38.40
N ALA F 447 -21.69 2.52 -38.20
CA ALA F 447 -21.28 1.54 -39.17
C ALA F 447 -21.99 1.66 -40.52
N LEU F 448 -23.31 1.89 -40.51
CA LEU F 448 -24.09 2.18 -41.70
C LEU F 448 -23.69 3.49 -42.35
N GLN F 449 -23.48 4.58 -41.57
CA GLN F 449 -23.00 5.87 -42.09
C GLN F 449 -21.65 5.78 -42.84
N LEU F 450 -20.70 4.98 -42.32
CA LEU F 450 -19.45 4.65 -43.00
C LEU F 450 -19.66 3.85 -44.29
N GLN F 451 -20.56 2.84 -44.29
CA GLN F 451 -20.92 2.11 -45.49
C GLN F 451 -21.60 2.97 -46.55
N ASP F 452 -22.57 3.83 -46.15
CA ASP F 452 -23.28 4.77 -46.99
C ASP F 452 -22.34 5.73 -47.71
N PHE F 453 -21.36 6.30 -46.99
CA PHE F 453 -20.32 7.11 -47.61
C PHE F 453 -19.44 6.31 -48.57
N TYR F 454 -18.97 5.11 -48.18
CA TYR F 454 -18.09 4.34 -49.03
C TYR F 454 -18.75 3.96 -50.35
N GLN F 455 -20.04 3.60 -50.34
CA GLN F 455 -20.80 3.31 -51.53
C GLN F 455 -20.86 4.46 -52.55
N GLU F 456 -20.85 5.73 -52.09
CA GLU F 456 -20.75 6.92 -52.95
C GLU F 456 -19.47 6.94 -53.80
N VAL F 457 -18.34 6.42 -53.28
CA VAL F 457 -17.04 6.41 -53.96
C VAL F 457 -16.54 5.01 -54.36
N ALA F 458 -17.34 3.94 -54.16
CA ALA F 458 -16.89 2.57 -54.30
C ALA F 458 -16.75 2.08 -55.73
N ASN F 459 -17.44 2.76 -56.67
CA ASN F 459 -17.47 2.37 -58.05
C ASN F 459 -17.10 3.57 -58.89
#